data_6WHI
#
_entry.id   6WHI
#
_cell.length_a   1.00
_cell.length_b   1.00
_cell.length_c   1.00
_cell.angle_alpha   90.00
_cell.angle_beta   90.00
_cell.angle_gamma   90.00
#
_symmetry.space_group_name_H-M   'P 1'
#
loop_
_entity.id
_entity.type
_entity.pdbx_description
1 polymer 'CRISPR-associated protein Csy1'
2 polymer 'Type I-F CRISPR-associated protein Csy2'
3 polymer 'CRISPR-associated protein Csy3'
4 polymer 'RNA (60-MER)'
5 polymer 'CRISPR-associated endonuclease Cas6/Csy4'
6 polymer 'anti-CRISPR AcrIF9'
7 polymer 'non-target dsDNA'
8 polymer 'non-target dsDNA'
#
loop_
_entity_poly.entity_id
_entity_poly.type
_entity_poly.pdbx_seq_one_letter_code
_entity_poly.pdbx_strand_id
1 'polypeptide(L)'
;MTSPLPTPTWQELRQFIESFIQERLQGKLDKLQPDEDDKRQTLLATHRREAWLADAARRVGQLQLVTHTLKPIHPDARGS
NLHSLPQAPGQPGLAGSHELGDRLVSDVVGNAAALDVFKFLSLQYQGKNLLNWLTEDSAEALQALSDNAEQAREWRQAFI
GITTVKGAPASHSLAKQLYFPLPGSGYHLLAPLFPTSLVHHVHALLREARFGDAAKAAREARSRQESWPHGFSEYPNLAI
QKFGGTKPQNISQLNNERRGENWLLPSLPPNWQRQNVNAPMRHSSVFEHDFGRTPEVSRLTRTLQRFLAKTVHNNLAIRQ
RRAQLVAQICDEALQYAARLRELEPGWSATPGCQLHDAEQLWLDPLRAQTDETFLQRRLRGDWPAEVGNRFANWLNRAVS
SDSQILGSPEAAQWSQELSKELTMFKEILEDERD
;
A
2 'polypeptide(L)'
;MSVTDPEALLLLPRLSIQNANAISSPLTWGFPSPGAFTGFVHALQRRVGISLDIELDGVGIVCHRFEAQISQPAGKRTKV
FNLTRNPLNRDGSTAAIVEEGRAHLEVSLLLGVHGDGLDDHPAQEIARQVQEQAGAMRLAGGSILPWCNERFPAPNAELL
MLGGSDEQRRKNQRRLTRRLLPGFALVSREALLQQHLETLRTTLPEATTLDALLDLCRINFEPPATSSEEEASPPDAAWQ
VRDKPGWLVPIPAGYNALSPLYLPGEVRNARDRETPLRFVENLFGLGEWLSPHRVAALSDLLWYHHAEPDKGLYRWSTPR
FVEHAIA
;
B
3 'polypeptide(L)'
;MKSSHHHHHHENLYFQSNASKPILSTASVLAFERKLDPSDALMSAGAWAQRDASQEWPAVTVREKSVRGTISNRLKTKDR
DPAKLDASIQSPNLQTVDVANLPSDADTLKVRFTLRVLGGAGTPSACNDAAYRDKLLQTVATYVNDQGFAELARRYAHNL
ANARFLWRNRVGAEAVEVRINHIRQGEVARAWRFDALAIGLRDFKADAELDALAELIASGLSGSGHVLLEVVAFARIGDG
QEVFPSQELILDKGDKKGQKSKTLYSVRDAAAIHSQKIGNALRTIDTWYPDEDGLGPIAVEPYGSVTSQGKAYRQPKQKL
DFYTLLDNWVLRDEAPAVEQQHYVIANLIRGGVFGEAEEK
;
C,D,E,F,G,H
4 'polyribonucleotide' CUAAGAAAUUCACGGCGGGCUUGAUGUCCGCGUCUACCUGGUUCACUGCCGUGUAGGCAG M
5 'polypeptide(L)'
;MDHYLDIRLRPDPEFPPAQLMSVLFGKLHQALVAQGGDRIGVSFPDLDESRSRLGERLRIHASADDLRALLARPWLEGLR
DHLQFGEPAVVPHPTPYRQVSRVQAKSNPERLRRRLMRRHDLSEEEARKRIPDTVARALDLPFVTLRSQSTGQHFRLFIR
HGPLQVTAEEGGFTCYGLSKGGFVPWF
;
L
6 'polypeptide(L)' MKSTYIIKEVQNINSDREGVKVETTSLTSAKRIASKNQFFHGTVLRIESESGNWLAYKEDGKRWIECE I,J
7 'polydeoxyribonucleotide'
;(DG)(DC)(DA)(DG)(DC)(DT)(DC)(DG)(DA)(DG)(DT)(DT)(DA)(DA)(DG)(DA)(DC)(DG)(DG)(DT)
(DA)(DT)(DT)(DG)(DT)(DT)(DC)(DA)(DG)(DA)(DT)(DC)(DC)(DT)(DG)(DG)(DC)(DT)(DT)(DG)
(DC)(DC)(DA)(DA)(DC)(DA)(DG)(DT)(DG)(DA)(DT)(DT)(DT)(DG)(DC)(DT)(DC)(DA)(DT)(DT)
(DT)(DT)(DG)(DT)(DA)(DG)(DA)(DT)(DT)(DG)(DA)(DG)(DT)(DC)(DG)(DC)(DT)
;
N,Q
8 'polydeoxyribonucleotide'
;(DA)(DG)(DC)(DG)(DA)(DC)(DT)(DC)(DA)(DA)(DT)(DC)(DT)(DA)(DC)(DA)(DA)(DA)(DA)(DT)
(DG)(DA)(DG)(DC)(DA)(DA)(DA)(DT)(DC)(DA)(DC)(DT)(DG)(DT)(DT)(DG)(DG)(DC)(DA)(DA)
(DG)(DC)(DC)(DA)(DG)(DG)(DA)(DT)(DC)(DT)(DG)(DA)(DA)(DC)(DA)(DA)(DT)(DA)(DC)(DC)
(DG)(DT)(DC)(DT)(DT)(DA)(DA)(DC)(DT)(DC)(DG)(DA)(DG)(DC)(DT)(DG)(DC)
;
P,O
#
# COMPACT_ATOMS: atom_id res chain seq x y z
N GLN A 11 26.69 -30.29 64.55
CA GLN A 11 25.92 -31.51 64.78
C GLN A 11 24.47 -31.31 64.39
N GLU A 12 24.25 -30.50 63.36
CA GLU A 12 22.90 -30.11 62.94
C GLU A 12 22.34 -30.99 61.84
N LEU A 13 23.12 -31.93 61.29
CA LEU A 13 22.60 -32.82 60.26
C LEU A 13 21.33 -33.52 60.73
N ARG A 14 21.27 -33.93 62.00
CA ARG A 14 20.06 -34.58 62.51
C ARG A 14 18.86 -33.65 62.46
N GLN A 15 19.09 -32.33 62.54
CA GLN A 15 18.02 -31.36 62.37
C GLN A 15 17.52 -31.28 60.94
N PHE A 16 18.13 -32.02 60.02
CA PHE A 16 17.68 -32.12 58.63
C PHE A 16 17.14 -33.52 58.31
N ILE A 17 17.90 -34.55 58.66
CA ILE A 17 17.44 -35.92 58.41
C ILE A 17 16.26 -36.25 59.32
N GLU A 18 16.48 -36.20 60.63
CA GLU A 18 15.40 -36.51 61.57
C GLU A 18 14.27 -35.51 61.49
N SER A 19 14.52 -34.32 60.93
CA SER A 19 13.48 -33.32 60.73
C SER A 19 12.71 -33.55 59.43
N PHE A 20 13.41 -33.60 58.29
CA PHE A 20 12.72 -33.78 57.02
C PHE A 20 11.88 -35.05 57.02
N ILE A 21 12.42 -36.15 57.56
CA ILE A 21 11.65 -37.38 57.60
C ILE A 21 10.44 -37.22 58.52
N GLN A 22 10.64 -36.62 59.70
CA GLN A 22 9.51 -36.35 60.58
C GLN A 22 8.53 -35.40 59.91
N GLU A 23 9.04 -34.36 59.26
CA GLU A 23 8.19 -33.53 58.41
C GLU A 23 7.50 -34.37 57.35
N ARG A 24 8.14 -35.45 56.91
CA ARG A 24 7.53 -36.33 55.92
C ARG A 24 6.52 -37.29 56.55
N LEU A 25 6.85 -37.91 57.68
CA LEU A 25 5.91 -38.81 58.32
C LEU A 25 4.58 -38.11 58.57
N GLN A 26 4.62 -36.91 59.15
CA GLN A 26 3.40 -36.16 59.41
C GLN A 26 2.53 -36.05 58.17
N GLY A 27 3.14 -36.09 56.98
CA GLY A 27 2.36 -36.14 55.76
C GLY A 27 1.83 -37.53 55.47
N LYS A 28 2.54 -38.56 55.91
CA LYS A 28 2.07 -39.93 55.77
C LYS A 28 0.93 -40.25 56.73
N LEU A 29 0.59 -39.32 57.63
CA LEU A 29 -0.49 -39.55 58.59
C LEU A 29 -1.84 -39.05 58.08
N ASP A 30 -1.85 -38.15 57.10
CA ASP A 30 -3.11 -37.67 56.55
C ASP A 30 -3.96 -38.81 56.03
N LYS A 31 -3.34 -39.80 55.38
CA LYS A 31 -4.01 -41.02 54.95
C LYS A 31 -3.37 -42.20 55.70
N LEU A 32 -3.86 -42.44 56.92
CA LEU A 32 -3.33 -43.51 57.78
C LEU A 32 -4.36 -43.80 58.85
N GLN A 33 -4.89 -45.02 58.85
CA GLN A 33 -5.89 -45.43 59.83
C GLN A 33 -5.27 -46.31 60.90
N PRO A 34 -6.02 -46.59 61.98
CA PRO A 34 -5.45 -47.45 63.03
C PRO A 34 -4.95 -48.78 62.50
N ASP A 35 -5.43 -49.22 61.34
CA ASP A 35 -4.92 -50.45 60.75
C ASP A 35 -3.60 -50.20 60.01
N GLU A 36 -3.35 -48.96 59.61
CA GLU A 36 -2.11 -48.62 58.92
C GLU A 36 -1.08 -47.99 59.86
N ASP A 37 -1.51 -47.25 60.88
CA ASP A 37 -0.59 -46.64 61.82
C ASP A 37 0.22 -47.67 62.60
N ASP A 38 -0.16 -48.95 62.53
CA ASP A 38 0.59 -49.98 63.25
C ASP A 38 1.75 -50.48 62.41
N LYS A 39 1.47 -50.92 61.19
CA LYS A 39 2.53 -51.40 60.30
C LYS A 39 3.34 -50.27 59.68
N ARG A 40 2.90 -49.02 59.86
CA ARG A 40 3.64 -47.86 59.39
C ARG A 40 4.34 -47.11 60.51
N GLN A 41 4.06 -47.44 61.77
CA GLN A 41 4.69 -46.74 62.88
C GLN A 41 6.20 -46.94 62.85
N THR A 42 6.65 -48.20 62.85
CA THR A 42 8.08 -48.47 62.80
C THR A 42 8.67 -48.22 61.42
N LEU A 43 7.84 -48.29 60.38
CA LEU A 43 8.32 -48.02 59.03
C LEU A 43 8.51 -46.53 58.78
N LEU A 44 7.94 -45.67 59.62
CA LEU A 44 8.09 -44.23 59.48
C LEU A 44 8.82 -43.64 60.69
N ALA A 45 8.26 -43.85 61.89
CA ALA A 45 8.83 -43.24 63.09
C ALA A 45 10.27 -43.70 63.30
N THR A 46 10.47 -45.00 63.52
CA THR A 46 11.83 -45.50 63.67
C THR A 46 12.62 -45.37 62.38
N HIS A 47 11.94 -45.29 61.24
CA HIS A 47 12.62 -45.11 59.97
C HIS A 47 13.33 -43.76 59.91
N ARG A 48 12.73 -42.73 60.49
CA ARG A 48 13.39 -41.43 60.55
C ARG A 48 14.79 -41.55 61.14
N ARG A 49 15.01 -42.56 61.99
CA ARG A 49 16.33 -42.76 62.58
C ARG A 49 17.29 -43.39 61.58
N GLU A 50 17.04 -44.64 61.21
CA GLU A 50 18.00 -45.37 60.38
C GLU A 50 17.37 -46.02 59.15
N ALA A 51 16.09 -46.42 59.23
CA ALA A 51 15.53 -47.29 58.20
C ALA A 51 14.99 -46.53 57.01
N TRP A 52 14.37 -45.37 57.22
CA TRP A 52 13.91 -44.56 56.08
C TRP A 52 15.05 -44.36 55.08
N LEU A 53 16.27 -44.25 55.57
CA LEU A 53 17.43 -44.20 54.69
C LEU A 53 17.81 -45.58 54.17
N ALA A 54 17.57 -46.62 54.97
CA ALA A 54 17.80 -47.98 54.48
C ALA A 54 17.10 -48.23 53.15
N ASP A 55 15.84 -47.82 53.05
CA ASP A 55 15.14 -47.92 51.78
C ASP A 55 15.91 -47.19 50.68
N ALA A 56 16.46 -46.01 50.99
CA ALA A 56 17.18 -45.26 49.97
C ALA A 56 18.38 -46.03 49.46
N ALA A 57 19.35 -46.32 50.33
CA ALA A 57 20.56 -47.02 49.89
C ALA A 57 20.22 -48.36 49.24
N ARG A 58 19.06 -48.93 49.56
CA ARG A 58 18.61 -50.13 48.87
C ARG A 58 17.85 -49.79 47.59
N ARG A 59 17.15 -48.65 47.57
CA ARG A 59 16.32 -48.26 46.44
C ARG A 59 16.88 -47.04 45.71
N VAL A 60 18.16 -46.73 45.90
CA VAL A 60 18.76 -45.62 45.15
C VAL A 60 19.24 -46.09 43.79
N GLY A 61 19.66 -47.35 43.66
CA GLY A 61 20.05 -47.88 42.37
C GLY A 61 18.91 -47.88 41.36
N GLN A 62 17.67 -47.69 41.83
CA GLN A 62 16.55 -47.59 40.91
C GLN A 62 16.62 -46.35 40.04
N LEU A 63 17.03 -45.22 40.64
CA LEU A 63 17.08 -43.95 39.91
C LEU A 63 18.54 -43.53 39.69
N GLN A 64 18.73 -42.38 39.05
CA GLN A 64 20.06 -41.91 38.69
C GLN A 64 20.01 -40.41 38.49
N LEU A 65 20.67 -39.66 39.37
CA LEU A 65 20.79 -38.22 39.21
C LEU A 65 21.71 -37.93 38.02
N VAL A 66 21.25 -37.08 37.11
CA VAL A 66 22.02 -36.70 35.92
C VAL A 66 21.61 -35.31 35.48
N THR A 67 22.39 -34.76 34.53
CA THR A 67 22.10 -33.47 33.91
C THR A 67 21.96 -33.51 32.41
N HIS A 68 22.45 -34.56 31.74
CA HIS A 68 22.28 -34.72 30.30
C HIS A 68 21.76 -36.13 30.04
N THR A 69 20.57 -36.22 29.46
CA THR A 69 19.90 -37.50 29.23
C THR A 69 19.64 -37.71 27.74
N LEU A 70 19.33 -38.96 27.39
CA LEU A 70 19.07 -39.36 26.01
C LEU A 70 17.58 -39.49 25.71
N LYS A 71 16.76 -39.81 26.69
CA LYS A 71 15.35 -40.09 26.51
C LYS A 71 14.60 -39.00 25.76
N PRO A 72 14.89 -37.72 25.99
CA PRO A 72 14.10 -36.65 25.34
C PRO A 72 13.98 -36.81 23.84
N ILE A 73 14.85 -37.57 23.19
CA ILE A 73 14.82 -37.65 21.73
C ILE A 73 13.91 -38.78 21.27
N HIS A 74 13.52 -39.66 22.19
CA HIS A 74 12.51 -40.66 21.87
C HIS A 74 12.07 -41.39 23.14
N PRO A 75 10.77 -41.64 23.33
CA PRO A 75 10.34 -42.43 24.49
C PRO A 75 10.83 -43.87 24.44
N ASP A 76 10.93 -44.46 23.25
CA ASP A 76 11.34 -45.85 23.12
C ASP A 76 12.83 -46.05 23.34
N ALA A 77 13.64 -45.04 23.02
CA ALA A 77 15.10 -45.19 23.11
C ALA A 77 15.53 -45.50 24.53
N ARG A 78 16.66 -46.18 24.65
CA ARG A 78 17.32 -46.41 25.92
C ARG A 78 18.81 -46.12 25.75
N GLY A 79 19.38 -45.44 26.74
CA GLY A 79 20.76 -44.99 26.61
C GLY A 79 21.40 -44.79 27.96
N SER A 80 22.49 -44.04 27.95
CA SER A 80 23.30 -43.80 29.13
C SER A 80 23.22 -42.33 29.52
N ASN A 81 22.71 -42.06 30.71
CA ASN A 81 22.59 -40.72 31.25
C ASN A 81 23.83 -40.37 32.06
N LEU A 82 24.18 -39.08 32.06
CA LEU A 82 25.43 -38.61 32.65
C LEU A 82 25.18 -37.40 33.53
N HIS A 83 25.86 -37.36 34.68
CA HIS A 83 25.78 -36.23 35.59
C HIS A 83 27.04 -35.36 35.61
N SER A 84 28.19 -35.91 35.24
CA SER A 84 29.47 -35.23 35.44
C SER A 84 29.71 -34.26 34.30
N LEU A 85 30.02 -33.00 34.65
CA LEU A 85 30.41 -31.98 33.68
C LEU A 85 31.43 -31.04 34.30
N PRO A 86 32.69 -31.47 34.39
CA PRO A 86 33.79 -30.54 34.73
C PRO A 86 34.47 -29.89 33.54
N GLN A 87 34.13 -30.27 32.30
CA GLN A 87 34.77 -29.73 31.12
C GLN A 87 34.37 -28.28 30.88
N ALA A 88 35.30 -27.46 30.38
CA ALA A 88 35.04 -26.08 30.02
C ALA A 88 36.13 -25.55 29.09
N PRO A 89 36.19 -26.07 27.86
CA PRO A 89 37.22 -25.61 26.91
C PRO A 89 36.70 -24.49 26.02
N GLY A 90 36.30 -23.35 26.59
CA GLY A 90 35.87 -22.24 25.77
C GLY A 90 37.00 -21.24 25.61
N GLN A 91 37.76 -21.36 24.52
CA GLN A 91 38.93 -20.51 24.32
C GLN A 91 38.61 -19.12 23.81
N PRO A 92 37.77 -18.96 22.76
CA PRO A 92 37.22 -17.61 22.47
C PRO A 92 35.82 -17.57 23.04
N GLY A 93 35.15 -16.44 22.87
CA GLY A 93 33.83 -16.27 23.43
C GLY A 93 33.29 -17.56 22.86
N LEU A 94 32.80 -18.44 23.73
CA LEU A 94 31.97 -19.57 23.34
C LEU A 94 31.29 -19.55 24.71
N ALA A 95 30.08 -20.12 24.78
CA ALA A 95 29.29 -20.10 26.00
C ALA A 95 28.21 -21.17 25.89
N GLY A 96 28.14 -22.04 26.90
CA GLY A 96 27.16 -23.10 26.93
C GLY A 96 27.06 -23.73 28.30
N SER A 97 26.78 -25.04 28.33
CA SER A 97 26.65 -25.77 29.59
C SER A 97 27.92 -25.75 30.44
N HIS A 98 29.04 -25.24 29.91
CA HIS A 98 30.30 -25.36 30.63
C HIS A 98 30.60 -24.16 31.52
N GLU A 99 29.68 -23.21 31.65
CA GLU A 99 29.90 -22.04 32.48
C GLU A 99 28.83 -21.83 33.54
N LEU A 100 28.34 -22.91 34.15
CA LEU A 100 27.41 -22.78 35.27
C LEU A 100 28.17 -22.72 36.59
N GLY A 101 28.93 -23.77 36.89
CA GLY A 101 29.66 -23.84 38.15
C GLY A 101 28.75 -24.16 39.31
N ASP A 102 27.92 -23.18 39.69
CA ASP A 102 26.93 -23.33 40.73
C ASP A 102 25.54 -23.24 40.11
N ARG A 103 24.51 -23.29 40.97
CA ARG A 103 23.12 -23.25 40.51
C ARG A 103 22.79 -24.45 39.63
N LEU A 104 23.61 -25.49 39.71
CA LEU A 104 23.48 -26.67 38.84
C LEU A 104 22.24 -27.22 39.55
N VAL A 105 21.12 -27.17 38.83
CA VAL A 105 19.86 -27.70 39.33
C VAL A 105 19.83 -29.01 38.54
N SER A 106 19.76 -30.13 39.25
CA SER A 106 19.75 -31.44 38.64
C SER A 106 18.59 -32.26 39.19
N ASP A 107 18.06 -33.16 38.36
CA ASP A 107 16.98 -34.05 38.73
C ASP A 107 17.36 -35.49 38.35
N VAL A 108 16.43 -36.42 38.58
CA VAL A 108 16.75 -37.84 38.53
C VAL A 108 16.14 -38.49 37.29
N VAL A 109 16.62 -39.68 36.95
CA VAL A 109 16.13 -40.45 35.82
C VAL A 109 15.89 -41.89 36.26
N GLY A 110 14.65 -42.36 36.12
CA GLY A 110 14.35 -43.74 36.43
C GLY A 110 12.90 -44.02 36.72
N ASN A 111 12.64 -44.78 37.78
CA ASN A 111 11.29 -45.21 38.11
C ASN A 111 10.49 -44.05 38.68
N ALA A 112 9.19 -44.00 38.36
CA ALA A 112 8.31 -42.97 38.86
C ALA A 112 7.76 -43.29 40.24
N ALA A 113 8.02 -44.49 40.76
CA ALA A 113 7.49 -44.88 42.06
C ALA A 113 8.04 -43.98 43.18
N ALA A 114 9.35 -43.77 43.17
CA ALA A 114 10.05 -43.04 44.23
C ALA A 114 10.63 -41.76 43.65
N LEU A 115 10.07 -40.62 44.07
CA LEU A 115 10.62 -39.32 43.71
C LEU A 115 10.95 -38.48 44.94
N ASP A 116 10.22 -38.66 46.05
CA ASP A 116 10.55 -37.95 47.28
C ASP A 116 11.86 -38.46 47.88
N VAL A 117 12.20 -39.72 47.67
CA VAL A 117 13.52 -40.22 48.05
C VAL A 117 14.61 -39.27 47.54
N PHE A 118 14.42 -38.74 46.33
CA PHE A 118 15.37 -37.75 45.82
C PHE A 118 15.20 -36.40 46.49
N LYS A 119 13.97 -36.01 46.84
CA LYS A 119 13.78 -34.76 47.56
C LYS A 119 14.57 -34.76 48.86
N PHE A 120 14.72 -35.91 49.49
CA PHE A 120 15.59 -36.00 50.65
C PHE A 120 17.04 -35.72 50.28
N LEU A 121 17.52 -36.31 49.18
CA LEU A 121 18.84 -35.99 48.67
C LEU A 121 18.93 -34.56 48.16
N SER A 122 17.82 -33.98 47.72
CA SER A 122 17.80 -32.60 47.26
C SER A 122 18.10 -31.61 48.37
N LEU A 123 17.95 -32.01 49.63
CA LEU A 123 18.27 -31.17 50.77
C LEU A 123 19.77 -31.06 51.01
N GLN A 124 20.59 -31.58 50.10
CA GLN A 124 22.05 -31.52 50.25
C GLN A 124 22.59 -30.10 50.20
N TYR A 125 21.73 -29.10 50.00
CA TYR A 125 22.12 -27.69 50.07
C TYR A 125 21.11 -26.89 50.90
N GLN A 126 20.07 -27.55 51.41
CA GLN A 126 18.99 -26.89 52.14
C GLN A 126 19.45 -26.53 53.56
N GLY A 127 20.29 -25.51 53.63
CA GLY A 127 20.71 -24.97 54.91
C GLY A 127 22.13 -25.25 55.29
N LYS A 128 22.90 -25.88 54.39
CA LYS A 128 24.31 -26.14 54.65
C LYS A 128 24.94 -26.63 53.35
N ASN A 129 26.23 -26.97 53.44
CA ASN A 129 26.97 -27.53 52.30
C ASN A 129 26.94 -29.05 52.42
N LEU A 130 25.74 -29.61 52.28
CA LEU A 130 25.57 -31.05 52.42
C LEU A 130 25.86 -31.80 51.13
N LEU A 131 25.79 -31.14 49.98
CA LEU A 131 26.22 -31.78 48.74
C LEU A 131 27.71 -32.09 48.79
N ASN A 132 28.48 -31.30 49.53
CA ASN A 132 29.87 -31.66 49.80
C ASN A 132 29.96 -32.70 50.91
N TRP A 133 28.96 -32.75 51.80
CA TRP A 133 28.89 -33.77 52.82
C TRP A 133 28.22 -35.06 52.33
N LEU A 134 27.54 -35.02 51.19
CA LEU A 134 26.98 -36.22 50.59
C LEU A 134 28.04 -37.15 50.03
N THR A 135 29.31 -36.72 50.03
CA THR A 135 30.43 -37.56 49.62
C THR A 135 31.57 -37.54 50.62
N GLU A 136 31.52 -36.63 51.60
CA GLU A 136 32.56 -36.54 52.62
C GLU A 136 31.96 -36.05 53.93
N ASP A 137 32.80 -35.64 54.87
CA ASP A 137 32.34 -35.17 56.18
C ASP A 137 31.56 -36.27 56.90
N SER A 138 32.24 -37.38 57.18
CA SER A 138 31.60 -38.52 57.83
C SER A 138 31.19 -38.21 59.26
N ALA A 139 31.91 -37.30 59.93
CA ALA A 139 31.52 -36.92 61.29
C ALA A 139 30.12 -36.31 61.29
N GLU A 140 29.72 -35.69 60.19
CA GLU A 140 28.35 -35.19 60.08
C GLU A 140 27.35 -36.32 60.21
N ALA A 141 27.61 -37.46 59.57
CA ALA A 141 26.71 -38.61 59.66
C ALA A 141 27.08 -39.56 60.78
N LEU A 142 28.35 -39.59 61.19
CA LEU A 142 28.79 -40.48 62.26
C LEU A 142 28.74 -39.83 63.64
N GLN A 143 28.46 -38.53 63.72
CA GLN A 143 28.33 -37.86 65.00
C GLN A 143 26.91 -37.31 65.18
N ALA A 144 26.42 -36.57 64.18
CA ALA A 144 25.07 -36.04 64.26
C ALA A 144 24.05 -37.10 63.88
N LEU A 145 24.12 -37.63 62.66
CA LEU A 145 23.28 -38.75 62.28
C LEU A 145 23.64 -39.99 63.09
N SER A 146 24.88 -40.07 63.56
CA SER A 146 25.36 -41.14 64.43
C SER A 146 25.11 -42.52 63.83
N ASP A 147 25.04 -42.62 62.51
CA ASP A 147 24.91 -43.90 61.85
C ASP A 147 26.28 -44.50 61.58
N ASN A 148 26.35 -45.83 61.64
CA ASN A 148 27.63 -46.53 61.54
C ASN A 148 28.28 -46.26 60.18
N ALA A 149 29.61 -46.19 60.18
CA ALA A 149 30.34 -46.00 58.94
C ALA A 149 30.18 -47.19 58.02
N GLU A 150 29.86 -48.36 58.58
CA GLU A 150 29.66 -49.54 57.75
C GLU A 150 28.32 -49.48 57.03
N GLN A 151 27.36 -48.73 57.58
CA GLN A 151 26.08 -48.53 56.91
C GLN A 151 25.97 -47.11 56.37
N ALA A 152 26.22 -46.11 57.22
CA ALA A 152 26.07 -44.72 56.80
C ALA A 152 26.99 -44.40 55.61
N ARG A 153 28.30 -44.50 55.81
CA ARG A 153 29.23 -44.17 54.74
C ARG A 153 29.13 -45.18 53.61
N GLU A 154 28.71 -46.41 53.91
CA GLU A 154 28.37 -47.36 52.84
C GLU A 154 27.12 -46.93 52.10
N TRP A 155 26.11 -46.43 52.83
CA TRP A 155 24.94 -45.84 52.17
C TRP A 155 25.32 -44.56 51.45
N ARG A 156 26.25 -43.79 52.02
CA ARG A 156 26.74 -42.60 51.32
C ARG A 156 27.32 -42.96 49.96
N GLN A 157 27.92 -44.15 49.84
CA GLN A 157 28.41 -44.60 48.54
C GLN A 157 27.25 -44.86 47.59
N ALA A 158 26.22 -45.57 48.04
CA ALA A 158 25.05 -45.79 47.19
C ALA A 158 24.33 -44.49 46.89
N PHE A 159 24.48 -43.48 47.75
CA PHE A 159 23.98 -42.16 47.44
C PHE A 159 24.89 -41.45 46.44
N ILE A 160 26.14 -41.89 46.32
CA ILE A 160 27.02 -41.37 45.29
C ILE A 160 26.91 -42.21 44.03
N GLY A 161 26.71 -43.52 44.18
CA GLY A 161 26.48 -44.36 43.01
C GLY A 161 25.29 -43.93 42.20
N ILE A 162 24.31 -43.27 42.83
CA ILE A 162 23.16 -42.78 42.11
C ILE A 162 23.56 -41.65 41.17
N THR A 163 24.74 -41.06 41.39
CA THR A 163 25.21 -39.94 40.57
C THR A 163 26.25 -40.35 39.54
N THR A 164 26.38 -41.65 39.27
CA THR A 164 27.27 -42.14 38.24
C THR A 164 26.52 -43.12 37.34
N VAL A 165 27.17 -43.53 36.26
CA VAL A 165 26.55 -44.39 35.26
C VAL A 165 26.20 -45.73 35.91
N LYS A 166 25.28 -46.46 35.28
CA LYS A 166 24.89 -47.76 35.80
C LYS A 166 26.08 -48.73 35.78
N GLY A 167 27.01 -48.52 34.86
CA GLY A 167 28.21 -49.34 34.79
C GLY A 167 28.54 -49.82 33.39
N ALA A 168 27.82 -49.30 32.39
CA ALA A 168 28.07 -49.68 31.01
C ALA A 168 27.76 -48.48 30.12
N PRO A 169 28.59 -48.19 29.11
CA PRO A 169 28.24 -47.13 28.16
C PRO A 169 27.49 -47.69 26.97
N ALA A 170 26.59 -46.88 26.41
CA ALA A 170 25.82 -47.33 25.27
C ALA A 170 25.06 -46.16 24.66
N SER A 171 25.03 -46.13 23.33
CA SER A 171 24.17 -45.29 22.53
C SER A 171 23.01 -46.15 22.01
N HIS A 172 22.20 -45.57 21.13
CA HIS A 172 21.04 -46.27 20.59
C HIS A 172 20.87 -45.89 19.13
N SER A 173 20.06 -46.67 18.43
CA SER A 173 19.86 -46.45 17.01
C SER A 173 19.12 -45.15 16.70
N LEU A 174 18.42 -44.57 17.69
CA LEU A 174 17.76 -43.29 17.52
C LEU A 174 18.47 -42.19 18.30
N ALA A 175 19.70 -42.45 18.74
CA ALA A 175 20.43 -41.49 19.57
C ALA A 175 20.77 -40.21 18.80
N LYS A 176 20.54 -40.19 17.49
CA LYS A 176 20.86 -39.03 16.67
C LYS A 176 22.37 -38.79 16.62
N GLN A 177 23.12 -39.84 16.31
CA GLN A 177 24.57 -39.72 16.16
C GLN A 177 24.90 -38.87 14.93
N LEU A 178 26.18 -38.54 14.80
CA LEU A 178 26.71 -37.95 13.58
C LEU A 178 28.09 -38.51 13.31
N TYR A 179 28.59 -38.29 12.09
CA TYR A 179 30.01 -38.36 11.83
C TYR A 179 30.64 -37.02 12.20
N PHE A 180 31.97 -36.96 12.11
CA PHE A 180 32.62 -35.67 12.23
C PHE A 180 34.06 -35.74 11.72
N PRO A 181 34.45 -34.84 10.82
CA PRO A 181 35.79 -34.94 10.23
C PRO A 181 36.87 -34.44 11.18
N LEU A 182 38.13 -34.71 10.79
CA LEU A 182 39.31 -34.31 11.53
C LEU A 182 40.34 -33.67 10.60
N PRO A 183 41.45 -33.16 11.12
CA PRO A 183 42.43 -32.46 10.26
C PRO A 183 43.33 -33.41 9.49
N GLY A 184 42.89 -33.88 8.33
CA GLY A 184 43.73 -34.71 7.50
C GLY A 184 43.75 -36.17 7.88
N SER A 185 42.92 -36.58 8.84
CA SER A 185 42.88 -37.95 9.31
C SER A 185 41.43 -38.42 9.33
N GLY A 186 41.21 -39.67 9.72
CA GLY A 186 39.86 -40.21 9.78
C GLY A 186 38.95 -39.71 10.87
N TYR A 187 37.65 -39.77 10.62
CA TYR A 187 36.68 -39.20 11.56
C TYR A 187 36.32 -39.83 12.90
N HIS A 188 35.70 -39.03 13.75
CA HIS A 188 35.16 -39.47 15.02
C HIS A 188 33.69 -39.09 15.06
N LEU A 189 32.88 -39.88 15.77
CA LEU A 189 31.45 -39.64 15.80
C LEU A 189 31.01 -39.28 17.22
N LEU A 190 30.08 -38.33 17.31
CA LEU A 190 29.54 -37.87 18.58
C LEU A 190 28.14 -38.41 18.76
N ALA A 191 27.75 -38.61 20.02
CA ALA A 191 26.41 -39.04 20.38
C ALA A 191 25.78 -38.00 21.30
N PRO A 192 25.42 -36.83 20.79
CA PRO A 192 24.99 -35.74 21.68
C PRO A 192 23.75 -36.11 22.49
N LEU A 193 23.49 -35.31 23.51
CA LEU A 193 22.42 -35.53 24.46
C LEU A 193 21.70 -34.22 24.74
N PHE A 194 20.72 -34.28 25.63
CA PHE A 194 19.91 -33.11 25.95
C PHE A 194 20.49 -32.38 27.16
N PRO A 195 20.79 -31.09 27.06
CA PRO A 195 21.29 -30.36 28.23
C PRO A 195 20.18 -29.86 29.15
N THR A 196 19.73 -30.72 30.07
CA THR A 196 18.64 -30.34 30.96
C THR A 196 19.02 -29.17 31.86
N SER A 197 20.23 -29.20 32.43
CA SER A 197 20.62 -28.18 33.40
C SER A 197 20.64 -26.78 32.78
N LEU A 198 21.36 -26.63 31.67
CA LEU A 198 21.39 -25.33 30.99
C LEU A 198 19.99 -24.91 30.55
N VAL A 199 19.21 -25.88 30.06
CA VAL A 199 17.83 -25.60 29.66
C VAL A 199 17.07 -24.99 30.83
N HIS A 200 17.22 -25.56 32.02
CA HIS A 200 16.47 -25.08 33.17
C HIS A 200 16.98 -23.72 33.64
N HIS A 201 18.29 -23.50 33.56
CA HIS A 201 18.84 -22.18 33.87
C HIS A 201 18.22 -21.12 32.97
N VAL A 202 18.24 -21.38 31.66
CA VAL A 202 17.64 -20.43 30.72
C VAL A 202 16.16 -20.27 31.00
N HIS A 203 15.47 -21.36 31.33
CA HIS A 203 14.03 -21.27 31.53
C HIS A 203 13.69 -20.51 32.80
N ALA A 204 14.54 -20.58 33.82
CA ALA A 204 14.34 -19.75 35.00
C ALA A 204 14.58 -18.28 34.66
N LEU A 205 15.64 -17.99 33.90
CA LEU A 205 15.81 -16.64 33.38
C LEU A 205 14.55 -16.14 32.69
N LEU A 206 13.96 -16.99 31.85
CA LEU A 206 12.81 -16.58 31.06
C LEU A 206 11.57 -16.41 31.93
N ARG A 207 11.44 -17.27 32.94
CA ARG A 207 10.37 -17.18 33.95
C ARG A 207 10.50 -15.81 34.63
N GLU A 208 11.74 -15.38 34.91
CA GLU A 208 11.99 -14.17 35.69
C GLU A 208 11.77 -12.92 34.85
N ALA A 209 12.07 -12.99 33.55
CA ALA A 209 12.08 -11.77 32.74
C ALA A 209 10.79 -11.60 31.94
N ARG A 210 10.24 -12.72 31.46
CA ARG A 210 9.11 -12.71 30.49
C ARG A 210 7.85 -12.24 31.21
N PHE A 211 7.59 -12.76 32.42
CA PHE A 211 6.40 -12.44 33.20
C PHE A 211 6.74 -12.26 34.67
N GLY A 212 7.96 -11.81 34.95
CA GLY A 212 8.33 -11.49 36.31
C GLY A 212 7.45 -10.40 36.89
N ASP A 213 7.74 -10.04 38.15
CA ASP A 213 7.03 -8.96 38.89
C ASP A 213 7.66 -7.62 38.49
N ALA A 214 8.97 -7.45 38.67
CA ALA A 214 9.69 -6.20 38.35
C ALA A 214 9.61 -5.93 36.85
N ALA A 215 9.75 -6.98 36.02
CA ALA A 215 9.67 -6.85 34.54
C ALA A 215 8.27 -6.40 34.14
N LYS A 216 7.23 -6.95 34.77
CA LYS A 216 5.82 -6.56 34.49
C LYS A 216 5.63 -5.10 34.89
N ALA A 217 6.20 -4.68 36.03
CA ALA A 217 6.12 -3.29 36.50
C ALA A 217 6.80 -2.36 35.50
N ALA A 218 7.95 -2.76 34.95
CA ALA A 218 8.71 -1.98 33.95
C ALA A 218 7.87 -1.85 32.68
N ARG A 219 7.17 -2.92 32.27
CA ARG A 219 6.28 -2.89 31.07
C ARG A 219 5.15 -1.90 31.36
N GLU A 220 4.60 -1.90 32.58
CA GLU A 220 3.53 -0.94 32.98
C GLU A 220 4.08 0.49 32.89
N ALA A 221 5.33 0.71 33.32
CA ALA A 221 5.99 2.04 33.24
C ALA A 221 6.10 2.46 31.78
N ARG A 222 6.49 1.55 30.89
CA ARG A 222 6.59 1.83 29.43
C ARG A 222 5.20 2.22 28.91
N SER A 223 4.15 1.52 29.34
CA SER A 223 2.75 1.79 28.92
C SER A 223 2.30 3.16 29.41
N ARG A 224 2.69 3.56 30.63
CA ARG A 224 2.29 4.86 31.24
C ARG A 224 3.28 5.97 30.87
N GLN A 225 4.33 5.66 30.09
CA GLN A 225 5.36 6.64 29.68
C GLN A 225 5.94 7.31 30.93
N GLU A 226 6.22 6.52 31.99
CA GLU A 226 6.81 7.02 33.26
C GLU A 226 8.21 6.41 33.39
N SER A 227 9.23 7.21 33.69
CA SER A 227 10.65 6.75 33.75
C SER A 227 11.05 6.50 35.21
N TRP A 228 11.51 5.29 35.54
CA TRP A 228 11.98 4.92 36.90
C TRP A 228 13.25 4.08 36.75
N PRO A 229 14.04 3.85 37.83
CA PRO A 229 15.32 3.14 37.65
C PRO A 229 15.20 1.61 37.58
N HIS A 230 14.63 1.08 36.49
CA HIS A 230 14.52 -0.39 36.26
C HIS A 230 14.58 -0.67 34.76
N GLY A 231 15.08 -1.83 34.34
CA GLY A 231 15.18 -2.21 32.92
C GLY A 231 14.42 -3.49 32.63
N PHE A 232 13.60 -3.53 31.57
CA PHE A 232 12.82 -4.74 31.16
C PHE A 232 13.10 -5.03 29.69
N SER A 233 13.05 -6.30 29.28
CA SER A 233 13.29 -6.73 27.88
C SER A 233 12.19 -7.70 27.45
N GLU A 234 11.94 -7.82 26.13
CA GLU A 234 10.86 -8.71 25.58
C GLU A 234 11.50 -9.76 24.68
N TYR A 235 11.19 -11.05 24.91
CA TYR A 235 11.54 -12.16 24.04
C TYR A 235 10.40 -12.48 23.09
N PRO A 236 10.50 -12.13 21.81
CA PRO A 236 9.47 -12.49 20.85
C PRO A 236 9.75 -13.79 20.11
N ASN A 237 8.77 -14.20 19.32
CA ASN A 237 8.88 -15.32 18.39
C ASN A 237 9.58 -16.53 19.00
N LEU A 238 9.20 -16.84 20.25
CA LEU A 238 9.59 -18.10 20.85
C LEU A 238 8.84 -19.24 20.17
N ALA A 239 9.36 -20.45 20.30
CA ALA A 239 8.76 -21.65 19.72
C ALA A 239 8.67 -22.71 20.82
N ILE A 240 7.54 -23.40 20.88
CA ILE A 240 7.26 -24.33 21.96
C ILE A 240 7.53 -25.75 21.49
N GLN A 241 8.29 -26.51 22.28
CA GLN A 241 8.57 -27.90 21.96
C GLN A 241 7.96 -28.80 23.04
N LYS A 242 6.89 -29.53 22.71
CA LYS A 242 6.19 -30.43 23.67
C LYS A 242 6.90 -31.79 23.69
N PHE A 243 8.20 -31.81 23.99
CA PHE A 243 9.02 -33.05 24.02
C PHE A 243 8.73 -33.83 25.31
N GLY A 244 9.02 -35.13 25.30
CA GLY A 244 8.83 -36.02 26.47
C GLY A 244 7.48 -36.72 26.45
N GLY A 245 6.62 -36.41 25.47
CA GLY A 245 5.27 -37.00 25.37
C GLY A 245 4.25 -36.19 26.14
N THR A 246 2.98 -36.59 26.12
CA THR A 246 1.88 -35.90 26.84
C THR A 246 2.09 -36.01 28.34
N LYS A 247 2.55 -37.16 28.84
CA LYS A 247 2.73 -37.41 30.29
C LYS A 247 4.13 -36.93 30.74
N PRO A 248 4.23 -36.18 31.86
CA PRO A 248 5.55 -35.80 32.39
C PRO A 248 6.36 -37.04 32.79
N GLN A 249 5.71 -38.05 33.36
CA GLN A 249 6.38 -39.32 33.76
C GLN A 249 6.90 -40.02 32.50
N ASN A 250 8.06 -40.67 32.55
CA ASN A 250 8.72 -41.30 31.37
C ASN A 250 9.55 -40.22 30.66
N ILE A 251 9.66 -39.02 31.24
CA ILE A 251 10.44 -37.88 30.67
C ILE A 251 11.29 -37.32 31.81
N SER A 252 12.23 -36.42 31.53
CA SER A 252 13.16 -35.86 32.55
C SER A 252 12.35 -35.31 33.73
N GLN A 253 12.78 -35.57 34.97
CA GLN A 253 12.04 -35.15 36.19
C GLN A 253 11.99 -33.62 36.25
N LEU A 254 13.06 -32.93 35.82
CA LEU A 254 13.09 -31.44 35.77
C LEU A 254 11.97 -30.98 34.83
N ASN A 255 11.79 -31.64 33.69
CA ASN A 255 10.71 -31.31 32.72
C ASN A 255 9.35 -31.49 33.42
N ASN A 256 9.20 -32.55 34.22
CA ASN A 256 7.96 -32.88 34.96
C ASN A 256 7.71 -31.79 36.00
N GLU A 257 8.76 -31.31 36.69
CA GLU A 257 8.65 -30.21 37.68
C GLU A 257 8.21 -28.96 36.95
N ARG A 258 8.72 -28.71 35.73
CA ARG A 258 8.37 -27.54 34.90
C ARG A 258 7.08 -27.83 34.12
N ARG A 259 6.68 -26.94 33.22
CA ARG A 259 5.43 -27.10 32.41
C ARG A 259 5.57 -28.31 31.48
N GLY A 260 6.79 -28.71 31.12
CA GLY A 260 7.04 -29.84 30.20
C GLY A 260 7.22 -29.36 28.77
N GLU A 261 7.19 -28.05 28.52
CA GLU A 261 7.42 -27.45 27.18
C GLU A 261 8.71 -26.63 27.24
N ASN A 262 9.64 -26.83 26.30
CA ASN A 262 10.96 -26.14 26.30
C ASN A 262 10.92 -24.99 25.29
N TRP A 263 11.11 -23.74 25.74
CA TRP A 263 11.07 -22.55 24.87
C TRP A 263 12.36 -22.46 24.07
N LEU A 264 12.27 -22.20 22.75
CA LEU A 264 13.45 -22.08 21.86
C LEU A 264 13.55 -20.63 21.36
N LEU A 265 14.70 -19.96 21.56
CA LEU A 265 14.89 -18.55 21.13
C LEU A 265 14.93 -18.47 19.60
N PRO A 266 14.28 -17.48 18.98
CA PRO A 266 14.23 -17.41 17.52
C PRO A 266 15.64 -17.40 16.91
N SER A 267 15.84 -18.16 15.82
CA SER A 267 17.07 -18.17 15.05
C SER A 267 16.78 -18.11 13.55
N LEU A 268 15.87 -17.23 13.17
CA LEU A 268 15.52 -17.05 11.77
C LEU A 268 16.44 -16.02 11.11
N PRO A 269 16.58 -16.07 9.79
CA PRO A 269 17.29 -15.03 9.07
C PRO A 269 16.39 -13.82 8.85
N PRO A 270 16.95 -12.69 8.41
CA PRO A 270 16.13 -11.47 8.27
C PRO A 270 15.01 -11.57 7.24
N ASN A 271 14.90 -12.66 6.50
CA ASN A 271 13.89 -12.80 5.45
C ASN A 271 12.88 -13.88 5.77
N TRP A 272 12.72 -14.22 7.06
CA TRP A 272 11.75 -15.24 7.43
C TRP A 272 10.34 -14.88 6.97
N GLN A 273 9.81 -13.76 7.47
CA GLN A 273 8.47 -13.30 7.11
C GLN A 273 8.58 -12.52 5.81
N ARG A 274 8.59 -13.23 4.69
CA ARG A 274 8.66 -12.60 3.39
C ARG A 274 7.40 -11.79 3.12
N GLN A 275 7.48 -10.90 2.13
CA GLN A 275 6.37 -10.06 1.73
C GLN A 275 5.94 -10.45 0.32
N ASN A 276 4.72 -10.06 -0.04
CA ASN A 276 4.20 -10.27 -1.37
C ASN A 276 4.72 -9.18 -2.29
N VAL A 277 5.67 -9.53 -3.16
CA VAL A 277 6.35 -8.55 -4.00
C VAL A 277 5.30 -7.90 -4.92
N ASN A 278 5.06 -6.60 -4.71
CA ASN A 278 4.20 -5.81 -5.57
C ASN A 278 4.76 -4.39 -5.62
N ALA A 279 5.59 -4.13 -6.62
CA ALA A 279 6.19 -2.81 -6.86
C ALA A 279 6.27 -2.59 -8.36
N PRO A 280 5.14 -2.64 -9.05
CA PRO A 280 5.16 -2.49 -10.51
C PRO A 280 5.34 -1.03 -10.92
N SER A 285 2.22 4.48 -7.03
CA SER A 285 3.47 4.21 -6.36
C SER A 285 4.68 4.41 -7.28
N VAL A 286 4.46 4.47 -8.60
CA VAL A 286 5.56 4.64 -9.53
C VAL A 286 6.22 6.00 -9.33
N PHE A 287 5.42 7.04 -9.06
CA PHE A 287 6.03 8.32 -8.67
C PHE A 287 6.78 8.18 -7.37
N GLU A 288 6.50 7.12 -6.62
CA GLU A 288 7.19 6.80 -5.37
C GLU A 288 8.32 5.81 -5.60
N HIS A 289 9.35 6.25 -6.32
CA HIS A 289 10.46 5.36 -6.63
C HIS A 289 11.29 5.08 -5.39
N ASP A 290 11.83 6.11 -4.75
CA ASP A 290 12.63 5.94 -3.56
C ASP A 290 11.79 5.88 -2.29
N PHE A 291 10.46 5.97 -2.41
CA PHE A 291 9.61 5.95 -1.23
C PHE A 291 9.70 4.59 -0.56
N GLY A 292 9.26 3.55 -1.27
CA GLY A 292 9.50 2.16 -0.88
C GLY A 292 9.42 1.82 0.60
N ARG A 293 8.39 2.32 1.27
CA ARG A 293 8.30 2.19 2.72
C ARG A 293 7.76 0.84 3.19
N THR A 294 8.52 0.22 4.09
CA THR A 294 8.21 -1.08 4.67
C THR A 294 8.65 -1.03 6.13
N PRO A 295 8.43 -2.07 6.94
CA PRO A 295 8.76 -1.93 8.37
C PRO A 295 10.25 -1.76 8.61
N GLU A 296 11.09 -2.54 7.94
CA GLU A 296 12.53 -2.37 8.11
C GLU A 296 12.99 -1.00 7.66
N VAL A 297 12.50 -0.53 6.51
CA VAL A 297 12.92 0.77 5.98
C VAL A 297 12.55 1.87 6.95
N SER A 298 11.28 1.96 7.33
CA SER A 298 10.84 3.03 8.22
C SER A 298 11.48 2.90 9.60
N ARG A 299 11.78 1.68 10.04
CA ARG A 299 12.44 1.52 11.34
C ARG A 299 13.88 2.02 11.28
N LEU A 300 14.59 1.71 10.20
CA LEU A 300 15.92 2.26 10.01
C LEU A 300 15.89 3.78 9.94
N THR A 301 14.88 4.34 9.29
CA THR A 301 14.78 5.79 9.18
C THR A 301 14.53 6.41 10.55
N ARG A 302 13.62 5.83 11.34
CA ARG A 302 13.38 6.30 12.70
C ARG A 302 14.63 6.15 13.57
N THR A 303 15.40 5.08 13.37
CA THR A 303 16.63 4.91 14.14
C THR A 303 17.65 5.98 13.79
N LEU A 304 17.77 6.31 12.50
CA LEU A 304 18.65 7.40 12.10
C LEU A 304 18.20 8.72 12.71
N GLN A 305 16.92 9.06 12.54
CA GLN A 305 16.42 10.33 13.06
C GLN A 305 16.51 10.39 14.57
N ARG A 306 16.53 9.24 15.25
CA ARG A 306 16.69 9.22 16.69
C ARG A 306 18.12 9.56 17.10
N PHE A 307 19.10 9.16 16.28
CA PHE A 307 20.47 9.58 16.47
C PHE A 307 20.76 10.95 15.88
N LEU A 308 19.88 11.44 14.99
CA LEU A 308 20.02 12.82 14.50
C LEU A 308 19.68 13.82 15.57
N ALA A 309 18.96 13.41 16.61
CA ALA A 309 18.63 14.26 17.74
C ALA A 309 19.67 14.20 18.86
N LYS A 310 20.91 13.86 18.52
CA LYS A 310 22.00 13.77 19.49
C LYS A 310 23.01 14.88 19.20
N THR A 311 23.94 15.08 20.12
CA THR A 311 24.93 16.14 20.03
C THR A 311 26.23 15.55 19.46
N VAL A 312 27.25 16.34 19.13
CA VAL A 312 28.52 15.81 18.62
C VAL A 312 29.40 15.25 19.73
N HIS A 313 28.92 15.24 20.97
CA HIS A 313 29.72 14.67 22.07
C HIS A 313 30.03 13.21 21.80
N ASN A 314 29.36 12.59 20.85
CA ASN A 314 29.58 11.20 20.44
C ASN A 314 29.99 11.15 18.98
N ASN A 315 30.94 12.01 18.61
CA ASN A 315 31.40 12.07 17.22
C ASN A 315 31.64 10.68 16.65
N LEU A 316 32.46 9.88 17.33
CA LEU A 316 32.74 8.53 16.83
C LEU A 316 31.51 7.65 16.90
N ALA A 317 30.87 7.54 18.07
CA ALA A 317 29.76 6.60 18.24
C ALA A 317 28.69 6.81 17.17
N ILE A 318 28.32 8.06 16.91
CA ILE A 318 27.30 8.34 15.90
C ILE A 318 27.87 8.31 14.49
N ARG A 319 29.19 8.20 14.34
CA ARG A 319 29.78 8.16 13.01
C ARG A 319 29.86 6.74 12.46
N GLN A 320 29.71 5.72 13.30
CA GLN A 320 29.72 4.33 12.86
C GLN A 320 28.34 3.73 12.84
N ARG A 321 27.59 3.82 13.94
CA ARG A 321 26.24 3.25 13.97
C ARG A 321 25.39 3.83 12.85
N ARG A 322 25.55 5.12 12.57
CA ARG A 322 24.78 5.74 11.49
C ARG A 322 25.35 5.38 10.13
N ALA A 323 26.68 5.27 10.01
CA ALA A 323 27.28 4.81 8.77
C ALA A 323 26.87 3.36 8.47
N GLN A 324 27.01 2.49 9.46
CA GLN A 324 26.53 1.12 9.32
C GLN A 324 25.04 1.09 8.99
N LEU A 325 24.27 2.01 9.56
CA LEU A 325 22.83 2.04 9.32
C LEU A 325 22.53 2.40 7.87
N VAL A 326 23.22 3.40 7.34
CA VAL A 326 22.99 3.76 5.94
C VAL A 326 23.50 2.68 5.01
N ALA A 327 24.55 1.95 5.42
CA ALA A 327 24.94 0.76 4.67
C ALA A 327 23.80 -0.26 4.64
N GLN A 328 23.19 -0.49 5.80
CA GLN A 328 22.01 -1.36 5.85
C GLN A 328 20.90 -0.84 4.93
N ILE A 329 20.71 0.47 4.88
CA ILE A 329 19.64 1.05 4.08
C ILE A 329 19.90 0.83 2.59
N CYS A 330 21.12 1.11 2.14
CA CYS A 330 21.44 0.89 0.73
C CYS A 330 21.38 -0.58 0.38
N ASP A 331 21.79 -1.46 1.30
CA ASP A 331 21.68 -2.89 1.05
C ASP A 331 20.22 -3.32 0.95
N GLU A 332 19.34 -2.74 1.77
CA GLU A 332 17.93 -3.07 1.67
C GLU A 332 17.34 -2.55 0.38
N ALA A 333 17.82 -1.41 -0.11
CA ALA A 333 17.41 -0.95 -1.44
C ALA A 333 17.90 -1.89 -2.52
N LEU A 334 19.11 -2.44 -2.35
CA LEU A 334 19.60 -3.46 -3.28
C LEU A 334 18.70 -4.70 -3.25
N GLN A 335 18.23 -5.10 -2.08
CA GLN A 335 17.31 -6.23 -1.99
C GLN A 335 15.97 -5.91 -2.65
N TYR A 336 15.47 -4.70 -2.46
CA TYR A 336 14.30 -4.24 -3.21
C TYR A 336 14.52 -4.44 -4.71
N ALA A 337 15.63 -3.91 -5.23
CA ALA A 337 15.95 -4.05 -6.64
C ALA A 337 16.00 -5.51 -7.05
N ALA A 338 16.63 -6.36 -6.24
CA ALA A 338 16.77 -7.77 -6.59
C ALA A 338 15.41 -8.45 -6.68
N ARG A 339 14.63 -8.39 -5.60
CA ARG A 339 13.30 -8.99 -5.62
C ARG A 339 12.45 -8.40 -6.73
N LEU A 340 12.77 -7.20 -7.19
CA LEU A 340 12.10 -6.66 -8.38
C LEU A 340 12.57 -7.39 -9.64
N ARG A 341 13.87 -7.66 -9.76
CA ARG A 341 14.41 -8.24 -10.98
C ARG A 341 13.86 -9.64 -11.21
N GLU A 342 13.49 -10.35 -10.16
CA GLU A 342 13.12 -11.76 -10.25
C GLU A 342 11.63 -11.97 -10.46
N CYS A 353 6.40 5.97 -15.14
CA CYS A 353 7.62 5.32 -15.63
C CYS A 353 8.82 6.26 -15.64
N GLN A 354 8.61 7.57 -15.72
CA GLN A 354 9.73 8.49 -15.62
C GLN A 354 10.38 8.41 -14.25
N LEU A 355 9.56 8.48 -13.19
CA LEU A 355 10.08 8.25 -11.84
C LEU A 355 10.61 6.83 -11.67
N HIS A 356 10.20 5.90 -12.53
CA HIS A 356 10.76 4.56 -12.57
C HIS A 356 11.71 4.35 -13.75
N ASP A 357 11.93 5.38 -14.58
CA ASP A 357 12.81 5.30 -15.73
C ASP A 357 14.28 5.32 -15.33
N ALA A 358 14.74 6.40 -14.69
CA ALA A 358 16.07 6.36 -14.08
C ALA A 358 16.20 5.18 -13.13
N GLU A 359 15.14 4.89 -12.37
CA GLU A 359 15.07 3.63 -11.64
C GLU A 359 15.05 2.43 -12.59
N GLN A 360 14.46 2.57 -13.77
CA GLN A 360 14.51 1.50 -14.76
C GLN A 360 15.95 1.25 -15.21
N LEU A 361 16.82 2.23 -15.04
CA LEU A 361 18.25 2.01 -15.28
C LEU A 361 18.97 1.50 -14.02
N TRP A 362 18.52 1.93 -12.84
CA TRP A 362 19.03 1.36 -11.59
C TRP A 362 18.32 0.05 -11.30
N LEU A 363 17.01 0.10 -11.13
CA LEU A 363 16.19 -1.11 -11.06
C LEU A 363 15.96 -1.65 -12.47
N ASP A 364 16.97 -2.33 -13.03
CA ASP A 364 16.90 -2.81 -14.41
C ASP A 364 15.66 -3.67 -14.59
N PRO A 365 14.67 -3.19 -15.34
CA PRO A 365 13.42 -3.94 -15.44
C PRO A 365 13.56 -5.20 -16.27
N LEU A 366 13.57 -6.35 -15.60
CA LEU A 366 13.56 -7.68 -16.21
C LEU A 366 14.85 -8.00 -16.97
N ARG A 367 15.87 -7.15 -16.89
CA ARG A 367 17.03 -7.28 -17.76
C ARG A 367 16.57 -7.35 -19.21
N ALA A 368 15.78 -6.36 -19.61
CA ALA A 368 15.09 -6.36 -20.89
C ALA A 368 16.09 -6.47 -22.05
N GLN A 369 16.02 -7.57 -22.79
CA GLN A 369 16.83 -7.72 -23.99
C GLN A 369 16.03 -7.45 -25.26
N THR A 370 14.73 -7.20 -25.13
CA THR A 370 13.89 -7.01 -26.32
C THR A 370 14.22 -5.68 -27.01
N ASP A 371 14.16 -4.58 -26.27
CA ASP A 371 14.47 -3.28 -26.85
C ASP A 371 15.88 -3.28 -27.43
N GLU A 372 16.00 -2.73 -28.64
CA GLU A 372 17.29 -2.72 -29.34
C GLU A 372 18.20 -1.66 -28.75
N THR A 373 17.77 -0.40 -28.80
CA THR A 373 18.56 0.68 -28.23
C THR A 373 18.14 1.00 -26.80
N PHE A 374 16.87 0.83 -26.46
CA PHE A 374 16.42 1.06 -25.09
C PHE A 374 16.98 0.04 -24.12
N LEU A 375 17.57 -1.04 -24.62
CA LEU A 375 18.20 -2.06 -23.79
C LEU A 375 19.68 -2.27 -24.11
N GLN A 376 20.18 -1.70 -25.21
CA GLN A 376 21.58 -1.78 -25.57
C GLN A 376 22.18 -0.41 -25.91
N ARG A 377 21.37 0.64 -25.84
CA ARG A 377 21.86 2.00 -26.05
C ARG A 377 21.46 2.85 -24.85
N ARG A 378 20.29 2.59 -24.28
CA ARG A 378 19.85 3.25 -23.06
C ARG A 378 20.24 2.48 -21.81
N LEU A 379 20.92 1.34 -21.96
CA LEU A 379 21.38 0.57 -20.80
C LEU A 379 22.81 0.09 -20.92
N ARG A 380 23.38 -0.04 -22.12
CA ARG A 380 24.74 -0.54 -22.25
C ARG A 380 25.80 0.28 -21.53
N GLY A 381 25.84 1.58 -21.80
CA GLY A 381 26.68 2.49 -21.05
C GLY A 381 25.79 3.56 -20.44
N ASP A 382 24.60 3.16 -20.01
CA ASP A 382 23.59 4.11 -19.56
C ASP A 382 22.98 3.68 -18.23
N TRP A 383 23.82 3.34 -17.26
CA TRP A 383 23.33 3.06 -15.92
C TRP A 383 23.04 4.38 -15.25
N PRO A 384 21.77 4.78 -15.14
CA PRO A 384 21.46 6.15 -14.75
C PRO A 384 21.95 6.12 -13.32
N ALA A 385 23.03 6.85 -13.05
CA ALA A 385 23.72 6.82 -11.77
C ALA A 385 23.14 8.00 -11.00
N GLU A 386 22.27 8.80 -11.61
CA GLU A 386 21.57 9.84 -10.86
C GLU A 386 20.63 9.25 -9.81
N VAL A 387 20.26 7.97 -9.97
CA VAL A 387 19.38 7.33 -8.99
C VAL A 387 19.96 7.42 -7.60
N GLY A 388 21.29 7.40 -7.47
CA GLY A 388 21.90 7.64 -6.17
C GLY A 388 21.57 9.01 -5.62
N ASN A 389 21.56 10.02 -6.48
CA ASN A 389 21.17 11.35 -6.04
C ASN A 389 19.68 11.41 -5.73
N ARG A 390 18.86 10.71 -6.51
CA ARG A 390 17.44 10.59 -6.19
C ARG A 390 17.26 10.03 -4.78
N PHE A 391 17.98 8.97 -4.44
CA PHE A 391 17.84 8.35 -3.14
C PHE A 391 18.40 9.25 -2.04
N ALA A 392 19.49 9.96 -2.31
CA ALA A 392 20.00 10.92 -1.33
C ALA A 392 18.97 12.01 -1.07
N ASN A 393 18.27 12.46 -2.11
CA ASN A 393 17.24 13.47 -1.92
C ASN A 393 16.07 12.91 -1.11
N TRP A 394 15.65 11.68 -1.41
CA TRP A 394 14.59 11.06 -0.62
C TRP A 394 15.00 10.94 0.84
N LEU A 395 16.27 10.61 1.10
CA LEU A 395 16.73 10.50 2.48
C LEU A 395 16.73 11.86 3.16
N ASN A 396 17.22 12.90 2.47
CA ASN A 396 17.22 14.23 3.07
C ASN A 396 15.79 14.70 3.34
N ARG A 397 14.84 14.26 2.51
CA ARG A 397 13.43 14.52 2.80
C ARG A 397 12.90 13.62 3.91
N ALA A 398 13.60 12.54 4.22
CA ALA A 398 13.17 11.65 5.31
C ALA A 398 13.73 12.12 6.64
N VAL A 399 15.06 12.21 6.75
CA VAL A 399 15.71 12.76 7.93
C VAL A 399 15.67 14.27 7.82
N SER A 400 15.19 14.92 8.88
CA SER A 400 14.96 16.36 8.85
C SER A 400 16.24 17.11 8.50
N SER A 401 16.09 18.27 7.87
CA SER A 401 17.24 19.10 7.51
C SER A 401 17.51 20.13 8.62
N ASP A 402 17.67 19.61 9.84
CA ASP A 402 17.93 20.47 10.98
C ASP A 402 19.32 21.09 10.87
N SER A 403 19.36 22.41 10.77
CA SER A 403 20.62 23.14 10.65
C SER A 403 21.39 23.20 11.96
N GLN A 404 20.86 22.61 13.04
CA GLN A 404 21.57 22.65 14.32
C GLN A 404 22.98 22.08 14.18
N ILE A 405 23.12 21.01 13.39
CA ILE A 405 24.44 20.40 13.16
C ILE A 405 25.02 20.79 11.81
N LEU A 406 24.28 21.51 10.98
CA LEU A 406 24.80 21.92 9.67
C LEU A 406 25.81 23.05 9.81
N GLY A 407 25.65 23.90 10.83
CA GLY A 407 26.64 24.93 11.07
C GLY A 407 28.01 24.38 11.38
N SER A 408 28.07 23.37 12.25
CA SER A 408 29.33 22.74 12.62
C SER A 408 29.56 21.50 11.77
N PRO A 409 30.69 20.81 11.94
CA PRO A 409 30.99 19.63 11.12
C PRO A 409 30.22 18.36 11.49
N GLU A 410 29.23 18.45 12.38
CA GLU A 410 28.47 17.25 12.74
C GLU A 410 27.63 16.77 11.56
N ALA A 411 26.69 17.59 11.10
CA ALA A 411 25.88 17.26 9.94
C ALA A 411 26.67 17.30 8.65
N ALA A 412 27.74 18.10 8.58
CA ALA A 412 28.58 18.09 7.39
C ALA A 412 29.36 16.78 7.30
N GLN A 413 29.87 16.28 8.42
CA GLN A 413 30.53 14.98 8.41
C GLN A 413 29.52 13.86 8.18
N TRP A 414 28.28 14.04 8.64
CA TRP A 414 27.21 13.10 8.28
C TRP A 414 26.99 13.10 6.77
N SER A 415 26.98 14.29 6.17
CA SER A 415 26.85 14.39 4.72
C SER A 415 28.01 13.69 4.02
N GLN A 416 29.22 13.81 4.56
CA GLN A 416 30.36 13.13 3.98
C GLN A 416 30.22 11.61 4.08
N GLU A 417 29.78 11.12 5.24
CA GLU A 417 29.45 9.70 5.38
C GLU A 417 28.47 9.27 4.30
N LEU A 418 27.32 9.94 4.23
CA LEU A 418 26.34 9.67 3.18
C LEU A 418 27.00 9.66 1.81
N SER A 419 27.87 10.62 1.54
CA SER A 419 28.44 10.78 0.21
C SER A 419 29.32 9.59 -0.15
N LYS A 420 30.21 9.19 0.76
CA LYS A 420 31.08 8.06 0.45
C LYS A 420 30.28 6.76 0.38
N GLU A 421 29.23 6.62 1.18
CA GLU A 421 28.41 5.42 1.10
C GLU A 421 27.69 5.35 -0.24
N LEU A 422 27.09 6.45 -0.67
CA LEU A 422 26.43 6.48 -1.97
C LEU A 422 27.44 6.36 -3.10
N THR A 423 28.70 6.76 -2.87
CA THR A 423 29.74 6.57 -3.87
C THR A 423 30.04 5.10 -4.06
N MET A 424 30.22 4.36 -2.96
CA MET A 424 30.36 2.91 -3.08
C MET A 424 29.11 2.29 -3.70
N PHE A 425 27.93 2.83 -3.39
CA PHE A 425 26.70 2.37 -4.01
C PHE A 425 26.76 2.51 -5.54
N LYS A 426 27.18 3.68 -6.02
CA LYS A 426 27.28 3.89 -7.46
C LYS A 426 28.38 3.03 -8.07
N GLU A 427 29.47 2.79 -7.33
CA GLU A 427 30.51 1.89 -7.80
C GLU A 427 29.96 0.48 -8.00
N ILE A 428 29.05 0.05 -7.12
CA ILE A 428 28.44 -1.26 -7.27
C ILE A 428 27.38 -1.23 -8.37
N LEU A 429 26.78 -0.06 -8.61
CA LEU A 429 25.76 0.10 -9.65
C LEU A 429 26.33 0.07 -11.05
N GLU A 430 27.52 0.62 -11.26
CA GLU A 430 28.06 0.75 -12.60
C GLU A 430 28.00 -0.56 -13.38
N ASP A 431 28.15 -1.70 -12.72
CA ASP A 431 28.33 -2.99 -13.38
C ASP A 431 27.12 -3.90 -13.22
N GLU A 432 25.91 -3.35 -13.33
CA GLU A 432 24.72 -4.19 -13.30
C GLU A 432 24.73 -5.20 -14.43
N ARG A 433 25.04 -4.74 -15.65
CA ARG A 433 25.10 -5.60 -16.82
C ARG A 433 26.35 -5.37 -17.66
N ASP A 434 27.19 -4.41 -17.28
CA ASP A 434 28.39 -4.09 -18.04
C ASP A 434 29.60 -4.83 -17.50
N VAL B 3 42.69 -23.72 7.97
CA VAL B 3 42.39 -22.41 7.40
C VAL B 3 43.19 -22.20 6.12
N THR B 4 43.30 -23.25 5.31
CA THR B 4 44.06 -23.19 4.08
C THR B 4 43.38 -22.24 3.08
N ASP B 5 44.20 -21.53 2.32
CA ASP B 5 43.69 -20.59 1.33
C ASP B 5 43.08 -21.37 0.17
N PRO B 6 41.80 -21.18 -0.17
CA PRO B 6 41.21 -21.91 -1.29
C PRO B 6 41.65 -21.33 -2.63
N GLU B 7 42.14 -22.22 -3.51
CA GLU B 7 42.60 -21.78 -4.82
C GLU B 7 41.43 -21.31 -5.69
N ALA B 8 40.33 -22.07 -5.70
CA ALA B 8 39.16 -21.76 -6.52
C ALA B 8 37.90 -21.95 -5.68
N LEU B 9 36.78 -21.48 -6.23
CA LEU B 9 35.49 -21.58 -5.55
C LEU B 9 34.42 -22.04 -6.53
N LEU B 10 33.68 -23.07 -6.15
CA LEU B 10 32.57 -23.58 -6.94
C LEU B 10 31.28 -23.08 -6.32
N LEU B 11 30.41 -22.48 -7.12
CA LEU B 11 29.16 -21.92 -6.62
C LEU B 11 27.94 -22.69 -7.13
N LEU B 12 27.20 -23.29 -6.18
CA LEU B 12 25.96 -23.97 -6.52
C LEU B 12 24.94 -22.84 -6.60
N PRO B 13 24.32 -22.60 -7.76
CA PRO B 13 23.46 -21.40 -7.87
C PRO B 13 22.27 -21.38 -6.92
N ARG B 14 21.46 -22.44 -6.91
CA ARG B 14 20.29 -22.49 -6.04
C ARG B 14 19.94 -23.94 -5.73
N LEU B 15 19.83 -24.26 -4.45
CA LEU B 15 19.45 -25.57 -3.97
C LEU B 15 18.24 -25.43 -3.07
N SER B 16 17.12 -25.96 -3.51
CA SER B 16 15.87 -25.93 -2.76
C SER B 16 15.77 -27.16 -1.87
N ILE B 17 15.16 -26.98 -0.70
CA ILE B 17 14.96 -28.08 0.24
C ILE B 17 13.54 -28.04 0.79
N GLN B 18 12.95 -29.22 0.94
CA GLN B 18 11.60 -29.38 1.48
C GLN B 18 11.64 -30.35 2.63
N ASN B 19 10.86 -30.07 3.68
CA ASN B 19 10.80 -30.92 4.86
C ASN B 19 12.18 -31.12 5.48
N ALA B 20 12.87 -30.01 5.70
CA ALA B 20 14.17 -30.05 6.34
C ALA B 20 14.02 -30.09 7.86
N ASN B 21 15.16 -30.01 8.54
CA ASN B 21 15.22 -29.99 10.00
C ASN B 21 15.27 -28.53 10.44
N ALA B 22 14.19 -28.06 11.05
CA ALA B 22 14.08 -26.67 11.47
C ALA B 22 14.44 -26.42 12.93
N ILE B 23 14.64 -27.44 13.74
CA ILE B 23 15.01 -27.18 15.12
C ILE B 23 16.50 -26.84 15.17
N SER B 24 17.33 -27.80 14.78
CA SER B 24 18.79 -27.62 14.67
C SER B 24 19.48 -27.38 16.01
N SER B 25 18.73 -27.36 17.11
CA SER B 25 19.33 -27.05 18.40
C SER B 25 18.30 -27.17 19.51
N PRO B 26 18.72 -27.51 20.73
CA PRO B 26 17.74 -27.59 21.83
C PRO B 26 17.14 -26.25 22.21
N LEU B 27 17.92 -25.18 22.25
CA LEU B 27 17.43 -23.87 22.68
C LEU B 27 17.10 -22.92 21.54
N THR B 28 17.33 -23.30 20.29
CA THR B 28 17.02 -22.43 19.16
C THR B 28 16.35 -23.22 18.04
N TRP B 29 15.75 -22.48 17.11
CA TRP B 29 15.08 -23.08 15.98
C TRP B 29 15.24 -22.14 14.80
N GLY B 30 15.33 -22.70 13.60
CA GLY B 30 15.42 -21.90 12.41
C GLY B 30 16.34 -22.53 11.39
N PHE B 31 17.12 -21.69 10.71
CA PHE B 31 18.06 -22.17 9.70
C PHE B 31 18.88 -23.31 10.28
N PRO B 32 19.17 -24.37 9.52
CA PRO B 32 19.92 -25.49 10.09
C PRO B 32 21.33 -25.08 10.49
N SER B 33 21.88 -25.87 11.40
CA SER B 33 23.21 -25.61 11.93
C SER B 33 24.26 -25.61 10.81
N PRO B 34 25.29 -24.78 10.90
CA PRO B 34 26.33 -24.79 9.85
C PRO B 34 27.03 -26.12 9.78
N GLY B 35 27.08 -26.85 10.89
CA GLY B 35 27.74 -28.15 10.88
C GLY B 35 27.12 -29.05 9.84
N ALA B 36 25.81 -28.92 9.62
CA ALA B 36 25.13 -29.75 8.63
C ALA B 36 25.71 -29.49 7.25
N PHE B 37 26.00 -28.22 6.95
CA PHE B 37 26.58 -27.88 5.65
C PHE B 37 28.03 -28.32 5.57
N THR B 38 28.79 -28.15 6.65
CA THR B 38 30.19 -28.56 6.56
C THR B 38 30.24 -30.05 6.31
N GLY B 39 29.48 -30.82 7.08
CA GLY B 39 29.49 -32.26 6.88
C GLY B 39 28.96 -32.61 5.51
N PHE B 40 28.02 -31.82 4.98
CA PHE B 40 27.49 -32.06 3.65
C PHE B 40 28.60 -31.99 2.61
N VAL B 41 29.35 -30.88 2.65
CA VAL B 41 30.45 -30.71 1.71
C VAL B 41 31.47 -31.82 1.90
N HIS B 42 31.70 -32.21 3.16
CA HIS B 42 32.65 -33.27 3.45
C HIS B 42 32.19 -34.57 2.82
N ALA B 43 30.90 -34.90 2.94
CA ALA B 43 30.35 -36.11 2.35
C ALA B 43 30.43 -36.06 0.83
N LEU B 44 30.26 -34.88 0.25
CA LEU B 44 30.39 -34.76 -1.19
C LEU B 44 31.83 -35.07 -1.57
N GLN B 45 32.77 -34.53 -0.81
CA GLN B 45 34.18 -34.79 -1.07
C GLN B 45 34.44 -36.28 -0.90
N ARG B 46 33.74 -36.88 0.06
CA ARG B 46 33.89 -38.31 0.35
C ARG B 46 33.49 -39.18 -0.82
N ARG B 47 32.49 -38.74 -1.60
CA ARG B 47 32.13 -39.56 -2.76
C ARG B 47 32.80 -39.10 -4.04
N VAL B 48 32.63 -37.82 -4.39
CA VAL B 48 33.22 -37.33 -5.63
C VAL B 48 34.69 -36.91 -5.48
N GLY B 49 35.11 -36.51 -4.29
CA GLY B 49 36.48 -36.05 -4.12
C GLY B 49 37.51 -37.10 -4.48
N ILE B 50 37.25 -38.35 -4.13
CA ILE B 50 38.18 -39.43 -4.45
C ILE B 50 38.17 -39.76 -5.93
N SER B 51 37.00 -39.72 -6.56
CA SER B 51 36.91 -40.04 -7.98
C SER B 51 37.63 -38.99 -8.82
N LEU B 52 37.42 -37.72 -8.52
CA LEU B 52 37.99 -36.62 -9.28
C LEU B 52 39.29 -36.10 -8.64
N ASP B 53 39.66 -36.62 -7.48
CA ASP B 53 40.88 -36.21 -6.76
C ASP B 53 40.89 -34.70 -6.51
N ILE B 54 39.83 -34.22 -5.86
CA ILE B 54 39.68 -32.81 -5.51
C ILE B 54 39.50 -32.74 -3.99
N GLU B 55 39.75 -31.55 -3.45
CA GLU B 55 39.63 -31.30 -2.01
C GLU B 55 38.65 -30.16 -1.77
N LEU B 56 37.61 -30.42 -0.97
CA LEU B 56 36.60 -29.44 -0.64
C LEU B 56 36.58 -29.26 0.87
N ASP B 57 36.89 -28.05 1.34
CA ASP B 57 36.94 -27.72 2.75
C ASP B 57 36.12 -26.50 3.15
N GLY B 58 35.86 -25.60 2.19
CA GLY B 58 35.12 -24.37 2.47
C GLY B 58 33.72 -24.39 1.89
N VAL B 59 32.76 -23.99 2.71
CA VAL B 59 31.34 -23.93 2.37
C VAL B 59 30.79 -22.55 2.70
N GLY B 60 30.24 -21.90 1.67
CA GLY B 60 29.63 -20.59 1.81
C GLY B 60 28.11 -20.73 1.86
N ILE B 61 27.47 -19.93 2.70
CA ILE B 61 26.03 -20.03 2.91
C ILE B 61 25.32 -18.73 2.56
N VAL B 62 24.37 -18.82 1.64
CA VAL B 62 23.51 -17.71 1.22
C VAL B 62 22.07 -18.21 1.29
N CYS B 63 21.26 -17.60 2.16
CA CYS B 63 19.86 -18.03 2.32
C CYS B 63 18.97 -17.19 1.39
N HIS B 64 18.45 -17.83 0.34
CA HIS B 64 17.57 -17.14 -0.58
C HIS B 64 16.13 -17.07 -0.08
N ARG B 65 15.58 -18.21 0.36
CA ARG B 65 14.19 -18.28 0.82
C ARG B 65 14.04 -19.20 2.03
N PHE B 66 13.25 -18.76 3.01
CA PHE B 66 12.96 -19.55 4.20
C PHE B 66 11.46 -19.51 4.44
N GLU B 67 10.81 -20.67 4.34
CA GLU B 67 9.38 -20.81 4.60
C GLU B 67 9.19 -21.95 5.60
N ALA B 68 8.73 -21.64 6.80
CA ALA B 68 8.53 -22.66 7.80
C ALA B 68 7.12 -23.22 7.75
N GLN B 69 6.85 -24.21 8.62
CA GLN B 69 5.54 -24.83 8.76
C GLN B 69 5.19 -24.61 10.23
N ILE B 70 4.61 -23.46 10.52
CA ILE B 70 4.26 -23.06 11.88
C ILE B 70 2.87 -22.46 11.93
N SER B 71 2.23 -22.58 13.09
CA SER B 71 0.90 -22.02 13.33
C SER B 71 0.99 -21.24 14.63
N GLN B 72 0.48 -20.01 14.60
CA GLN B 72 0.49 -19.15 15.78
C GLN B 72 -0.74 -19.40 16.64
N PRO B 73 -0.58 -19.72 17.92
CA PRO B 73 -1.76 -19.91 18.77
C PRO B 73 -2.35 -18.57 19.20
N ALA B 74 -3.63 -18.63 19.56
CA ALA B 74 -4.34 -17.43 20.01
C ALA B 74 -4.06 -17.06 21.46
N GLY B 75 -3.64 -18.03 22.29
CA GLY B 75 -3.38 -17.74 23.69
C GLY B 75 -2.16 -16.87 23.91
N LYS B 76 -1.06 -17.18 23.23
CA LYS B 76 0.20 -16.48 23.42
C LYS B 76 0.83 -16.17 22.08
N ARG B 77 1.89 -15.36 22.12
CA ARG B 77 2.60 -14.93 20.92
C ARG B 77 3.74 -15.86 20.56
N THR B 78 3.87 -16.99 21.26
CA THR B 78 4.89 -17.98 20.97
C THR B 78 4.35 -18.96 19.96
N LYS B 79 5.03 -19.10 18.83
CA LYS B 79 4.57 -19.97 17.77
C LYS B 79 4.86 -21.44 18.10
N VAL B 80 4.23 -22.32 17.32
CA VAL B 80 4.38 -23.76 17.45
C VAL B 80 4.59 -24.33 16.06
N PHE B 81 5.13 -25.56 16.02
CA PHE B 81 5.40 -26.21 14.74
C PHE B 81 4.24 -27.10 14.35
N ASN B 82 4.18 -27.42 13.06
CA ASN B 82 3.15 -28.27 12.49
C ASN B 82 3.68 -29.69 12.42
N LEU B 83 3.16 -30.57 13.28
CA LEU B 83 3.63 -31.94 13.28
C LEU B 83 2.94 -32.76 12.20
N THR B 84 3.44 -33.99 12.03
CA THR B 84 2.94 -34.97 11.08
C THR B 84 2.23 -36.07 11.84
N ARG B 85 1.66 -37.03 11.11
CA ARG B 85 0.96 -38.15 11.71
C ARG B 85 1.78 -39.43 11.55
N ASN B 86 2.16 -40.03 12.66
CA ASN B 86 2.93 -41.26 12.66
C ASN B 86 2.00 -42.42 12.34
N PRO B 87 2.49 -43.47 11.70
CA PRO B 87 1.62 -44.61 11.41
C PRO B 87 1.26 -45.38 12.67
N LEU B 88 0.16 -46.13 12.58
CA LEU B 88 -0.34 -46.89 13.72
C LEU B 88 0.69 -47.92 14.19
N ASN B 89 0.77 -48.11 15.50
CA ASN B 89 1.71 -49.05 16.06
C ASN B 89 1.25 -50.48 15.76
N ARG B 90 2.18 -51.43 15.90
CA ARG B 90 1.83 -52.83 15.63
C ARG B 90 0.77 -53.34 16.59
N ASP B 91 0.77 -52.86 17.84
CA ASP B 91 -0.19 -53.31 18.83
C ASP B 91 -1.61 -52.88 18.50
N GLY B 92 -1.77 -51.96 17.56
CA GLY B 92 -3.07 -51.46 17.15
C GLY B 92 -3.53 -50.22 17.88
N SER B 93 -2.82 -49.80 18.93
CA SER B 93 -3.19 -48.59 19.64
C SER B 93 -2.76 -47.36 18.85
N THR B 94 -3.27 -46.21 19.26
CA THR B 94 -2.93 -44.97 18.58
C THR B 94 -1.44 -44.67 18.73
N ALA B 95 -0.90 -43.98 17.73
CA ALA B 95 0.51 -43.62 17.72
C ALA B 95 0.79 -42.54 18.77
N ALA B 96 2.06 -42.40 19.13
CA ALA B 96 2.48 -41.36 20.07
C ALA B 96 3.02 -40.18 19.26
N ILE B 97 2.57 -38.98 19.60
CA ILE B 97 3.03 -37.78 18.92
C ILE B 97 4.46 -37.45 19.33
N VAL B 98 5.30 -37.13 18.36
CA VAL B 98 6.70 -36.81 18.60
C VAL B 98 7.02 -35.46 17.96
N GLU B 99 7.97 -34.75 18.56
CA GLU B 99 8.35 -33.44 18.06
C GLU B 99 9.18 -33.55 16.80
N GLU B 100 8.86 -32.70 15.82
CA GLU B 100 9.60 -32.66 14.57
C GLU B 100 9.36 -31.30 13.94
N GLY B 101 10.24 -30.94 13.02
CA GLY B 101 10.13 -29.68 12.30
C GLY B 101 10.34 -29.88 10.82
N ARG B 102 9.67 -29.02 10.04
CA ARG B 102 9.80 -29.04 8.58
C ARG B 102 9.69 -27.61 8.09
N ALA B 103 10.38 -27.36 6.97
CA ALA B 103 10.36 -26.05 6.35
C ALA B 103 10.95 -26.13 4.95
N HIS B 104 10.76 -25.06 4.20
CA HIS B 104 11.29 -24.93 2.84
C HIS B 104 12.45 -23.95 2.87
N LEU B 105 13.64 -24.42 2.53
CA LEU B 105 14.84 -23.60 2.56
C LEU B 105 15.52 -23.63 1.20
N GLU B 106 15.60 -22.47 0.56
CA GLU B 106 16.28 -22.30 -0.71
C GLU B 106 17.63 -21.65 -0.42
N VAL B 107 18.70 -22.40 -0.63
CA VAL B 107 20.06 -21.94 -0.32
C VAL B 107 20.99 -22.21 -1.49
N SER B 108 22.07 -21.43 -1.52
CA SER B 108 23.13 -21.53 -2.51
C SER B 108 24.43 -21.74 -1.75
N LEU B 109 25.20 -22.74 -2.16
CA LEU B 109 26.45 -23.06 -1.50
C LEU B 109 27.67 -22.74 -2.34
N LEU B 110 28.73 -22.30 -1.66
CA LEU B 110 30.02 -22.01 -2.27
C LEU B 110 30.98 -23.06 -1.77
N LEU B 111 31.60 -23.79 -2.71
CA LEU B 111 32.53 -24.85 -2.37
C LEU B 111 33.96 -24.44 -2.71
N GLY B 112 34.79 -24.31 -1.67
CA GLY B 112 36.18 -23.96 -1.88
C GLY B 112 36.93 -25.18 -2.39
N VAL B 113 37.56 -25.05 -3.54
CA VAL B 113 38.30 -26.15 -4.16
C VAL B 113 39.78 -25.97 -3.87
N HIS B 114 40.31 -26.81 -2.98
CA HIS B 114 41.71 -26.81 -2.62
C HIS B 114 42.49 -27.89 -3.35
N GLY B 115 41.80 -28.75 -4.10
CA GLY B 115 42.44 -29.82 -4.81
C GLY B 115 43.19 -29.30 -6.03
N ASP B 116 44.45 -29.71 -6.17
CA ASP B 116 45.23 -29.25 -7.31
C ASP B 116 44.77 -29.88 -8.60
N GLY B 117 44.05 -30.99 -8.53
CA GLY B 117 43.61 -31.70 -9.73
C GLY B 117 42.61 -30.93 -10.55
N LEU B 118 42.04 -29.84 -10.02
CA LEU B 118 41.06 -29.07 -10.76
C LEU B 118 41.61 -28.61 -12.10
N ASP B 119 42.90 -28.27 -12.16
CA ASP B 119 43.49 -27.81 -13.40
C ASP B 119 43.47 -28.90 -14.46
N ASP B 120 43.47 -30.16 -14.04
CA ASP B 120 43.52 -31.29 -14.97
C ASP B 120 42.17 -31.59 -15.60
N HIS B 121 41.09 -30.95 -15.16
CA HIS B 121 39.77 -31.20 -15.71
C HIS B 121 39.08 -29.86 -15.96
N PRO B 122 38.13 -29.83 -16.91
CA PRO B 122 37.40 -28.58 -17.15
C PRO B 122 36.56 -28.17 -15.94
N ALA B 123 36.60 -26.88 -15.62
CA ALA B 123 35.88 -26.38 -14.46
C ALA B 123 34.38 -26.56 -14.63
N GLN B 124 33.85 -26.28 -15.82
CA GLN B 124 32.42 -26.41 -16.05
C GLN B 124 31.98 -27.86 -15.90
N GLU B 125 32.78 -28.80 -16.39
CA GLU B 125 32.44 -30.21 -16.25
C GLU B 125 32.45 -30.63 -14.79
N ILE B 126 33.43 -30.13 -14.03
CA ILE B 126 33.49 -30.45 -12.60
C ILE B 126 32.24 -29.92 -11.92
N ALA B 127 31.83 -28.70 -12.27
CA ALA B 127 30.64 -28.11 -11.67
C ALA B 127 29.41 -28.95 -11.98
N ARG B 128 29.26 -29.36 -13.24
CA ARG B 128 28.08 -30.14 -13.61
C ARG B 128 28.07 -31.47 -12.87
N GLN B 129 29.23 -32.12 -12.78
CA GLN B 129 29.33 -33.41 -12.10
C GLN B 129 28.99 -33.26 -10.62
N VAL B 130 29.43 -32.15 -10.03
CA VAL B 130 29.15 -31.91 -8.62
C VAL B 130 27.67 -31.66 -8.41
N GLN B 131 27.04 -30.87 -9.30
CA GLN B 131 25.62 -30.58 -9.14
C GLN B 131 24.81 -31.86 -9.27
N GLU B 132 25.25 -32.79 -10.12
CA GLU B 132 24.49 -34.02 -10.30
C GLU B 132 24.47 -34.83 -9.01
N GLN B 133 25.62 -34.93 -8.33
CA GLN B 133 25.68 -35.64 -7.05
C GLN B 133 24.96 -34.87 -5.96
N ALA B 134 25.03 -33.53 -6.02
CA ALA B 134 24.37 -32.69 -5.02
C ALA B 134 22.87 -32.91 -5.06
N GLY B 135 22.32 -33.12 -6.26
CA GLY B 135 20.88 -33.30 -6.37
C GLY B 135 20.42 -34.55 -5.65
N ALA B 136 21.12 -35.67 -5.87
CA ALA B 136 20.71 -36.92 -5.24
C ALA B 136 20.95 -36.91 -3.73
N MET B 137 21.84 -36.05 -3.23
CA MET B 137 22.12 -36.02 -1.81
C MET B 137 20.95 -35.36 -1.08
N ARG B 138 20.85 -35.64 0.22
CA ARG B 138 19.81 -35.08 1.06
C ARG B 138 20.43 -34.16 2.11
N LEU B 139 20.15 -32.87 1.99
CA LEU B 139 20.71 -31.86 2.88
C LEU B 139 19.75 -31.45 4.00
N ALA B 140 20.31 -31.29 5.20
CA ALA B 140 19.62 -30.84 6.41
C ALA B 140 18.58 -31.82 6.92
N GLY B 141 18.45 -33.00 6.34
CA GLY B 141 17.47 -33.95 6.76
C GLY B 141 16.25 -33.99 5.87
N GLY B 142 16.30 -33.35 4.70
CA GLY B 142 15.18 -33.35 3.78
C GLY B 142 15.69 -33.46 2.36
N SER B 143 14.75 -33.74 1.46
CA SER B 143 15.08 -33.88 0.06
C SER B 143 15.54 -32.56 -0.54
N ILE B 144 16.44 -32.65 -1.51
CA ILE B 144 16.92 -31.50 -2.26
C ILE B 144 16.19 -31.54 -3.59
N LEU B 145 15.29 -30.59 -3.80
CA LEU B 145 14.51 -30.55 -5.02
C LEU B 145 15.33 -29.94 -6.16
N PRO B 146 15.58 -30.67 -7.24
CA PRO B 146 16.38 -30.08 -8.33
C PRO B 146 15.60 -28.97 -9.00
N TRP B 147 16.30 -28.20 -9.82
CA TRP B 147 15.67 -27.07 -10.50
C TRP B 147 14.95 -27.55 -11.75
N CYS B 148 13.64 -27.72 -11.66
CA CYS B 148 12.82 -28.07 -12.82
C CYS B 148 11.59 -27.17 -12.81
N ASN B 149 11.43 -26.35 -13.85
CA ASN B 149 10.26 -25.48 -13.92
C ASN B 149 10.09 -24.99 -15.35
N GLU B 150 9.15 -24.05 -15.52
CA GLU B 150 8.94 -23.43 -16.83
C GLU B 150 10.18 -22.67 -17.29
N ARG B 151 10.83 -21.96 -16.37
CA ARG B 151 12.00 -21.16 -16.69
C ARG B 151 13.23 -22.04 -16.96
N PHE B 152 14.22 -21.43 -17.58
CA PHE B 152 15.44 -22.14 -17.93
C PHE B 152 16.20 -22.56 -16.66
N PRO B 153 17.02 -23.59 -16.74
CA PRO B 153 17.79 -24.02 -15.57
C PRO B 153 18.88 -23.02 -15.21
N ALA B 154 19.41 -23.19 -14.00
CA ALA B 154 20.45 -22.33 -13.46
C ALA B 154 21.76 -23.10 -13.43
N PRO B 155 22.75 -22.76 -14.24
CA PRO B 155 24.04 -23.46 -14.17
C PRO B 155 24.93 -23.00 -13.04
N ASN B 156 25.91 -23.86 -12.76
CA ASN B 156 26.92 -23.67 -11.73
C ASN B 156 28.14 -22.99 -12.32
N ALA B 157 28.61 -21.91 -11.68
CA ALA B 157 29.75 -21.15 -12.17
C ALA B 157 30.93 -21.37 -11.24
N GLU B 158 32.06 -21.75 -11.82
CA GLU B 158 33.32 -21.97 -11.13
C GLU B 158 34.30 -20.86 -11.50
N LEU B 159 34.87 -20.20 -10.49
CA LEU B 159 35.80 -19.11 -10.73
C LEU B 159 37.11 -19.35 -10.00
N LEU B 160 38.21 -19.16 -10.73
CA LEU B 160 39.55 -19.32 -10.18
C LEU B 160 39.95 -18.02 -9.48
N MET B 161 40.38 -18.11 -8.22
CA MET B 161 40.79 -16.92 -7.50
C MET B 161 42.31 -16.75 -7.41
N LEU B 162 43.09 -17.73 -7.87
CA LEU B 162 44.55 -17.56 -7.85
C LEU B 162 45.04 -16.62 -8.95
N GLY B 163 44.65 -16.89 -10.19
CA GLY B 163 45.13 -16.11 -11.31
C GLY B 163 44.37 -14.81 -11.55
N GLY B 164 45.05 -13.89 -12.22
CA GLY B 164 44.49 -12.62 -12.62
C GLY B 164 44.89 -11.46 -11.72
N SER B 165 44.84 -10.26 -12.29
CA SER B 165 45.15 -9.02 -11.59
C SER B 165 44.03 -8.68 -10.62
N ASP B 166 44.32 -7.75 -9.69
CA ASP B 166 43.29 -7.35 -8.74
C ASP B 166 42.07 -6.78 -9.43
N GLU B 167 42.24 -6.13 -10.59
CA GLU B 167 41.09 -5.61 -11.32
C GLU B 167 40.18 -6.75 -11.77
N GLN B 168 40.76 -7.78 -12.38
CA GLN B 168 39.97 -8.91 -12.83
C GLN B 168 39.36 -9.66 -11.65
N ARG B 169 40.12 -9.78 -10.55
CA ARG B 169 39.60 -10.47 -9.39
C ARG B 169 38.38 -9.76 -8.83
N ARG B 170 38.46 -8.43 -8.71
CA ARG B 170 37.33 -7.68 -8.20
C ARG B 170 36.15 -7.74 -9.16
N LYS B 171 36.41 -7.68 -10.47
CA LYS B 171 35.30 -7.75 -11.43
C LYS B 171 34.59 -9.09 -11.33
N ASN B 172 35.35 -10.17 -11.19
CA ASN B 172 34.76 -11.50 -11.09
C ASN B 172 33.96 -11.63 -9.79
N GLN B 173 34.53 -11.13 -8.69
CA GLN B 173 33.82 -11.20 -7.41
C GLN B 173 32.53 -10.42 -7.48
N ARG B 174 32.54 -9.28 -8.16
CA ARG B 174 31.34 -8.47 -8.31
C ARG B 174 30.32 -9.25 -9.13
N ARG B 175 30.79 -9.93 -10.17
CA ARG B 175 29.90 -10.70 -11.03
C ARG B 175 29.21 -11.80 -10.22
N LEU B 176 29.93 -12.43 -9.30
CA LEU B 176 29.34 -13.49 -8.48
C LEU B 176 28.28 -12.94 -7.54
N THR B 177 28.58 -11.82 -6.90
CA THR B 177 27.64 -11.21 -5.96
C THR B 177 26.35 -10.80 -6.65
N ARG B 178 26.41 -10.47 -7.94
CA ARG B 178 25.21 -10.04 -8.66
C ARG B 178 24.12 -11.10 -8.63
N ARG B 179 24.51 -12.37 -8.78
CA ARG B 179 23.53 -13.46 -8.77
C ARG B 179 23.20 -13.95 -7.36
N LEU B 180 24.03 -13.61 -6.36
CA LEU B 180 23.85 -14.01 -4.97
C LEU B 180 23.20 -12.93 -4.12
N LEU B 181 22.80 -11.82 -4.73
CA LEU B 181 22.22 -10.71 -3.97
C LEU B 181 20.88 -11.00 -3.30
N PRO B 182 19.93 -11.72 -3.90
CA PRO B 182 18.63 -11.91 -3.23
C PRO B 182 18.73 -12.46 -1.82
N GLY B 183 19.69 -13.33 -1.51
CA GLY B 183 19.83 -13.88 -0.17
C GLY B 183 20.92 -13.21 0.67
N PHE B 184 20.88 -13.53 1.96
CA PHE B 184 21.84 -13.03 2.95
C PHE B 184 22.75 -14.15 3.42
N ALA B 185 24.02 -13.82 3.61
CA ALA B 185 25.00 -14.80 4.05
C ALA B 185 24.98 -14.95 5.58
N LEU B 186 25.64 -16.00 6.06
CA LEU B 186 25.75 -16.31 7.49
C LEU B 186 27.20 -16.43 7.90
N VAL B 187 27.60 -15.73 8.97
CA VAL B 187 28.97 -15.79 9.48
C VAL B 187 28.95 -15.71 11.00
N SER B 188 29.98 -16.26 11.62
CA SER B 188 30.09 -16.27 13.08
C SER B 188 30.95 -15.12 13.59
N ARG B 189 30.41 -14.38 14.56
CA ARG B 189 31.08 -13.27 15.20
C ARG B 189 31.21 -13.54 16.70
N GLU B 190 32.39 -13.99 17.14
CA GLU B 190 32.66 -14.25 18.54
C GLU B 190 33.40 -13.10 19.21
N ALA B 191 33.93 -12.19 18.40
CA ALA B 191 34.67 -11.04 18.91
C ALA B 191 33.76 -10.16 19.75
N LEU B 192 32.59 -9.81 19.20
CA LEU B 192 31.67 -8.96 19.94
C LEU B 192 31.20 -9.67 21.20
N LEU B 193 31.03 -10.98 21.12
CA LEU B 193 30.56 -11.73 22.28
C LEU B 193 31.57 -11.60 23.41
N GLN B 194 32.86 -11.85 23.11
CA GLN B 194 33.86 -11.75 24.16
C GLN B 194 33.99 -10.31 24.65
N GLN B 195 33.85 -9.34 23.76
CA GLN B 195 33.97 -7.95 24.13
C GLN B 195 32.90 -7.59 25.14
N HIS B 196 31.67 -8.00 24.86
CA HIS B 196 30.56 -7.75 25.76
C HIS B 196 30.72 -8.53 27.05
N LEU B 197 31.29 -9.74 26.98
CA LEU B 197 31.48 -10.52 28.21
C LEU B 197 32.37 -9.73 29.17
N GLU B 198 33.48 -9.21 28.64
CA GLU B 198 34.37 -8.45 29.51
C GLU B 198 33.71 -7.16 29.94
N THR B 199 32.89 -6.57 29.07
CA THR B 199 32.21 -5.32 29.38
C THR B 199 31.24 -5.49 30.54
N LEU B 200 30.45 -6.56 30.52
CA LEU B 200 29.45 -6.83 31.54
C LEU B 200 29.95 -7.74 32.65
N ARG B 201 31.24 -8.03 32.70
CA ARG B 201 31.76 -8.91 33.74
C ARG B 201 31.47 -8.32 35.12
N THR B 202 31.51 -7.00 35.25
CA THR B 202 31.29 -6.37 36.54
C THR B 202 29.91 -6.72 37.09
N THR B 203 28.89 -6.71 36.23
CA THR B 203 27.54 -7.00 36.70
C THR B 203 27.44 -8.42 37.25
N LEU B 204 27.86 -9.39 36.46
CA LEU B 204 27.87 -10.79 36.87
C LEU B 204 28.68 -11.59 35.85
N PRO B 205 29.43 -12.60 36.28
CA PRO B 205 30.19 -13.41 35.31
C PRO B 205 29.34 -14.53 34.70
N GLU B 206 28.34 -14.13 33.93
CA GLU B 206 27.42 -15.04 33.26
C GLU B 206 27.60 -14.93 31.76
N ALA B 207 27.90 -16.04 31.10
CA ALA B 207 28.08 -16.01 29.65
C ALA B 207 26.75 -16.17 28.92
N THR B 208 25.94 -17.13 29.35
CA THR B 208 24.66 -17.35 28.68
C THR B 208 23.79 -16.11 28.80
N THR B 209 23.86 -15.43 29.95
CA THR B 209 23.05 -14.24 30.16
C THR B 209 23.39 -13.16 29.15
N LEU B 210 24.66 -13.02 28.81
CA LEU B 210 25.05 -12.01 27.83
C LEU B 210 24.46 -12.32 26.47
N ASP B 211 24.52 -13.58 26.04
CA ASP B 211 23.95 -13.92 24.74
C ASP B 211 22.45 -13.65 24.75
N ALA B 212 21.78 -14.03 25.84
CA ALA B 212 20.35 -13.82 25.90
C ALA B 212 20.02 -12.34 25.85
N LEU B 213 20.76 -11.52 26.61
CA LEU B 213 20.51 -10.08 26.66
C LEU B 213 20.80 -9.42 25.31
N LEU B 214 21.87 -9.85 24.65
CA LEU B 214 22.20 -9.25 23.36
C LEU B 214 21.17 -9.59 22.31
N ASP B 215 20.72 -10.85 22.28
CA ASP B 215 19.74 -11.28 21.28
C ASP B 215 18.35 -11.11 21.88
N LEU B 216 17.89 -9.86 21.95
CA LEU B 216 16.55 -9.52 22.41
C LEU B 216 16.36 -8.03 22.19
N CYS B 217 15.12 -7.58 22.36
CA CYS B 217 14.80 -6.16 22.24
C CYS B 217 15.01 -5.57 23.63
N ARG B 218 16.16 -4.94 23.85
CA ARG B 218 16.47 -4.37 25.16
C ARG B 218 15.93 -2.95 25.22
N ILE B 219 15.25 -2.64 26.33
CA ILE B 219 14.67 -1.31 26.55
C ILE B 219 15.30 -0.72 27.81
N ASN B 220 15.71 0.54 27.71
CA ASN B 220 16.32 1.26 28.82
C ASN B 220 15.33 2.29 29.37
N PHE B 221 15.44 2.55 30.68
CA PHE B 221 14.57 3.52 31.33
C PHE B 221 15.09 4.92 31.08
N GLU B 222 14.26 5.77 30.50
CA GLU B 222 14.65 7.14 30.20
C GLU B 222 13.43 8.03 29.97
N TRP B 239 11.48 6.86 26.77
CA TRP B 239 12.00 5.51 26.61
C TRP B 239 12.79 5.33 25.32
N GLN B 240 13.54 4.24 25.26
CA GLN B 240 14.35 3.91 24.10
C GLN B 240 14.58 2.41 24.07
N VAL B 241 14.95 1.91 22.89
CA VAL B 241 15.22 0.50 22.66
C VAL B 241 16.70 0.35 22.32
N ARG B 242 17.36 -0.62 22.94
CA ARG B 242 18.77 -0.81 22.70
C ARG B 242 19.00 -1.17 21.23
N ASP B 243 20.14 -0.75 20.70
CA ASP B 243 20.48 -0.92 19.29
C ASP B 243 21.60 -1.94 19.12
N LYS B 244 21.51 -2.69 18.02
CA LYS B 244 22.55 -3.63 17.64
C LYS B 244 23.10 -3.24 16.27
N PRO B 245 24.39 -3.43 16.01
CA PRO B 245 24.92 -3.02 14.71
C PRO B 245 24.33 -3.79 13.54
N GLY B 246 24.07 -5.08 13.72
CA GLY B 246 23.54 -5.92 12.66
C GLY B 246 22.71 -7.04 13.25
N TRP B 247 22.26 -7.93 12.37
CA TRP B 247 21.47 -9.06 12.81
C TRP B 247 22.38 -10.03 13.56
N LEU B 248 22.06 -10.29 14.82
CA LEU B 248 22.83 -11.18 15.67
C LEU B 248 21.90 -12.28 16.16
N VAL B 249 22.35 -13.53 16.04
CA VAL B 249 21.53 -14.66 16.45
C VAL B 249 22.38 -15.79 17.03
N PRO B 250 21.87 -16.52 18.02
CA PRO B 250 22.64 -17.65 18.56
C PRO B 250 22.74 -18.77 17.54
N ILE B 251 23.82 -19.53 17.63
CA ILE B 251 24.04 -20.65 16.73
C ILE B 251 24.76 -21.76 17.48
N PRO B 252 24.62 -23.00 17.01
CA PRO B 252 25.33 -24.12 17.67
C PRO B 252 26.77 -24.15 17.21
N ALA B 253 27.60 -23.36 17.90
CA ALA B 253 29.00 -23.21 17.52
C ALA B 253 29.71 -24.55 17.41
N GLY B 254 29.35 -25.52 18.25
CA GLY B 254 30.01 -26.81 18.20
C GLY B 254 29.54 -27.72 19.32
N TYR B 255 30.27 -28.82 19.47
CA TYR B 255 29.95 -29.82 20.48
C TYR B 255 31.15 -29.98 21.42
N ASN B 256 30.94 -29.68 22.70
CA ASN B 256 32.00 -29.80 23.69
C ASN B 256 31.99 -31.24 24.20
N ALA B 257 33.17 -31.76 24.53
CA ALA B 257 33.23 -33.13 25.03
C ALA B 257 32.62 -33.22 26.42
N LEU B 258 31.66 -34.13 26.58
CA LEU B 258 30.97 -34.32 27.85
C LEU B 258 31.48 -35.54 28.60
N SER B 259 32.13 -36.47 27.93
CA SER B 259 32.66 -37.67 28.55
C SER B 259 33.96 -38.02 27.87
N PRO B 260 34.80 -38.84 28.50
CA PRO B 260 36.05 -39.25 27.84
C PRO B 260 35.78 -40.17 26.67
N LEU B 261 36.75 -40.20 25.75
CA LEU B 261 36.63 -41.03 24.56
C LEU B 261 36.53 -42.51 24.94
N TYR B 262 35.72 -43.25 24.18
CA TYR B 262 35.53 -44.69 24.39
C TYR B 262 35.73 -45.42 23.08
N LEU B 263 36.43 -46.55 23.15
CA LEU B 263 36.70 -47.33 21.94
C LEU B 263 35.38 -47.73 21.29
N PRO B 264 35.38 -47.99 19.97
CA PRO B 264 34.11 -48.33 19.29
C PRO B 264 33.38 -49.50 19.91
N GLY B 265 34.09 -50.43 20.52
CA GLY B 265 33.43 -51.56 21.16
C GLY B 265 32.73 -51.19 22.46
N GLU B 266 33.27 -50.21 23.17
CA GLU B 266 32.69 -49.81 24.45
C GLU B 266 31.31 -49.19 24.29
N VAL B 267 31.10 -48.43 23.21
CA VAL B 267 29.84 -47.74 22.99
C VAL B 267 28.90 -48.68 22.25
N ARG B 268 27.82 -49.09 22.93
CA ARG B 268 26.85 -50.00 22.35
C ARG B 268 25.95 -49.29 21.34
N ASN B 269 25.53 -50.05 20.34
CA ASN B 269 24.63 -49.58 19.28
C ASN B 269 25.28 -48.54 18.38
N ALA B 270 26.60 -48.53 18.29
CA ALA B 270 27.29 -47.59 17.42
C ALA B 270 27.06 -48.01 15.97
N ARG B 271 26.80 -47.02 15.11
CA ARG B 271 26.54 -47.42 13.73
C ARG B 271 27.81 -47.71 12.97
N ASP B 272 28.97 -47.46 13.58
CA ASP B 272 30.25 -47.72 12.96
C ASP B 272 31.27 -48.12 14.02
N ARG B 273 32.09 -49.09 13.66
CA ARG B 273 33.17 -49.61 14.50
C ARG B 273 34.53 -49.05 14.10
N GLU B 274 34.58 -48.23 13.05
CA GLU B 274 35.84 -47.64 12.62
C GLU B 274 36.28 -46.50 13.54
N THR B 275 35.34 -45.67 13.98
CA THR B 275 35.68 -44.52 14.79
C THR B 275 35.06 -44.64 16.19
N PRO B 276 35.75 -44.19 17.23
CA PRO B 276 35.19 -44.26 18.57
C PRO B 276 34.10 -43.24 18.80
N LEU B 277 33.21 -43.54 19.74
CA LEU B 277 32.11 -42.67 20.09
C LEU B 277 32.45 -41.83 21.31
N ARG B 278 31.94 -40.60 21.32
CA ARG B 278 32.14 -39.67 22.42
C ARG B 278 30.83 -38.98 22.73
N PHE B 279 30.46 -38.92 24.00
CA PHE B 279 29.24 -38.22 24.38
C PHE B 279 29.57 -36.74 24.49
N VAL B 280 28.82 -35.91 23.77
CA VAL B 280 29.07 -34.47 23.76
C VAL B 280 27.83 -33.69 24.16
N GLU B 281 28.00 -32.39 24.30
CA GLU B 281 26.95 -31.46 24.67
C GLU B 281 26.90 -30.38 23.59
N ASN B 282 26.08 -29.36 23.82
CA ASN B 282 25.90 -28.27 22.87
C ASN B 282 26.69 -27.05 23.32
N LEU B 283 27.28 -26.37 22.34
CA LEU B 283 28.06 -25.16 22.56
C LEU B 283 27.53 -24.09 21.61
N PHE B 284 27.20 -22.93 22.16
CA PHE B 284 26.66 -21.84 21.36
C PHE B 284 27.70 -20.77 21.03
N GLY B 285 27.25 -19.80 20.26
CA GLY B 285 28.04 -18.68 19.82
C GLY B 285 27.11 -17.57 19.37
N LEU B 286 27.68 -16.60 18.65
CA LEU B 286 26.89 -15.49 18.12
C LEU B 286 27.26 -15.30 16.66
N GLY B 287 26.27 -15.51 15.77
CA GLY B 287 26.50 -15.34 14.35
C GLY B 287 25.83 -14.11 13.78
N GLU B 288 26.25 -13.69 12.60
CA GLU B 288 25.73 -12.50 11.95
C GLU B 288 25.37 -12.78 10.50
N TRP B 289 24.24 -12.23 10.06
CA TRP B 289 23.78 -12.36 8.69
C TRP B 289 24.19 -11.09 7.95
N LEU B 290 25.12 -11.22 7.01
CA LEU B 290 25.64 -10.09 6.25
C LEU B 290 25.43 -10.28 4.76
N SER B 291 25.06 -9.20 4.08
CA SER B 291 24.86 -9.26 2.65
C SER B 291 26.17 -9.62 1.95
N PRO B 292 26.12 -10.38 0.85
CA PRO B 292 27.36 -10.74 0.15
C PRO B 292 28.21 -9.55 -0.29
N HIS B 293 27.58 -8.43 -0.65
CA HIS B 293 28.31 -7.26 -1.10
C HIS B 293 29.24 -6.68 -0.04
N ARG B 294 28.91 -6.82 1.25
CA ARG B 294 29.80 -6.26 2.25
C ARG B 294 31.15 -6.98 2.26
N VAL B 295 31.14 -8.30 2.12
CA VAL B 295 32.38 -9.05 2.09
C VAL B 295 33.13 -8.73 0.80
N ALA B 296 34.44 -8.53 0.90
CA ALA B 296 35.25 -8.26 -0.29
C ALA B 296 35.72 -9.60 -0.85
N ALA B 297 36.37 -10.39 0.00
CA ALA B 297 36.88 -11.70 -0.41
C ALA B 297 35.87 -12.75 0.03
N LEU B 298 35.41 -13.55 -0.92
CA LEU B 298 34.45 -14.61 -0.59
C LEU B 298 35.07 -15.72 0.24
N SER B 299 36.36 -16.02 0.03
CA SER B 299 36.96 -17.13 0.77
C SER B 299 36.88 -16.92 2.28
N ASP B 300 36.89 -15.66 2.74
CA ASP B 300 36.81 -15.44 4.19
C ASP B 300 35.43 -15.81 4.73
N LEU B 301 34.43 -15.85 3.85
CA LEU B 301 33.07 -16.21 4.20
C LEU B 301 32.90 -17.70 4.44
N LEU B 302 33.62 -18.52 3.68
CA LEU B 302 33.49 -19.98 3.77
C LEU B 302 33.75 -20.49 5.17
N TRP B 303 32.90 -21.42 5.62
CA TRP B 303 33.03 -22.02 6.94
C TRP B 303 33.95 -23.24 6.88
N TYR B 304 34.91 -23.31 7.80
CA TYR B 304 35.86 -24.42 7.87
C TYR B 304 35.78 -25.10 9.23
N HIS B 305 35.54 -26.41 9.22
CA HIS B 305 35.48 -27.18 10.46
C HIS B 305 36.88 -27.51 10.97
N HIS B 306 37.16 -27.19 12.23
CA HIS B 306 38.45 -27.51 12.83
C HIS B 306 38.18 -28.26 14.13
N ALA B 307 38.84 -29.40 14.30
CA ALA B 307 38.67 -30.25 15.48
C ALA B 307 40.00 -30.51 16.17
N GLU B 308 39.93 -30.65 17.50
CA GLU B 308 41.09 -30.97 18.31
C GLU B 308 40.91 -32.36 18.93
N PRO B 309 41.80 -33.32 18.66
CA PRO B 309 41.62 -34.65 19.27
C PRO B 309 41.70 -34.66 20.79
N ASP B 310 42.61 -33.89 21.38
CA ASP B 310 42.77 -33.88 22.82
C ASP B 310 41.56 -33.27 23.51
N LYS B 311 41.20 -32.04 23.14
CA LYS B 311 40.07 -31.35 23.75
C LYS B 311 38.88 -31.52 22.83
N GLY B 312 37.69 -31.68 23.41
CA GLY B 312 36.53 -31.94 22.59
C GLY B 312 35.93 -30.73 21.92
N LEU B 313 36.66 -29.62 21.85
CA LEU B 313 36.12 -28.44 21.21
C LEU B 313 36.15 -28.62 19.70
N TYR B 314 34.97 -28.56 19.07
CA TYR B 314 34.84 -28.65 17.63
C TYR B 314 33.98 -27.47 17.18
N ARG B 315 34.54 -26.56 16.39
CA ARG B 315 33.80 -25.39 15.98
C ARG B 315 33.92 -25.17 14.48
N TRP B 316 32.84 -24.69 13.89
CA TRP B 316 32.77 -24.40 12.47
C TRP B 316 32.95 -22.92 12.17
N SER B 317 33.19 -22.08 13.18
CA SER B 317 33.35 -20.66 12.96
C SER B 317 34.41 -20.41 11.89
N THR B 318 34.18 -19.36 11.10
CA THR B 318 35.13 -19.01 10.04
C THR B 318 36.20 -18.08 10.60
N PRO B 319 37.43 -18.57 10.79
CA PRO B 319 38.47 -17.67 11.34
C PRO B 319 38.90 -16.58 10.38
N ARG B 320 38.90 -16.86 9.08
CA ARG B 320 39.37 -15.87 8.11
C ARG B 320 38.49 -14.64 7.98
N PHE B 321 37.27 -14.65 8.53
CA PHE B 321 36.42 -13.48 8.41
C PHE B 321 37.00 -12.28 9.15
N VAL B 322 37.58 -12.51 10.33
CA VAL B 322 38.15 -11.43 11.11
C VAL B 322 39.44 -10.93 10.44
N LEU C 24 39.68 35.29 0.57
CA LEU C 24 38.70 35.64 -0.46
C LEU C 24 38.24 34.44 -1.26
N SER C 25 37.28 33.68 -0.74
CA SER C 25 36.82 32.50 -1.44
C SER C 25 35.86 32.93 -2.55
N THR C 26 35.42 31.98 -3.36
CA THR C 26 34.48 32.32 -4.41
C THR C 26 33.08 32.42 -3.85
N ALA C 27 32.14 32.85 -4.69
CA ALA C 27 30.75 33.00 -4.29
C ALA C 27 29.98 31.75 -4.71
N SER C 28 29.26 31.16 -3.75
CA SER C 28 28.50 29.95 -4.05
C SER C 28 27.46 30.16 -5.12
N VAL C 29 26.99 31.39 -5.30
CA VAL C 29 25.96 31.71 -6.30
C VAL C 29 26.50 32.78 -7.25
N LEU C 30 26.64 32.42 -8.52
CA LEU C 30 27.11 33.33 -9.54
C LEU C 30 26.33 33.09 -10.82
N ALA C 31 25.88 34.16 -11.44
CA ALA C 31 25.13 34.08 -12.68
C ALA C 31 25.45 35.30 -13.51
N PHE C 32 25.53 35.11 -14.82
CA PHE C 32 25.82 36.17 -15.76
C PHE C 32 24.81 36.10 -16.90
N GLU C 33 24.02 37.15 -17.08
CA GLU C 33 23.02 37.14 -18.14
C GLU C 33 23.73 37.06 -19.48
N ARG C 34 23.19 36.28 -20.40
CA ARG C 34 23.81 36.13 -21.69
C ARG C 34 23.74 37.41 -22.49
N LYS C 35 24.74 37.62 -23.33
CA LYS C 35 24.83 38.76 -24.21
C LYS C 35 24.86 38.19 -25.62
N LEU C 36 24.54 39.01 -26.62
CA LEU C 36 24.50 38.51 -27.98
C LEU C 36 23.53 37.32 -28.04
N ASP C 37 22.30 37.57 -27.60
CA ASP C 37 21.30 36.51 -27.57
C ASP C 37 20.44 36.58 -28.80
N PRO C 38 20.58 35.66 -29.74
CA PRO C 38 19.71 35.68 -30.94
C PRO C 38 18.37 35.04 -30.68
N SER C 39 17.53 35.04 -31.70
CA SER C 39 16.20 34.47 -31.65
C SER C 39 16.16 33.30 -32.61
N ASP C 40 14.98 32.69 -32.73
CA ASP C 40 14.85 31.56 -33.61
C ASP C 40 15.11 32.04 -35.03
N ALA C 41 15.54 31.13 -35.90
CA ALA C 41 15.86 31.48 -37.27
C ALA C 41 14.81 30.87 -38.19
N LEU C 42 13.99 31.73 -38.77
CA LEU C 42 12.95 31.37 -39.71
C LEU C 42 13.54 31.02 -41.07
N MET C 43 12.83 30.17 -41.81
CA MET C 43 13.27 29.75 -43.13
C MET C 43 12.16 29.97 -44.13
N SER C 44 12.56 30.34 -45.35
CA SER C 44 11.65 30.58 -46.45
C SER C 44 12.35 30.15 -47.73
N ALA C 45 11.67 30.35 -48.85
CA ALA C 45 12.22 29.99 -50.15
C ALA C 45 11.98 31.09 -51.15
N GLY C 46 12.85 31.12 -52.16
CA GLY C 46 12.76 32.11 -53.21
C GLY C 46 13.79 31.81 -54.27
N ALA C 47 13.97 32.76 -55.19
CA ALA C 47 14.95 32.62 -56.26
C ALA C 47 16.07 33.62 -56.07
N TRP C 48 17.26 33.25 -56.57
CA TRP C 48 18.39 34.15 -56.42
C TRP C 48 18.10 35.51 -57.05
N ALA C 49 17.32 35.53 -58.13
CA ALA C 49 16.99 36.79 -58.78
C ALA C 49 16.20 37.68 -57.82
N GLN C 50 15.34 37.07 -57.01
CA GLN C 50 14.48 37.77 -56.06
C GLN C 50 15.21 38.18 -54.79
N ARG C 51 16.49 37.85 -54.65
CA ARG C 51 17.22 38.17 -53.43
C ARG C 51 17.16 39.66 -53.14
N ASP C 52 17.12 40.48 -54.19
CA ASP C 52 17.09 41.93 -53.98
C ASP C 52 15.90 42.35 -53.13
N ALA C 53 14.72 41.75 -53.36
CA ALA C 53 13.51 42.06 -52.60
C ALA C 53 12.93 40.76 -52.05
N SER C 54 13.37 40.37 -50.86
CA SER C 54 12.92 39.15 -50.23
C SER C 54 11.48 39.25 -49.70
N GLN C 55 10.92 40.44 -49.65
CA GLN C 55 9.58 40.60 -49.10
C GLN C 55 8.58 39.73 -49.85
N GLU C 56 7.64 39.15 -49.10
CA GLU C 56 6.55 38.34 -49.63
C GLU C 56 7.03 36.96 -50.06
N TRP C 57 8.20 36.54 -49.59
CA TRP C 57 8.72 35.21 -49.90
C TRP C 57 7.95 34.13 -49.15
N PRO C 58 7.45 33.11 -49.85
CA PRO C 58 6.67 32.07 -49.17
C PRO C 58 7.54 31.25 -48.22
N ALA C 59 6.93 30.87 -47.10
CA ALA C 59 7.61 30.10 -46.07
C ALA C 59 7.63 28.61 -46.42
N VAL C 60 8.50 27.88 -45.74
CA VAL C 60 8.66 26.45 -45.94
C VAL C 60 7.86 25.71 -44.87
N THR C 61 6.88 24.92 -45.33
CA THR C 61 6.00 24.18 -44.45
C THR C 61 6.50 22.75 -44.26
N VAL C 62 6.41 22.26 -43.03
CA VAL C 62 6.79 20.89 -42.72
C VAL C 62 5.85 19.93 -43.42
N ARG C 63 6.37 18.78 -43.83
CA ARG C 63 5.55 17.77 -44.49
C ARG C 63 5.93 16.40 -43.95
N GLU C 64 5.09 15.42 -44.25
CA GLU C 64 5.25 14.04 -43.80
C GLU C 64 5.53 13.11 -44.97
N LYS C 65 6.29 12.05 -44.69
CA LYS C 65 6.65 11.05 -45.69
C LYS C 65 6.47 9.66 -45.12
N VAL C 97 8.45 9.59 -41.28
CA VAL C 97 9.28 10.67 -40.79
C VAL C 97 8.87 11.97 -41.47
N ASP C 98 9.54 13.07 -41.12
CA ASP C 98 9.25 14.37 -41.70
C ASP C 98 10.51 14.99 -42.29
N VAL C 99 10.38 15.52 -43.49
CA VAL C 99 11.44 16.18 -44.24
C VAL C 99 10.87 17.47 -44.79
N ALA C 100 11.74 18.45 -45.03
CA ALA C 100 11.32 19.73 -45.56
C ALA C 100 12.18 20.05 -46.78
N ASN C 101 11.50 20.30 -47.90
CA ASN C 101 12.13 20.61 -49.17
C ASN C 101 11.54 21.90 -49.71
N LEU C 102 12.35 22.63 -50.48
CA LEU C 102 11.87 23.88 -51.04
C LEU C 102 10.71 23.60 -51.99
N PRO C 103 9.96 24.65 -52.35
CA PRO C 103 8.85 24.45 -53.28
C PRO C 103 9.34 23.87 -54.60
N SER C 104 8.39 23.42 -55.41
CA SER C 104 8.73 22.74 -56.65
C SER C 104 9.73 23.55 -57.47
N ASP C 105 9.50 24.85 -57.59
CA ASP C 105 10.39 25.72 -58.37
C ASP C 105 10.94 26.78 -57.41
N ALA C 106 12.02 26.41 -56.72
CA ALA C 106 12.71 27.31 -55.80
C ALA C 106 14.14 26.82 -55.65
N ASP C 107 15.11 27.70 -55.87
CA ASP C 107 16.51 27.32 -55.80
C ASP C 107 17.29 28.03 -54.70
N THR C 108 16.69 28.98 -53.97
CA THR C 108 17.41 29.71 -52.95
C THR C 108 16.68 29.71 -51.62
N LEU C 109 17.43 29.46 -50.54
CA LEU C 109 16.92 29.44 -49.19
C LEU C 109 17.22 30.76 -48.48
N LYS C 110 16.29 31.22 -47.65
CA LYS C 110 16.45 32.45 -46.89
C LYS C 110 16.28 32.18 -45.40
N VAL C 111 17.15 32.77 -44.58
CA VAL C 111 17.07 32.64 -43.13
C VAL C 111 17.15 34.04 -42.53
N ARG C 112 16.21 34.37 -41.64
CA ARG C 112 16.20 35.68 -41.01
C ARG C 112 16.09 35.56 -39.50
N PHE C 113 17.05 36.13 -38.78
CA PHE C 113 17.04 36.14 -37.33
C PHE C 113 17.68 37.44 -36.87
N THR C 114 17.18 37.98 -35.76
CA THR C 114 17.71 39.23 -35.22
C THR C 114 18.74 38.93 -34.14
N LEU C 115 19.51 39.96 -33.78
CA LEU C 115 20.51 39.85 -32.75
C LEU C 115 20.62 41.14 -31.97
N ARG C 116 20.69 41.03 -30.65
CA ARG C 116 20.82 42.17 -29.75
C ARG C 116 22.12 42.10 -28.96
N VAL C 117 22.63 43.27 -28.60
CA VAL C 117 23.83 43.40 -27.78
C VAL C 117 23.41 44.12 -26.51
N LEU C 118 23.44 43.40 -25.38
CA LEU C 118 22.97 44.01 -24.14
C LEU C 118 24.08 44.83 -23.47
N GLY C 119 25.23 44.20 -23.25
CA GLY C 119 26.34 44.82 -22.57
C GLY C 119 26.36 44.44 -21.10
N GLY C 120 27.37 44.95 -20.40
CA GLY C 120 27.52 44.59 -19.00
C GLY C 120 27.75 43.10 -18.82
N ALA C 121 28.58 42.49 -19.66
CA ALA C 121 28.84 41.06 -19.58
C ALA C 121 29.37 40.69 -18.19
N GLY C 122 30.38 41.42 -17.73
CA GLY C 122 30.98 41.10 -16.44
C GLY C 122 30.05 41.33 -15.28
N THR C 123 29.04 42.19 -15.46
CA THR C 123 28.14 42.50 -14.36
C THR C 123 27.37 41.25 -13.94
N PRO C 124 27.56 40.75 -12.73
CA PRO C 124 26.82 39.56 -12.29
C PRO C 124 25.37 39.86 -11.98
N SER C 125 24.50 38.91 -12.32
CA SER C 125 23.09 39.06 -12.03
C SER C 125 22.85 38.85 -10.54
N ALA C 126 23.46 37.81 -9.98
CA ALA C 126 23.35 37.50 -8.56
C ALA C 126 24.71 37.05 -8.06
N CYS C 127 25.11 37.58 -6.91
CA CYS C 127 26.38 37.25 -6.28
C CYS C 127 26.17 37.30 -4.77
N ASN C 128 26.63 36.28 -4.07
CA ASN C 128 26.47 36.24 -2.63
C ASN C 128 27.31 37.29 -1.93
N ASP C 129 28.59 37.41 -2.29
CA ASP C 129 29.49 38.34 -1.63
C ASP C 129 29.68 39.60 -2.46
N ALA C 130 29.69 40.76 -1.77
CA ALA C 130 29.93 42.02 -2.46
C ALA C 130 31.40 42.18 -2.83
N ALA C 131 32.30 41.76 -1.93
CA ALA C 131 33.73 41.92 -2.19
C ALA C 131 34.13 41.18 -3.45
N TYR C 132 33.65 39.95 -3.63
CA TYR C 132 34.00 39.17 -4.80
C TYR C 132 33.49 39.85 -6.06
N ARG C 133 32.25 40.35 -6.01
CA ARG C 133 31.68 41.02 -7.18
C ARG C 133 32.51 42.24 -7.54
N ASP C 134 32.89 43.04 -6.54
CA ASP C 134 33.69 44.23 -6.81
C ASP C 134 35.03 43.84 -7.40
N LYS C 135 35.67 42.81 -6.85
CA LYS C 135 36.97 42.39 -7.34
C LYS C 135 36.87 41.94 -8.80
N LEU C 136 35.81 41.19 -9.11
CA LEU C 136 35.60 40.70 -10.47
C LEU C 136 35.39 41.87 -11.41
N LEU C 137 34.56 42.83 -11.00
CA LEU C 137 34.28 43.98 -11.84
C LEU C 137 35.56 44.76 -12.09
N GLN C 138 36.41 44.88 -11.07
CA GLN C 138 37.66 45.61 -11.23
C GLN C 138 38.55 44.89 -12.24
N THR C 139 38.65 43.56 -12.14
CA THR C 139 39.49 42.84 -13.08
C THR C 139 38.96 43.02 -14.49
N VAL C 140 37.64 42.98 -14.65
CA VAL C 140 37.03 43.12 -15.97
C VAL C 140 37.32 44.52 -16.51
N ALA C 141 37.16 45.53 -15.66
CA ALA C 141 37.40 46.91 -16.07
C ALA C 141 38.84 47.06 -16.49
N THR C 142 39.75 46.42 -15.76
CA THR C 142 41.17 46.52 -16.08
C THR C 142 41.40 45.94 -17.47
N TYR C 143 40.80 44.77 -17.73
CA TYR C 143 40.97 44.15 -19.04
C TYR C 143 40.45 45.08 -20.13
N VAL C 144 39.26 45.64 -19.93
CA VAL C 144 38.68 46.52 -20.94
C VAL C 144 39.56 47.74 -21.17
N ASN C 145 40.08 48.33 -20.08
CA ASN C 145 40.92 49.51 -20.20
C ASN C 145 42.19 49.18 -20.98
N ASP C 146 42.81 48.05 -20.65
CA ASP C 146 44.06 47.68 -21.31
C ASP C 146 43.82 47.44 -22.79
N GLN C 147 42.79 46.67 -23.11
CA GLN C 147 42.43 46.36 -24.49
C GLN C 147 40.93 46.18 -24.56
N GLY C 148 40.37 46.61 -25.68
CA GLY C 148 38.94 46.55 -25.91
C GLY C 148 38.52 45.21 -26.48
N PHE C 149 37.21 45.05 -26.64
CA PHE C 149 36.69 43.80 -27.15
C PHE C 149 36.87 43.66 -28.65
N ALA C 150 37.63 44.58 -29.27
CA ALA C 150 37.75 44.57 -30.72
C ALA C 150 38.13 43.20 -31.25
N GLU C 151 38.95 42.45 -30.52
CA GLU C 151 39.30 41.12 -31.00
C GLU C 151 38.06 40.21 -31.03
N LEU C 152 37.32 40.19 -29.92
CA LEU C 152 36.10 39.37 -29.89
C LEU C 152 35.10 39.88 -30.90
N ALA C 153 34.97 41.20 -31.03
CA ALA C 153 33.99 41.74 -31.96
C ALA C 153 34.36 41.37 -33.39
N ARG C 154 35.66 41.40 -33.71
CA ARG C 154 36.10 41.04 -35.04
C ARG C 154 35.83 39.58 -35.33
N ARG C 155 36.10 38.71 -34.35
CA ARG C 155 35.85 37.30 -34.54
C ARG C 155 34.35 37.04 -34.73
N TYR C 156 33.52 37.72 -33.93
CA TYR C 156 32.07 37.58 -34.04
C TYR C 156 31.60 38.06 -35.41
N ALA C 157 32.19 39.17 -35.87
CA ALA C 157 31.84 39.74 -37.16
C ALA C 157 32.11 38.73 -38.25
N HIS C 158 33.26 38.05 -38.16
CA HIS C 158 33.58 37.05 -39.18
C HIS C 158 32.53 35.94 -39.16
N ASN C 159 32.15 35.47 -37.97
CA ASN C 159 31.16 34.40 -37.89
C ASN C 159 29.85 34.85 -38.53
N LEU C 160 29.41 36.07 -38.25
CA LEU C 160 28.17 36.55 -38.85
C LEU C 160 28.31 36.70 -40.35
N ALA C 161 29.46 37.18 -40.82
CA ALA C 161 29.65 37.36 -42.25
C ALA C 161 29.57 36.03 -42.94
N ASN C 162 30.28 35.04 -42.42
CA ASN C 162 30.25 33.72 -43.04
C ASN C 162 28.93 33.06 -42.67
N ALA C 163 28.73 31.86 -43.19
CA ALA C 163 27.52 31.09 -42.95
C ALA C 163 27.67 30.08 -41.82
N ARG C 164 28.64 30.28 -40.92
CA ARG C 164 28.84 29.27 -39.87
C ARG C 164 27.56 28.99 -39.10
N PHE C 165 26.66 29.95 -38.95
CA PHE C 165 25.47 29.61 -38.16
C PHE C 165 24.74 28.46 -38.83
N LEU C 166 24.49 28.56 -40.13
CA LEU C 166 23.82 27.46 -40.82
C LEU C 166 24.69 26.22 -40.58
N TRP C 167 24.08 25.13 -40.11
CA TRP C 167 24.88 23.94 -39.84
C TRP C 167 25.00 22.92 -40.97
N ARG C 168 23.88 22.44 -41.51
CA ARG C 168 23.96 21.43 -42.56
C ARG C 168 23.55 21.98 -43.93
N ASN C 169 22.77 23.05 -43.97
CA ASN C 169 22.34 23.59 -45.25
C ASN C 169 23.51 24.12 -46.06
N ARG C 170 24.48 24.74 -45.39
CA ARG C 170 25.62 25.29 -46.11
C ARG C 170 26.42 24.19 -46.80
N VAL C 171 26.44 23.00 -46.21
CA VAL C 171 27.25 21.93 -46.79
C VAL C 171 26.71 21.67 -48.19
N GLY C 172 27.59 21.75 -49.17
CA GLY C 172 27.21 21.55 -50.56
C GLY C 172 26.42 22.77 -51.03
N ALA C 173 26.84 23.96 -50.61
CA ALA C 173 26.25 25.23 -51.00
C ALA C 173 27.25 25.96 -51.89
N GLU C 174 26.87 26.23 -53.13
CA GLU C 174 27.78 26.91 -54.04
C GLU C 174 27.94 28.39 -53.70
N ALA C 175 26.84 29.10 -53.48
CA ALA C 175 26.89 30.53 -53.19
C ALA C 175 25.99 30.88 -52.00
N VAL C 176 26.60 31.45 -50.96
CA VAL C 176 25.88 31.91 -49.78
C VAL C 176 26.15 33.41 -49.64
N GLU C 177 25.11 34.23 -49.80
CA GLU C 177 25.24 35.68 -49.70
C GLU C 177 24.51 36.16 -48.45
N VAL C 178 25.26 36.81 -47.56
CA VAL C 178 24.75 37.35 -46.31
C VAL C 178 24.64 38.87 -46.36
N ARG C 179 23.57 39.40 -45.79
CA ARG C 179 23.33 40.84 -45.69
C ARG C 179 22.98 41.14 -44.24
N ILE C 180 23.86 41.88 -43.56
CA ILE C 180 23.67 42.25 -42.16
C ILE C 180 23.37 43.74 -42.07
N ASN C 181 22.14 44.08 -41.68
CA ASN C 181 21.74 45.46 -41.52
C ASN C 181 21.85 45.88 -40.05
N HIS C 182 21.66 47.18 -39.81
CA HIS C 182 21.66 47.77 -38.48
C HIS C 182 20.39 48.60 -38.35
N ILE C 183 19.53 48.21 -37.42
CA ILE C 183 18.25 48.90 -37.22
C ILE C 183 18.34 49.79 -35.98
N ARG C 184 18.20 51.09 -36.19
CA ARG C 184 18.19 52.08 -35.12
C ARG C 184 16.98 52.95 -35.33
N GLN C 185 16.12 53.04 -34.31
CA GLN C 185 14.91 53.85 -34.38
C GLN C 185 14.03 53.42 -35.55
N GLY C 186 14.11 52.15 -35.92
CA GLY C 186 13.33 51.60 -37.00
C GLY C 186 13.88 51.85 -38.38
N GLU C 187 15.02 52.53 -38.51
CA GLU C 187 15.64 52.84 -39.78
C GLU C 187 16.97 52.13 -39.94
N VAL C 188 17.29 51.75 -41.17
CA VAL C 188 18.53 51.05 -41.50
C VAL C 188 19.64 52.10 -41.58
N ALA C 189 20.43 52.22 -40.51
CA ALA C 189 21.49 53.22 -40.48
C ALA C 189 22.58 52.91 -41.49
N ARG C 190 23.12 51.69 -41.44
CA ARG C 190 24.17 51.28 -42.36
C ARG C 190 24.07 49.79 -42.62
N ALA C 191 24.27 49.39 -43.87
CA ALA C 191 24.21 47.99 -44.25
C ALA C 191 25.56 47.46 -44.71
N TRP C 192 25.64 46.14 -44.79
CA TRP C 192 26.83 45.42 -45.25
C TRP C 192 26.40 44.15 -45.96
N ARG C 193 27.13 43.78 -47.01
CA ARG C 193 26.87 42.57 -47.77
C ARG C 193 28.18 41.82 -47.96
N PHE C 194 28.19 40.55 -47.58
CA PHE C 194 29.39 39.72 -47.68
C PHE C 194 29.11 38.45 -48.46
N ASP C 195 30.14 37.61 -48.65
CA ASP C 195 30.01 36.32 -49.31
C ASP C 195 30.62 35.26 -48.40
N ALA C 196 29.78 34.34 -47.95
CA ALA C 196 30.22 33.27 -47.06
C ALA C 196 31.19 32.31 -47.74
N LEU C 197 30.96 31.98 -49.01
CA LEU C 197 31.85 31.03 -49.68
C LEU C 197 33.26 31.58 -49.83
N ALA C 198 33.41 32.82 -50.32
CA ALA C 198 34.75 33.36 -50.52
C ALA C 198 35.48 33.51 -49.20
N ILE C 199 34.78 33.99 -48.17
CA ILE C 199 35.40 34.19 -46.86
C ILE C 199 35.63 32.85 -46.19
N GLY C 200 36.82 32.67 -45.62
CA GLY C 200 37.13 31.42 -44.96
C GLY C 200 36.26 31.20 -43.74
N LEU C 201 35.74 29.98 -43.60
CA LEU C 201 34.94 29.64 -42.44
C LEU C 201 35.82 29.39 -41.23
N ARG C 202 36.95 28.69 -41.43
CA ARG C 202 37.85 28.32 -40.35
C ARG C 202 39.03 29.26 -40.22
N ASP C 203 39.12 30.27 -41.09
CA ASP C 203 40.21 31.23 -41.09
C ASP C 203 39.63 32.62 -40.95
N PHE C 204 40.30 33.46 -40.16
CA PHE C 204 39.87 34.83 -39.91
C PHE C 204 40.75 35.80 -40.69
N LYS C 205 40.14 36.56 -41.59
CA LYS C 205 40.82 37.52 -42.43
C LYS C 205 40.33 38.92 -42.10
N ALA C 206 41.20 39.90 -42.24
CA ALA C 206 40.85 41.29 -41.93
C ALA C 206 40.18 41.96 -43.13
N ASP C 207 39.17 42.78 -42.83
CA ASP C 207 38.46 43.54 -43.86
C ASP C 207 37.94 44.84 -43.25
N ALA C 208 37.83 45.87 -44.10
CA ALA C 208 37.35 47.17 -43.63
C ALA C 208 35.94 47.04 -43.05
N GLU C 209 35.05 46.36 -43.77
CA GLU C 209 33.68 46.21 -43.30
C GLU C 209 33.67 45.45 -41.98
N LEU C 210 34.47 44.39 -41.90
CA LEU C 210 34.53 43.59 -40.68
C LEU C 210 35.02 44.45 -39.53
N ASP C 211 36.03 45.27 -39.77
CA ASP C 211 36.54 46.13 -38.71
C ASP C 211 35.47 47.10 -38.24
N ALA C 212 34.73 47.70 -39.17
CA ALA C 212 33.68 48.64 -38.76
C ALA C 212 32.63 47.93 -37.93
N LEU C 213 32.24 46.72 -38.36
CA LEU C 213 31.24 45.96 -37.63
C LEU C 213 31.75 45.60 -36.25
N ALA C 214 33.03 45.21 -36.17
CA ALA C 214 33.62 44.86 -34.88
C ALA C 214 33.62 46.06 -33.96
N GLU C 215 33.90 47.24 -34.50
CA GLU C 215 33.88 48.45 -33.67
C GLU C 215 32.47 48.69 -33.13
N LEU C 216 31.45 48.54 -34.00
CA LEU C 216 30.08 48.75 -33.55
C LEU C 216 29.73 47.76 -32.44
N ILE C 217 30.12 46.50 -32.63
CA ILE C 217 29.82 45.47 -31.63
C ILE C 217 30.55 45.77 -30.33
N ALA C 218 31.81 46.17 -30.42
CA ALA C 218 32.58 46.48 -29.22
C ALA C 218 31.91 47.62 -28.46
N SER C 219 31.43 48.62 -29.20
CA SER C 219 30.78 49.76 -28.56
C SER C 219 29.54 49.28 -27.84
N GLY C 220 28.72 48.47 -28.53
CA GLY C 220 27.51 47.98 -27.90
C GLY C 220 27.81 47.21 -26.63
N LEU C 221 28.82 46.32 -26.69
CA LEU C 221 29.17 45.51 -25.52
C LEU C 221 29.65 46.39 -24.38
N SER C 222 30.45 47.42 -24.69
CA SER C 222 30.94 48.33 -23.66
C SER C 222 29.82 49.16 -23.07
N GLY C 223 28.66 49.20 -23.72
CA GLY C 223 27.53 49.95 -23.23
C GLY C 223 27.43 51.35 -23.78
N SER C 224 28.01 51.61 -24.96
CA SER C 224 27.88 52.91 -25.58
C SER C 224 26.42 53.17 -25.98
N GLY C 225 25.81 52.20 -26.64
CA GLY C 225 24.44 52.35 -27.11
C GLY C 225 23.85 51.02 -27.52
N HIS C 226 22.53 51.03 -27.67
CA HIS C 226 21.81 49.84 -28.12
C HIS C 226 22.29 49.41 -29.50
N VAL C 227 22.40 48.11 -29.71
CA VAL C 227 22.81 47.55 -30.99
C VAL C 227 21.85 46.43 -31.36
N LEU C 228 21.31 46.50 -32.58
CA LEU C 228 20.40 45.51 -33.13
C LEU C 228 20.89 45.14 -34.53
N LEU C 229 21.03 43.84 -34.79
CA LEU C 229 21.50 43.36 -36.08
C LEU C 229 20.53 42.35 -36.68
N GLU C 230 20.06 42.66 -37.89
CA GLU C 230 19.16 41.80 -38.66
C GLU C 230 20.00 41.01 -39.65
N VAL C 231 20.07 39.70 -39.48
CA VAL C 231 20.86 38.81 -40.33
C VAL C 231 19.96 38.14 -41.36
N VAL C 232 20.36 38.20 -42.63
CA VAL C 232 19.64 37.57 -43.72
C VAL C 232 20.63 36.80 -44.59
N ALA C 233 20.42 35.51 -44.75
CA ALA C 233 21.29 34.66 -45.55
C ALA C 233 20.55 34.09 -46.75
N PHE C 234 21.26 33.93 -47.86
CA PHE C 234 20.70 33.34 -49.08
C PHE C 234 21.62 32.24 -49.56
N ALA C 235 21.15 31.00 -49.58
CA ALA C 235 21.96 29.85 -50.01
C ALA C 235 21.36 29.15 -51.21
N ARG C 236 22.17 28.96 -52.25
CA ARG C 236 21.78 28.21 -53.45
C ARG C 236 22.04 26.73 -53.22
N ILE C 237 20.98 25.92 -53.22
CA ILE C 237 21.16 24.49 -53.03
C ILE C 237 20.77 23.73 -54.29
N GLY C 238 19.54 23.90 -54.71
CA GLY C 238 19.03 23.23 -55.90
C GLY C 238 17.53 23.05 -55.78
N ASP C 239 16.91 22.76 -56.91
CA ASP C 239 15.46 22.61 -56.90
C ASP C 239 15.08 21.33 -56.17
N GLY C 240 14.10 21.45 -55.28
CA GLY C 240 13.56 20.32 -54.55
C GLY C 240 14.53 19.72 -53.55
N GLN C 241 15.58 20.46 -53.19
CA GLN C 241 16.55 19.94 -52.23
C GLN C 241 15.92 19.88 -50.84
N GLU C 242 16.66 19.27 -49.91
CA GLU C 242 16.21 19.08 -48.53
C GLU C 242 17.02 19.90 -47.53
N VAL C 243 16.33 20.77 -46.79
CA VAL C 243 16.97 21.57 -45.76
C VAL C 243 17.18 20.70 -44.52
N PHE C 244 18.04 21.17 -43.60
CA PHE C 244 18.34 20.43 -42.38
C PHE C 244 18.04 21.27 -41.14
N PRO C 245 16.77 21.45 -40.80
CA PRO C 245 16.42 22.22 -39.60
C PRO C 245 16.82 21.48 -38.33
N SER C 246 16.62 22.16 -37.21
CA SER C 246 16.95 21.62 -35.90
C SER C 246 15.94 20.57 -35.46
N GLN C 247 16.41 19.36 -35.20
CA GLN C 247 15.53 18.27 -34.80
C GLN C 247 14.99 18.51 -33.39
N GLU C 248 13.73 18.15 -33.18
CA GLU C 248 13.05 18.29 -31.91
C GLU C 248 12.82 16.91 -31.29
N LEU C 249 12.78 16.87 -29.96
CA LEU C 249 12.57 15.62 -29.25
C LEU C 249 11.11 15.44 -28.87
N LYS C 262 10.97 11.52 -35.51
CA LYS C 262 11.65 12.75 -35.91
C LYS C 262 10.68 13.91 -36.00
N THR C 263 10.87 14.93 -35.16
CA THR C 263 10.03 16.11 -35.13
C THR C 263 10.89 17.32 -35.48
N LEU C 264 10.48 18.07 -36.50
CA LEU C 264 11.22 19.24 -36.93
C LEU C 264 10.68 20.49 -36.24
N TYR C 265 11.60 21.36 -35.81
CA TYR C 265 11.20 22.58 -35.12
C TYR C 265 10.44 23.49 -36.07
N SER C 266 9.24 23.90 -35.67
CA SER C 266 8.42 24.77 -36.50
C SER C 266 7.69 25.78 -35.64
N VAL C 267 7.71 27.04 -36.08
CA VAL C 267 7.02 28.13 -35.41
C VAL C 267 6.08 28.77 -36.43
N ARG C 268 4.86 29.07 -35.99
CA ARG C 268 3.86 29.68 -36.87
C ARG C 268 3.70 28.86 -38.15
N ASP C 269 3.68 27.54 -37.99
CA ASP C 269 3.55 26.63 -39.12
C ASP C 269 4.65 26.86 -40.15
N ALA C 270 5.84 27.23 -39.66
CA ALA C 270 7.00 27.45 -40.50
C ALA C 270 8.23 26.90 -39.81
N ALA C 271 9.09 26.25 -40.58
CA ALA C 271 10.31 25.65 -40.04
C ALA C 271 11.30 26.73 -39.63
N ALA C 272 12.11 26.42 -38.63
CA ALA C 272 13.11 27.38 -38.15
C ALA C 272 14.20 26.61 -37.42
N ILE C 273 15.22 27.35 -36.97
CA ILE C 273 16.35 26.78 -36.23
C ILE C 273 16.38 27.41 -34.84
N HIS C 274 16.75 26.61 -33.85
CA HIS C 274 16.78 27.08 -32.48
C HIS C 274 17.77 28.23 -32.29
N SER C 275 17.40 29.13 -31.39
CA SER C 275 18.22 30.28 -31.03
C SER C 275 19.58 29.86 -30.47
N GLN C 276 19.56 28.92 -29.52
CA GLN C 276 20.80 28.46 -28.91
C GLN C 276 21.70 27.77 -29.92
N LYS C 277 21.11 27.05 -30.88
CA LYS C 277 21.94 26.36 -31.86
C LYS C 277 22.73 27.37 -32.69
N ILE C 278 22.18 28.57 -32.89
CA ILE C 278 22.88 29.61 -33.61
C ILE C 278 23.89 30.30 -32.71
N GLY C 279 23.49 30.64 -31.48
CA GLY C 279 24.42 31.31 -30.59
C GLY C 279 25.61 30.47 -30.21
N ASN C 280 25.49 29.14 -30.34
CA ASN C 280 26.61 28.23 -30.08
C ASN C 280 27.69 28.41 -31.13
N ALA C 281 27.27 28.44 -32.39
CA ALA C 281 28.20 28.63 -33.50
C ALA C 281 28.78 30.03 -33.51
N LEU C 282 27.97 31.05 -33.19
CA LEU C 282 28.51 32.41 -33.25
C LEU C 282 29.69 32.60 -32.31
N ARG C 283 29.76 31.87 -31.21
CA ARG C 283 30.82 32.02 -30.22
C ARG C 283 32.00 31.07 -30.44
N THR C 284 32.22 30.59 -31.66
CA THR C 284 33.36 29.71 -31.94
C THR C 284 34.63 30.56 -31.99
N ILE C 285 35.07 30.95 -30.80
CA ILE C 285 36.24 31.79 -30.63
C ILE C 285 37.40 31.08 -29.93
N ASP C 286 37.25 29.82 -29.59
CA ASP C 286 38.29 29.10 -28.84
C ASP C 286 39.31 28.49 -29.80
N THR C 287 40.41 29.21 -30.02
CA THR C 287 41.48 28.75 -30.90
C THR C 287 42.82 28.74 -30.18
N TRP C 288 42.81 28.75 -28.85
CA TRP C 288 44.04 28.75 -28.06
C TRP C 288 44.23 27.47 -27.25
N TYR C 289 43.68 26.34 -27.69
CA TYR C 289 43.82 25.12 -26.92
C TYR C 289 45.29 24.74 -26.78
N PRO C 290 45.65 24.01 -25.73
CA PRO C 290 47.06 23.66 -25.52
C PRO C 290 47.66 22.87 -26.65
N ASP C 291 46.92 21.91 -27.21
CA ASP C 291 47.42 21.06 -28.29
C ASP C 291 46.49 21.24 -29.46
N GLU C 292 47.07 21.44 -30.65
CA GLU C 292 46.31 21.63 -31.87
C GLU C 292 46.62 20.53 -32.87
N ASP C 293 45.58 19.88 -33.37
CA ASP C 293 45.68 18.85 -34.39
C ASP C 293 45.21 19.37 -35.74
N GLY C 294 45.00 20.67 -35.85
CA GLY C 294 44.53 21.28 -37.08
C GLY C 294 43.03 21.37 -37.19
N LEU C 295 42.30 21.06 -36.12
CA LEU C 295 40.84 21.05 -36.20
C LEU C 295 40.28 22.43 -36.44
N GLY C 296 40.83 23.45 -35.79
CA GLY C 296 40.30 24.79 -35.93
C GLY C 296 39.60 25.30 -34.69
N PRO C 297 38.83 26.38 -34.85
CA PRO C 297 38.14 26.96 -33.71
C PRO C 297 37.07 26.03 -33.16
N ILE C 298 36.96 26.03 -31.83
CA ILE C 298 36.00 25.21 -31.10
C ILE C 298 35.02 26.11 -30.37
N ALA C 299 33.74 25.77 -30.46
CA ALA C 299 32.72 26.59 -29.80
C ALA C 299 33.12 26.85 -28.36
N VAL C 300 33.13 28.13 -27.96
CA VAL C 300 33.53 28.43 -26.58
C VAL C 300 32.58 27.73 -25.62
N GLU C 301 33.15 26.85 -24.80
CA GLU C 301 32.42 26.11 -23.78
C GLU C 301 33.36 25.85 -22.62
N PRO C 302 32.85 25.74 -21.40
CA PRO C 302 33.74 25.40 -20.29
C PRO C 302 34.32 24.02 -20.57
N TYR C 303 35.60 23.85 -20.26
CA TYR C 303 36.34 22.60 -20.46
C TYR C 303 36.52 22.29 -21.94
N GLY C 304 36.29 23.25 -22.84
CA GLY C 304 36.50 23.05 -24.26
C GLY C 304 35.89 21.76 -24.78
N SER C 305 34.71 21.42 -24.30
CA SER C 305 34.04 20.20 -24.72
C SER C 305 33.54 20.29 -26.15
N VAL C 306 33.57 19.15 -26.85
CA VAL C 306 33.07 19.03 -28.21
C VAL C 306 32.18 17.80 -28.30
N THR C 307 30.93 17.99 -28.71
CA THR C 307 29.98 16.89 -28.83
C THR C 307 30.29 15.99 -30.01
N SER C 308 30.46 16.58 -31.20
CA SER C 308 30.68 15.80 -32.41
C SER C 308 31.97 14.98 -32.34
N GLN C 309 33.09 15.62 -31.99
CA GLN C 309 34.34 14.90 -31.95
C GLN C 309 34.36 13.86 -30.84
N GLY C 310 33.59 14.08 -29.78
CA GLY C 310 33.55 13.14 -28.68
C GLY C 310 34.78 13.16 -27.80
N LYS C 311 35.61 14.17 -27.95
CA LYS C 311 36.83 14.36 -27.18
C LYS C 311 36.75 15.74 -26.56
N ALA C 312 37.26 15.87 -25.34
CA ALA C 312 37.22 17.14 -24.63
C ALA C 312 38.62 17.73 -24.55
N TYR C 313 38.82 18.84 -25.27
CA TYR C 313 40.11 19.51 -25.25
C TYR C 313 40.12 20.47 -24.07
N ARG C 314 41.29 21.00 -23.75
CA ARG C 314 41.40 21.93 -22.64
C ARG C 314 40.93 21.25 -21.36
N GLN C 315 41.50 20.07 -21.09
CA GLN C 315 41.11 19.27 -19.94
C GLN C 315 41.41 19.99 -18.63
N PRO C 316 40.74 19.59 -17.55
CA PRO C 316 40.97 20.25 -16.25
C PRO C 316 42.36 19.99 -15.69
N LYS C 317 43.02 18.92 -16.09
CA LYS C 317 44.34 18.62 -15.54
C LYS C 317 45.31 19.75 -15.82
N GLN C 318 45.20 20.36 -16.99
CA GLN C 318 46.05 21.47 -17.39
C GLN C 318 45.58 22.76 -16.73
N LYS C 319 46.37 23.81 -16.91
CA LYS C 319 46.07 25.12 -16.35
C LYS C 319 45.18 25.97 -17.27
N LEU C 320 44.86 25.48 -18.47
CA LEU C 320 44.06 26.24 -19.41
C LEU C 320 42.57 26.19 -19.08
N ASP C 321 42.17 25.37 -18.11
CA ASP C 321 40.77 25.24 -17.75
C ASP C 321 40.17 26.60 -17.40
N PHE C 322 38.92 26.81 -17.81
CA PHE C 322 38.25 28.08 -17.55
C PHE C 322 38.13 28.37 -16.06
N TYR C 323 37.63 27.39 -15.30
CA TYR C 323 37.45 27.59 -13.87
C TYR C 323 38.77 27.91 -13.18
N THR C 324 39.81 27.16 -13.50
CA THR C 324 41.12 27.39 -12.88
C THR C 324 41.63 28.77 -13.24
N LEU C 325 41.53 29.13 -14.52
CA LEU C 325 42.04 30.43 -14.96
C LEU C 325 41.32 31.56 -14.25
N LEU C 326 39.99 31.48 -14.16
CA LEU C 326 39.23 32.55 -13.52
C LEU C 326 39.56 32.63 -12.04
N ASP C 327 39.65 31.49 -11.37
CA ASP C 327 39.94 31.49 -9.95
C ASP C 327 41.29 32.13 -9.70
N ASN C 328 42.29 31.79 -10.52
CA ASN C 328 43.61 32.35 -10.33
C ASN C 328 43.63 33.85 -10.62
N TRP C 329 43.03 34.25 -11.75
CA TRP C 329 43.07 35.65 -12.13
C TRP C 329 42.24 36.56 -11.23
N VAL C 330 41.34 35.99 -10.42
CA VAL C 330 40.54 36.85 -9.54
C VAL C 330 41.10 36.85 -8.12
N LEU C 331 41.15 35.66 -7.54
CA LEU C 331 41.61 35.48 -6.17
C LEU C 331 43.12 35.68 -6.03
N ARG C 332 43.89 35.02 -6.89
CA ARG C 332 45.34 35.01 -6.82
C ARG C 332 45.98 36.11 -7.66
N ASP C 333 45.19 36.88 -8.40
CA ASP C 333 45.68 37.98 -9.23
C ASP C 333 46.70 37.52 -10.26
N GLU C 334 46.60 36.28 -10.71
CA GLU C 334 47.53 35.75 -11.70
C GLU C 334 46.96 36.07 -13.07
N ALA C 335 47.59 36.99 -13.79
CA ALA C 335 47.09 37.33 -15.10
C ALA C 335 47.48 36.27 -16.12
N PRO C 336 46.54 35.53 -16.71
CA PRO C 336 46.92 34.51 -17.68
C PRO C 336 47.22 35.14 -19.03
N ALA C 337 47.59 34.32 -20.02
CA ALA C 337 47.92 34.86 -21.33
C ALA C 337 46.74 35.68 -21.87
N VAL C 338 47.06 36.63 -22.75
CA VAL C 338 46.05 37.49 -23.35
C VAL C 338 44.96 36.65 -23.99
N GLU C 339 45.36 35.54 -24.60
CA GLU C 339 44.42 34.63 -25.25
C GLU C 339 43.44 34.09 -24.22
N GLN C 340 43.97 33.65 -23.09
CA GLN C 340 43.13 33.11 -22.03
C GLN C 340 42.17 34.18 -21.54
N GLN C 341 42.64 35.43 -21.43
CA GLN C 341 41.74 36.49 -20.97
C GLN C 341 40.59 36.65 -21.95
N HIS C 342 40.88 36.55 -23.26
CA HIS C 342 39.81 36.65 -24.24
C HIS C 342 38.83 35.51 -24.06
N TYR C 343 39.35 34.30 -23.85
CA TYR C 343 38.50 33.13 -23.66
C TYR C 343 37.60 33.31 -22.45
N VAL C 344 38.17 33.86 -21.36
CA VAL C 344 37.40 34.05 -20.13
C VAL C 344 36.30 35.07 -20.36
N ILE C 345 36.61 36.15 -21.08
CA ILE C 345 35.60 37.17 -21.34
C ILE C 345 34.49 36.57 -22.21
N ALA C 346 34.86 35.73 -23.17
CA ALA C 346 33.86 35.11 -24.03
C ALA C 346 32.94 34.24 -23.20
N ASN C 347 33.52 33.48 -22.27
CA ASN C 347 32.71 32.61 -21.41
C ASN C 347 31.77 33.45 -20.56
N LEU C 348 32.27 34.55 -19.99
CA LEU C 348 31.42 35.40 -19.16
C LEU C 348 30.28 35.94 -20.00
N ILE C 349 30.55 36.27 -21.25
CA ILE C 349 29.50 36.78 -22.12
C ILE C 349 28.46 35.69 -22.32
N ARG C 350 28.92 34.46 -22.55
CA ARG C 350 27.98 33.35 -22.75
C ARG C 350 27.14 33.14 -21.51
N GLY C 351 27.72 33.33 -20.33
CA GLY C 351 27.00 33.18 -19.09
C GLY C 351 26.93 31.75 -18.62
N GLY C 352 26.46 31.59 -17.38
CA GLY C 352 26.30 30.28 -16.80
C GLY C 352 26.15 30.35 -15.30
N VAL C 353 26.38 29.21 -14.67
CA VAL C 353 26.35 29.05 -13.22
C VAL C 353 27.74 28.65 -12.76
N PHE C 354 28.29 29.38 -11.80
CA PHE C 354 29.62 29.08 -11.28
C PHE C 354 29.52 28.96 -9.77
N GLY C 355 30.67 28.82 -9.12
CA GLY C 355 30.70 28.69 -7.67
C GLY C 355 30.27 27.32 -7.22
N GLU C 356 29.24 27.24 -6.41
CA GLU C 356 28.76 25.97 -5.88
C GLU C 356 27.24 25.91 -5.94
N ILE D 23 3.29 47.86 31.67
CA ILE D 23 3.44 48.94 30.72
C ILE D 23 2.53 48.74 29.51
N LEU D 24 3.07 48.11 28.46
CA LEU D 24 2.32 47.85 27.24
C LEU D 24 3.08 46.81 26.43
N SER D 25 2.41 45.72 26.09
CA SER D 25 3.01 44.65 25.29
C SER D 25 2.48 44.67 23.87
N THR D 26 3.18 43.97 22.99
CA THR D 26 2.75 43.86 21.60
C THR D 26 1.67 42.78 21.48
N ALA D 27 1.09 42.68 20.30
CA ALA D 27 0.05 41.70 20.05
C ALA D 27 0.67 40.47 19.40
N SER D 28 0.39 39.29 19.97
CA SER D 28 0.96 38.07 19.42
C SER D 28 0.51 37.79 17.99
N VAL D 29 -0.65 38.31 17.60
CA VAL D 29 -1.20 38.11 16.26
C VAL D 29 -1.48 39.46 15.63
N LEU D 30 -0.79 39.76 14.55
CA LEU D 30 -0.99 41.02 13.84
C LEU D 30 -0.98 40.76 12.35
N ALA D 31 -1.95 41.37 11.67
CA ALA D 31 -2.07 41.26 10.22
C ALA D 31 -2.57 42.58 9.69
N PHE D 32 -2.05 42.97 8.53
CA PHE D 32 -2.43 44.20 7.85
C PHE D 32 -2.72 43.87 6.40
N GLU D 33 -3.94 44.13 5.95
CA GLU D 33 -4.28 43.82 4.58
C GLU D 33 -3.41 44.67 3.68
N ARG D 34 -2.94 44.08 2.60
CA ARG D 34 -2.05 44.79 1.70
C ARG D 34 -2.77 45.88 0.95
N LYS D 35 -2.00 46.91 0.62
CA LYS D 35 -2.47 48.05 -0.13
C LYS D 35 -1.61 48.06 -1.38
N LEU D 36 -2.03 48.79 -2.41
CA LEU D 36 -1.28 48.78 -3.66
C LEU D 36 -1.15 47.34 -4.15
N ASP D 37 -2.30 46.69 -4.30
CA ASP D 37 -2.32 45.29 -4.72
C ASP D 37 -2.48 45.22 -6.23
N PRO D 38 -1.46 44.84 -6.97
CA PRO D 38 -1.61 44.71 -8.41
C PRO D 38 -2.20 43.38 -8.85
N SER D 39 -2.42 43.25 -10.14
CA SER D 39 -2.96 42.06 -10.75
C SER D 39 -1.90 41.44 -11.65
N ASP D 40 -2.24 40.33 -12.28
CA ASP D 40 -1.28 39.67 -13.14
C ASP D 40 -0.98 40.60 -14.30
N ALA D 41 0.20 40.44 -14.90
CA ALA D 41 0.59 41.28 -16.02
C ALA D 41 0.59 40.43 -17.28
N LEU D 42 -0.39 40.68 -18.15
CA LEU D 42 -0.52 40.03 -19.43
C LEU D 42 0.47 40.61 -20.43
N MET D 43 0.80 39.82 -21.44
CA MET D 43 1.73 40.26 -22.47
C MET D 43 1.13 40.04 -23.85
N SER D 44 1.52 40.93 -24.76
CA SER D 44 1.05 40.91 -26.14
C SER D 44 2.15 41.48 -27.02
N ALA D 45 1.94 41.41 -28.33
CA ALA D 45 2.90 41.89 -29.32
C ALA D 45 2.25 42.82 -30.32
N GLY D 46 3.01 43.82 -30.76
CA GLY D 46 2.52 44.78 -31.73
C GLY D 46 3.67 45.55 -32.32
N ALA D 47 3.33 46.48 -33.20
CA ALA D 47 4.31 47.32 -33.88
C ALA D 47 4.33 48.73 -33.30
N TRP D 48 5.53 49.30 -33.21
CA TRP D 48 5.69 50.66 -32.67
C TRP D 48 4.82 51.67 -33.42
N ALA D 49 4.66 51.48 -34.73
CA ALA D 49 3.84 52.41 -35.52
C ALA D 49 2.40 52.37 -35.05
N GLN D 50 1.92 51.21 -34.65
CA GLN D 50 0.55 51.01 -34.20
C GLN D 50 0.41 51.18 -32.69
N ARG D 51 1.37 51.84 -32.04
CA ARG D 51 1.33 52.01 -30.60
C ARG D 51 0.02 52.63 -30.14
N ASP D 52 -0.53 53.57 -30.90
CA ASP D 52 -1.79 54.19 -30.50
C ASP D 52 -2.88 53.12 -30.37
N ALA D 53 -2.91 52.18 -31.30
CA ALA D 53 -3.88 51.08 -31.30
C ALA D 53 -3.39 49.95 -30.38
N SER D 54 -3.29 50.27 -29.10
CA SER D 54 -2.80 49.29 -28.14
C SER D 54 -3.76 48.11 -28.04
N GLN D 55 -5.06 48.38 -28.06
CA GLN D 55 -6.04 47.31 -27.93
C GLN D 55 -6.07 46.47 -29.19
N GLU D 56 -6.49 45.21 -29.02
CA GLU D 56 -6.66 44.21 -30.09
C GLU D 56 -5.34 43.57 -30.51
N TRP D 57 -4.26 43.87 -29.82
CA TRP D 57 -2.97 43.24 -30.12
C TRP D 57 -3.00 41.77 -29.72
N PRO D 58 -2.53 40.87 -30.58
CA PRO D 58 -2.57 39.44 -30.25
C PRO D 58 -1.70 39.13 -29.05
N ALA D 59 -2.02 38.01 -28.42
CA ALA D 59 -1.30 37.57 -27.24
C ALA D 59 -0.13 36.67 -27.63
N VAL D 60 0.83 36.57 -26.72
CA VAL D 60 2.01 35.73 -26.90
C VAL D 60 1.70 34.35 -26.35
N THR D 61 1.75 33.34 -27.22
CA THR D 61 1.46 31.97 -26.84
C THR D 61 2.75 31.22 -26.53
N VAL D 62 2.75 30.54 -25.38
CA VAL D 62 3.90 29.75 -24.98
C VAL D 62 4.04 28.53 -25.88
N ARG D 63 5.29 28.13 -26.13
CA ARG D 63 5.58 26.96 -26.93
C ARG D 63 6.70 26.18 -26.26
N GLU D 64 6.92 24.96 -26.71
CA GLU D 64 7.95 24.10 -26.16
C GLU D 64 9.03 23.85 -27.20
N LYS D 65 10.27 23.79 -26.74
CA LYS D 65 11.40 23.48 -27.59
C LYS D 65 12.39 22.63 -26.81
N SER D 66 12.95 21.62 -27.46
CA SER D 66 13.94 20.77 -26.81
C SER D 66 15.29 21.49 -26.80
N VAL D 67 16.13 21.15 -25.83
CA VAL D 67 17.45 21.73 -25.69
C VAL D 67 18.40 20.66 -25.20
N ARG D 68 19.35 20.26 -26.05
CA ARG D 68 20.40 19.33 -25.67
C ARG D 68 21.67 20.14 -25.37
N GLY D 69 22.24 19.91 -24.19
CA GLY D 69 23.42 20.66 -23.78
C GLY D 69 24.40 19.80 -23.02
N THR D 70 25.67 20.05 -23.29
CA THR D 70 26.76 19.40 -22.59
C THR D 70 26.97 20.11 -21.25
N ILE D 71 28.07 19.79 -20.56
CA ILE D 71 28.30 20.22 -19.19
C ILE D 71 28.99 21.58 -19.22
N SER D 72 28.49 22.51 -18.41
CA SER D 72 29.09 23.82 -18.22
C SER D 72 29.31 24.16 -16.76
N ASN D 73 28.85 23.33 -15.83
CA ASN D 73 28.90 23.67 -14.42
C ASN D 73 30.22 23.24 -13.80
N ARG D 74 30.43 23.65 -12.55
CA ARG D 74 31.68 23.36 -11.85
C ARG D 74 31.72 21.91 -11.39
N LEU D 75 32.68 21.17 -11.93
CA LEU D 75 32.95 19.82 -11.47
C LEU D 75 33.34 19.82 -10.00
N LYS D 76 33.22 18.65 -9.38
CA LYS D 76 33.43 18.52 -7.94
C LYS D 76 34.88 18.85 -7.58
N THR D 77 35.13 18.97 -6.27
CA THR D 77 36.48 19.26 -5.79
C THR D 77 37.48 18.23 -6.31
N LYS D 78 37.23 16.95 -6.02
CA LYS D 78 38.08 15.87 -6.54
C LYS D 78 37.74 15.71 -8.02
N ASP D 79 38.19 16.67 -8.82
CA ASP D 79 37.82 16.73 -10.23
C ASP D 79 37.93 15.36 -10.90
N ARG D 80 36.87 14.98 -11.61
CA ARG D 80 36.90 13.80 -12.44
C ARG D 80 38.03 13.89 -13.46
N ASP D 81 38.38 12.73 -14.03
CA ASP D 81 39.51 12.68 -14.94
C ASP D 81 39.00 12.65 -16.40
N PRO D 82 39.85 13.07 -17.35
CA PRO D 82 39.36 13.29 -18.72
C PRO D 82 38.50 12.18 -19.30
N ALA D 83 38.85 10.92 -19.10
CA ALA D 83 38.05 9.84 -19.67
C ALA D 83 36.62 9.89 -19.16
N LYS D 84 36.44 10.33 -17.92
CA LYS D 84 35.10 10.39 -17.35
C LYS D 84 34.31 11.56 -17.95
N LEU D 85 34.97 12.68 -18.21
CA LEU D 85 34.30 13.77 -18.92
C LEU D 85 33.93 13.34 -20.33
N ASP D 86 34.77 12.52 -20.95
CA ASP D 86 34.44 11.99 -22.27
C ASP D 86 33.19 11.12 -22.20
N ALA D 87 33.16 10.15 -21.29
CA ALA D 87 31.98 9.32 -21.13
C ALA D 87 30.76 10.18 -20.81
N SER D 88 30.95 11.27 -20.07
CA SER D 88 29.85 12.18 -19.77
C SER D 88 29.30 12.79 -21.06
N ILE D 89 30.14 13.49 -21.82
CA ILE D 89 29.66 14.17 -23.02
C ILE D 89 29.04 13.16 -23.98
N GLN D 90 29.63 11.98 -24.09
CA GLN D 90 29.11 10.96 -24.99
C GLN D 90 27.65 10.61 -24.70
N SER D 91 27.14 10.96 -23.52
CA SER D 91 25.73 10.78 -23.15
C SER D 91 25.21 12.16 -22.73
N PRO D 92 24.26 12.71 -23.46
CA PRO D 92 23.99 14.15 -23.32
C PRO D 92 23.01 14.45 -22.19
N ASN D 93 22.71 15.74 -22.05
CA ASN D 93 21.67 16.22 -21.17
C ASN D 93 20.46 16.60 -22.03
N LEU D 94 19.59 15.64 -22.29
CA LEU D 94 18.44 15.87 -23.15
C LEU D 94 17.35 16.55 -22.33
N GLN D 95 16.97 17.76 -22.73
CA GLN D 95 16.16 18.62 -21.89
C GLN D 95 15.02 19.19 -22.70
N THR D 96 14.09 19.85 -21.99
CA THR D 96 12.91 20.45 -22.60
C THR D 96 12.45 21.60 -21.71
N VAL D 97 12.20 22.76 -22.32
CA VAL D 97 11.79 23.95 -21.60
C VAL D 97 10.77 24.70 -22.45
N ASP D 98 10.25 25.78 -21.90
CA ASP D 98 9.28 26.62 -22.58
C ASP D 98 9.81 28.05 -22.68
N VAL D 99 9.67 28.63 -23.87
CA VAL D 99 10.11 30.00 -24.13
C VAL D 99 8.99 30.71 -24.86
N ALA D 100 8.95 32.03 -24.70
CA ALA D 100 7.96 32.86 -25.38
C ALA D 100 8.69 33.95 -26.14
N ASN D 101 8.47 34.02 -27.45
CA ASN D 101 9.10 35.00 -28.31
C ASN D 101 8.01 35.73 -29.09
N LEU D 102 8.30 36.97 -29.45
CA LEU D 102 7.34 37.76 -30.19
C LEU D 102 7.13 37.14 -31.57
N PRO D 103 6.06 37.53 -32.25
CA PRO D 103 5.79 36.98 -33.58
C PRO D 103 6.93 37.26 -34.53
N SER D 104 6.88 36.60 -35.69
CA SER D 104 7.94 36.74 -36.69
C SER D 104 8.23 38.21 -36.97
N ASP D 105 7.19 39.02 -37.16
CA ASP D 105 7.34 40.44 -37.45
C ASP D 105 6.63 41.23 -36.34
N ALA D 106 7.36 41.50 -35.27
CA ALA D 106 6.85 42.31 -34.16
C ALA D 106 8.05 42.82 -33.38
N ASP D 107 8.11 44.12 -33.17
CA ASP D 107 9.23 44.74 -32.46
C ASP D 107 8.85 45.39 -31.15
N THR D 108 7.58 45.39 -30.76
CA THR D 108 7.15 46.04 -29.53
C THR D 108 6.34 45.11 -28.64
N LEU D 109 6.69 45.08 -27.36
CA LEU D 109 6.01 44.29 -26.36
C LEU D 109 5.06 45.16 -25.55
N LYS D 110 3.91 44.61 -25.18
CA LYS D 110 2.92 45.33 -24.38
C LYS D 110 2.60 44.56 -23.11
N VAL D 111 2.51 45.29 -21.99
CA VAL D 111 2.17 44.71 -20.70
C VAL D 111 1.06 45.54 -20.07
N ARG D 112 -0.04 44.88 -19.70
CA ARG D 112 -1.18 45.58 -19.11
C ARG D 112 -1.55 44.96 -17.77
N PHE D 113 -1.54 45.75 -16.71
CA PHE D 113 -1.93 45.29 -15.39
C PHE D 113 -2.58 46.44 -14.64
N THR D 114 -3.58 46.14 -13.83
CA THR D 114 -4.26 47.17 -13.06
C THR D 114 -3.66 47.28 -11.67
N LEU D 115 -3.99 48.37 -11.00
CA LEU D 115 -3.53 48.60 -9.63
C LEU D 115 -4.61 49.34 -8.84
N ARG D 116 -4.87 48.89 -7.61
CA ARG D 116 -5.83 49.53 -6.74
C ARG D 116 -5.17 50.00 -5.45
N VAL D 117 -5.77 51.05 -4.88
CA VAL D 117 -5.35 51.65 -3.62
C VAL D 117 -6.53 51.52 -2.67
N LEU D 118 -6.37 50.71 -1.63
CA LEU D 118 -7.49 50.49 -0.71
C LEU D 118 -7.58 51.60 0.33
N GLY D 119 -6.49 51.85 1.02
CA GLY D 119 -6.44 52.84 2.08
C GLY D 119 -6.62 52.20 3.45
N GLY D 120 -6.53 53.05 4.48
CA GLY D 120 -6.57 52.54 5.83
C GLY D 120 -5.42 51.60 6.11
N ALA D 121 -4.21 51.99 5.69
CA ALA D 121 -3.03 51.16 5.88
C ALA D 121 -2.81 50.82 7.35
N GLY D 122 -2.85 51.83 8.22
CA GLY D 122 -2.58 51.58 9.62
C GLY D 122 -3.64 50.75 10.30
N THR D 123 -4.85 50.74 9.76
CA THR D 123 -5.92 50.01 10.41
C THR D 123 -5.61 48.52 10.38
N PRO D 124 -5.39 47.89 11.53
CA PRO D 124 -5.10 46.46 11.54
C PRO D 124 -6.33 45.61 11.23
N SER D 125 -6.12 44.56 10.45
CA SER D 125 -7.23 43.65 10.13
C SER D 125 -7.62 42.86 11.35
N ALA D 126 -6.65 42.33 12.08
CA ALA D 126 -6.89 41.59 13.31
C ALA D 126 -5.77 41.88 14.28
N CYS D 127 -6.14 42.08 15.55
CA CYS D 127 -5.19 42.36 16.62
C CYS D 127 -5.70 41.73 17.90
N ASN D 128 -4.80 41.06 18.63
CA ASN D 128 -5.20 40.42 19.87
C ASN D 128 -5.55 41.43 20.96
N ASP D 129 -4.71 42.45 21.14
CA ASP D 129 -4.91 43.44 22.19
C ASP D 129 -5.52 44.71 21.62
N ALA D 130 -6.52 45.25 22.33
CA ALA D 130 -7.14 46.50 21.89
C ALA D 130 -6.25 47.69 22.19
N ALA D 131 -5.56 47.69 23.35
CA ALA D 131 -4.71 48.81 23.72
C ALA D 131 -3.62 49.02 22.68
N TYR D 132 -3.00 47.94 22.23
CA TYR D 132 -1.92 48.04 21.25
C TYR D 132 -2.44 48.65 19.96
N ARG D 133 -3.61 48.20 19.51
CA ARG D 133 -4.18 48.72 18.27
C ARG D 133 -4.44 50.21 18.40
N ASP D 134 -4.99 50.64 19.55
CA ASP D 134 -5.27 52.07 19.74
C ASP D 134 -3.99 52.88 19.73
N LYS D 135 -2.95 52.37 20.40
CA LYS D 135 -1.68 53.08 20.46
C LYS D 135 -1.09 53.21 19.06
N LEU D 136 -1.19 52.12 18.28
CA LEU D 136 -0.67 52.12 16.92
C LEU D 136 -1.41 53.14 16.08
N LEU D 137 -2.74 53.17 16.19
CA LEU D 137 -3.52 54.12 15.42
C LEU D 137 -3.14 55.55 15.80
N GLN D 138 -2.91 55.79 17.09
CA GLN D 138 -2.54 57.14 17.52
C GLN D 138 -1.22 57.54 16.90
N THR D 139 -0.23 56.63 16.94
CA THR D 139 1.08 56.95 16.37
C THR D 139 0.95 57.21 14.88
N VAL D 140 0.12 56.41 14.20
CA VAL D 140 -0.07 56.58 12.77
C VAL D 140 -0.70 57.93 12.48
N ALA D 141 -1.72 58.30 13.26
CA ALA D 141 -2.39 59.59 13.06
C ALA D 141 -1.40 60.72 13.28
N THR D 142 -0.54 60.58 14.28
CA THR D 142 0.44 61.64 14.55
C THR D 142 1.36 61.79 13.34
N TYR D 143 1.83 60.66 12.81
CA TYR D 143 2.72 60.71 11.65
C TYR D 143 2.01 61.34 10.47
N VAL D 144 0.75 60.95 10.23
CA VAL D 144 0.00 61.49 9.10
C VAL D 144 -0.17 63.00 9.25
N ASN D 145 -0.49 63.45 10.46
CA ASN D 145 -0.69 64.87 10.69
C ASN D 145 0.59 65.63 10.42
N ASP D 146 1.72 65.10 10.91
CA ASP D 146 2.99 65.80 10.72
C ASP D 146 3.34 65.89 9.25
N GLN D 147 3.29 64.77 8.55
CA GLN D 147 3.59 64.71 7.13
C GLN D 147 2.78 63.63 6.46
N GLY D 148 2.34 63.90 5.24
CA GLY D 148 1.51 63.00 4.48
C GLY D 148 2.34 61.96 3.76
N PHE D 149 1.64 61.05 3.08
CA PHE D 149 2.34 59.99 2.37
C PHE D 149 2.98 60.47 1.08
N ALA D 150 3.00 61.79 0.82
CA ALA D 150 3.50 62.28 -0.45
C ALA D 150 4.87 61.71 -0.79
N GLU D 151 5.73 61.51 0.21
CA GLU D 151 7.05 60.96 -0.08
C GLU D 151 6.94 59.54 -0.62
N LEU D 152 6.19 58.68 0.08
CA LEU D 152 6.04 57.31 -0.39
C LEU D 152 5.31 57.29 -1.72
N ALA D 153 4.29 58.12 -1.88
CA ALA D 153 3.54 58.13 -3.12
C ALA D 153 4.43 58.55 -4.29
N ARG D 154 5.30 59.53 -4.07
CA ARG D 154 6.18 59.98 -5.14
C ARG D 154 7.17 58.86 -5.49
N ARG D 155 7.66 58.16 -4.48
CA ARG D 155 8.59 57.07 -4.75
C ARG D 155 7.87 56.00 -5.57
N TYR D 156 6.64 55.66 -5.17
CA TYR D 156 5.87 54.66 -5.90
C TYR D 156 5.63 55.12 -7.32
N ALA D 157 5.39 56.43 -7.48
CA ALA D 157 5.12 57.02 -8.79
C ALA D 157 6.30 56.79 -9.70
N HIS D 158 7.51 56.95 -9.18
CA HIS D 158 8.68 56.74 -10.03
C HIS D 158 8.72 55.30 -10.53
N ASN D 159 8.48 54.34 -9.63
CA ASN D 159 8.51 52.95 -10.05
C ASN D 159 7.44 52.70 -11.12
N LEU D 160 6.26 53.29 -10.94
CA LEU D 160 5.20 53.08 -11.93
C LEU D 160 5.57 53.72 -13.26
N ALA D 161 6.18 54.90 -13.24
CA ALA D 161 6.53 55.56 -14.49
C ALA D 161 7.57 54.75 -15.23
N ASN D 162 8.64 54.36 -14.55
CA ASN D 162 9.68 53.60 -15.20
C ASN D 162 9.20 52.17 -15.35
N ALA D 163 10.02 51.33 -15.96
CA ALA D 163 9.65 49.94 -16.19
C ALA D 163 10.22 48.99 -15.15
N ARG D 164 10.53 49.45 -13.94
CA ARG D 164 11.13 48.53 -12.98
C ARG D 164 10.25 47.31 -12.77
N PHE D 165 8.94 47.39 -13.03
CA PHE D 165 8.16 46.18 -12.82
C PHE D 165 8.71 45.10 -13.73
N LEU D 166 9.09 45.49 -14.94
CA LEU D 166 9.72 44.55 -15.85
C LEU D 166 11.11 44.30 -15.29
N TRP D 167 11.54 43.05 -15.24
CA TRP D 167 12.86 42.73 -14.70
C TRP D 167 13.94 42.56 -15.77
N ARG D 168 13.70 41.72 -16.77
CA ARG D 168 14.70 41.47 -17.80
C ARG D 168 14.28 41.97 -19.17
N ASN D 169 12.98 42.16 -19.39
CA ASN D 169 12.50 42.61 -20.69
C ASN D 169 12.99 44.02 -20.97
N ARG D 170 13.13 44.83 -19.92
CA ARG D 170 13.60 46.20 -20.08
C ARG D 170 15.03 46.22 -20.60
N VAL D 171 15.88 45.33 -20.07
CA VAL D 171 17.30 45.32 -20.44
C VAL D 171 17.44 45.19 -21.95
N GLY D 172 18.27 46.05 -22.52
CA GLY D 172 18.53 46.11 -23.94
C GLY D 172 17.32 46.56 -24.74
N ALA D 173 16.77 47.70 -24.36
CA ALA D 173 15.64 48.30 -25.05
C ALA D 173 16.02 49.68 -25.57
N GLU D 174 15.54 50.01 -26.77
CA GLU D 174 15.85 51.31 -27.35
C GLU D 174 15.01 52.41 -26.68
N ALA D 175 13.69 52.23 -26.67
CA ALA D 175 12.78 53.21 -26.10
C ALA D 175 11.63 52.48 -25.43
N VAL D 176 11.38 52.80 -24.16
CA VAL D 176 10.28 52.24 -23.39
C VAL D 176 9.31 53.37 -23.09
N GLU D 177 8.04 53.18 -23.46
CA GLU D 177 7.00 54.18 -23.25
C GLU D 177 5.88 53.57 -22.42
N VAL D 178 5.62 54.18 -21.28
CA VAL D 178 4.59 53.76 -20.33
C VAL D 178 3.41 54.72 -20.38
N ARG D 179 2.20 54.18 -20.32
CA ARG D 179 0.97 54.98 -20.32
C ARG D 179 0.16 54.54 -19.11
N ILE D 180 0.01 55.45 -18.14
CA ILE D 180 -0.74 55.20 -16.92
C ILE D 180 -2.03 56.01 -16.97
N ASN D 181 -3.16 55.34 -17.11
CA ASN D 181 -4.45 55.99 -17.14
C ASN D 181 -5.11 55.94 -15.76
N HIS D 182 -6.21 56.65 -15.62
CA HIS D 182 -7.01 56.67 -14.39
C HIS D 182 -8.46 56.40 -14.78
N ILE D 183 -9.02 55.32 -14.24
CA ILE D 183 -10.39 54.91 -14.53
C ILE D 183 -11.32 55.32 -13.39
N ARG D 184 -12.30 56.16 -13.71
CA ARG D 184 -13.30 56.62 -12.76
C ARG D 184 -14.66 56.20 -13.30
N GLN D 185 -15.40 55.42 -12.50
CA GLN D 185 -16.73 54.95 -12.88
C GLN D 185 -16.71 54.33 -14.28
N GLY D 186 -15.57 53.76 -14.66
CA GLY D 186 -15.41 53.10 -15.94
C GLY D 186 -14.86 53.95 -17.08
N GLU D 187 -14.71 55.25 -16.88
CA GLU D 187 -14.18 56.11 -17.94
C GLU D 187 -12.84 56.71 -17.55
N VAL D 188 -12.03 56.96 -18.58
CA VAL D 188 -10.71 57.55 -18.40
C VAL D 188 -10.82 58.99 -17.94
N ALA D 189 -10.23 59.30 -16.78
CA ALA D 189 -10.29 60.66 -16.24
C ALA D 189 -9.07 61.47 -16.71
N ARG D 190 -7.87 60.98 -16.45
CA ARG D 190 -6.64 61.66 -16.82
C ARG D 190 -5.57 60.65 -17.23
N ALA D 191 -4.98 60.87 -18.40
CA ALA D 191 -3.93 60.01 -18.90
C ALA D 191 -2.56 60.63 -18.66
N TRP D 192 -1.53 59.79 -18.70
CA TRP D 192 -0.15 60.21 -18.56
C TRP D 192 0.74 59.32 -19.40
N ARG D 193 1.77 59.91 -19.99
CA ARG D 193 2.73 59.20 -20.83
C ARG D 193 4.13 59.61 -20.39
N PHE D 194 4.95 58.62 -20.03
CA PHE D 194 6.30 58.87 -19.56
C PHE D 194 7.35 58.08 -20.32
N ASP D 195 8.62 58.28 -19.95
CA ASP D 195 9.75 57.58 -20.54
C ASP D 195 10.57 57.01 -19.39
N ALA D 196 10.72 55.69 -19.38
CA ALA D 196 11.48 55.03 -18.32
C ALA D 196 12.96 55.39 -18.40
N LEU D 197 13.52 55.45 -19.61
CA LEU D 197 14.94 55.75 -19.75
C LEU D 197 15.26 57.15 -19.25
N ALA D 198 14.45 58.14 -19.63
CA ALA D 198 14.74 59.50 -19.21
C ALA D 198 14.69 59.61 -17.70
N ILE D 199 13.73 58.93 -17.06
CA ILE D 199 13.62 59.00 -15.61
C ILE D 199 14.76 58.19 -15.01
N GLY D 200 15.43 58.76 -14.02
CA GLY D 200 16.54 58.05 -13.43
C GLY D 200 16.08 56.81 -12.69
N LEU D 201 16.83 55.72 -12.86
CA LEU D 201 16.51 54.49 -12.16
C LEU D 201 16.87 54.56 -10.68
N ARG D 202 18.04 55.11 -10.35
CA ARG D 202 18.49 55.16 -8.97
C ARG D 202 18.25 56.51 -8.32
N ASP D 203 17.73 57.48 -9.06
CA ASP D 203 17.48 58.81 -8.54
C ASP D 203 16.03 59.19 -8.79
N PHE D 204 15.39 59.80 -7.81
CA PHE D 204 14.01 60.24 -7.92
C PHE D 204 14.01 61.76 -8.04
N LYS D 205 13.47 62.25 -9.15
CA LYS D 205 13.39 63.68 -9.42
C LYS D 205 11.92 64.11 -9.50
N ALA D 206 11.69 65.37 -9.18
CA ALA D 206 10.33 65.92 -9.16
C ALA D 206 9.90 66.40 -10.54
N ASP D 207 8.62 66.21 -10.82
CA ASP D 207 7.99 66.66 -12.06
C ASP D 207 6.53 66.94 -11.76
N ALA D 208 5.93 67.85 -12.51
CA ALA D 208 4.53 68.18 -12.25
C ALA D 208 3.64 66.94 -12.39
N GLU D 209 3.82 66.18 -13.46
CA GLU D 209 3.00 64.98 -13.64
C GLU D 209 3.29 63.97 -12.53
N LEU D 210 4.57 63.78 -12.21
CA LEU D 210 4.93 62.84 -11.17
C LEU D 210 4.33 63.27 -9.84
N ASP D 211 4.39 64.57 -9.54
CA ASP D 211 3.84 65.06 -8.29
C ASP D 211 2.34 64.84 -8.24
N ALA D 212 1.65 65.09 -9.37
CA ALA D 212 0.20 64.88 -9.40
C ALA D 212 -0.13 63.42 -9.14
N LEU D 213 0.62 62.52 -9.77
CA LEU D 213 0.36 61.09 -9.58
C LEU D 213 0.62 60.71 -8.13
N ALA D 214 1.69 61.25 -7.55
CA ALA D 214 2.01 60.94 -6.16
C ALA D 214 0.90 61.44 -5.25
N GLU D 215 0.37 62.62 -5.55
CA GLU D 215 -0.71 63.16 -4.72
C GLU D 215 -1.92 62.26 -4.82
N LEU D 216 -2.25 61.79 -6.02
CA LEU D 216 -3.41 60.91 -6.18
C LEU D 216 -3.22 59.64 -5.36
N ILE D 217 -2.02 59.07 -5.42
CA ILE D 217 -1.77 57.83 -4.67
C ILE D 217 -1.85 58.10 -3.17
N ALA D 218 -1.27 59.21 -2.73
CA ALA D 218 -1.31 59.55 -1.30
C ALA D 218 -2.74 59.72 -0.85
N SER D 219 -3.57 60.37 -1.68
CA SER D 219 -4.95 60.58 -1.31
C SER D 219 -5.65 59.24 -1.17
N GLY D 220 -5.45 58.36 -2.16
CA GLY D 220 -6.08 57.06 -2.10
C GLY D 220 -5.69 56.31 -0.84
N LEU D 221 -4.41 56.32 -0.50
CA LEU D 221 -3.96 55.61 0.70
C LEU D 221 -4.59 56.20 1.95
N SER D 222 -4.67 57.53 2.02
CA SER D 222 -5.28 58.19 3.18
C SER D 222 -6.78 57.93 3.24
N GLY D 223 -7.38 57.47 2.14
CA GLY D 223 -8.79 57.18 2.10
C GLY D 223 -9.64 58.35 1.67
N SER D 224 -9.11 59.18 0.78
CA SER D 224 -9.85 60.33 0.24
C SER D 224 -10.77 59.96 -0.91
N GLY D 225 -10.66 58.75 -1.44
CA GLY D 225 -11.57 58.30 -2.47
C GLY D 225 -11.05 57.09 -3.20
N HIS D 226 -11.91 56.55 -4.05
CA HIS D 226 -11.56 55.38 -4.85
C HIS D 226 -10.44 55.69 -5.83
N VAL D 227 -9.52 54.75 -5.97
CA VAL D 227 -8.40 54.88 -6.89
C VAL D 227 -8.21 53.60 -7.69
N LEU D 228 -8.20 53.73 -9.01
CA LEU D 228 -7.96 52.62 -9.92
C LEU D 228 -6.96 53.09 -10.96
N LEU D 229 -5.86 52.35 -11.14
CA LEU D 229 -4.82 52.70 -12.10
C LEU D 229 -4.55 51.59 -13.09
N GLU D 230 -4.73 51.88 -14.39
CA GLU D 230 -4.46 50.94 -15.46
C GLU D 230 -3.07 51.25 -16.01
N VAL D 231 -2.13 50.32 -15.83
CA VAL D 231 -0.76 50.49 -16.28
C VAL D 231 -0.54 49.75 -17.59
N VAL D 232 0.02 50.45 -18.58
CA VAL D 232 0.33 49.87 -19.88
C VAL D 232 1.75 50.29 -20.27
N ALA D 233 2.61 49.31 -20.52
CA ALA D 233 3.99 49.56 -20.91
C ALA D 233 4.27 49.08 -22.33
N PHE D 234 5.13 49.81 -23.05
CA PHE D 234 5.55 49.42 -24.39
C PHE D 234 7.07 49.48 -24.47
N ALA D 235 7.72 48.32 -24.64
CA ALA D 235 9.18 48.25 -24.72
C ALA D 235 9.61 47.71 -26.07
N ARG D 236 10.55 48.40 -26.73
CA ARG D 236 11.10 47.97 -28.01
C ARG D 236 12.24 47.00 -27.77
N ILE D 237 12.08 45.74 -28.18
CA ILE D 237 13.13 44.75 -27.99
C ILE D 237 13.72 44.35 -29.33
N GLY D 238 12.88 43.86 -30.21
CA GLY D 238 13.33 43.43 -31.52
C GLY D 238 12.44 42.34 -32.06
N ASP D 239 12.58 42.08 -33.36
CA ASP D 239 11.78 41.06 -34.00
C ASP D 239 12.18 39.69 -33.50
N GLY D 240 11.20 38.92 -33.04
CA GLY D 240 11.41 37.55 -32.64
C GLY D 240 12.23 37.44 -31.37
N GLN D 241 12.38 38.54 -30.64
CA GLN D 241 13.18 38.52 -29.43
C GLN D 241 12.51 37.62 -28.40
N GLU D 242 13.23 37.30 -27.33
CA GLU D 242 12.71 36.43 -26.28
C GLU D 242 12.42 37.21 -25.00
N VAL D 243 11.14 37.20 -24.61
CA VAL D 243 10.71 37.83 -23.38
C VAL D 243 11.02 36.90 -22.20
N PHE D 244 10.98 37.45 -20.99
CA PHE D 244 11.28 36.68 -19.79
C PHE D 244 10.13 36.78 -18.79
N PRO D 245 9.08 36.00 -19.00
CA PRO D 245 7.98 35.96 -18.02
C PRO D 245 8.43 35.24 -16.76
N SER D 246 7.52 35.18 -15.79
CA SER D 246 7.82 34.54 -14.52
C SER D 246 7.73 33.02 -14.63
N GLN D 247 8.84 32.34 -14.30
CA GLN D 247 8.89 30.89 -14.34
C GLN D 247 8.05 30.28 -13.22
N GLU D 248 7.34 29.21 -13.53
CA GLU D 248 6.53 28.51 -12.55
C GLU D 248 7.35 27.37 -11.98
N LEU D 249 6.79 26.72 -10.96
CA LEU D 249 7.46 25.60 -10.32
C LEU D 249 7.20 24.34 -11.12
N ILE D 250 8.23 23.49 -11.26
CA ILE D 250 8.10 22.32 -12.13
C ILE D 250 7.11 21.32 -11.55
N LEU D 251 6.96 21.33 -10.23
CA LEU D 251 6.11 20.38 -9.49
C LEU D 251 6.90 19.13 -9.14
N GLY D 258 7.27 15.07 -19.74
CA GLY D 258 8.02 15.48 -20.92
C GLY D 258 9.41 15.99 -20.59
N GLN D 259 10.00 15.42 -19.54
CA GLN D 259 11.32 15.84 -19.06
C GLN D 259 11.47 17.35 -19.12
N LYS D 260 10.48 18.06 -18.60
CA LYS D 260 10.44 19.52 -18.61
C LYS D 260 11.19 20.03 -17.39
N SER D 261 11.85 21.18 -17.54
CA SER D 261 12.56 21.79 -16.42
C SER D 261 12.08 23.21 -16.12
N LYS D 262 11.41 23.84 -17.09
CA LYS D 262 11.03 25.25 -16.97
C LYS D 262 9.65 25.45 -17.58
N THR D 263 8.71 25.91 -16.76
CA THR D 263 7.34 26.16 -17.17
C THR D 263 7.02 27.63 -16.93
N LEU D 264 6.63 28.35 -17.99
CA LEU D 264 6.30 29.75 -17.88
C LEU D 264 4.84 29.94 -17.52
N TYR D 265 4.58 30.88 -16.62
CA TYR D 265 3.22 31.15 -16.18
C TYR D 265 2.40 31.72 -17.32
N SER D 266 1.27 31.09 -17.61
CA SER D 266 0.40 31.52 -18.68
C SER D 266 -1.05 31.37 -18.25
N VAL D 267 -1.85 32.40 -18.54
CA VAL D 267 -3.28 32.42 -18.23
C VAL D 267 -4.05 32.71 -19.51
N ARG D 268 -5.13 31.96 -19.72
CA ARG D 268 -5.99 32.15 -20.88
C ARG D 268 -5.19 32.19 -22.17
N ASP D 269 -4.26 31.25 -22.29
CA ASP D 269 -3.39 31.13 -23.48
C ASP D 269 -2.60 32.40 -23.74
N ALA D 270 -2.21 33.08 -22.66
CA ALA D 270 -1.40 34.30 -22.77
C ALA D 270 -0.37 34.29 -21.65
N ALA D 271 0.85 34.69 -21.98
CA ALA D 271 1.92 34.75 -21.00
C ALA D 271 1.69 35.91 -20.03
N ALA D 272 2.22 35.78 -18.82
CA ALA D 272 2.07 36.85 -17.85
C ALA D 272 3.16 36.77 -16.80
N ILE D 273 3.14 37.74 -15.89
CA ILE D 273 4.09 37.85 -14.80
C ILE D 273 3.31 37.83 -13.49
N HIS D 274 3.89 37.20 -12.46
CA HIS D 274 3.20 37.10 -11.18
C HIS D 274 2.93 38.47 -10.57
N SER D 275 1.83 38.54 -9.83
CA SER D 275 1.43 39.76 -9.15
C SER D 275 2.50 40.22 -8.16
N GLN D 276 3.02 39.30 -7.34
CA GLN D 276 4.03 39.67 -6.35
C GLN D 276 5.33 40.12 -7.00
N LYS D 277 5.71 39.52 -8.12
CA LYS D 277 6.96 39.94 -8.77
C LYS D 277 6.84 41.38 -9.24
N ILE D 278 5.62 41.82 -9.53
CA ILE D 278 5.36 43.20 -9.92
C ILE D 278 5.33 44.08 -8.67
N GLY D 279 4.69 43.59 -7.62
CA GLY D 279 4.55 44.33 -6.38
C GLY D 279 5.89 44.56 -5.70
N ASN D 280 6.87 43.72 -5.99
CA ASN D 280 8.21 43.90 -5.43
C ASN D 280 8.84 45.15 -6.03
N ALA D 281 8.74 45.27 -7.35
CA ALA D 281 9.28 46.45 -8.02
C ALA D 281 8.53 47.68 -7.57
N LEU D 282 7.20 47.57 -7.46
CA LEU D 282 6.40 48.72 -7.02
C LEU D 282 6.74 49.15 -5.61
N ARG D 283 7.45 48.34 -4.84
CA ARG D 283 7.82 48.67 -3.47
C ARG D 283 9.32 48.92 -3.31
N THR D 284 10.03 49.08 -4.42
CA THR D 284 11.46 49.37 -4.39
C THR D 284 11.67 50.87 -4.14
N ILE D 285 11.37 51.29 -2.92
CA ILE D 285 11.49 52.68 -2.51
C ILE D 285 12.63 52.87 -1.51
N ASP D 286 12.74 51.96 -0.54
CA ASP D 286 13.72 52.11 0.53
C ASP D 286 15.15 52.30 0.04
N THR D 287 15.77 53.43 0.39
CA THR D 287 17.16 53.71 0.04
C THR D 287 17.97 54.17 1.23
N TRP D 288 17.39 54.18 2.42
CA TRP D 288 18.02 54.65 3.65
C TRP D 288 18.71 53.56 4.46
N TYR D 289 19.10 52.44 3.87
CA TYR D 289 19.70 51.39 4.68
C TYR D 289 20.95 51.92 5.39
N PRO D 290 21.35 51.28 6.49
CA PRO D 290 22.51 51.78 7.26
C PRO D 290 23.77 51.93 6.44
N ASP D 291 23.88 51.19 5.34
CA ASP D 291 25.07 51.25 4.50
C ASP D 291 25.22 52.62 3.88
N GLU D 292 26.35 52.81 3.19
CA GLU D 292 26.70 54.08 2.56
C GLU D 292 26.03 54.24 1.20
N ASP D 293 25.05 53.41 0.89
CA ASP D 293 24.30 53.51 -0.36
C ASP D 293 25.19 53.17 -1.55
N GLY D 294 26.03 52.16 -1.38
CA GLY D 294 26.88 51.74 -2.47
C GLY D 294 26.11 51.04 -3.57
N LEU D 295 24.96 50.45 -3.24
CA LEU D 295 24.13 49.76 -4.20
C LEU D 295 22.88 50.61 -4.48
N GLY D 296 21.99 50.05 -5.29
CA GLY D 296 20.75 50.72 -5.62
C GLY D 296 19.66 50.54 -4.58
N PRO D 297 18.43 50.91 -4.95
CA PRO D 297 17.31 50.80 -4.02
C PRO D 297 17.04 49.35 -3.65
N ILE D 298 16.54 49.14 -2.44
CA ILE D 298 16.24 47.82 -1.91
C ILE D 298 14.75 47.75 -1.59
N ALA D 299 14.11 46.67 -2.04
CA ALA D 299 12.68 46.50 -1.84
C ALA D 299 12.37 46.38 -0.36
N VAL D 300 11.24 46.97 0.05
CA VAL D 300 10.85 46.88 1.45
C VAL D 300 10.55 45.44 1.84
N GLU D 301 11.30 44.94 2.81
CA GLU D 301 11.11 43.62 3.37
C GLU D 301 11.55 43.69 4.82
N PRO D 302 10.99 42.87 5.69
CA PRO D 302 11.53 42.83 7.05
C PRO D 302 12.97 42.41 6.97
N TYR D 303 13.83 43.03 7.77
CA TYR D 303 15.25 42.73 7.80
C TYR D 303 15.94 43.06 6.48
N GLY D 304 15.30 43.83 5.61
CA GLY D 304 15.90 44.27 4.36
C GLY D 304 16.55 43.16 3.55
N SER D 305 15.90 42.00 3.50
CA SER D 305 16.42 40.85 2.77
C SER D 305 16.37 41.06 1.26
N VAL D 306 17.37 40.52 0.58
CA VAL D 306 17.46 40.56 -0.88
C VAL D 306 17.80 39.16 -1.37
N THR D 307 16.97 38.62 -2.25
CA THR D 307 17.18 37.27 -2.78
C THR D 307 18.35 37.19 -3.76
N SER D 308 18.40 38.08 -4.74
CA SER D 308 19.44 38.02 -5.76
C SER D 308 20.83 38.21 -5.14
N GLN D 309 21.00 39.28 -4.36
CA GLN D 309 22.31 39.52 -3.76
C GLN D 309 22.66 38.43 -2.76
N GLY D 310 21.66 37.79 -2.16
CA GLY D 310 21.91 36.74 -1.21
C GLY D 310 22.36 37.21 0.16
N LYS D 311 22.30 38.51 0.41
CA LYS D 311 22.69 39.08 1.68
C LYS D 311 21.46 39.75 2.27
N ALA D 312 21.56 40.16 3.53
CA ALA D 312 20.43 40.81 4.20
C ALA D 312 20.90 42.12 4.81
N TYR D 313 20.51 43.23 4.18
CA TYR D 313 20.84 44.52 4.76
C TYR D 313 19.91 44.78 5.93
N ARG D 314 20.27 45.76 6.76
CA ARG D 314 19.45 46.10 7.90
C ARG D 314 19.32 44.91 8.84
N GLN D 315 20.44 44.29 9.17
CA GLN D 315 20.44 43.11 10.03
C GLN D 315 19.78 43.40 11.38
N PRO D 316 19.29 42.36 12.06
CA PRO D 316 18.62 42.59 13.36
C PRO D 316 19.57 43.09 14.43
N LYS D 317 20.87 42.86 14.29
CA LYS D 317 21.79 43.33 15.32
C LYS D 317 21.73 44.83 15.39
N GLN D 318 21.54 45.49 14.25
CA GLN D 318 21.44 46.93 14.22
C GLN D 318 20.06 47.31 14.76
N LYS D 319 19.86 48.60 15.01
CA LYS D 319 18.59 49.07 15.54
C LYS D 319 17.59 49.52 14.49
N LEU D 320 17.96 49.52 13.21
CA LEU D 320 17.05 49.99 12.17
C LEU D 320 16.01 48.94 11.77
N ASP D 321 16.12 47.72 12.30
CA ASP D 321 15.17 46.66 11.96
C ASP D 321 13.74 47.11 12.20
N PHE D 322 12.83 46.67 11.34
CA PHE D 322 11.42 47.03 11.43
C PHE D 322 10.82 46.63 12.78
N TYR D 323 11.04 45.39 13.20
CA TYR D 323 10.46 44.93 14.47
C TYR D 323 10.94 45.81 15.62
N THR D 324 12.24 46.07 15.68
CA THR D 324 12.78 46.88 16.76
C THR D 324 12.18 48.28 16.71
N LEU D 325 12.13 48.86 15.51
CA LEU D 325 11.63 50.22 15.36
C LEU D 325 10.18 50.30 15.83
N LEU D 326 9.36 49.34 15.43
CA LEU D 326 7.95 49.39 15.82
C LEU D 326 7.79 49.20 17.32
N ASP D 327 8.54 48.26 17.90
CA ASP D 327 8.42 48.03 19.33
C ASP D 327 8.80 49.28 20.10
N ASN D 328 9.89 49.94 19.67
CA ASN D 328 10.36 51.12 20.38
C ASN D 328 9.38 52.28 20.18
N TRP D 329 8.95 52.52 18.94
CA TRP D 329 8.09 53.65 18.63
C TRP D 329 6.68 53.50 19.16
N VAL D 330 6.26 52.30 19.57
CA VAL D 330 4.93 52.14 20.12
C VAL D 330 4.97 52.10 21.63
N LEU D 331 5.71 51.10 22.13
CA LEU D 331 5.84 50.86 23.56
C LEU D 331 6.68 51.92 24.27
N ARG D 332 7.87 52.19 23.73
CA ARG D 332 8.82 53.11 24.36
C ARG D 332 8.71 54.54 23.88
N ASP D 333 7.85 54.81 22.90
CA ASP D 333 7.63 56.16 22.38
C ASP D 333 8.89 56.80 21.82
N GLU D 334 9.81 56.00 21.29
CA GLU D 334 11.06 56.53 20.72
C GLU D 334 10.78 56.82 19.25
N ALA D 335 10.74 58.11 18.88
CA ALA D 335 10.50 58.43 17.49
C ALA D 335 11.78 58.28 16.68
N PRO D 336 11.84 57.35 15.73
CA PRO D 336 13.06 57.23 14.93
C PRO D 336 13.14 58.29 13.85
N ALA D 337 14.22 58.28 13.08
CA ALA D 337 14.41 59.27 12.03
C ALA D 337 13.23 59.24 11.05
N VAL D 338 13.01 60.37 10.38
CA VAL D 338 11.91 60.49 9.42
C VAL D 338 11.99 59.35 8.40
N GLU D 339 13.21 59.00 8.00
CA GLU D 339 13.41 57.94 7.02
C GLU D 339 12.87 56.62 7.57
N GLN D 340 13.21 56.31 8.82
CA GLN D 340 12.73 55.07 9.42
C GLN D 340 11.22 55.08 9.51
N GLN D 341 10.62 56.23 9.82
CA GLN D 341 9.16 56.28 9.89
C GLN D 341 8.58 55.95 8.51
N HIS D 342 9.21 56.46 7.46
CA HIS D 342 8.72 56.18 6.11
C HIS D 342 8.82 54.69 5.83
N TYR D 343 9.95 54.09 6.22
CA TYR D 343 10.16 52.67 6.00
C TYR D 343 9.11 51.86 6.74
N VAL D 344 8.77 52.27 7.96
CA VAL D 344 7.79 51.55 8.75
C VAL D 344 6.42 51.63 8.09
N ILE D 345 6.08 52.81 7.56
CA ILE D 345 4.79 52.95 6.89
C ILE D 345 4.76 52.07 5.65
N ALA D 346 5.89 51.99 4.95
CA ALA D 346 5.93 51.15 3.75
C ALA D 346 5.72 49.69 4.14
N ASN D 347 6.33 49.28 5.24
CA ASN D 347 6.18 47.90 5.68
C ASN D 347 4.72 47.61 6.02
N LEU D 348 4.08 48.55 6.72
CA LEU D 348 2.68 48.34 7.07
C LEU D 348 1.83 48.25 5.82
N ILE D 349 2.16 49.06 4.81
CA ILE D 349 1.41 49.02 3.56
C ILE D 349 1.57 47.65 2.91
N ARG D 350 2.79 47.12 2.93
CA ARG D 350 3.05 45.81 2.35
C ARG D 350 2.27 44.72 3.06
N GLY D 351 2.13 44.82 4.38
CA GLY D 351 1.38 43.86 5.14
C GLY D 351 2.24 42.67 5.48
N GLY D 352 1.71 41.83 6.36
CA GLY D 352 2.45 40.64 6.74
C GLY D 352 1.89 40.02 8.01
N VAL D 353 2.73 39.20 8.63
CA VAL D 353 2.43 38.53 9.88
C VAL D 353 3.45 38.99 10.89
N PHE D 354 2.99 39.50 12.02
CA PHE D 354 3.92 39.95 13.06
C PHE D 354 3.60 39.24 14.36
N GLY D 355 4.27 39.62 15.44
CA GLY D 355 4.00 39.00 16.72
C GLY D 355 4.66 37.65 16.84
N GLU D 356 3.86 36.62 17.08
CA GLU D 356 4.37 35.27 17.26
C GLU D 356 3.55 34.27 16.45
N ILE E 23 -38.23 22.66 39.94
CA ILE E 23 -37.10 23.56 39.85
C ILE E 23 -36.72 23.79 38.39
N LEU E 24 -37.16 22.87 37.52
CA LEU E 24 -37.06 23.03 36.08
C LEU E 24 -35.61 23.06 35.62
N SER E 25 -34.84 22.05 36.00
CA SER E 25 -33.44 22.06 35.59
C SER E 25 -33.36 22.04 34.07
N THR E 26 -32.34 22.71 33.52
CA THR E 26 -32.20 22.75 32.08
C THR E 26 -31.97 21.34 31.54
N ALA E 27 -32.62 21.05 30.41
CA ALA E 27 -32.49 19.73 29.82
C ALA E 27 -31.06 19.47 29.38
N SER E 28 -30.56 18.29 29.71
CA SER E 28 -29.17 17.96 29.37
C SER E 28 -28.93 17.97 27.87
N VAL E 29 -29.97 17.74 27.08
CA VAL E 29 -29.86 17.71 25.63
C VAL E 29 -30.79 18.75 25.04
N LEU E 30 -30.22 19.74 24.37
CA LEU E 30 -31.00 20.80 23.74
C LEU E 30 -30.40 21.11 22.39
N ALA E 31 -31.26 21.16 21.38
CA ALA E 31 -30.84 21.46 20.03
C ALA E 31 -31.91 22.30 19.35
N PHE E 32 -31.47 23.26 18.54
CA PHE E 32 -32.36 24.15 17.81
C PHE E 32 -31.92 24.21 16.36
N GLU E 33 -32.80 23.78 15.45
CA GLU E 33 -32.47 23.79 14.04
C GLU E 33 -32.23 25.21 13.58
N ARG E 34 -31.21 25.40 12.75
CA ARG E 34 -30.87 26.73 12.29
C ARG E 34 -31.94 27.27 11.34
N LYS E 35 -32.09 28.59 11.37
CA LYS E 35 -33.01 29.29 10.51
C LYS E 35 -32.15 30.22 9.68
N LEU E 36 -32.70 30.75 8.58
CA LEU E 36 -31.90 31.59 7.70
C LEU E 36 -30.67 30.82 7.23
N ASP E 37 -30.92 29.67 6.62
CA ASP E 37 -29.83 28.83 6.13
C ASP E 37 -29.56 29.14 4.67
N PRO E 38 -28.47 29.81 4.34
CA PRO E 38 -28.16 30.05 2.93
C PRO E 38 -27.48 28.88 2.26
N SER E 39 -27.23 29.02 0.97
CA SER E 39 -26.56 28.02 0.17
C SER E 39 -25.17 28.55 -0.17
N ASP E 40 -24.44 27.76 -0.96
CA ASP E 40 -23.11 28.21 -1.31
C ASP E 40 -23.25 29.44 -2.19
N ALA E 41 -22.23 30.27 -2.22
CA ALA E 41 -22.26 31.48 -3.02
C ALA E 41 -21.29 31.33 -4.18
N LEU E 42 -21.83 31.14 -5.37
CA LEU E 42 -21.05 31.03 -6.58
C LEU E 42 -20.61 32.42 -7.04
N MET E 43 -19.52 32.45 -7.81
CA MET E 43 -19.01 33.71 -8.33
C MET E 43 -18.79 33.63 -9.83
N SER E 44 -18.86 34.79 -10.46
CA SER E 44 -18.70 34.93 -11.90
C SER E 44 -18.25 36.37 -12.18
N ALA E 45 -17.99 36.65 -13.44
CA ALA E 45 -17.56 37.98 -13.86
C ALA E 45 -18.37 38.49 -15.04
N GLY E 46 -18.33 39.81 -15.20
CA GLY E 46 -19.06 40.46 -16.27
C GLY E 46 -18.78 41.95 -16.26
N ALA E 47 -19.46 42.67 -17.15
CA ALA E 47 -19.33 44.12 -17.25
C ALA E 47 -20.41 44.83 -16.45
N TRP E 48 -20.01 45.88 -15.73
CA TRP E 48 -20.96 46.63 -14.93
C TRP E 48 -22.11 47.16 -15.77
N ALA E 49 -21.86 47.49 -17.04
CA ALA E 49 -22.93 47.98 -17.91
C ALA E 49 -23.98 46.91 -18.12
N GLN E 50 -23.54 45.69 -18.42
CA GLN E 50 -24.44 44.58 -18.69
C GLN E 50 -25.13 44.07 -17.43
N ARG E 51 -24.87 44.72 -16.29
CA ARG E 51 -25.38 44.30 -15.00
C ARG E 51 -26.87 43.95 -15.04
N ASP E 52 -27.67 44.71 -15.78
CA ASP E 52 -29.10 44.44 -15.81
C ASP E 52 -29.38 43.02 -16.27
N ALA E 53 -28.63 42.51 -17.24
CA ALA E 53 -28.78 41.15 -17.73
C ALA E 53 -27.52 40.39 -17.33
N SER E 54 -27.61 39.60 -16.27
CA SER E 54 -26.48 38.82 -15.76
C SER E 54 -26.89 37.37 -15.65
N GLN E 55 -26.72 36.65 -16.75
CA GLN E 55 -27.01 35.23 -16.81
C GLN E 55 -26.09 34.66 -17.87
N GLU E 56 -25.61 33.43 -17.66
CA GLU E 56 -24.75 32.73 -18.59
C GLU E 56 -23.33 33.30 -18.52
N TRP E 57 -23.02 34.07 -17.48
CA TRP E 57 -21.69 34.63 -17.32
C TRP E 57 -20.71 33.52 -16.93
N PRO E 58 -19.54 33.44 -17.56
CA PRO E 58 -18.61 32.37 -17.20
C PRO E 58 -18.08 32.55 -15.80
N ALA E 59 -17.98 31.44 -15.09
CA ALA E 59 -17.51 31.42 -13.72
C ALA E 59 -16.02 31.69 -13.63
N VAL E 60 -15.60 32.06 -12.42
CA VAL E 60 -14.19 32.30 -12.13
C VAL E 60 -13.57 30.96 -11.77
N THR E 61 -12.57 30.57 -12.54
CA THR E 61 -11.89 29.30 -12.33
C THR E 61 -10.63 29.48 -11.48
N VAL E 62 -10.48 28.60 -10.50
CA VAL E 62 -9.30 28.61 -9.66
C VAL E 62 -8.09 28.20 -10.49
N ARG E 63 -6.94 28.80 -10.19
CA ARG E 63 -5.70 28.46 -10.88
C ARG E 63 -4.56 28.38 -9.87
N GLU E 64 -3.45 27.82 -10.31
CA GLU E 64 -2.26 27.66 -9.49
C GLU E 64 -1.16 28.56 -10.00
N LYS E 65 -0.41 29.16 -9.08
CA LYS E 65 0.73 29.98 -9.42
C LYS E 65 1.85 29.75 -8.41
N SER E 66 3.07 29.65 -8.90
CA SER E 66 4.21 29.44 -8.02
C SER E 66 4.63 30.77 -7.40
N VAL E 67 5.20 30.70 -6.21
CA VAL E 67 5.56 31.89 -5.44
C VAL E 67 6.90 31.63 -4.76
N ARG E 68 7.81 32.58 -4.87
CA ARG E 68 9.07 32.55 -4.15
C ARG E 68 8.96 33.47 -2.95
N GLY E 69 9.08 32.91 -1.76
CA GLY E 69 8.96 33.68 -0.54
C GLY E 69 10.30 34.12 0.01
N THR E 70 10.26 34.54 1.27
CA THR E 70 11.46 34.93 1.99
C THR E 70 11.08 35.12 3.45
N ILE E 71 12.04 35.54 4.26
CA ILE E 71 11.86 35.62 5.71
C ILE E 71 11.29 37.00 6.02
N SER E 72 9.98 37.12 5.94
CA SER E 72 9.26 38.29 6.44
C SER E 72 8.68 38.05 7.82
N ASN E 73 8.91 36.88 8.40
CA ASN E 73 8.36 36.55 9.71
C ASN E 73 9.20 37.18 10.81
N ARG E 74 8.95 36.75 12.04
CA ARG E 74 9.63 37.31 13.19
C ARG E 74 10.58 36.29 13.80
N LEU E 75 11.80 36.72 14.11
CA LEU E 75 12.76 35.87 14.78
C LEU E 75 12.76 36.14 16.28
N LYS E 76 12.83 35.05 17.05
CA LYS E 76 13.06 35.19 18.47
C LYS E 76 14.45 35.75 18.72
N THR E 77 14.63 36.38 19.88
CA THR E 77 15.87 37.11 20.15
C THR E 77 17.06 36.19 20.41
N LYS E 78 16.90 34.88 20.21
CA LYS E 78 18.04 33.97 20.35
C LYS E 78 18.77 33.81 19.02
N ASP E 79 18.08 33.34 17.99
CA ASP E 79 18.68 33.00 16.71
C ASP E 79 18.63 34.23 15.80
N ARG E 80 19.20 35.34 16.27
CA ARG E 80 19.34 36.55 15.49
C ARG E 80 20.70 36.63 14.80
N ASP E 81 21.33 35.52 14.51
CA ASP E 81 22.67 35.52 13.92
C ASP E 81 22.62 35.87 12.45
N PRO E 82 23.25 36.96 12.01
CA PRO E 82 23.20 37.32 10.57
C PRO E 82 23.53 36.16 9.65
N ALA E 83 24.57 35.38 9.95
CA ALA E 83 24.92 34.24 9.10
C ALA E 83 23.72 33.30 8.94
N LYS E 84 22.93 33.15 10.01
CA LYS E 84 21.75 32.30 9.93
C LYS E 84 20.71 32.92 9.00
N LEU E 85 20.57 34.24 9.02
CA LEU E 85 19.67 34.91 8.08
C LEU E 85 20.10 34.65 6.64
N ASP E 86 21.40 34.82 6.37
CA ASP E 86 21.90 34.53 5.03
C ASP E 86 21.59 33.10 4.62
N ALA E 87 21.94 32.13 5.46
CA ALA E 87 21.70 30.73 5.12
C ALA E 87 20.22 30.47 4.90
N SER E 88 19.36 31.07 5.72
CA SER E 88 17.92 30.85 5.57
C SER E 88 17.42 31.40 4.24
N ILE E 89 17.78 32.64 3.93
CA ILE E 89 17.41 33.21 2.62
C ILE E 89 17.90 32.31 1.50
N GLN E 90 19.11 31.77 1.62
CA GLN E 90 19.62 30.87 0.60
C GLN E 90 18.81 29.59 0.54
N SER E 91 18.02 29.33 1.58
CA SER E 91 17.05 28.24 1.57
C SER E 91 15.66 28.86 1.64
N PRO E 92 15.17 29.47 0.56
CA PRO E 92 13.91 30.21 0.63
C PRO E 92 12.70 29.29 0.65
N ASN E 93 11.54 29.91 0.81
CA ASN E 93 10.27 29.20 0.83
C ASN E 93 9.74 29.11 -0.59
N LEU E 94 9.79 27.90 -1.16
CA LEU E 94 9.10 27.64 -2.42
C LEU E 94 7.73 27.06 -2.11
N GLN E 95 6.71 27.65 -2.71
CA GLN E 95 5.36 27.52 -2.16
C GLN E 95 4.35 27.79 -3.26
N THR E 96 3.52 26.79 -3.52
CA THR E 96 2.43 26.90 -4.47
C THR E 96 1.16 27.27 -3.71
N VAL E 97 0.30 28.05 -4.36
CA VAL E 97 -0.97 28.47 -3.80
C VAL E 97 -1.96 28.62 -4.94
N ASP E 98 -3.23 28.82 -4.57
CA ASP E 98 -4.28 29.01 -5.55
C ASP E 98 -4.95 30.37 -5.33
N VAL E 99 -5.12 31.11 -6.42
CA VAL E 99 -5.75 32.41 -6.40
C VAL E 99 -6.73 32.47 -7.55
N ALA E 100 -7.79 33.26 -7.38
CA ALA E 100 -8.77 33.42 -8.44
C ALA E 100 -8.92 34.89 -8.76
N ASN E 101 -8.70 35.25 -10.01
CA ASN E 101 -8.77 36.62 -10.48
C ASN E 101 -9.72 36.70 -11.66
N LEU E 102 -10.37 37.85 -11.80
CA LEU E 102 -11.32 37.99 -12.89
C LEU E 102 -10.58 37.92 -14.22
N PRO E 103 -11.32 37.74 -15.32
CA PRO E 103 -10.68 37.66 -16.63
C PRO E 103 -9.89 38.93 -16.93
N SER E 104 -9.07 38.84 -17.98
CA SER E 104 -8.22 39.96 -18.37
C SER E 104 -9.03 41.25 -18.47
N ASP E 105 -10.18 41.19 -19.13
CA ASP E 105 -11.05 42.34 -19.32
C ASP E 105 -12.41 42.03 -18.67
N ALA E 106 -12.49 42.34 -17.38
CA ALA E 106 -13.72 42.17 -16.61
C ALA E 106 -13.62 43.05 -15.38
N ASP E 107 -14.63 43.89 -15.16
CA ASP E 107 -14.62 44.83 -14.04
C ASP E 107 -15.68 44.57 -12.99
N THR E 108 -16.56 43.58 -13.16
CA THR E 108 -17.63 43.36 -12.21
C THR E 108 -17.70 41.91 -11.74
N LEU E 109 -17.80 41.74 -10.43
CA LEU E 109 -17.94 40.44 -9.79
C LEU E 109 -19.41 40.18 -9.46
N LYS E 110 -19.84 38.94 -9.64
CA LYS E 110 -21.22 38.55 -9.36
C LYS E 110 -21.25 37.41 -8.35
N VAL E 111 -22.15 37.51 -7.38
CA VAL E 111 -22.32 36.48 -6.36
C VAL E 111 -23.79 36.12 -6.29
N ARG E 112 -24.12 34.84 -6.37
CA ARG E 112 -25.51 34.39 -6.34
C ARG E 112 -25.68 33.31 -5.28
N PHE E 113 -26.57 33.54 -4.32
CA PHE E 113 -26.84 32.56 -3.27
C PHE E 113 -28.31 32.68 -2.87
N THR E 114 -28.92 31.55 -2.55
CA THR E 114 -30.31 31.58 -2.11
C THR E 114 -30.38 31.60 -0.60
N LEU E 115 -31.55 31.96 -0.09
CA LEU E 115 -31.76 31.99 1.36
C LEU E 115 -33.19 31.59 1.68
N ARG E 116 -33.36 30.75 2.69
CA ARG E 116 -34.67 30.31 3.13
C ARG E 116 -34.91 30.66 4.58
N VAL E 117 -36.18 30.86 4.91
CA VAL E 117 -36.63 31.14 6.26
C VAL E 117 -37.54 29.99 6.64
N LEU E 118 -37.11 29.19 7.61
CA LEU E 118 -37.89 28.01 7.99
C LEU E 118 -38.99 28.35 8.99
N GLY E 119 -38.61 28.97 10.10
CA GLY E 119 -39.55 29.29 11.15
C GLY E 119 -39.51 28.25 12.25
N GLY E 120 -40.32 28.49 13.28
CA GLY E 120 -40.30 27.62 14.43
C GLY E 120 -38.97 27.64 15.15
N ALA E 121 -38.40 28.83 15.34
CA ALA E 121 -37.10 28.96 16.00
C ALA E 121 -37.09 28.31 17.37
N GLY E 122 -38.10 28.63 18.18
CA GLY E 122 -38.12 28.11 19.54
C GLY E 122 -38.34 26.62 19.61
N THR E 123 -38.86 26.01 18.55
CA THR E 123 -39.15 24.58 18.60
C THR E 123 -37.87 23.78 18.76
N PRO E 124 -37.68 23.08 19.87
CA PRO E 124 -36.47 22.27 20.04
C PRO E 124 -36.53 20.98 19.23
N SER E 125 -35.39 20.62 18.65
CA SER E 125 -35.34 19.38 17.88
C SER E 125 -35.39 18.20 18.84
N ALA E 126 -34.62 18.28 19.93
CA ALA E 126 -34.60 17.23 20.94
C ALA E 126 -34.45 17.89 22.30
N CYS E 127 -35.28 17.46 23.25
CA CYS E 127 -35.24 17.96 24.62
C CYS E 127 -35.53 16.80 25.58
N ASN E 128 -34.71 16.68 26.63
CA ASN E 128 -34.91 15.60 27.58
C ASN E 128 -36.18 15.79 28.41
N ASP E 129 -36.39 16.98 28.96
CA ASP E 129 -37.54 17.24 29.82
C ASP E 129 -38.64 17.99 29.08
N ALA E 130 -39.89 17.57 29.33
CA ALA E 130 -41.04 18.23 28.73
C ALA E 130 -41.34 19.56 29.40
N ALA E 131 -41.17 19.63 30.73
CA ALA E 131 -41.48 20.86 31.46
C ALA E 131 -40.64 22.02 30.95
N TYR E 132 -39.35 21.77 30.73
CA TYR E 132 -38.46 22.81 30.26
C TYR E 132 -38.90 23.30 28.89
N ARG E 133 -39.26 22.36 28.02
CA ARG E 133 -39.70 22.71 26.67
C ARG E 133 -40.95 23.57 26.74
N ASP E 134 -41.91 23.20 27.60
CA ASP E 134 -43.13 23.97 27.70
C ASP E 134 -42.85 25.38 28.20
N LYS E 135 -41.96 25.50 29.20
CA LYS E 135 -41.64 26.81 29.75
C LYS E 135 -40.99 27.67 28.67
N LEU E 136 -40.10 27.06 27.89
CA LEU E 136 -39.40 27.77 26.83
C LEU E 136 -40.39 28.25 25.79
N LEU E 137 -41.32 27.37 25.39
CA LEU E 137 -42.31 27.74 24.38
C LEU E 137 -43.16 28.89 24.89
N GLN E 138 -43.50 28.87 26.19
CA GLN E 138 -44.32 29.93 26.73
C GLN E 138 -43.56 31.25 26.64
N THR E 139 -42.28 31.24 27.01
CA THR E 139 -41.49 32.48 26.95
C THR E 139 -41.39 32.98 25.52
N VAL E 140 -41.20 32.07 24.56
CA VAL E 140 -41.08 32.47 23.16
C VAL E 140 -42.39 33.07 22.68
N ALA E 141 -43.51 32.42 23.00
CA ALA E 141 -44.81 32.94 22.57
C ALA E 141 -45.05 34.31 23.18
N THR E 142 -44.68 34.48 24.46
CA THR E 142 -44.87 35.76 25.12
C THR E 142 -44.08 36.84 24.40
N TYR E 143 -42.81 36.53 24.07
CA TYR E 143 -41.98 37.50 23.39
C TYR E 143 -42.58 37.86 22.03
N VAL E 144 -43.04 36.86 21.29
CA VAL E 144 -43.62 37.12 19.98
C VAL E 144 -44.86 38.00 20.11
N ASN E 145 -45.70 37.71 21.10
CA ASN E 145 -46.91 38.50 21.30
C ASN E 145 -46.55 39.94 21.62
N ASP E 146 -45.59 40.15 22.52
CA ASP E 146 -45.22 41.50 22.90
C ASP E 146 -44.71 42.28 21.69
N GLN E 147 -43.77 41.69 20.96
CA GLN E 147 -43.21 42.31 19.77
C GLN E 147 -42.84 41.22 18.79
N GLY E 148 -43.06 41.50 17.51
CA GLY E 148 -42.81 40.56 16.46
C GLY E 148 -41.35 40.57 16.09
N PHE E 149 -40.98 39.70 15.17
CA PHE E 149 -39.58 39.63 14.79
C PHE E 149 -39.15 40.79 13.90
N ALA E 150 -40.02 41.79 13.74
CA ALA E 150 -39.71 42.88 12.82
C ALA E 150 -38.33 43.47 13.09
N GLU E 151 -37.92 43.54 14.35
CA GLU E 151 -36.60 44.11 14.64
C GLU E 151 -35.49 43.24 14.07
N LEU E 152 -35.55 41.93 14.36
CA LEU E 152 -34.53 41.03 13.84
C LEU E 152 -34.59 40.99 12.32
N ALA E 153 -35.80 40.96 11.78
CA ALA E 153 -35.96 40.89 10.34
C ALA E 153 -35.37 42.13 9.68
N ARG E 154 -35.57 43.29 10.30
CA ARG E 154 -35.04 44.54 9.76
C ARG E 154 -33.52 44.53 9.78
N ARG E 155 -32.95 44.02 10.88
CA ARG E 155 -31.49 43.96 10.96
C ARG E 155 -30.96 43.05 9.87
N TYR E 156 -31.57 41.87 9.73
CA TYR E 156 -31.13 40.92 8.71
C TYR E 156 -31.32 41.55 7.33
N ALA E 157 -32.39 42.34 7.16
CA ALA E 157 -32.65 42.98 5.88
C ALA E 157 -31.50 43.90 5.54
N HIS E 158 -31.01 44.64 6.53
CA HIS E 158 -29.88 45.53 6.29
C HIS E 158 -28.67 44.71 5.87
N ASN E 159 -28.41 43.61 6.57
CA ASN E 159 -27.25 42.80 6.21
C ASN E 159 -27.37 42.27 4.78
N LEU E 160 -28.57 41.81 4.39
CA LEU E 160 -28.75 41.30 3.04
C LEU E 160 -28.63 42.41 2.00
N ALA E 161 -29.16 43.59 2.29
CA ALA E 161 -29.12 44.69 1.35
C ALA E 161 -27.67 45.13 1.13
N ASN E 162 -26.96 45.37 2.23
CA ASN E 162 -25.59 45.80 2.09
C ASN E 162 -24.75 44.57 1.77
N ALA E 163 -23.46 44.76 1.56
CA ALA E 163 -22.59 43.66 1.19
C ALA E 163 -21.83 43.06 2.36
N ARG E 164 -22.32 43.21 3.60
CA ARG E 164 -21.54 42.66 4.70
C ARG E 164 -21.26 41.18 4.50
N PHE E 165 -22.08 40.46 3.71
CA PHE E 165 -21.78 39.05 3.55
C PHE E 165 -20.42 38.90 2.91
N LEU E 166 -20.09 39.78 1.97
CA LEU E 166 -18.77 39.74 1.36
C LEU E 166 -17.79 40.20 2.43
N TRP E 167 -16.65 39.54 2.54
CA TRP E 167 -15.67 39.93 3.55
C TRP E 167 -14.55 40.85 3.06
N ARG E 168 -13.89 40.49 1.96
CA ARG E 168 -12.77 41.29 1.46
C ARG E 168 -13.08 41.89 0.09
N ASN E 169 -14.03 41.30 -0.63
CA ASN E 169 -14.37 41.78 -1.96
C ASN E 169 -14.92 43.20 -1.89
N ARG E 170 -15.66 43.51 -0.83
CA ARG E 170 -16.22 44.84 -0.67
C ARG E 170 -15.12 45.88 -0.50
N VAL E 171 -14.09 45.56 0.28
CA VAL E 171 -13.04 46.54 0.51
C VAL E 171 -12.47 46.95 -0.85
N GLY E 172 -12.36 48.26 -1.05
CA GLY E 172 -11.87 48.79 -2.30
C GLY E 172 -12.82 48.51 -3.44
N ALA E 173 -14.09 48.88 -3.28
CA ALA E 173 -15.08 48.71 -4.33
C ALA E 173 -15.64 50.07 -4.72
N GLU E 174 -15.82 50.28 -6.03
CA GLU E 174 -16.33 51.55 -6.52
C GLU E 174 -17.85 51.64 -6.39
N ALA E 175 -18.57 50.65 -6.92
CA ALA E 175 -20.03 50.63 -6.87
C ALA E 175 -20.52 49.22 -6.62
N VAL E 176 -21.27 49.03 -5.55
CA VAL E 176 -21.85 47.74 -5.20
C VAL E 176 -23.37 47.85 -5.27
N GLU E 177 -23.99 47.00 -6.10
CA GLU E 177 -25.44 47.00 -6.29
C GLU E 177 -25.96 45.60 -5.99
N VAL E 178 -26.87 45.51 -5.03
CA VAL E 178 -27.48 44.26 -4.61
C VAL E 178 -28.92 44.18 -5.10
N ARG E 179 -29.31 43.01 -5.60
CA ARG E 179 -30.66 42.74 -6.06
C ARG E 179 -31.18 41.51 -5.34
N ILE E 180 -32.20 41.71 -4.51
CA ILE E 180 -32.83 40.64 -3.73
C ILE E 180 -34.19 40.35 -4.31
N ASN E 181 -34.36 39.17 -4.91
CA ASN E 181 -35.64 38.78 -5.47
C ASN E 181 -36.41 37.91 -4.47
N HIS E 182 -37.67 37.64 -4.81
CA HIS E 182 -38.56 36.80 -4.02
C HIS E 182 -39.23 35.80 -4.94
N ILE E 183 -38.98 34.52 -4.73
CA ILE E 183 -39.56 33.46 -5.54
C ILE E 183 -40.60 32.72 -4.73
N ARG E 184 -41.86 32.76 -5.17
CA ARG E 184 -42.92 32.06 -4.46
C ARG E 184 -43.26 30.76 -5.17
N GLN E 185 -43.62 30.87 -6.45
CA GLN E 185 -43.99 29.73 -7.29
C GLN E 185 -42.96 29.49 -8.39
N GLY E 186 -41.79 30.11 -8.29
CA GLY E 186 -40.74 29.96 -9.28
C GLY E 186 -40.54 31.19 -10.14
N GLU E 187 -41.36 32.22 -9.97
CA GLU E 187 -41.24 33.46 -10.72
C GLU E 187 -40.77 34.58 -9.79
N VAL E 188 -40.65 35.78 -10.35
CA VAL E 188 -40.25 36.97 -9.61
C VAL E 188 -41.48 37.65 -9.03
N ALA E 189 -41.71 37.50 -7.73
CA ALA E 189 -42.89 38.10 -7.11
C ALA E 189 -42.63 39.57 -6.81
N ARG E 190 -41.60 39.85 -6.02
CA ARG E 190 -41.25 41.22 -5.64
C ARG E 190 -39.75 41.39 -5.65
N ALA E 191 -39.28 42.38 -6.43
CA ALA E 191 -37.87 42.67 -6.53
C ALA E 191 -37.50 43.88 -5.66
N TRP E 192 -36.22 43.97 -5.34
CA TRP E 192 -35.67 45.10 -4.60
C TRP E 192 -34.24 45.33 -5.05
N ARG E 193 -33.85 46.60 -5.12
CA ARG E 193 -32.50 46.99 -5.53
C ARG E 193 -31.98 48.04 -4.57
N PHE E 194 -30.80 47.80 -4.02
CA PHE E 194 -30.19 48.69 -3.06
C PHE E 194 -28.74 49.01 -3.39
N ASP E 195 -28.12 49.82 -2.54
CA ASP E 195 -26.71 50.20 -2.65
C ASP E 195 -26.09 49.93 -1.29
N ALA E 196 -25.13 49.02 -1.24
CA ALA E 196 -24.48 48.69 0.02
C ALA E 196 -23.63 49.84 0.53
N LEU E 197 -22.91 50.52 -0.36
CA LEU E 197 -22.05 51.60 0.09
C LEU E 197 -22.87 52.75 0.68
N ALA E 198 -23.95 53.14 0.00
CA ALA E 198 -24.75 54.25 0.51
C ALA E 198 -25.35 53.91 1.86
N ILE E 199 -25.80 52.68 2.06
CA ILE E 199 -26.40 52.30 3.33
C ILE E 199 -25.28 52.17 4.35
N GLY E 200 -25.51 52.73 5.54
CA GLY E 200 -24.48 52.68 6.56
C GLY E 200 -24.21 51.26 7.02
N LEU E 201 -22.92 50.95 7.14
CA LEU E 201 -22.47 49.66 7.66
C LEU E 201 -22.67 49.53 9.16
N ARG E 202 -22.40 50.58 9.93
CA ARG E 202 -22.50 50.50 11.38
C ARG E 202 -23.81 51.05 11.91
N ASP E 203 -24.68 51.55 11.04
CA ASP E 203 -25.95 52.13 11.44
C ASP E 203 -27.09 51.49 10.66
N PHE E 204 -28.19 51.21 11.33
CA PHE E 204 -29.37 50.65 10.70
C PHE E 204 -30.43 51.75 10.64
N LYS E 205 -30.85 52.08 9.42
CA LYS E 205 -31.84 53.10 9.17
C LYS E 205 -33.08 52.46 8.56
N ALA E 206 -34.24 53.05 8.82
CA ALA E 206 -35.49 52.52 8.31
C ALA E 206 -35.72 53.06 6.90
N ASP E 207 -36.32 52.21 6.06
CA ASP E 207 -36.67 52.59 4.70
C ASP E 207 -37.88 51.77 4.29
N ALA E 208 -38.66 52.32 3.35
CA ALA E 208 -39.86 51.61 2.91
C ALA E 208 -39.51 50.24 2.37
N GLU E 209 -38.49 50.16 1.49
CA GLU E 209 -38.12 48.87 0.92
C GLU E 209 -37.62 47.95 2.02
N LEU E 210 -36.79 48.49 2.92
CA LEU E 210 -36.26 47.70 4.02
C LEU E 210 -37.38 47.19 4.90
N ASP E 211 -38.35 48.06 5.18
CA ASP E 211 -39.46 47.66 6.03
C ASP E 211 -40.25 46.53 5.36
N ALA E 212 -40.50 46.65 4.07
CA ALA E 212 -41.24 45.59 3.37
C ALA E 212 -40.49 44.27 3.46
N LEU E 213 -39.17 44.32 3.22
CA LEU E 213 -38.38 43.09 3.26
C LEU E 213 -38.39 42.51 4.68
N ALA E 214 -38.26 43.39 5.68
CA ALA E 214 -38.25 42.93 7.06
C ALA E 214 -39.58 42.27 7.40
N GLU E 215 -40.68 42.84 6.91
CA GLU E 215 -41.98 42.25 7.16
C GLU E 215 -42.05 40.86 6.55
N LEU E 216 -41.54 40.71 5.32
CA LEU E 216 -41.58 39.40 4.68
C LEU E 216 -40.77 38.40 5.48
N ILE E 217 -39.58 38.81 5.94
CA ILE E 217 -38.73 37.90 6.71
C ILE E 217 -39.40 37.55 8.04
N ALA E 218 -39.99 38.54 8.69
CA ALA E 218 -40.66 38.30 9.97
C ALA E 218 -41.79 37.31 9.78
N SER E 219 -42.54 37.47 8.69
CA SER E 219 -43.65 36.57 8.43
C SER E 219 -43.11 35.16 8.26
N GLY E 220 -42.06 35.02 7.46
CA GLY E 220 -41.50 33.70 7.24
C GLY E 220 -41.06 33.05 8.55
N LEU E 221 -40.36 33.81 9.39
CA LEU E 221 -39.89 33.25 10.65
C LEU E 221 -41.04 32.86 11.57
N SER E 222 -42.08 33.69 11.63
CA SER E 222 -43.24 33.37 12.45
C SER E 222 -44.02 32.17 11.91
N GLY E 223 -43.78 31.79 10.66
CA GLY E 223 -44.46 30.66 10.07
C GLY E 223 -45.72 31.02 9.33
N SER E 224 -45.77 32.21 8.73
CA SER E 224 -46.92 32.65 7.95
C SER E 224 -46.88 32.13 6.52
N GLY E 225 -45.73 31.66 6.05
CA GLY E 225 -45.64 31.08 4.72
C GLY E 225 -44.19 30.94 4.31
N HIS E 226 -44.00 30.22 3.21
CA HIS E 226 -42.66 29.96 2.71
C HIS E 226 -42.01 31.24 2.23
N VAL E 227 -40.71 31.35 2.49
CA VAL E 227 -39.92 32.50 2.07
C VAL E 227 -38.64 31.99 1.41
N LEU E 228 -38.41 32.43 0.18
CA LEU E 228 -37.22 32.11 -0.58
C LEU E 228 -36.68 33.41 -1.16
N LEU E 229 -35.40 33.69 -0.92
CA LEU E 229 -34.78 34.92 -1.41
C LEU E 229 -33.53 34.61 -2.20
N GLU E 230 -33.50 35.06 -3.46
CA GLU E 230 -32.35 34.92 -4.33
C GLU E 230 -31.57 36.23 -4.27
N VAL E 231 -30.36 36.17 -3.71
CA VAL E 231 -29.52 37.35 -3.56
C VAL E 231 -28.48 37.38 -4.68
N VAL E 232 -28.34 38.53 -5.32
CA VAL E 232 -27.36 38.73 -6.38
C VAL E 232 -26.65 40.06 -6.14
N ALA E 233 -25.33 40.03 -6.01
CA ALA E 233 -24.55 41.23 -5.79
C ALA E 233 -23.61 41.50 -6.95
N PHE E 234 -23.38 42.77 -7.26
CA PHE E 234 -22.46 43.17 -8.33
C PHE E 234 -21.51 44.22 -7.79
N ALA E 235 -20.22 43.89 -7.69
CA ALA E 235 -19.22 44.83 -7.17
C ALA E 235 -18.15 45.17 -8.20
N ARG E 236 -17.89 46.46 -8.38
CA ARG E 236 -16.84 46.92 -9.28
C ARG E 236 -15.51 46.92 -8.54
N ILE E 237 -14.55 46.13 -9.02
CA ILE E 237 -13.24 46.04 -8.39
C ILE E 237 -12.19 46.58 -9.34
N GLY E 238 -12.11 45.98 -10.51
CA GLY E 238 -11.13 46.38 -11.50
C GLY E 238 -10.76 45.22 -12.39
N ASP E 239 -10.15 45.55 -13.52
CA ASP E 239 -9.77 44.52 -14.47
C ASP E 239 -8.66 43.65 -13.89
N GLY E 240 -8.86 42.35 -13.95
CA GLY E 240 -7.85 41.40 -13.53
C GLY E 240 -7.58 41.39 -12.04
N GLN E 241 -8.45 41.99 -11.26
CA GLN E 241 -8.24 42.05 -9.82
C GLN E 241 -8.37 40.66 -9.23
N GLU E 242 -8.03 40.52 -7.95
CA GLU E 242 -8.05 39.24 -7.26
C GLU E 242 -9.13 39.19 -6.19
N VAL E 243 -10.09 38.27 -6.37
CA VAL E 243 -11.14 38.08 -5.39
C VAL E 243 -10.61 37.22 -4.24
N PHE E 244 -11.33 37.24 -3.12
CA PHE E 244 -10.92 36.52 -1.92
C PHE E 244 -12.00 35.52 -1.47
N PRO E 245 -12.07 34.36 -2.10
CA PRO E 245 -13.04 33.34 -1.67
C PRO E 245 -12.62 32.73 -0.34
N SER E 246 -13.44 31.79 0.13
CA SER E 246 -13.20 31.15 1.42
C SER E 246 -12.13 30.08 1.29
N GLN E 247 -11.01 30.29 2.00
CA GLN E 247 -9.90 29.35 1.97
C GLN E 247 -10.24 28.05 2.70
N GLU E 248 -9.93 26.92 2.07
CA GLU E 248 -10.17 25.60 2.62
C GLU E 248 -9.00 25.14 3.52
N LEU E 249 -9.17 23.95 4.07
CA LEU E 249 -8.21 23.32 4.96
C LEU E 249 -7.36 22.32 4.19
N ILE E 250 -6.17 22.04 4.72
CA ILE E 250 -5.23 21.12 4.09
C ILE E 250 -4.79 20.09 5.11
N LEU E 251 -4.90 18.81 4.76
CA LEU E 251 -4.50 17.73 5.64
C LEU E 251 -5.26 17.79 6.96
N GLY E 258 6.65 21.21 -5.19
CA GLY E 258 6.60 21.93 -3.93
C GLY E 258 5.30 21.74 -3.18
N GLN E 259 5.27 22.19 -1.93
CA GLN E 259 4.09 22.05 -1.11
C GLN E 259 3.19 23.25 -1.28
N LYS E 260 1.88 23.06 -1.13
CA LYS E 260 0.93 24.14 -1.34
C LYS E 260 0.24 24.47 -0.03
N SER E 261 0.08 25.77 0.22
CA SER E 261 -0.33 26.26 1.53
C SER E 261 -1.70 26.92 1.56
N LYS E 262 -2.46 26.85 0.47
CA LYS E 262 -3.74 27.56 0.38
C LYS E 262 -4.59 26.94 -0.71
N THR E 263 -5.74 26.39 -0.32
CA THR E 263 -6.68 25.74 -1.23
C THR E 263 -8.03 26.44 -1.14
N LEU E 264 -8.52 26.92 -2.28
CA LEU E 264 -9.78 27.63 -2.32
C LEU E 264 -10.95 26.68 -2.61
N TYR E 265 -12.04 26.89 -1.88
CA TYR E 265 -13.24 26.07 -2.01
C TYR E 265 -13.84 26.26 -3.40
N SER E 266 -14.05 25.17 -4.12
CA SER E 266 -14.60 25.23 -5.47
C SER E 266 -15.60 24.11 -5.71
N VAL E 267 -16.72 24.48 -6.33
CA VAL E 267 -17.80 23.56 -6.68
C VAL E 267 -18.10 23.71 -8.17
N ARG E 268 -18.26 22.57 -8.85
CA ARG E 268 -18.57 22.55 -10.28
C ARG E 268 -17.58 23.40 -11.07
N ASP E 269 -16.30 23.27 -10.72
CA ASP E 269 -15.24 24.01 -11.39
C ASP E 269 -15.47 25.52 -11.30
N ALA E 270 -16.03 25.97 -10.18
CA ALA E 270 -16.33 27.37 -9.96
C ALA E 270 -16.05 27.73 -8.51
N ALA E 271 -15.46 28.90 -8.31
CA ALA E 271 -15.13 29.37 -6.98
C ALA E 271 -16.41 29.77 -6.25
N ALA E 272 -16.39 29.64 -4.93
CA ALA E 272 -17.56 30.00 -4.14
C ALA E 272 -17.14 30.31 -2.71
N ILE E 273 -18.13 30.70 -1.92
CA ILE E 273 -17.96 31.05 -0.52
C ILE E 273 -18.78 30.11 0.33
N HIS E 274 -18.24 29.76 1.50
CA HIS E 274 -18.89 28.81 2.39
C HIS E 274 -20.24 29.34 2.86
N SER E 275 -21.18 28.41 3.01
CA SER E 275 -22.52 28.74 3.48
C SER E 275 -22.46 29.37 4.87
N GLN E 276 -21.71 28.75 5.78
CA GLN E 276 -21.63 29.28 7.14
C GLN E 276 -20.94 30.63 7.17
N LYS E 277 -19.96 30.88 6.30
CA LYS E 277 -19.29 32.17 6.31
C LYS E 277 -20.26 33.29 5.95
N ILE E 278 -21.27 32.99 5.12
CA ILE E 278 -22.28 33.97 4.77
C ILE E 278 -23.32 34.07 5.89
N GLY E 279 -23.74 32.92 6.43
CA GLY E 279 -24.72 32.91 7.49
C GLY E 279 -24.22 33.55 8.77
N ASN E 280 -22.91 33.63 8.93
CA ASN E 280 -22.27 34.26 10.10
C ASN E 280 -22.43 35.77 9.99
N ALA E 281 -22.17 36.31 8.81
CA ALA E 281 -22.31 37.75 8.61
C ALA E 281 -23.76 38.16 8.63
N LEU E 282 -24.64 37.37 8.02
CA LEU E 282 -26.04 37.75 7.99
C LEU E 282 -26.58 37.93 9.41
N ARG E 283 -26.05 37.15 10.36
CA ARG E 283 -26.53 37.17 11.76
C ARG E 283 -25.71 38.19 12.55
N THR E 284 -25.18 39.21 11.88
CA THR E 284 -24.47 40.31 12.56
C THR E 284 -25.49 41.34 13.00
N ILE E 285 -26.27 41.01 13.99
CA ILE E 285 -27.23 42.00 14.49
C ILE E 285 -26.80 42.52 15.86
N ASP E 286 -26.27 41.65 16.71
CA ASP E 286 -25.96 42.03 18.11
C ASP E 286 -25.07 43.27 18.16
N THR E 287 -25.58 44.35 18.77
CA THR E 287 -24.84 45.61 18.94
C THR E 287 -25.00 46.13 20.36
N TRP E 288 -25.62 45.37 21.25
CA TRP E 288 -25.88 45.80 22.64
C TRP E 288 -24.77 45.39 23.59
N TYR E 289 -23.59 45.03 23.08
CA TYR E 289 -22.45 44.65 23.93
C TYR E 289 -22.29 45.68 25.04
N PRO E 290 -21.97 45.26 26.30
CA PRO E 290 -21.76 46.17 27.40
C PRO E 290 -20.48 47.00 27.27
N ASP E 291 -19.44 46.44 26.66
CA ASP E 291 -18.11 47.11 26.66
C ASP E 291 -18.23 48.48 26.03
N GLU E 292 -18.77 48.55 24.84
CA GLU E 292 -18.98 49.85 24.19
C GLU E 292 -19.78 49.67 22.92
N ASP E 293 -20.25 50.77 22.38
CA ASP E 293 -20.98 50.76 21.10
C ASP E 293 -20.12 51.33 19.97
N GLY E 294 -18.82 51.58 20.21
CA GLY E 294 -17.94 52.04 19.14
C GLY E 294 -17.80 51.00 18.05
N LEU E 295 -17.60 49.75 18.41
CA LEU E 295 -17.51 48.66 17.43
C LEU E 295 -18.90 48.45 16.83
N GLY E 296 -18.93 48.07 15.59
CA GLY E 296 -20.21 47.88 14.92
C GLY E 296 -20.79 46.52 15.19
N PRO E 297 -21.69 46.06 14.33
CA PRO E 297 -22.32 44.81 14.56
C PRO E 297 -21.32 43.66 14.65
N ILE E 298 -21.52 42.74 15.60
CA ILE E 298 -20.67 41.51 15.79
C ILE E 298 -21.56 40.28 15.68
N ALA E 299 -21.05 39.21 15.08
CA ALA E 299 -21.89 38.03 14.87
C ALA E 299 -22.48 37.62 16.16
N VAL E 300 -23.68 37.29 15.95
CA VAL E 300 -24.19 36.73 17.16
C VAL E 300 -23.48 35.44 17.40
N GLU E 301 -23.05 35.31 18.62
CA GLU E 301 -22.44 34.04 19.02
C GLU E 301 -22.47 34.00 20.54
N PRO E 302 -22.64 32.82 21.17
CA PRO E 302 -22.58 32.79 22.61
C PRO E 302 -21.22 33.31 23.09
N TYR E 303 -21.22 34.15 24.13
CA TYR E 303 -20.01 34.71 24.71
C TYR E 303 -19.43 35.83 23.86
N GLY E 304 -20.16 36.31 22.85
CA GLY E 304 -19.73 37.43 22.04
C GLY E 304 -18.32 37.29 21.51
N SER E 305 -17.95 36.07 21.12
CA SER E 305 -16.61 35.82 20.61
C SER E 305 -16.38 36.45 19.25
N VAL E 306 -15.16 36.97 19.07
CA VAL E 306 -14.71 37.55 17.81
C VAL E 306 -13.34 36.97 17.52
N THR E 307 -13.18 36.38 16.34
CA THR E 307 -11.91 35.77 15.97
C THR E 307 -10.85 36.83 15.64
N SER E 308 -11.19 37.81 14.81
CA SER E 308 -10.21 38.81 14.41
C SER E 308 -9.70 39.60 15.60
N GLN E 309 -10.62 40.15 16.40
CA GLN E 309 -10.22 40.94 17.55
C GLN E 309 -9.57 40.07 18.63
N GLY E 310 -9.86 38.78 18.67
CA GLY E 310 -9.23 37.97 19.69
C GLY E 310 -9.75 38.25 21.08
N LYS E 311 -10.87 38.96 21.18
CA LYS E 311 -11.47 39.32 22.45
C LYS E 311 -12.91 38.83 22.47
N ALA E 312 -13.35 38.36 23.63
CA ALA E 312 -14.69 37.85 23.81
C ALA E 312 -15.51 38.78 24.70
N TYR E 313 -16.33 39.62 24.11
CA TYR E 313 -17.18 40.62 24.82
C TYR E 313 -18.34 39.83 25.41
N ARG E 314 -19.03 40.30 26.47
CA ARG E 314 -20.21 39.62 27.07
C ARG E 314 -19.82 38.50 28.01
N GLN E 315 -18.66 38.54 28.67
CA GLN E 315 -18.09 37.41 29.43
C GLN E 315 -19.00 36.92 30.54
N PRO E 316 -18.89 35.63 30.92
CA PRO E 316 -19.81 35.05 31.88
C PRO E 316 -19.81 35.68 33.25
N LYS E 317 -18.77 36.41 33.66
CA LYS E 317 -18.92 37.00 34.98
C LYS E 317 -20.12 37.92 34.99
N GLN E 318 -20.34 38.62 33.89
CA GLN E 318 -21.47 39.52 33.77
C GLN E 318 -22.72 38.73 33.42
N LYS E 319 -23.87 39.33 33.75
CA LYS E 319 -25.17 38.71 33.51
C LYS E 319 -25.60 38.72 32.05
N LEU E 320 -24.86 39.38 31.16
CA LEU E 320 -25.30 39.45 29.77
C LEU E 320 -25.03 38.18 28.98
N ASP E 321 -24.34 37.21 29.58
CA ASP E 321 -24.03 35.97 28.89
C ASP E 321 -25.31 35.31 28.40
N PHE E 322 -25.23 34.66 27.23
CA PHE E 322 -26.41 34.01 26.67
C PHE E 322 -26.95 32.92 27.57
N TYR E 323 -26.07 32.04 28.05
CA TYR E 323 -26.53 30.96 28.91
C TYR E 323 -27.17 31.51 30.17
N THR E 324 -26.52 32.48 30.80
CA THR E 324 -27.07 33.05 32.03
C THR E 324 -28.44 33.69 31.75
N LEU E 325 -28.52 34.47 30.67
CA LEU E 325 -29.77 35.14 30.35
C LEU E 325 -30.89 34.14 30.12
N LEU E 326 -30.62 33.10 29.34
CA LEU E 326 -31.66 32.12 29.05
C LEU E 326 -32.09 31.38 30.30
N ASP E 327 -31.13 30.98 31.13
CA ASP E 327 -31.47 30.26 32.35
C ASP E 327 -32.34 31.12 33.25
N ASN E 328 -31.98 32.40 33.41
CA ASN E 328 -32.75 33.28 34.27
C ASN E 328 -34.12 33.55 33.70
N TRP E 329 -34.19 33.87 32.40
CA TRP E 329 -35.45 34.23 31.77
C TRP E 329 -36.39 33.05 31.61
N VAL E 330 -35.90 31.82 31.78
CA VAL E 330 -36.75 30.65 31.65
C VAL E 330 -37.19 30.11 33.01
N LEU E 331 -36.21 29.77 33.84
CA LEU E 331 -36.48 29.17 35.14
C LEU E 331 -37.10 30.14 36.15
N ARG E 332 -36.48 31.30 36.33
CA ARG E 332 -36.91 32.27 37.33
C ARG E 332 -37.81 33.36 36.80
N ASP E 333 -38.13 33.34 35.50
CA ASP E 333 -39.01 34.32 34.89
C ASP E 333 -38.54 35.76 35.06
N GLU E 334 -37.23 35.99 35.12
CA GLU E 334 -36.71 37.34 35.26
C GLU E 334 -36.57 37.86 33.84
N ALA E 335 -37.41 38.81 33.46
CA ALA E 335 -37.34 39.33 32.10
C ALA E 335 -36.22 40.35 31.97
N PRO E 336 -35.19 40.08 31.16
CA PRO E 336 -34.12 41.06 30.99
C PRO E 336 -34.56 42.17 30.03
N ALA E 337 -33.69 43.12 29.77
CA ALA E 337 -34.03 44.22 28.87
C ALA E 337 -34.44 43.68 27.51
N VAL E 338 -35.24 44.47 26.80
CA VAL E 338 -35.73 44.08 25.48
C VAL E 338 -34.58 43.69 24.57
N GLU E 339 -33.46 44.39 24.69
CA GLU E 339 -32.28 44.12 23.87
C GLU E 339 -31.78 42.70 24.12
N GLN E 340 -31.69 42.31 25.39
CA GLN E 340 -31.23 40.98 25.73
C GLN E 340 -32.18 39.95 25.14
N GLN E 341 -33.48 40.22 25.18
CA GLN E 341 -34.44 39.27 24.61
C GLN E 341 -34.16 39.11 23.13
N HIS E 342 -33.85 40.21 22.45
CA HIS E 342 -33.54 40.13 21.02
C HIS E 342 -32.31 39.25 20.81
N TYR E 343 -31.29 39.44 21.66
CA TYR E 343 -30.02 38.68 21.56
C TYR E 343 -30.33 37.19 21.75
N VAL E 344 -31.20 36.87 22.71
CA VAL E 344 -31.53 35.48 23.00
C VAL E 344 -32.26 34.85 21.83
N ILE E 345 -33.19 35.60 21.22
CA ILE E 345 -33.93 35.05 20.10
C ILE E 345 -32.98 34.83 18.93
N ALA E 346 -32.02 35.74 18.75
CA ALA E 346 -31.02 35.61 17.66
C ALA E 346 -30.21 34.34 17.89
N ASN E 347 -29.85 34.10 19.14
CA ASN E 347 -29.05 32.89 19.46
C ASN E 347 -29.87 31.64 19.16
N LEU E 348 -31.14 31.61 19.54
CA LEU E 348 -31.97 30.42 19.28
C LEU E 348 -32.08 30.17 17.79
N ILE E 349 -32.12 31.25 17.01
CA ILE E 349 -32.19 31.10 15.55
C ILE E 349 -30.92 30.46 15.04
N ARG E 350 -29.78 30.88 15.57
CA ARG E 350 -28.47 30.34 15.12
C ARG E 350 -28.42 28.85 15.43
N GLY E 351 -28.96 28.42 16.58
CA GLY E 351 -28.95 27.02 16.96
C GLY E 351 -27.66 26.64 17.66
N GLY E 352 -27.66 25.45 18.23
CA GLY E 352 -26.47 24.96 18.89
C GLY E 352 -26.79 23.81 19.82
N VAL E 353 -25.88 23.58 20.76
CA VAL E 353 -26.03 22.55 21.77
C VAL E 353 -25.99 23.24 23.12
N PHE E 354 -27.00 22.97 23.95
CA PHE E 354 -27.07 23.60 25.26
C PHE E 354 -27.23 22.57 26.37
N GLY E 355 -27.43 23.06 27.59
CA GLY E 355 -27.66 22.25 28.76
C GLY E 355 -26.44 21.88 29.58
N GLU E 356 -26.52 20.72 30.22
CA GLU E 356 -25.42 20.18 31.01
C GLU E 356 -25.63 18.69 31.22
N ALA E 357 -24.90 18.09 32.16
CA ALA E 357 -25.13 16.71 32.55
C ALA E 357 -25.68 16.64 33.96
N ILE F 23 -49.10 -23.53 33.65
CA ILE F 23 -49.80 -24.19 32.55
C ILE F 23 -49.14 -23.85 31.23
N LEU F 24 -49.37 -22.63 30.75
CA LEU F 24 -48.81 -22.15 29.49
C LEU F 24 -47.93 -20.95 29.79
N SER F 25 -46.74 -20.93 29.20
CA SER F 25 -45.78 -19.85 29.38
C SER F 25 -45.28 -19.33 28.04
N THR F 26 -44.72 -18.12 28.07
CA THR F 26 -44.20 -17.51 26.85
C THR F 26 -42.96 -18.25 26.38
N ALA F 27 -42.66 -18.13 25.09
CA ALA F 27 -41.51 -18.79 24.52
C ALA F 27 -40.26 -17.95 24.68
N SER F 28 -39.20 -18.57 25.21
CA SER F 28 -37.95 -17.86 25.45
C SER F 28 -37.30 -17.33 24.18
N VAL F 29 -37.59 -17.91 23.01
CA VAL F 29 -36.99 -17.48 21.76
C VAL F 29 -38.10 -17.18 20.75
N LEU F 30 -38.20 -15.91 20.35
CA LEU F 30 -39.17 -15.49 19.36
C LEU F 30 -38.50 -14.52 18.39
N ALA F 31 -38.76 -14.72 17.10
CA ALA F 31 -38.23 -13.84 16.07
C ALA F 31 -39.29 -13.67 15.01
N PHE F 32 -39.39 -12.45 14.47
CA PHE F 32 -40.37 -12.14 13.43
C PHE F 32 -39.69 -11.38 12.30
N GLU F 33 -39.70 -11.94 11.10
CA GLU F 33 -39.08 -11.25 9.98
C GLU F 33 -39.86 -9.97 9.72
N ARG F 34 -39.14 -8.89 9.45
CA ARG F 34 -39.83 -7.62 9.22
C ARG F 34 -40.65 -7.68 7.94
N LYS F 35 -41.76 -6.94 7.95
CA LYS F 35 -42.66 -6.82 6.84
C LYS F 35 -42.64 -5.33 6.50
N LEU F 36 -43.06 -4.98 5.28
CA LEU F 36 -43.00 -3.59 4.86
C LEU F 36 -41.56 -3.09 5.01
N ASP F 37 -40.65 -3.85 4.38
CA ASP F 37 -39.23 -3.52 4.44
C ASP F 37 -38.82 -2.72 3.22
N PRO F 38 -38.52 -1.43 3.34
CA PRO F 38 -38.09 -0.67 2.18
C PRO F 38 -36.62 -0.85 1.88
N SER F 39 -36.16 -0.20 0.81
CA SER F 39 -34.78 -0.22 0.39
C SER F 39 -34.19 1.18 0.60
N ASP F 40 -32.93 1.33 0.20
CA ASP F 40 -32.28 2.60 0.40
C ASP F 40 -33.01 3.64 -0.45
N ALA F 41 -32.91 4.90 -0.07
CA ALA F 41 -33.57 5.97 -0.80
C ALA F 41 -32.54 6.84 -1.50
N LEU F 42 -32.49 6.73 -2.82
CA LEU F 42 -31.58 7.53 -3.63
C LEU F 42 -32.13 8.94 -3.79
N MET F 43 -31.24 9.89 -4.05
CA MET F 43 -31.63 11.27 -4.21
C MET F 43 -31.04 11.83 -5.50
N SER F 44 -31.75 12.80 -6.05
CA SER F 44 -31.37 13.45 -7.29
C SER F 44 -31.97 14.84 -7.32
N ALA F 45 -31.60 15.62 -8.33
CA ALA F 45 -32.11 16.97 -8.51
C ALA F 45 -32.69 17.16 -9.90
N GLY F 46 -33.53 18.17 -10.03
CA GLY F 46 -34.15 18.47 -11.30
C GLY F 46 -35.03 19.70 -11.20
N ALA F 47 -35.75 19.97 -12.29
CA ALA F 47 -36.67 21.11 -12.36
C ALA F 47 -38.10 20.67 -12.09
N TRP F 48 -38.81 21.47 -11.29
CA TRP F 48 -40.19 21.15 -10.97
C TRP F 48 -41.06 21.01 -12.22
N ALA F 49 -40.74 21.76 -13.27
CA ALA F 49 -41.51 21.67 -14.51
C ALA F 49 -41.38 20.29 -15.14
N GLN F 50 -40.16 19.76 -15.18
CA GLN F 50 -39.88 18.47 -15.81
C GLN F 50 -40.38 17.31 -14.96
N ARG F 51 -41.05 17.59 -13.84
CA ARG F 51 -41.51 16.56 -12.91
C ARG F 51 -42.20 15.40 -13.63
N ASP F 52 -42.98 15.69 -14.66
CA ASP F 52 -43.69 14.61 -15.35
C ASP F 52 -42.72 13.55 -15.86
N ALA F 53 -41.58 13.97 -16.41
CA ALA F 53 -40.55 13.08 -16.87
C ALA F 53 -39.32 13.28 -15.98
N SER F 54 -39.09 12.33 -15.07
CA SER F 54 -37.97 12.41 -14.13
C SER F 54 -37.18 11.12 -14.28
N GLN F 55 -36.25 11.15 -15.23
CA GLN F 55 -35.35 10.05 -15.52
C GLN F 55 -34.07 10.70 -16.03
N GLU F 56 -32.94 10.10 -15.70
CA GLU F 56 -31.61 10.53 -16.11
C GLU F 56 -31.12 11.71 -15.26
N TRP F 57 -31.89 12.16 -14.28
CA TRP F 57 -31.47 13.31 -13.50
C TRP F 57 -30.19 12.96 -12.75
N PRO F 58 -29.18 13.82 -12.75
CA PRO F 58 -27.93 13.47 -12.08
C PRO F 58 -28.10 13.44 -10.58
N ALA F 59 -27.48 12.44 -9.96
CA ALA F 59 -27.58 12.25 -8.53
C ALA F 59 -26.79 13.33 -7.80
N VAL F 60 -27.08 13.47 -6.52
CA VAL F 60 -26.36 14.41 -5.66
C VAL F 60 -25.07 13.74 -5.20
N THR F 61 -23.94 14.31 -5.56
CA THR F 61 -22.64 13.79 -5.20
C THR F 61 -22.15 14.43 -3.91
N VAL F 62 -21.70 13.59 -2.97
CA VAL F 62 -21.14 14.11 -1.73
C VAL F 62 -19.87 14.89 -2.04
N ARG F 63 -19.62 15.93 -1.26
CA ARG F 63 -18.44 16.77 -1.41
C ARG F 63 -17.90 17.12 -0.03
N GLU F 64 -16.71 17.72 -0.01
CA GLU F 64 -16.03 18.09 1.22
C GLU F 64 -15.98 19.59 1.38
N LYS F 65 -16.08 20.04 2.63
CA LYS F 65 -15.97 21.45 2.96
C LYS F 65 -15.24 21.59 4.29
N SER F 66 -14.43 22.63 4.40
CA SER F 66 -13.74 22.94 5.64
C SER F 66 -14.52 23.98 6.43
N VAL F 67 -14.36 23.97 7.74
CA VAL F 67 -15.08 24.87 8.63
C VAL F 67 -14.12 25.34 9.72
N ARG F 68 -14.34 26.57 10.18
CA ARG F 68 -13.60 27.14 11.30
C ARG F 68 -14.66 27.68 12.25
N GLY F 69 -14.62 27.24 13.50
CA GLY F 69 -15.60 27.64 14.47
C GLY F 69 -14.98 28.09 15.78
N THR F 70 -15.81 28.41 16.75
CA THR F 70 -15.36 28.87 18.06
C THR F 70 -16.22 28.21 19.12
N ILE F 71 -15.58 27.45 20.00
CA ILE F 71 -16.28 26.71 21.05
C ILE F 71 -17.29 27.61 21.71
N SER F 72 -18.54 27.15 21.81
CA SER F 72 -19.65 27.93 22.34
C SER F 72 -20.52 27.05 23.24
N ASN F 73 -19.95 26.00 23.81
CA ASN F 73 -20.67 25.15 24.75
C ASN F 73 -20.61 25.76 26.15
N ARG F 74 -21.13 25.02 27.12
CA ARG F 74 -21.17 25.52 28.49
C ARG F 74 -19.82 25.33 29.18
N LEU F 75 -19.67 25.92 30.36
CA LEU F 75 -18.39 25.98 31.06
C LEU F 75 -18.43 25.17 32.35
N LYS F 76 -17.46 24.27 32.52
CA LYS F 76 -17.25 23.63 33.82
C LYS F 76 -16.27 24.42 34.68
N THR F 77 -15.70 25.49 34.14
CA THR F 77 -14.64 26.22 34.83
C THR F 77 -15.25 27.18 35.85
N LYS F 78 -14.38 28.02 36.40
CA LYS F 78 -14.81 29.08 37.30
C LYS F 78 -15.46 30.20 36.50
N ASP F 79 -16.69 30.56 36.87
CA ASP F 79 -17.45 31.57 36.16
C ASP F 79 -16.80 32.95 36.21
N ARG F 80 -15.68 33.10 36.92
CA ARG F 80 -15.03 34.39 37.07
C ARG F 80 -13.82 34.58 36.16
N ASP F 81 -13.60 33.70 35.19
CA ASP F 81 -12.44 33.81 34.31
C ASP F 81 -12.74 34.74 33.14
N PRO F 82 -12.30 36.02 33.18
CA PRO F 82 -12.60 36.93 32.07
C PRO F 82 -11.95 36.68 30.71
N ALA F 83 -10.64 36.42 30.70
CA ALA F 83 -9.84 36.49 29.48
C ALA F 83 -9.29 35.12 29.12
N LYS F 84 -9.43 34.12 30.00
CA LYS F 84 -9.25 32.76 29.55
C LYS F 84 -10.18 32.45 28.39
N LEU F 85 -11.35 33.11 28.38
CA LEU F 85 -12.20 33.10 27.20
C LEU F 85 -11.43 33.49 25.94
N ASP F 86 -10.76 34.64 25.99
CA ASP F 86 -10.01 35.11 24.83
C ASP F 86 -8.92 34.11 24.45
N ALA F 87 -8.15 33.66 25.44
CA ALA F 87 -7.10 32.69 25.17
C ALA F 87 -7.66 31.43 24.50
N SER F 88 -8.86 31.03 24.91
CA SER F 88 -9.48 29.84 24.33
C SER F 88 -9.91 30.08 22.89
N ILE F 89 -10.64 31.17 22.63
CA ILE F 89 -11.20 31.38 21.30
C ILE F 89 -10.15 31.76 20.27
N GLN F 90 -9.08 32.46 20.68
CA GLN F 90 -8.01 32.77 19.73
C GLN F 90 -7.48 31.50 19.07
N SER F 91 -7.67 30.35 19.71
CA SER F 91 -7.32 29.07 19.13
C SER F 91 -8.60 28.35 18.72
N PRO F 92 -9.00 28.43 17.46
CA PRO F 92 -10.31 27.91 17.06
C PRO F 92 -10.27 26.42 16.72
N ASN F 93 -11.42 25.93 16.27
CA ASN F 93 -11.61 24.52 15.95
C ASN F 93 -11.61 24.35 14.44
N LEU F 94 -10.63 23.61 13.93
CA LEU F 94 -10.60 23.19 12.54
C LEU F 94 -11.10 21.76 12.42
N GLN F 95 -11.92 21.52 11.40
CA GLN F 95 -12.42 20.17 11.13
C GLN F 95 -12.87 20.11 9.67
N THR F 96 -13.33 18.94 9.27
CA THR F 96 -13.69 18.65 7.89
C THR F 96 -14.92 17.75 7.86
N VAL F 97 -15.91 18.15 7.08
CA VAL F 97 -17.19 17.45 7.02
C VAL F 97 -17.59 17.28 5.56
N ASP F 98 -18.69 16.57 5.35
CA ASP F 98 -19.26 16.31 4.05
C ASP F 98 -20.70 16.80 4.01
N VAL F 99 -21.05 17.52 2.96
CA VAL F 99 -22.41 18.04 2.78
C VAL F 99 -22.85 17.76 1.36
N ALA F 100 -24.16 17.63 1.18
CA ALA F 100 -24.74 17.41 -0.14
C ALA F 100 -25.77 18.49 -0.42
N ASN F 101 -25.55 19.25 -1.50
CA ASN F 101 -26.42 20.33 -1.90
C ASN F 101 -26.80 20.15 -3.37
N LEU F 102 -27.98 20.63 -3.73
CA LEU F 102 -28.43 20.47 -5.10
C LEU F 102 -27.51 21.27 -6.03
N PRO F 103 -27.57 21.00 -7.32
CA PRO F 103 -26.70 21.72 -8.27
C PRO F 103 -26.96 23.21 -8.22
N SER F 104 -26.07 23.96 -8.87
CA SER F 104 -26.15 25.41 -8.87
C SER F 104 -27.55 25.88 -9.26
N ASP F 105 -28.12 25.29 -10.31
CA ASP F 105 -29.45 25.66 -10.79
C ASP F 105 -30.33 24.41 -10.73
N ALA F 106 -30.95 24.20 -9.57
CA ALA F 106 -31.86 23.10 -9.37
C ALA F 106 -32.72 23.42 -8.16
N ASP F 107 -34.04 23.35 -8.32
CA ASP F 107 -34.97 23.72 -7.26
C ASP F 107 -35.79 22.56 -6.72
N THR F 108 -35.68 21.36 -7.30
CA THR F 108 -36.50 20.23 -6.84
C THR F 108 -35.64 19.02 -6.50
N LEU F 109 -35.93 18.43 -5.35
CA LEU F 109 -35.27 17.23 -4.87
C LEU F 109 -36.14 16.03 -5.14
N LYS F 110 -35.51 14.91 -5.52
CA LYS F 110 -36.22 13.68 -5.82
C LYS F 110 -35.70 12.55 -4.94
N VAL F 111 -36.59 11.77 -4.38
CA VAL F 111 -36.24 10.62 -3.54
C VAL F 111 -37.00 9.41 -4.06
N ARG F 112 -36.28 8.33 -4.35
CA ARG F 112 -36.91 7.11 -4.85
C ARG F 112 -36.54 5.92 -3.98
N PHE F 113 -37.54 5.24 -3.43
CA PHE F 113 -37.32 4.04 -2.63
C PHE F 113 -38.47 3.08 -2.88
N THR F 114 -38.17 1.79 -2.89
CA THR F 114 -39.20 0.79 -3.11
C THR F 114 -39.71 0.24 -1.78
N LEU F 115 -40.84 -0.45 -1.85
CA LEU F 115 -41.43 -1.09 -0.69
C LEU F 115 -42.12 -2.39 -1.07
N ARG F 116 -41.94 -3.42 -0.27
CA ARG F 116 -42.56 -4.72 -0.49
C ARG F 116 -43.40 -5.11 0.72
N VAL F 117 -44.45 -5.88 0.44
CA VAL F 117 -45.34 -6.41 1.46
C VAL F 117 -45.23 -7.92 1.36
N LEU F 118 -44.65 -8.54 2.39
CA LEU F 118 -44.43 -9.98 2.35
C LEU F 118 -45.67 -10.75 2.79
N GLY F 119 -46.17 -10.44 3.97
CA GLY F 119 -47.32 -11.12 4.53
C GLY F 119 -46.89 -12.17 5.55
N GLY F 120 -47.89 -12.79 6.15
CA GLY F 120 -47.63 -13.74 7.21
C GLY F 120 -46.97 -13.09 8.40
N ALA F 121 -47.48 -11.91 8.80
CA ALA F 121 -46.90 -11.17 9.92
C ALA F 121 -46.89 -12.01 11.19
N GLY F 122 -48.03 -12.60 11.52
CA GLY F 122 -48.13 -13.36 12.74
C GLY F 122 -47.31 -14.64 12.73
N THR F 123 -46.98 -15.14 11.56
CA THR F 123 -46.25 -16.40 11.49
C THR F 123 -44.87 -16.21 12.10
N PRO F 124 -44.56 -16.88 13.21
CA PRO F 124 -43.23 -16.74 13.82
C PRO F 124 -42.16 -17.47 13.03
N SER F 125 -41.01 -16.83 12.92
CA SER F 125 -39.89 -17.45 12.22
C SER F 125 -39.31 -18.59 13.04
N ALA F 126 -39.13 -18.37 14.34
CA ALA F 126 -38.61 -19.38 15.26
C ALA F 126 -39.35 -19.25 16.58
N CYS F 127 -39.80 -20.38 17.11
CA CYS F 127 -40.47 -20.42 18.41
C CYS F 127 -40.02 -21.69 19.14
N ASN F 128 -39.71 -21.54 20.42
CA ASN F 128 -39.28 -22.69 21.21
C ASN F 128 -40.41 -23.68 21.43
N ASP F 129 -41.56 -23.20 21.86
CA ASP F 129 -42.70 -24.05 22.17
C ASP F 129 -43.70 -24.09 21.03
N ALA F 130 -44.22 -25.28 20.74
CA ALA F 130 -45.23 -25.42 19.70
C ALA F 130 -46.58 -24.89 20.17
N ALA F 131 -46.91 -25.13 21.44
CA ALA F 131 -48.21 -24.69 21.97
C ALA F 131 -48.34 -23.18 21.86
N TYR F 132 -47.28 -22.46 22.21
CA TYR F 132 -47.33 -21.01 22.18
C TYR F 132 -47.57 -20.53 20.75
N ARG F 133 -46.87 -21.12 19.77
CA ARG F 133 -47.05 -20.70 18.39
C ARG F 133 -48.49 -20.91 17.96
N ASP F 134 -49.08 -22.05 18.31
CA ASP F 134 -50.46 -22.31 17.90
C ASP F 134 -51.40 -21.30 18.55
N LYS F 135 -51.18 -21.01 19.84
CA LYS F 135 -52.04 -20.06 20.54
C LYS F 135 -51.92 -18.68 19.91
N LEU F 136 -50.69 -18.29 19.55
CA LEU F 136 -50.45 -17.00 18.93
C LEU F 136 -51.15 -16.92 17.59
N LEU F 137 -51.03 -17.97 16.78
CA LEU F 137 -51.66 -17.97 15.47
C LEU F 137 -53.16 -17.87 15.63
N GLN F 138 -53.72 -18.56 16.63
CA GLN F 138 -55.15 -18.51 16.84
C GLN F 138 -55.58 -17.09 17.19
N THR F 139 -54.84 -16.45 18.09
CA THR F 139 -55.20 -15.08 18.48
C THR F 139 -55.10 -14.15 17.28
N VAL F 140 -54.07 -14.31 16.46
CA VAL F 140 -53.91 -13.46 15.28
C VAL F 140 -55.06 -13.67 14.31
N ALA F 141 -55.41 -14.93 14.07
CA ALA F 141 -56.50 -15.23 13.15
C ALA F 141 -57.80 -14.64 13.68
N THR F 142 -58.00 -14.72 14.99
CA THR F 142 -59.22 -14.18 15.59
C THR F 142 -59.26 -12.68 15.35
N TYR F 143 -58.13 -12.01 15.58
CA TYR F 143 -58.07 -10.56 15.39
C TYR F 143 -58.36 -10.21 13.94
N VAL F 144 -57.76 -10.94 13.00
CA VAL F 144 -57.97 -10.64 11.59
C VAL F 144 -59.44 -10.82 11.24
N ASN F 145 -60.05 -11.90 11.71
CA ASN F 145 -61.46 -12.16 11.41
C ASN F 145 -62.34 -11.07 11.98
N ASP F 146 -62.10 -10.70 13.24
CA ASP F 146 -62.92 -9.67 13.89
C ASP F 146 -62.81 -8.36 13.15
N GLN F 147 -61.58 -7.92 12.89
CA GLN F 147 -61.32 -6.68 12.19
C GLN F 147 -60.04 -6.83 11.39
N GLY F 148 -60.05 -6.25 10.19
CA GLY F 148 -58.94 -6.35 9.28
C GLY F 148 -57.88 -5.29 9.55
N PHE F 149 -56.80 -5.39 8.78
CA PHE F 149 -55.70 -4.46 8.93
C PHE F 149 -56.01 -3.10 8.32
N ALA F 150 -57.25 -2.86 7.89
CA ALA F 150 -57.57 -1.61 7.22
C ALA F 150 -57.10 -0.40 7.99
N GLU F 151 -57.14 -0.44 9.33
CA GLU F 151 -56.67 0.69 10.11
C GLU F 151 -55.16 0.89 9.94
N LEU F 152 -54.40 -0.19 10.10
CA LEU F 152 -52.96 -0.10 9.93
C LEU F 152 -52.61 0.28 8.51
N ALA F 153 -53.31 -0.32 7.54
CA ALA F 153 -53.03 -0.03 6.14
C ALA F 153 -53.30 1.43 5.83
N ARG F 154 -54.38 1.97 6.38
CA ARG F 154 -54.72 3.37 6.16
C ARG F 154 -53.66 4.29 6.77
N ARG F 155 -53.19 3.96 7.97
CA ARG F 155 -52.16 4.78 8.59
C ARG F 155 -50.89 4.74 7.74
N TYR F 156 -50.50 3.55 7.30
CA TYR F 156 -49.31 3.43 6.47
C TYR F 156 -49.50 4.19 5.17
N ALA F 157 -50.71 4.16 4.60
CA ALA F 157 -50.98 4.86 3.36
C ALA F 157 -50.76 6.34 3.55
N HIS F 158 -51.21 6.86 4.69
CA HIS F 158 -51.01 8.28 4.98
C HIS F 158 -49.53 8.60 5.05
N ASN F 159 -48.76 7.77 5.75
CA ASN F 159 -47.33 8.05 5.85
C ASN F 159 -46.70 8.02 4.47
N LEU F 160 -47.08 7.07 3.61
CA LEU F 160 -46.50 7.02 2.27
C LEU F 160 -46.91 8.23 1.44
N ALA F 161 -48.16 8.65 1.56
CA ALA F 161 -48.65 9.78 0.77
C ALA F 161 -47.96 11.05 1.22
N ASN F 162 -47.95 11.32 2.52
CA ASN F 162 -47.32 12.52 3.00
C ASN F 162 -45.82 12.26 2.98
N ALA F 163 -45.03 13.26 3.34
CA ALA F 163 -43.59 13.10 3.30
C ALA F 163 -42.97 12.75 4.65
N ARG F 164 -43.72 12.15 5.58
CA ARG F 164 -43.11 11.89 6.88
C ARG F 164 -41.83 11.08 6.72
N PHE F 165 -41.70 10.29 5.64
CA PHE F 165 -40.46 9.54 5.52
C PHE F 165 -39.31 10.53 5.44
N LEU F 166 -39.52 11.64 4.75
CA LEU F 166 -38.51 12.69 4.71
C LEU F 166 -38.46 13.28 6.11
N TRP F 167 -37.27 13.54 6.63
CA TRP F 167 -37.18 14.11 7.97
C TRP F 167 -36.98 15.62 8.02
N ARG F 168 -36.01 16.14 7.28
CA ARG F 168 -35.71 17.56 7.32
C ARG F 168 -35.92 18.24 5.97
N ASN F 169 -35.91 17.47 4.88
CA ASN F 169 -36.10 18.04 3.55
C ASN F 169 -37.49 18.65 3.44
N ARG F 170 -38.48 18.06 4.11
CA ARG F 170 -39.83 18.60 4.06
C ARG F 170 -39.92 19.97 4.70
N VAL F 171 -39.24 20.17 5.83
CA VAL F 171 -39.34 21.46 6.52
C VAL F 171 -38.92 22.57 5.56
N GLY F 172 -39.75 23.60 5.47
CA GLY F 172 -39.49 24.72 4.60
C GLY F 172 -39.58 24.31 3.15
N ALA F 173 -40.71 23.71 2.76
CA ALA F 173 -40.96 23.32 1.38
C ALA F 173 -42.21 24.01 0.85
N GLU F 174 -42.13 24.49 -0.39
CA GLU F 174 -43.28 25.15 -0.99
C GLU F 174 -44.35 24.15 -1.40
N ALA F 175 -43.97 23.15 -2.20
CA ALA F 175 -44.90 22.15 -2.69
C ALA F 175 -44.20 20.81 -2.76
N VAL F 176 -44.80 19.80 -2.15
CA VAL F 176 -44.29 18.43 -2.16
C VAL F 176 -45.31 17.55 -2.87
N GLU F 177 -44.86 16.85 -3.92
CA GLU F 177 -45.73 15.97 -4.70
C GLU F 177 -45.13 14.57 -4.70
N VAL F 178 -45.92 13.61 -4.22
CA VAL F 178 -45.55 12.21 -4.13
C VAL F 178 -46.27 11.38 -5.18
N ARG F 179 -45.56 10.43 -5.79
CA ARG F 179 -46.12 9.53 -6.79
C ARG F 179 -45.83 8.10 -6.38
N ILE F 180 -46.88 7.36 -6.03
CA ILE F 180 -46.78 5.96 -5.61
C ILE F 180 -47.34 5.06 -6.70
N ASN F 181 -46.48 4.27 -7.34
CA ASN F 181 -46.92 3.34 -8.36
C ASN F 181 -47.11 1.93 -7.78
N HIS F 182 -47.70 1.05 -8.58
CA HIS F 182 -47.92 -0.35 -8.25
C HIS F 182 -47.45 -1.17 -9.45
N ILE F 183 -46.41 -1.98 -9.26
CA ILE F 183 -45.84 -2.81 -10.32
C ILE F 183 -46.10 -4.29 -10.06
N ARG F 184 -46.89 -4.94 -10.92
CA ARG F 184 -47.15 -6.36 -10.73
C ARG F 184 -46.20 -7.20 -11.59
N GLN F 185 -46.23 -6.97 -12.90
CA GLN F 185 -45.41 -7.72 -13.85
C GLN F 185 -44.25 -6.91 -14.40
N GLY F 186 -43.91 -5.79 -13.76
CA GLY F 186 -42.85 -4.93 -14.21
C GLY F 186 -43.31 -3.66 -14.88
N GLU F 187 -44.62 -3.47 -15.04
CA GLU F 187 -45.16 -2.26 -15.66
C GLU F 187 -46.11 -1.54 -14.70
N VAL F 188 -46.27 -0.24 -14.96
CA VAL F 188 -47.12 0.59 -14.14
C VAL F 188 -48.56 0.16 -14.30
N ALA F 189 -49.19 -0.28 -13.21
CA ALA F 189 -50.58 -0.74 -13.28
C ALA F 189 -51.51 0.42 -12.91
N ARG F 190 -51.33 0.98 -11.72
CA ARG F 190 -52.18 2.10 -11.29
C ARG F 190 -51.32 3.11 -10.56
N ALA F 191 -51.36 4.36 -11.01
CA ALA F 191 -50.58 5.41 -10.39
C ALA F 191 -51.44 6.27 -9.47
N TRP F 192 -50.77 6.99 -8.57
CA TRP F 192 -51.43 7.91 -7.65
C TRP F 192 -50.51 9.09 -7.40
N ARG F 193 -51.10 10.27 -7.27
CA ARG F 193 -50.37 11.51 -7.02
C ARG F 193 -51.08 12.22 -5.87
N PHE F 194 -50.30 12.60 -4.85
CA PHE F 194 -50.86 13.24 -3.66
C PHE F 194 -50.10 14.50 -3.29
N ASP F 195 -50.56 15.16 -2.22
CA ASP F 195 -49.94 16.36 -1.69
C ASP F 195 -49.73 16.14 -0.19
N ALA F 196 -48.47 16.14 0.22
CA ALA F 196 -48.15 15.95 1.63
C ALA F 196 -48.62 17.10 2.50
N LEU F 197 -48.47 18.33 2.02
CA LEU F 197 -48.87 19.48 2.83
C LEU F 197 -50.36 19.48 3.12
N ALA F 198 -51.20 19.27 2.11
CA ALA F 198 -52.63 19.32 2.35
C ALA F 198 -53.05 18.23 3.34
N ILE F 199 -52.49 17.03 3.20
CA ILE F 199 -52.84 15.94 4.09
C ILE F 199 -52.22 16.22 5.45
N GLY F 200 -52.99 16.02 6.51
CA GLY F 200 -52.49 16.32 7.84
C GLY F 200 -51.39 15.36 8.25
N LEU F 201 -50.34 15.92 8.86
CA LEU F 201 -49.25 15.10 9.37
C LEU F 201 -49.63 14.38 10.66
N ARG F 202 -50.29 15.07 11.59
CA ARG F 202 -50.63 14.46 12.86
C ARG F 202 -52.07 13.98 12.91
N ASP F 203 -52.83 14.16 11.83
CA ASP F 203 -54.22 13.73 11.78
C ASP F 203 -54.40 12.86 10.55
N PHE F 204 -55.14 11.77 10.70
CA PHE F 204 -55.41 10.85 9.61
C PHE F 204 -56.86 11.00 9.19
N LYS F 205 -57.07 11.37 7.94
CA LYS F 205 -58.39 11.56 7.36
C LYS F 205 -58.58 10.57 6.22
N ALA F 206 -59.83 10.21 5.97
CA ALA F 206 -60.15 9.24 4.94
C ALA F 206 -60.30 9.91 3.57
N ASP F 207 -59.89 9.18 2.54
CA ASP F 207 -59.99 9.63 1.15
C ASP F 207 -60.08 8.38 0.29
N ALA F 208 -60.71 8.52 -0.88
CA ALA F 208 -60.86 7.37 -1.76
C ALA F 208 -59.52 6.77 -2.14
N GLU F 209 -58.57 7.61 -2.55
CA GLU F 209 -57.26 7.08 -2.94
C GLU F 209 -56.58 6.43 -1.74
N LEU F 210 -56.65 7.09 -0.58
CA LEU F 210 -56.03 6.55 0.62
C LEU F 210 -56.67 5.21 0.98
N ASP F 211 -58.00 5.14 0.88
CA ASP F 211 -58.70 3.90 1.19
C ASP F 211 -58.25 2.79 0.24
N ALA F 212 -58.12 3.11 -1.05
CA ALA F 212 -57.70 2.10 -2.01
C ALA F 212 -56.31 1.60 -1.65
N LEU F 213 -55.42 2.52 -1.29
CA LEU F 213 -54.06 2.12 -0.92
C LEU F 213 -54.09 1.25 0.32
N ALA F 214 -54.92 1.61 1.30
CA ALA F 214 -55.01 0.84 2.53
C ALA F 214 -55.50 -0.56 2.21
N GLU F 215 -56.46 -0.67 1.30
CA GLU F 215 -56.97 -1.99 0.95
C GLU F 215 -55.87 -2.81 0.31
N LEU F 216 -55.10 -2.21 -0.59
CA LEU F 216 -54.02 -2.95 -1.24
C LEU F 216 -53.01 -3.43 -0.21
N ILE F 217 -52.65 -2.57 0.74
CA ILE F 217 -51.67 -2.95 1.76
C ILE F 217 -52.23 -4.05 2.64
N ALA F 218 -53.51 -3.93 3.03
CA ALA F 218 -54.12 -4.95 3.87
C ALA F 218 -54.11 -6.29 3.16
N SER F 219 -54.41 -6.29 1.86
CA SER F 219 -54.42 -7.53 1.11
C SER F 219 -53.03 -8.12 1.10
N GLY F 220 -52.03 -7.29 0.80
CA GLY F 220 -50.66 -7.79 0.76
C GLY F 220 -50.24 -8.39 2.09
N LEU F 221 -50.57 -7.72 3.19
CA LEU F 221 -50.18 -8.24 4.50
C LEU F 221 -50.89 -9.55 4.80
N SER F 222 -52.17 -9.66 4.43
CA SER F 222 -52.90 -10.89 4.64
C SER F 222 -52.41 -12.03 3.75
N GLY F 223 -51.63 -11.71 2.72
CA GLY F 223 -51.08 -12.71 1.83
C GLY F 223 -51.91 -12.99 0.61
N SER F 224 -52.74 -12.03 0.18
CA SER F 224 -53.54 -12.22 -1.03
C SER F 224 -52.64 -12.31 -2.26
N GLY F 225 -51.71 -11.37 -2.40
CA GLY F 225 -50.84 -11.33 -3.57
C GLY F 225 -49.64 -10.45 -3.33
N HIS F 226 -48.66 -10.62 -4.21
CA HIS F 226 -47.44 -9.81 -4.15
C HIS F 226 -47.78 -8.34 -4.33
N VAL F 227 -47.07 -7.49 -3.58
CA VAL F 227 -47.23 -6.05 -3.64
C VAL F 227 -45.86 -5.42 -3.74
N LEU F 228 -45.68 -4.56 -4.73
CA LEU F 228 -44.46 -3.81 -4.95
C LEU F 228 -44.85 -2.36 -5.15
N LEU F 229 -44.22 -1.46 -4.38
CA LEU F 229 -44.53 -0.04 -4.46
C LEU F 229 -43.27 0.78 -4.69
N GLU F 230 -43.25 1.52 -5.80
CA GLU F 230 -42.15 2.40 -6.13
C GLU F 230 -42.58 3.80 -5.67
N VAL F 231 -41.89 4.33 -4.66
CA VAL F 231 -42.21 5.64 -4.11
C VAL F 231 -41.25 6.68 -4.66
N VAL F 232 -41.81 7.77 -5.16
CA VAL F 232 -41.03 8.88 -5.70
C VAL F 232 -41.59 10.17 -5.17
N ALA F 233 -40.77 10.95 -4.47
CA ALA F 233 -41.18 12.21 -3.89
C ALA F 233 -40.43 13.37 -4.55
N PHE F 234 -41.12 14.50 -4.69
CA PHE F 234 -40.53 15.71 -5.25
C PHE F 234 -40.79 16.86 -4.30
N ALA F 235 -39.73 17.41 -3.70
CA ALA F 235 -39.88 18.52 -2.76
C ALA F 235 -39.18 19.77 -3.28
N ARG F 236 -39.89 20.89 -3.28
CA ARG F 236 -39.33 22.17 -3.70
C ARG F 236 -38.63 22.83 -2.52
N ILE F 237 -37.32 23.03 -2.62
CA ILE F 237 -36.55 23.63 -1.55
C ILE F 237 -36.00 24.98 -2.01
N GLY F 238 -35.24 24.96 -3.08
CA GLY F 238 -34.65 26.16 -3.61
C GLY F 238 -33.34 25.84 -4.30
N ASP F 239 -32.86 26.81 -5.08
CA ASP F 239 -31.62 26.61 -5.80
C ASP F 239 -30.44 26.56 -4.85
N GLY F 240 -29.62 25.52 -5.02
CA GLY F 240 -28.39 25.36 -4.26
C GLY F 240 -28.62 25.07 -2.79
N GLN F 241 -29.85 24.72 -2.42
CA GLN F 241 -30.15 24.46 -1.02
C GLN F 241 -29.42 23.22 -0.54
N GLU F 242 -29.45 22.99 0.76
CA GLU F 242 -28.75 21.88 1.40
C GLU F 242 -29.70 20.82 1.93
N VAL F 243 -29.62 19.63 1.34
CA VAL F 243 -30.41 18.48 1.78
C VAL F 243 -29.72 17.84 2.98
N PHE F 244 -30.48 17.09 3.77
CA PHE F 244 -29.98 16.46 4.98
C PHE F 244 -30.04 14.94 4.88
N PRO F 245 -29.09 14.31 4.20
CA PRO F 245 -29.06 12.84 4.15
C PRO F 245 -28.65 12.24 5.49
N SER F 246 -28.66 10.91 5.53
CA SER F 246 -28.34 10.18 6.75
C SER F 246 -26.84 10.12 7.01
N GLN F 247 -26.42 10.64 8.16
CA GLN F 247 -25.00 10.65 8.51
C GLN F 247 -24.54 9.24 8.82
N GLU F 248 -23.33 8.91 8.39
CA GLU F 248 -22.76 7.59 8.60
C GLU F 248 -21.54 7.71 9.50
N LEU F 249 -21.23 6.62 10.18
CA LEU F 249 -20.09 6.54 11.09
C LEU F 249 -19.03 5.62 10.52
N ILE F 250 -17.77 5.87 10.90
CA ILE F 250 -16.69 4.95 10.58
C ILE F 250 -16.38 4.07 11.78
N LEU F 251 -16.31 4.66 12.97
CA LEU F 251 -16.15 3.92 14.22
C LEU F 251 -14.80 3.22 14.28
N ASP F 252 -13.85 3.66 13.45
CA ASP F 252 -12.52 3.06 13.39
C ASP F 252 -11.49 4.16 13.24
N LYS F 253 -10.25 3.86 13.63
CA LYS F 253 -9.18 4.85 13.49
C LYS F 253 -8.80 5.06 12.03
N GLY F 254 -9.05 4.07 11.18
CA GLY F 254 -8.65 4.18 9.79
C GLY F 254 -7.15 4.39 9.69
N ASP F 255 -6.75 5.59 9.25
CA ASP F 255 -5.35 5.93 9.17
C ASP F 255 -4.77 6.39 10.51
N LYS F 256 -5.52 6.26 11.60
CA LYS F 256 -5.07 6.65 12.93
C LYS F 256 -4.59 8.10 12.99
N LYS F 257 -5.01 8.91 12.04
CA LYS F 257 -4.65 10.32 11.95
C LYS F 257 -5.91 11.17 11.78
N GLY F 258 -5.71 12.46 11.58
CA GLY F 258 -6.83 13.35 11.37
C GLY F 258 -7.49 13.14 10.03
N GLN F 259 -8.82 13.13 10.02
CA GLN F 259 -9.58 12.90 8.80
C GLN F 259 -10.96 13.51 8.98
N LYS F 260 -11.86 13.19 8.05
CA LYS F 260 -13.21 13.72 8.09
C LYS F 260 -13.90 13.36 9.39
N SER F 261 -14.95 14.12 9.72
CA SER F 261 -15.74 13.88 10.92
C SER F 261 -17.16 13.44 10.59
N LYS F 262 -17.86 14.20 9.75
CA LYS F 262 -19.21 13.86 9.32
C LYS F 262 -19.15 13.18 7.97
N THR F 263 -19.61 11.93 7.91
CA THR F 263 -19.60 11.15 6.68
C THR F 263 -21.03 10.76 6.33
N LEU F 264 -21.47 11.18 5.14
CA LEU F 264 -22.81 10.93 4.67
C LEU F 264 -22.89 9.63 3.89
N TYR F 265 -23.96 8.88 4.11
CA TYR F 265 -24.13 7.61 3.43
C TYR F 265 -24.29 7.85 1.94
N SER F 266 -23.45 7.19 1.15
CA SER F 266 -23.48 7.32 -0.29
C SER F 266 -23.21 5.99 -0.95
N VAL F 267 -23.99 5.68 -1.99
CA VAL F 267 -23.84 4.45 -2.76
C VAL F 267 -23.62 4.83 -4.21
N ARG F 268 -22.64 4.19 -4.85
CA ARG F 268 -22.33 4.44 -6.25
C ARG F 268 -22.20 5.94 -6.51
N ASP F 269 -21.47 6.62 -5.63
CA ASP F 269 -21.24 8.05 -5.73
C ASP F 269 -22.54 8.84 -5.77
N ALA F 270 -23.55 8.36 -5.05
CA ALA F 270 -24.83 9.03 -4.97
C ALA F 270 -25.32 8.96 -3.53
N ALA F 271 -25.88 10.09 -3.06
CA ALA F 271 -26.39 10.16 -1.70
C ALA F 271 -27.69 9.39 -1.56
N ALA F 272 -27.95 8.88 -0.36
CA ALA F 272 -29.17 8.15 -0.11
C ALA F 272 -29.48 8.17 1.39
N ILE F 273 -30.63 7.58 1.73
CA ILE F 273 -31.10 7.50 3.10
C ILE F 273 -31.21 6.04 3.50
N HIS F 274 -30.90 5.74 4.75
CA HIS F 274 -30.92 4.37 5.25
C HIS F 274 -32.32 3.77 5.20
N SER F 275 -32.34 2.46 4.95
CA SER F 275 -33.59 1.69 4.88
C SER F 275 -34.36 1.76 6.19
N GLN F 276 -33.68 1.54 7.31
CA GLN F 276 -34.37 1.55 8.60
C GLN F 276 -34.91 2.93 8.93
N LYS F 277 -34.21 3.99 8.53
CA LYS F 277 -34.69 5.32 8.83
C LYS F 277 -36.02 5.58 8.12
N ILE F 278 -36.23 4.96 6.97
CA ILE F 278 -37.50 5.09 6.25
C ILE F 278 -38.54 4.17 6.89
N GLY F 279 -38.15 2.93 7.17
CA GLY F 279 -39.08 1.97 7.75
C GLY F 279 -39.56 2.37 9.12
N ASN F 280 -38.82 3.24 9.79
CA ASN F 280 -39.23 3.75 11.10
C ASN F 280 -40.35 4.75 10.95
N ALA F 281 -40.21 5.68 9.99
CA ALA F 281 -41.24 6.66 9.76
C ALA F 281 -42.50 6.02 9.21
N LEU F 282 -42.34 5.04 8.32
CA LEU F 282 -43.53 4.42 7.73
C LEU F 282 -44.40 3.78 8.80
N ARG F 283 -43.82 3.34 9.92
CA ARG F 283 -44.59 2.67 10.95
C ARG F 283 -44.99 3.61 12.08
N THR F 284 -45.05 4.91 11.80
CA THR F 284 -45.48 5.90 12.77
C THR F 284 -47.01 5.91 12.82
N ILE F 285 -47.56 4.88 13.47
CA ILE F 285 -48.99 4.71 13.62
C ILE F 285 -49.42 4.93 15.05
N ASP F 286 -48.66 4.41 16.01
CA ASP F 286 -49.04 4.48 17.42
C ASP F 286 -49.31 5.91 17.86
N THR F 287 -50.54 6.15 18.31
CA THR F 287 -50.96 7.45 18.82
C THR F 287 -51.76 7.33 20.10
N TRP F 288 -51.89 6.12 20.65
CA TRP F 288 -52.65 5.85 21.85
C TRP F 288 -51.82 5.98 23.13
N TYR F 289 -50.72 6.70 23.10
CA TYR F 289 -49.88 6.82 24.29
C TYR F 289 -50.72 7.24 25.49
N PRO F 290 -50.47 6.65 26.66
CA PRO F 290 -51.25 7.05 27.86
C PRO F 290 -50.96 8.45 28.35
N ASP F 291 -49.72 8.93 28.18
CA ASP F 291 -49.34 10.23 28.73
C ASP F 291 -50.29 11.33 28.26
N GLU F 292 -50.46 11.47 26.95
CA GLU F 292 -51.38 12.45 26.41
C GLU F 292 -51.40 12.29 24.89
N ASP F 293 -52.35 12.98 24.26
CA ASP F 293 -52.50 12.95 22.82
C ASP F 293 -52.02 14.24 22.16
N GLY F 294 -51.31 15.09 22.89
CA GLY F 294 -50.80 16.31 22.28
C GLY F 294 -49.81 16.00 21.18
N LEU F 295 -48.86 15.11 21.46
CA LEU F 295 -47.89 14.72 20.45
C LEU F 295 -48.55 13.88 19.37
N GLY F 296 -48.06 14.01 18.15
CA GLY F 296 -48.63 13.29 17.04
C GLY F 296 -48.12 11.88 16.97
N PRO F 297 -48.23 11.26 15.78
CA PRO F 297 -47.80 9.87 15.65
C PRO F 297 -46.34 9.71 15.99
N ILE F 298 -46.05 8.63 16.70
CA ILE F 298 -44.69 8.27 17.13
C ILE F 298 -44.38 6.89 16.60
N ALA F 299 -43.17 6.73 16.07
CA ALA F 299 -42.78 5.46 15.49
C ALA F 299 -43.07 4.33 16.49
N VAL F 300 -43.66 3.26 15.98
CA VAL F 300 -43.97 2.11 16.84
C VAL F 300 -42.69 1.41 17.24
N GLU F 301 -42.46 1.32 18.54
CA GLU F 301 -41.31 0.61 19.08
C GLU F 301 -41.71 0.04 20.42
N PRO F 302 -41.13 -1.08 20.83
CA PRO F 302 -41.48 -1.61 22.15
C PRO F 302 -41.16 -0.56 23.19
N TYR F 303 -42.00 -0.46 24.21
CA TYR F 303 -41.84 0.51 25.28
C TYR F 303 -41.97 1.96 24.80
N GLY F 304 -42.46 2.19 23.58
CA GLY F 304 -42.66 3.53 23.07
C GLY F 304 -41.47 4.45 23.26
N SER F 305 -40.27 3.91 23.10
CA SER F 305 -39.05 4.69 23.29
C SER F 305 -38.85 5.71 22.17
N VAL F 306 -38.37 6.91 22.58
CA VAL F 306 -38.05 7.99 21.66
C VAL F 306 -36.67 8.50 22.04
N THR F 307 -35.74 8.48 21.07
CA THR F 307 -34.38 8.95 21.30
C THR F 307 -34.29 10.47 21.43
N SER F 308 -34.97 11.19 20.55
CA SER F 308 -34.89 12.65 20.56
C SER F 308 -35.39 13.24 21.87
N GLN F 309 -36.52 12.77 22.36
CA GLN F 309 -37.10 13.29 23.59
C GLN F 309 -36.40 12.76 24.84
N GLY F 310 -35.52 11.78 24.69
CA GLY F 310 -34.79 11.23 25.82
C GLY F 310 -35.63 10.55 26.86
N LYS F 311 -36.91 10.32 26.58
CA LYS F 311 -37.80 9.64 27.53
C LYS F 311 -38.59 8.61 26.75
N ALA F 312 -39.01 7.56 27.46
CA ALA F 312 -39.73 6.45 26.86
C ALA F 312 -41.16 6.37 27.39
N TYR F 313 -42.13 6.63 26.52
CA TYR F 313 -43.52 6.54 26.93
C TYR F 313 -43.88 5.06 27.02
N ARG F 314 -45.04 4.78 27.61
CA ARG F 314 -45.51 3.40 27.74
C ARG F 314 -44.53 2.56 28.57
N GLN F 315 -44.10 3.09 29.72
CA GLN F 315 -43.18 2.36 30.57
C GLN F 315 -43.76 0.99 30.94
N PRO F 316 -42.90 0.03 31.31
CA PRO F 316 -43.41 -1.30 31.64
C PRO F 316 -44.30 -1.35 32.87
N LYS F 317 -44.23 -0.36 33.78
CA LYS F 317 -45.08 -0.42 34.95
C LYS F 317 -46.55 -0.40 34.53
N GLN F 318 -46.84 0.34 33.48
CA GLN F 318 -48.19 0.46 32.95
C GLN F 318 -48.52 -0.80 32.16
N LYS F 319 -49.82 -1.06 32.00
CA LYS F 319 -50.26 -2.24 31.28
C LYS F 319 -50.21 -2.11 29.77
N LEU F 320 -49.92 -0.92 29.23
CA LEU F 320 -49.93 -0.77 27.79
C LEU F 320 -48.65 -1.31 27.13
N ASP F 321 -47.69 -1.76 27.92
CA ASP F 321 -46.45 -2.29 27.37
C ASP F 321 -46.75 -3.42 26.38
N PHE F 322 -45.93 -3.52 25.34
CA PHE F 322 -46.14 -4.54 24.33
C PHE F 322 -46.02 -5.94 24.93
N TYR F 323 -44.93 -6.19 25.66
CA TYR F 323 -44.71 -7.50 26.24
C TYR F 323 -45.85 -7.88 27.18
N THR F 324 -46.24 -6.96 28.05
CA THR F 324 -47.31 -7.25 29.00
C THR F 324 -48.62 -7.53 28.27
N LEU F 325 -48.95 -6.69 27.29
CA LEU F 325 -50.19 -6.86 26.56
C LEU F 325 -50.23 -8.19 25.84
N LEU F 326 -49.12 -8.56 25.19
CA LEU F 326 -49.10 -9.81 24.45
C LEU F 326 -49.21 -10.99 25.40
N ASP F 327 -48.50 -10.94 26.52
CA ASP F 327 -48.56 -12.04 27.47
C ASP F 327 -49.97 -12.22 28.00
N ASN F 328 -50.64 -11.11 28.33
CA ASN F 328 -51.99 -11.21 28.86
C ASN F 328 -52.97 -11.70 27.80
N TRP F 329 -52.92 -11.11 26.60
CA TRP F 329 -53.87 -11.46 25.56
C TRP F 329 -53.65 -12.86 24.98
N VAL F 330 -52.48 -13.46 25.23
CA VAL F 330 -52.21 -14.80 24.71
C VAL F 330 -52.43 -15.87 25.77
N LEU F 331 -51.67 -15.73 26.87
CA LEU F 331 -51.72 -16.70 27.96
C LEU F 331 -53.03 -16.65 28.74
N ARG F 332 -53.44 -15.46 29.17
CA ARG F 332 -54.63 -15.29 30.00
C ARG F 332 -55.90 -15.02 29.20
N ASP F 333 -55.78 -14.88 27.89
CA ASP F 333 -56.91 -14.64 26.98
C ASP F 333 -57.69 -13.37 27.33
N GLU F 334 -57.02 -12.36 27.87
CA GLU F 334 -57.67 -11.11 28.21
C GLU F 334 -57.57 -10.22 26.98
N ALA F 335 -58.71 -9.95 26.33
CA ALA F 335 -58.66 -9.13 25.13
C ALA F 335 -58.56 -7.66 25.50
N PRO F 336 -57.47 -6.98 25.16
CA PRO F 336 -57.36 -5.54 25.47
C PRO F 336 -58.12 -4.69 24.47
N ALA F 337 -58.10 -3.37 24.67
CA ALA F 337 -58.81 -2.47 23.79
C ALA F 337 -58.34 -2.66 22.34
N VAL F 338 -59.21 -2.31 21.39
CA VAL F 338 -58.89 -2.46 19.97
C VAL F 338 -57.59 -1.74 19.65
N GLU F 339 -57.38 -0.58 20.28
CA GLU F 339 -56.18 0.21 20.03
C GLU F 339 -54.93 -0.59 20.41
N GLN F 340 -54.95 -1.18 21.61
CA GLN F 340 -53.82 -1.98 22.07
C GLN F 340 -53.59 -3.15 21.12
N GLN F 341 -54.67 -3.76 20.64
CA GLN F 341 -54.52 -4.87 19.71
C GLN F 341 -53.80 -4.40 18.45
N HIS F 342 -54.14 -3.19 17.99
CA HIS F 342 -53.49 -2.66 16.81
C HIS F 342 -52.00 -2.47 17.08
N TYR F 343 -51.68 -1.94 18.26
CA TYR F 343 -50.28 -1.72 18.61
C TYR F 343 -49.51 -3.04 18.66
N VAL F 344 -50.15 -4.08 19.21
CA VAL F 344 -49.48 -5.37 19.31
C VAL F 344 -49.22 -5.93 17.92
N ILE F 345 -50.19 -5.82 17.02
CA ILE F 345 -50.00 -6.32 15.66
C ILE F 345 -48.92 -5.51 14.95
N ALA F 346 -48.87 -4.21 15.22
CA ALA F 346 -47.87 -3.36 14.59
C ALA F 346 -46.47 -3.81 15.01
N ASN F 347 -46.30 -4.14 16.28
CA ASN F 347 -44.99 -4.57 16.74
C ASN F 347 -44.59 -5.85 16.01
N LEU F 348 -45.51 -6.80 15.87
CA LEU F 348 -45.18 -8.05 15.19
C LEU F 348 -44.82 -7.77 13.74
N ILE F 349 -45.50 -6.82 13.11
CA ILE F 349 -45.18 -6.50 11.72
C ILE F 349 -43.77 -5.90 11.65
N ARG F 350 -43.44 -5.01 12.58
CA ARG F 350 -42.10 -4.42 12.59
C ARG F 350 -41.03 -5.48 12.81
N GLY F 351 -41.33 -6.47 13.64
CA GLY F 351 -40.39 -7.54 13.89
C GLY F 351 -39.42 -7.17 14.99
N GLY F 352 -38.67 -8.16 15.43
CA GLY F 352 -37.70 -7.93 16.48
C GLY F 352 -37.21 -9.24 17.07
N VAL F 353 -36.53 -9.12 18.20
CA VAL F 353 -36.04 -10.25 18.96
C VAL F 353 -36.68 -10.20 20.33
N PHE F 354 -37.55 -11.17 20.62
CA PHE F 354 -38.24 -11.21 21.91
C PHE F 354 -37.81 -12.45 22.66
N GLY F 355 -38.07 -12.43 23.97
CA GLY F 355 -37.74 -13.56 24.81
C GLY F 355 -36.29 -13.65 25.25
N GLU F 356 -35.49 -12.62 25.01
CA GLU F 356 -34.08 -12.70 25.37
C GLU F 356 -34.06 -13.07 26.85
N ALA F 357 -33.40 -14.18 27.15
CA ALA F 357 -33.44 -14.74 28.49
C ALA F 357 -32.55 -15.97 28.60
N LEU G 24 -22.03 -59.54 16.35
CA LEU G 24 -21.79 -58.44 15.42
C LEU G 24 -22.16 -57.08 16.00
N SER G 25 -21.28 -56.51 16.81
CA SER G 25 -21.53 -55.20 17.38
C SER G 25 -21.29 -54.15 16.30
N THR G 26 -21.60 -52.88 16.61
CA THR G 26 -21.38 -51.86 15.61
C THR G 26 -19.92 -51.48 15.57
N ALA G 27 -19.55 -50.68 14.57
CA ALA G 27 -18.18 -50.24 14.40
C ALA G 27 -17.96 -48.89 15.06
N SER G 28 -16.96 -48.81 15.92
CA SER G 28 -16.67 -47.56 16.62
C SER G 28 -16.35 -46.41 15.68
N VAL G 29 -15.85 -46.70 14.49
CA VAL G 29 -15.47 -45.68 13.51
C VAL G 29 -16.23 -45.89 12.22
N LEU G 30 -17.12 -44.95 11.91
CA LEU G 30 -17.90 -45.00 10.68
C LEU G 30 -17.99 -43.61 10.09
N ALA G 31 -17.69 -43.51 8.80
CA ALA G 31 -17.75 -42.24 8.09
C ALA G 31 -18.23 -42.50 6.68
N PHE G 32 -19.01 -41.56 6.15
CA PHE G 32 -19.56 -41.64 4.81
C PHE G 32 -19.33 -40.31 4.10
N GLU G 33 -18.59 -40.34 3.00
CA GLU G 33 -18.33 -39.10 2.29
C GLU G 33 -19.66 -38.57 1.79
N ARG G 34 -19.84 -37.25 1.81
CA ARG G 34 -21.13 -36.65 1.41
C ARG G 34 -21.31 -36.80 -0.08
N LYS G 35 -22.56 -36.97 -0.46
CA LYS G 35 -22.94 -37.08 -1.85
C LYS G 35 -23.80 -35.85 -2.12
N LEU G 36 -24.01 -35.54 -3.40
CA LEU G 36 -24.75 -34.34 -3.74
C LEU G 36 -24.09 -33.15 -3.05
N ASP G 37 -22.81 -32.95 -3.35
CA ASP G 37 -22.05 -31.87 -2.75
C ASP G 37 -22.06 -30.68 -3.68
N PRO G 38 -22.77 -29.61 -3.36
CA PRO G 38 -22.73 -28.42 -4.23
C PRO G 38 -21.54 -27.53 -3.94
N SER G 39 -21.46 -26.44 -4.68
CA SER G 39 -20.40 -25.47 -4.54
C SER G 39 -20.98 -24.19 -3.97
N ASP G 40 -20.12 -23.17 -3.82
CA ASP G 40 -20.61 -21.92 -3.30
C ASP G 40 -21.61 -21.38 -4.31
N ALA G 41 -22.55 -20.57 -3.86
CA ALA G 41 -23.55 -20.00 -4.76
C ALA G 41 -23.28 -18.52 -4.91
N LEU G 42 -22.82 -18.12 -6.09
CA LEU G 42 -22.57 -16.72 -6.38
C LEU G 42 -23.87 -16.02 -6.73
N MET G 43 -23.90 -14.71 -6.53
CA MET G 43 -25.08 -13.93 -6.83
C MET G 43 -24.73 -12.72 -7.68
N SER G 44 -25.72 -12.27 -8.44
CA SER G 44 -25.59 -11.13 -9.32
C SER G 44 -26.98 -10.56 -9.56
N ALA G 45 -27.03 -9.44 -10.28
CA ALA G 45 -28.28 -8.77 -10.61
C ALA G 45 -28.37 -8.48 -12.10
N GLY G 46 -29.60 -8.24 -12.55
CA GLY G 46 -29.85 -7.95 -13.95
C GLY G 46 -31.32 -7.65 -14.15
N ALA G 47 -31.69 -7.50 -15.41
CA ALA G 47 -33.08 -7.23 -15.78
C ALA G 47 -33.76 -8.53 -16.15
N TRP G 48 -34.98 -8.72 -15.66
CA TRP G 48 -35.73 -9.94 -15.95
C TRP G 48 -35.89 -10.17 -17.45
N ALA G 49 -35.97 -9.10 -18.23
CA ALA G 49 -36.11 -9.26 -19.68
C ALA G 49 -34.89 -9.95 -20.26
N GLN G 50 -33.69 -9.51 -19.85
CA GLN G 50 -32.44 -10.06 -20.36
C GLN G 50 -32.16 -11.45 -19.81
N ARG G 51 -33.08 -11.98 -19.01
CA ARG G 51 -32.95 -13.27 -18.35
C ARG G 51 -32.41 -14.36 -19.27
N ASP G 52 -32.84 -14.38 -20.53
CA ASP G 52 -32.40 -15.42 -21.45
C ASP G 52 -30.88 -15.46 -21.57
N ALA G 53 -30.24 -14.31 -21.62
CA ALA G 53 -28.79 -14.21 -21.70
C ALA G 53 -28.33 -13.57 -20.40
N SER G 54 -27.75 -14.38 -19.52
CA SER G 54 -27.27 -13.93 -18.21
C SER G 54 -25.81 -14.31 -18.03
N GLN G 55 -24.94 -13.43 -18.51
CA GLN G 55 -23.50 -13.58 -18.36
C GLN G 55 -22.95 -12.16 -18.37
N GLU G 56 -21.89 -11.94 -17.61
CA GLU G 56 -21.18 -10.67 -17.48
C GLU G 56 -21.93 -9.76 -16.51
N TRP G 57 -23.05 -10.20 -15.94
CA TRP G 57 -23.81 -9.34 -15.04
C TRP G 57 -22.94 -9.03 -13.82
N PRO G 58 -22.87 -7.77 -13.40
CA PRO G 58 -21.99 -7.45 -12.27
C PRO G 58 -22.53 -8.06 -10.98
N ALA G 59 -21.60 -8.55 -10.17
CA ALA G 59 -21.95 -9.22 -8.94
C ALA G 59 -22.43 -8.21 -7.89
N VAL G 60 -23.11 -8.74 -6.89
CA VAL G 60 -23.59 -7.94 -5.78
C VAL G 60 -22.46 -7.80 -4.77
N THR G 61 -21.99 -6.58 -4.57
CA THR G 61 -20.89 -6.32 -3.66
C THR G 61 -21.43 -5.98 -2.28
N VAL G 62 -20.85 -6.60 -1.26
CA VAL G 62 -21.24 -6.30 0.11
C VAL G 62 -20.80 -4.88 0.45
N ARG G 63 -21.58 -4.20 1.28
CA ARG G 63 -21.20 -2.87 1.73
C ARG G 63 -21.53 -2.74 3.21
N GLU G 64 -21.03 -1.66 3.81
CA GLU G 64 -21.22 -1.38 5.21
C GLU G 64 -22.11 -0.16 5.37
N LYS G 65 -22.97 -0.18 6.37
CA LYS G 65 -23.81 0.98 6.65
C LYS G 65 -23.98 1.14 8.15
N SER G 66 -23.81 2.36 8.63
CA SER G 66 -24.11 2.66 10.02
C SER G 66 -25.59 2.43 10.30
N VAL G 67 -25.88 1.91 11.48
CA VAL G 67 -27.25 1.64 11.91
C VAL G 67 -27.32 1.84 13.41
N ARG G 68 -28.27 2.66 13.85
CA ARG G 68 -28.53 2.86 15.27
C ARG G 68 -29.46 1.77 15.77
N GLY G 69 -29.45 1.55 17.09
CA GLY G 69 -30.42 0.68 17.69
C GLY G 69 -31.14 1.35 18.85
N THR G 70 -31.87 0.53 19.60
CA THR G 70 -32.59 1.00 20.77
C THR G 70 -33.05 -0.21 21.57
N ILE G 71 -33.76 0.04 22.66
CA ILE G 71 -34.20 -1.01 23.56
C ILE G 71 -35.49 -1.63 23.06
N SER G 72 -35.35 -2.78 22.39
CA SER G 72 -36.49 -3.56 21.92
C SER G 72 -36.57 -4.92 22.59
N ASN G 73 -35.49 -5.36 23.23
CA ASN G 73 -35.46 -6.67 23.86
C ASN G 73 -36.22 -6.66 25.19
N ARG G 74 -36.27 -7.82 25.83
CA ARG G 74 -37.05 -8.02 27.05
C ARG G 74 -36.27 -7.55 28.26
N LEU G 75 -36.88 -6.66 29.05
CA LEU G 75 -36.27 -6.17 30.27
C LEU G 75 -36.71 -6.99 31.46
N LYS G 76 -35.81 -7.14 32.44
CA LYS G 76 -36.16 -7.77 33.71
C LYS G 76 -37.07 -6.84 34.49
N THR G 77 -38.34 -7.24 34.66
CA THR G 77 -39.32 -6.38 35.32
C THR G 77 -38.78 -5.77 36.60
N LYS G 78 -37.84 -6.45 37.27
CA LYS G 78 -37.16 -5.85 38.40
C LYS G 78 -36.11 -4.85 37.94
N ASP G 79 -35.32 -5.22 36.92
CA ASP G 79 -34.36 -4.29 36.36
C ASP G 79 -35.03 -3.24 35.49
N ARG G 80 -36.32 -3.39 35.24
CA ARG G 80 -37.06 -2.44 34.41
C ARG G 80 -37.66 -1.35 35.28
N ASP G 81 -37.13 -0.15 35.14
CA ASP G 81 -37.52 0.98 35.97
C ASP G 81 -37.68 2.19 35.08
N PRO G 82 -38.50 3.17 35.50
CA PRO G 82 -38.71 4.35 34.65
C PRO G 82 -37.44 5.01 34.15
N ALA G 83 -36.51 5.35 35.06
CA ALA G 83 -35.37 6.17 34.67
C ALA G 83 -34.29 5.34 33.98
N LYS G 84 -34.25 4.03 34.27
CA LYS G 84 -33.34 3.16 33.54
C LYS G 84 -33.56 3.27 32.04
N LEU G 85 -34.84 3.32 31.62
CA LEU G 85 -35.13 3.50 30.20
C LEU G 85 -34.67 4.83 29.62
N ASP G 86 -34.97 5.93 30.32
CA ASP G 86 -34.52 7.24 29.85
C ASP G 86 -33.00 7.22 29.70
N ALA G 87 -32.29 6.62 30.65
CA ALA G 87 -30.83 6.51 30.53
C ALA G 87 -30.46 5.74 29.27
N SER G 88 -30.94 4.50 29.13
CA SER G 88 -30.56 3.68 27.99
C SER G 88 -30.85 4.39 26.68
N ILE G 89 -32.11 4.77 26.44
CA ILE G 89 -32.49 5.44 25.21
C ILE G 89 -31.72 6.76 25.02
N GLN G 90 -31.19 7.33 26.11
CA GLN G 90 -30.36 8.53 25.96
C GLN G 90 -28.90 8.15 25.71
N SER G 91 -28.59 6.86 25.79
CA SER G 91 -27.26 6.33 25.49
C SER G 91 -27.45 5.15 24.54
N PRO G 92 -27.54 5.41 23.24
CA PRO G 92 -27.98 4.36 22.31
C PRO G 92 -26.83 3.51 21.82
N ASN G 93 -27.12 2.23 21.62
CA ASN G 93 -26.15 1.26 21.13
C ASN G 93 -26.02 1.39 19.62
N LEU G 94 -25.01 2.12 19.17
CA LEU G 94 -24.72 2.14 17.74
C LEU G 94 -24.29 0.75 17.28
N GLN G 95 -24.13 0.59 15.97
CA GLN G 95 -23.79 -0.71 15.42
C GLN G 95 -23.49 -0.57 13.94
N THR G 96 -22.50 -1.33 13.48
CA THR G 96 -22.21 -1.48 12.06
C THR G 96 -22.61 -2.87 11.60
N VAL G 97 -23.28 -2.95 10.45
CA VAL G 97 -23.68 -4.20 9.86
C VAL G 97 -23.41 -4.13 8.36
N ASP G 98 -23.55 -5.27 7.69
CA ASP G 98 -23.35 -5.35 6.26
C ASP G 98 -24.62 -5.85 5.60
N VAL G 99 -25.02 -5.17 4.52
CA VAL G 99 -26.20 -5.52 3.76
C VAL G 99 -25.84 -5.51 2.29
N ALA G 100 -26.57 -6.30 1.51
CA ALA G 100 -26.34 -6.35 0.08
C ALA G 100 -27.68 -6.09 -0.59
N ASN G 101 -27.71 -5.08 -1.45
CA ASN G 101 -28.94 -4.69 -2.10
C ASN G 101 -28.71 -4.65 -3.61
N LEU G 102 -29.74 -4.95 -4.40
CA LEU G 102 -29.57 -4.92 -5.85
C LEU G 102 -29.28 -3.49 -6.31
N PRO G 103 -28.79 -3.30 -7.53
CA PRO G 103 -28.54 -1.95 -8.02
C PRO G 103 -29.82 -1.11 -8.02
N SER G 104 -29.64 0.20 -8.20
CA SER G 104 -30.79 1.11 -8.17
C SER G 104 -31.90 0.63 -9.07
N ASP G 105 -31.58 0.21 -10.28
CA ASP G 105 -32.54 -0.28 -11.26
C ASP G 105 -32.19 -1.72 -11.59
N ALA G 106 -32.73 -2.64 -10.78
CA ALA G 106 -32.53 -4.06 -10.98
C ALA G 106 -33.63 -4.80 -10.24
N ASP G 107 -34.32 -5.69 -10.93
CA ASP G 107 -35.44 -6.42 -10.36
C ASP G 107 -35.24 -7.93 -10.26
N THR G 108 -34.12 -8.46 -10.76
CA THR G 108 -33.91 -9.90 -10.74
C THR G 108 -32.59 -10.29 -10.10
N LEU G 109 -32.66 -11.26 -9.21
CA LEU G 109 -31.51 -11.83 -8.54
C LEU G 109 -31.11 -13.12 -9.24
N LYS G 110 -29.81 -13.36 -9.36
CA LYS G 110 -29.31 -14.56 -10.01
C LYS G 110 -28.42 -15.33 -9.04
N VAL G 111 -28.57 -16.64 -9.02
CA VAL G 111 -27.77 -17.52 -8.18
C VAL G 111 -27.26 -18.66 -9.03
N ARG G 112 -25.95 -18.92 -8.97
CA ARG G 112 -25.35 -19.98 -9.76
C ARG G 112 -24.53 -20.88 -8.86
N PHE G 113 -24.86 -22.16 -8.83
CA PHE G 113 -24.13 -23.15 -8.05
C PHE G 113 -24.17 -24.47 -8.79
N THR G 114 -23.08 -25.23 -8.72
CA THR G 114 -23.05 -26.50 -9.39
C THR G 114 -23.41 -27.61 -8.40
N LEU G 115 -23.73 -28.78 -8.94
CA LEU G 115 -24.04 -29.93 -8.13
C LEU G 115 -23.53 -31.17 -8.82
N ARG G 116 -22.94 -32.08 -8.04
CA ARG G 116 -22.42 -33.33 -8.55
C ARG G 116 -23.08 -34.51 -7.84
N VAL G 117 -23.17 -35.63 -8.56
CA VAL G 117 -23.71 -36.86 -8.01
C VAL G 117 -22.57 -37.86 -8.03
N LEU G 118 -22.08 -38.24 -6.85
CA LEU G 118 -20.95 -39.15 -6.78
C LEU G 118 -21.36 -40.61 -6.90
N GLY G 119 -22.28 -41.04 -6.04
CA GLY G 119 -22.73 -42.41 -5.99
C GLY G 119 -21.98 -43.19 -4.92
N GLY G 120 -22.35 -44.46 -4.80
CA GLY G 120 -21.75 -45.28 -3.77
C GLY G 120 -22.07 -44.76 -2.38
N ALA G 121 -23.32 -44.38 -2.16
CA ALA G 121 -23.74 -43.84 -0.87
C ALA G 121 -23.44 -44.82 0.26
N GLY G 122 -23.84 -46.06 0.09
CA GLY G 122 -23.66 -47.04 1.14
C GLY G 122 -22.20 -47.38 1.39
N THR G 123 -21.34 -47.15 0.42
CA THR G 123 -19.94 -47.51 0.57
C THR G 123 -19.30 -46.69 1.69
N PRO G 124 -18.87 -47.32 2.79
CA PRO G 124 -18.23 -46.56 3.87
C PRO G 124 -16.83 -46.13 3.51
N SER G 125 -16.47 -44.92 3.94
CA SER G 125 -15.14 -44.41 3.69
C SER G 125 -14.14 -45.10 4.61
N ALA G 126 -14.49 -45.27 5.88
CA ALA G 126 -13.63 -45.93 6.85
C ALA G 126 -14.50 -46.75 7.79
N CYS G 127 -14.06 -47.98 8.08
CA CYS G 127 -14.74 -48.87 9.01
C CYS G 127 -13.71 -49.71 9.74
N ASN G 128 -13.89 -49.86 11.05
CA ASN G 128 -12.96 -50.66 11.85
C ASN G 128 -13.07 -52.13 11.50
N ASP G 129 -14.29 -52.66 11.46
CA ASP G 129 -14.52 -54.07 11.21
C ASP G 129 -14.94 -54.30 9.76
N ALA G 130 -14.40 -55.35 9.15
CA ALA G 130 -14.76 -55.68 7.78
C ALA G 130 -16.15 -56.29 7.72
N ALA G 131 -16.50 -57.11 8.72
CA ALA G 131 -17.80 -57.78 8.72
C ALA G 131 -18.93 -56.76 8.68
N TYR G 132 -18.81 -55.69 9.48
CA TYR G 132 -19.86 -54.68 9.51
C TYR G 132 -20.01 -54.03 8.14
N ARG G 133 -18.88 -53.70 7.50
CA ARG G 133 -18.92 -53.08 6.19
C ARG G 133 -19.61 -53.99 5.17
N ASP G 134 -19.26 -55.27 5.19
CA ASP G 134 -19.87 -56.21 4.26
C ASP G 134 -21.37 -56.32 4.51
N LYS G 135 -21.76 -56.40 5.78
CA LYS G 135 -23.18 -56.54 6.12
C LYS G 135 -23.94 -55.31 5.65
N LEU G 136 -23.35 -54.13 5.84
CA LEU G 136 -23.99 -52.89 5.43
C LEU G 136 -24.15 -52.87 3.91
N LEU G 137 -23.09 -53.23 3.19
CA LEU G 137 -23.16 -53.23 1.73
C LEU G 137 -24.22 -54.20 1.26
N GLN G 138 -24.33 -55.37 1.91
CA GLN G 138 -25.32 -56.34 1.50
C GLN G 138 -26.72 -55.77 1.69
N THR G 139 -26.97 -55.15 2.85
CA THR G 139 -28.29 -54.58 3.10
C THR G 139 -28.60 -53.50 2.07
N VAL G 140 -27.60 -52.69 1.74
CA VAL G 140 -27.80 -51.61 0.76
C VAL G 140 -28.13 -52.19 -0.61
N ALA G 141 -27.38 -53.23 -1.02
CA ALA G 141 -27.63 -53.85 -2.31
C ALA G 141 -29.03 -54.43 -2.34
N THR G 142 -29.46 -55.03 -1.23
CA THR G 142 -30.79 -55.61 -1.18
C THR G 142 -31.83 -54.51 -1.36
N TYR G 143 -31.63 -53.39 -0.67
CA TYR G 143 -32.57 -52.29 -0.76
C TYR G 143 -32.63 -51.75 -2.19
N VAL G 144 -31.47 -51.58 -2.82
CA VAL G 144 -31.44 -51.05 -4.18
C VAL G 144 -32.16 -52.00 -5.12
N ASN G 145 -31.92 -53.30 -4.99
CA ASN G 145 -32.57 -54.27 -5.85
C ASN G 145 -34.08 -54.24 -5.66
N ASP G 146 -34.51 -54.20 -4.39
CA ASP G 146 -35.94 -54.18 -4.11
C ASP G 146 -36.59 -52.95 -4.71
N GLN G 147 -36.00 -51.79 -4.44
CA GLN G 147 -36.50 -50.53 -4.97
C GLN G 147 -35.33 -49.59 -5.18
N GLY G 148 -35.42 -48.80 -6.25
CA GLY G 148 -34.37 -47.88 -6.61
C GLY G 148 -34.49 -46.55 -5.91
N PHE G 149 -33.52 -45.68 -6.20
CA PHE G 149 -33.48 -44.36 -5.57
C PHE G 149 -34.46 -43.40 -6.21
N ALA G 150 -35.34 -43.89 -7.10
CA ALA G 150 -36.25 -42.99 -7.81
C ALA G 150 -37.03 -42.11 -6.86
N GLU G 151 -37.40 -42.63 -5.69
CA GLU G 151 -38.15 -41.80 -4.74
C GLU G 151 -37.30 -40.64 -4.25
N LEU G 152 -36.08 -40.93 -3.80
CA LEU G 152 -35.20 -39.87 -3.33
C LEU G 152 -34.86 -38.91 -4.46
N ALA G 153 -34.59 -39.42 -5.64
CA ALA G 153 -34.24 -38.55 -6.74
C ALA G 153 -35.41 -37.64 -7.11
N ARG G 154 -36.62 -38.18 -7.08
CA ARG G 154 -37.80 -37.39 -7.40
C ARG G 154 -37.99 -36.29 -6.36
N ARG G 155 -37.81 -36.62 -5.08
CA ARG G 155 -37.95 -35.62 -4.04
C ARG G 155 -36.87 -34.54 -4.19
N TYR G 156 -35.63 -34.95 -4.45
CA TYR G 156 -34.54 -33.99 -4.63
C TYR G 156 -34.84 -33.09 -5.81
N ALA G 157 -35.45 -33.65 -6.85
CA ALA G 157 -35.77 -32.91 -8.06
C ALA G 157 -36.67 -31.74 -7.72
N HIS G 158 -37.64 -31.95 -6.83
CA HIS G 158 -38.55 -30.87 -6.48
C HIS G 158 -37.77 -29.73 -5.85
N ASN G 159 -36.88 -30.03 -4.91
CA ASN G 159 -36.12 -28.97 -4.27
C ASN G 159 -35.29 -28.22 -5.31
N LEU G 160 -34.67 -28.95 -6.24
CA LEU G 160 -33.87 -28.25 -7.24
C LEU G 160 -34.74 -27.39 -8.17
N ALA G 161 -35.92 -27.91 -8.55
CA ALA G 161 -36.78 -27.16 -9.45
C ALA G 161 -37.31 -25.93 -8.75
N ASN G 162 -37.85 -26.11 -7.55
CA ASN G 162 -38.40 -24.99 -6.81
C ASN G 162 -37.21 -24.23 -6.24
N ALA G 163 -37.48 -23.10 -5.61
CA ALA G 163 -36.38 -22.30 -5.08
C ALA G 163 -36.11 -22.55 -3.61
N ARG G 164 -36.46 -23.74 -3.07
CA ARG G 164 -36.21 -23.94 -1.65
C ARG G 164 -34.75 -23.68 -1.31
N PHE G 165 -33.82 -23.83 -2.26
CA PHE G 165 -32.45 -23.59 -1.86
C PHE G 165 -32.34 -22.15 -1.39
N LEU G 166 -33.06 -21.24 -2.05
CA LEU G 166 -33.09 -19.86 -1.61
C LEU G 166 -33.89 -19.87 -0.31
N TRP G 167 -33.46 -19.09 0.68
CA TRP G 167 -34.17 -19.06 1.94
C TRP G 167 -35.14 -17.91 2.15
N ARG G 168 -34.68 -16.69 1.90
CA ARG G 168 -35.53 -15.52 2.10
C ARG G 168 -35.78 -14.77 0.81
N ASN G 169 -34.91 -14.95 -0.19
CA ASN G 169 -35.06 -14.27 -1.46
C ASN G 169 -36.35 -14.71 -2.14
N ARG G 170 -36.74 -15.96 -1.94
CA ARG G 170 -37.97 -16.48 -2.52
C ARG G 170 -39.18 -15.76 -1.94
N VAL G 171 -39.18 -15.52 -0.63
CA VAL G 171 -40.33 -14.90 0.00
C VAL G 171 -40.60 -13.57 -0.68
N GLY G 172 -41.87 -13.34 -1.02
CA GLY G 172 -42.28 -12.12 -1.68
C GLY G 172 -41.64 -11.97 -3.05
N ALA G 173 -41.80 -12.97 -3.91
CA ALA G 173 -41.28 -12.92 -5.27
C ALA G 173 -42.43 -13.02 -6.26
N GLU G 174 -42.34 -12.23 -7.32
CA GLU G 174 -43.38 -12.24 -8.35
C GLU G 174 -43.30 -13.49 -9.22
N ALA G 175 -42.11 -13.76 -9.78
CA ALA G 175 -41.89 -14.90 -10.67
C ALA G 175 -40.49 -15.43 -10.44
N VAL G 176 -40.38 -16.71 -10.14
CA VAL G 176 -39.11 -17.40 -9.94
C VAL G 176 -38.95 -18.47 -11.01
N GLU G 177 -37.86 -18.38 -11.78
CA GLU G 177 -37.59 -19.30 -12.87
C GLU G 177 -36.22 -19.94 -12.66
N VAL G 178 -36.21 -21.26 -12.56
CA VAL G 178 -35.00 -22.05 -12.37
C VAL G 178 -34.61 -22.74 -13.67
N ARG G 179 -33.32 -22.75 -13.97
CA ARG G 179 -32.80 -23.43 -15.16
C ARG G 179 -31.69 -24.38 -14.75
N ILE G 180 -31.93 -25.67 -14.91
CA ILE G 180 -30.98 -26.71 -14.55
C ILE G 180 -30.44 -27.34 -15.84
N ASN G 181 -29.16 -27.11 -16.14
CA ASN G 181 -28.56 -27.70 -17.32
C ASN G 181 -27.80 -28.98 -16.94
N HIS G 182 -27.36 -29.70 -17.97
CA HIS G 182 -26.55 -30.91 -17.79
C HIS G 182 -25.29 -30.77 -18.63
N ILE G 183 -24.14 -30.81 -17.97
CA ILE G 183 -22.84 -30.65 -18.62
C ILE G 183 -22.15 -32.00 -18.79
N ARG G 184 -21.91 -32.40 -20.03
CA ARG G 184 -21.21 -33.63 -20.36
C ARG G 184 -20.03 -33.29 -21.25
N GLN G 185 -18.82 -33.62 -20.80
CA GLN G 185 -17.62 -33.37 -21.58
C GLN G 185 -17.55 -31.91 -22.04
N GLY G 186 -18.08 -31.00 -21.22
CA GLY G 186 -18.02 -29.59 -21.52
C GLY G 186 -19.17 -29.06 -22.37
N GLU G 187 -20.12 -29.91 -22.76
CA GLU G 187 -21.27 -29.49 -23.55
C GLU G 187 -22.55 -29.66 -22.75
N VAL G 188 -23.59 -28.93 -23.17
CA VAL G 188 -24.89 -28.97 -22.52
C VAL G 188 -25.73 -30.11 -23.07
N ALA G 189 -25.75 -31.24 -22.37
CA ALA G 189 -26.49 -32.40 -22.83
C ALA G 189 -27.99 -32.11 -22.89
N ARG G 190 -28.58 -31.72 -21.75
CA ARG G 190 -30.00 -31.44 -21.68
C ARG G 190 -30.29 -30.34 -20.67
N ALA G 191 -31.12 -29.39 -21.08
CA ALA G 191 -31.53 -28.27 -20.24
C ALA G 191 -32.94 -28.50 -19.68
N TRP G 192 -33.26 -27.75 -18.63
CA TRP G 192 -34.58 -27.80 -18.02
C TRP G 192 -34.93 -26.42 -17.51
N ARG G 193 -36.20 -26.04 -17.65
CA ARG G 193 -36.69 -24.76 -17.15
C ARG G 193 -37.97 -25.05 -16.39
N PHE G 194 -38.03 -24.63 -15.15
CA PHE G 194 -39.19 -24.87 -14.29
C PHE G 194 -39.66 -23.56 -13.67
N ASP G 195 -40.74 -23.67 -12.89
CA ASP G 195 -41.33 -22.56 -12.16
C ASP G 195 -41.48 -23.04 -10.72
N ALA G 196 -40.81 -22.36 -9.80
CA ALA G 196 -40.88 -22.73 -8.39
C ALA G 196 -42.26 -22.50 -7.80
N LEU G 197 -42.90 -21.40 -8.18
CA LEU G 197 -44.23 -21.09 -7.62
C LEU G 197 -45.25 -22.14 -8.03
N ALA G 198 -45.28 -22.50 -9.31
CA ALA G 198 -46.28 -23.46 -9.75
C ALA G 198 -46.09 -24.80 -9.07
N ILE G 199 -44.85 -25.23 -8.88
CA ILE G 199 -44.60 -26.52 -8.24
C ILE G 199 -44.88 -26.39 -6.76
N GLY G 200 -45.60 -27.35 -6.19
CA GLY G 200 -45.91 -27.27 -4.78
C GLY G 200 -44.65 -27.40 -3.94
N LEU G 201 -44.56 -26.53 -2.94
CA LEU G 201 -43.42 -26.60 -2.03
C LEU G 201 -43.56 -27.77 -1.05
N ARG G 202 -44.75 -27.97 -0.50
CA ARG G 202 -44.98 -29.01 0.49
C ARG G 202 -45.56 -30.28 -0.09
N ASP G 203 -45.82 -30.32 -1.39
CA ASP G 203 -46.43 -31.46 -2.05
C ASP G 203 -45.55 -31.84 -3.23
N PHE G 204 -45.36 -33.13 -3.44
CA PHE G 204 -44.56 -33.62 -4.55
C PHE G 204 -45.50 -34.20 -5.60
N LYS G 205 -45.50 -33.59 -6.78
CA LYS G 205 -46.32 -34.01 -7.91
C LYS G 205 -45.41 -34.55 -9.00
N ALA G 206 -45.90 -35.53 -9.74
CA ALA G 206 -45.12 -36.13 -10.82
C ALA G 206 -45.23 -35.29 -12.08
N ASP G 207 -44.12 -35.20 -12.80
CA ASP G 207 -44.06 -34.48 -14.07
C ASP G 207 -43.02 -35.15 -14.94
N ALA G 208 -43.19 -35.04 -16.27
CA ALA G 208 -42.25 -35.67 -17.17
C ALA G 208 -40.83 -35.14 -16.96
N GLU G 209 -40.67 -33.82 -16.87
CA GLU G 209 -39.34 -33.26 -16.68
C GLU G 209 -38.77 -33.70 -15.34
N LEU G 210 -39.59 -33.66 -14.29
CA LEU G 210 -39.13 -34.06 -12.98
C LEU G 210 -38.71 -35.51 -12.99
N ASP G 211 -39.50 -36.36 -13.65
CA ASP G 211 -39.18 -37.78 -13.73
C ASP G 211 -37.85 -37.98 -14.44
N ALA G 212 -37.63 -37.26 -15.54
CA ALA G 212 -36.38 -37.40 -16.28
C ALA G 212 -35.20 -37.00 -15.40
N LEU G 213 -35.34 -35.89 -14.67
CA LEU G 213 -34.26 -35.43 -13.81
C LEU G 213 -34.01 -36.46 -12.71
N ALA G 214 -35.08 -37.02 -12.15
CA ALA G 214 -34.95 -38.01 -11.10
C ALA G 214 -34.22 -39.23 -11.64
N GLU G 215 -34.52 -39.62 -12.87
CA GLU G 215 -33.84 -40.77 -13.48
C GLU G 215 -32.36 -40.47 -13.60
N LEU G 216 -32.01 -39.28 -14.07
CA LEU G 216 -30.59 -38.94 -14.21
C LEU G 216 -29.89 -39.00 -12.86
N ILE G 217 -30.52 -38.46 -11.82
CA ILE G 217 -29.91 -38.46 -10.50
C ILE G 217 -29.77 -39.89 -9.97
N ALA G 218 -30.82 -40.71 -10.16
CA ALA G 218 -30.77 -42.08 -9.68
C ALA G 218 -29.64 -42.82 -10.38
N SER G 219 -29.46 -42.60 -11.67
CA SER G 219 -28.41 -43.27 -12.41
C SER G 219 -27.06 -42.84 -11.84
N GLY G 220 -26.88 -41.54 -11.65
CA GLY G 220 -25.61 -41.06 -11.14
C GLY G 220 -25.29 -41.66 -9.78
N LEU G 221 -26.26 -41.71 -8.88
CA LEU G 221 -26.00 -42.27 -7.55
C LEU G 221 -25.66 -43.75 -7.64
N SER G 222 -26.35 -44.51 -8.48
CA SER G 222 -26.06 -45.92 -8.65
C SER G 222 -24.70 -46.14 -9.30
N GLY G 223 -24.13 -45.11 -9.93
CA GLY G 223 -22.83 -45.22 -10.55
C GLY G 223 -22.88 -45.62 -12.00
N SER G 224 -23.92 -45.20 -12.72
CA SER G 224 -24.06 -45.47 -14.14
C SER G 224 -23.40 -44.41 -15.01
N GLY G 225 -22.93 -43.32 -14.42
CA GLY G 225 -22.20 -42.31 -15.17
C GLY G 225 -22.09 -41.03 -14.39
N HIS G 226 -21.17 -40.19 -14.85
CA HIS G 226 -20.95 -38.89 -14.21
C HIS G 226 -22.15 -37.98 -14.41
N VAL G 227 -22.47 -37.21 -13.36
CA VAL G 227 -23.56 -36.25 -13.41
C VAL G 227 -23.06 -34.92 -12.86
N LEU G 228 -23.23 -33.87 -13.65
CA LEU G 228 -22.85 -32.52 -13.26
C LEU G 228 -24.05 -31.64 -13.57
N LEU G 229 -24.51 -30.85 -12.60
CA LEU G 229 -25.66 -29.99 -12.82
C LEU G 229 -25.34 -28.54 -12.44
N GLU G 230 -25.51 -27.63 -13.40
CA GLU G 230 -25.30 -26.21 -13.18
C GLU G 230 -26.69 -25.61 -12.95
N VAL G 231 -26.94 -25.13 -11.74
CA VAL G 231 -28.24 -24.55 -11.39
C VAL G 231 -28.17 -23.04 -11.42
N VAL G 232 -29.07 -22.41 -12.16
CA VAL G 232 -29.15 -20.96 -12.24
C VAL G 232 -30.60 -20.55 -12.01
N ALA G 233 -30.83 -19.72 -11.00
CA ALA G 233 -32.17 -19.26 -10.66
C ALA G 233 -32.30 -17.75 -10.88
N PHE G 234 -33.49 -17.33 -11.30
CA PHE G 234 -33.79 -15.91 -11.47
C PHE G 234 -35.11 -15.60 -10.76
N ALA G 235 -35.05 -14.80 -9.70
CA ALA G 235 -36.25 -14.43 -8.93
C ALA G 235 -36.51 -12.93 -8.99
N ARG G 236 -37.76 -12.55 -9.27
CA ARG G 236 -38.16 -11.15 -9.30
C ARG G 236 -38.51 -10.70 -7.88
N ILE G 237 -37.75 -9.75 -7.35
CA ILE G 237 -37.98 -9.23 -6.02
C ILE G 237 -38.46 -7.78 -6.11
N GLY G 238 -37.66 -6.94 -6.72
CA GLY G 238 -38.00 -5.54 -6.87
C GLY G 238 -36.75 -4.69 -6.97
N ASP G 239 -36.97 -3.45 -7.40
CA ASP G 239 -35.86 -2.53 -7.58
C ASP G 239 -35.25 -2.14 -6.24
N GLY G 240 -33.94 -2.28 -6.15
CA GLY G 240 -33.17 -1.88 -4.99
C GLY G 240 -33.49 -2.65 -3.74
N GLN G 241 -34.12 -3.81 -3.89
CA GLN G 241 -34.49 -4.61 -2.73
C GLN G 241 -33.24 -5.11 -2.02
N GLU G 242 -33.43 -5.66 -0.82
CA GLU G 242 -32.33 -6.16 0.00
C GLU G 242 -32.33 -7.68 0.02
N VAL G 243 -31.28 -8.28 -0.54
CA VAL G 243 -31.10 -9.72 -0.56
C VAL G 243 -30.59 -10.18 0.80
N PHE G 244 -30.79 -11.46 1.09
CA PHE G 244 -30.38 -12.06 2.36
C PHE G 244 -29.34 -13.15 2.14
N PRO G 245 -28.08 -12.80 1.94
CA PRO G 245 -27.04 -13.82 1.79
C PRO G 245 -26.76 -14.54 3.09
N SER G 246 -25.86 -15.51 3.08
CA SER G 246 -25.54 -16.28 4.28
C SER G 246 -24.61 -15.48 5.18
N GLN G 247 -25.06 -15.21 6.40
CA GLN G 247 -24.28 -14.41 7.35
C GLN G 247 -23.12 -15.21 7.91
N GLU G 248 -21.93 -14.63 7.86
CA GLU G 248 -20.71 -15.25 8.40
C GLU G 248 -20.68 -15.12 9.92
N LEU G 249 -19.92 -16.04 10.53
CA LEU G 249 -19.77 -16.05 11.97
C LEU G 249 -19.16 -14.75 12.48
N ILE G 250 -19.63 -14.30 13.65
CA ILE G 250 -18.99 -13.19 14.34
C ILE G 250 -17.80 -13.71 15.15
N GLN G 259 -19.27 -1.22 16.78
CA GLN G 259 -18.65 -2.48 16.41
C GLN G 259 -19.41 -3.13 15.26
N LYS G 260 -19.24 -4.43 15.06
CA LYS G 260 -19.79 -5.15 13.93
C LYS G 260 -20.67 -6.28 14.40
N SER G 261 -21.91 -6.30 13.92
CA SER G 261 -22.90 -7.30 14.29
C SER G 261 -23.06 -8.37 13.22
N LYS G 262 -23.23 -7.96 11.97
CA LYS G 262 -23.61 -8.85 10.88
C LYS G 262 -22.53 -8.79 9.81
N THR G 263 -21.88 -9.94 9.55
CA THR G 263 -20.83 -10.05 8.56
C THR G 263 -21.24 -11.03 7.47
N LEU G 264 -21.29 -10.55 6.24
CA LEU G 264 -21.71 -11.35 5.10
C LEU G 264 -20.52 -12.02 4.41
N TYR G 265 -20.75 -13.22 3.93
CA TYR G 265 -19.72 -14.02 3.26
C TYR G 265 -19.60 -13.61 1.79
N SER G 266 -18.43 -13.08 1.43
CA SER G 266 -18.14 -12.65 0.07
C SER G 266 -16.94 -13.43 -0.47
N VAL G 267 -17.07 -13.96 -1.67
CA VAL G 267 -16.00 -14.69 -2.35
C VAL G 267 -15.62 -13.91 -3.61
N ARG G 268 -14.35 -13.53 -3.72
CA ARG G 268 -13.87 -12.77 -4.87
C ARG G 268 -14.72 -11.51 -5.07
N ASP G 269 -14.94 -10.78 -3.99
CA ASP G 269 -15.72 -9.54 -3.99
C ASP G 269 -17.11 -9.75 -4.59
N ALA G 270 -17.75 -10.85 -4.20
CA ALA G 270 -19.11 -11.14 -4.62
C ALA G 270 -19.81 -11.91 -3.52
N ALA G 271 -21.10 -11.62 -3.33
CA ALA G 271 -21.86 -12.28 -2.28
C ALA G 271 -22.16 -13.71 -2.69
N ALA G 272 -22.32 -14.58 -1.70
CA ALA G 272 -22.64 -15.96 -1.99
C ALA G 272 -23.34 -16.61 -0.80
N ILE G 273 -23.71 -17.87 -0.98
CA ILE G 273 -24.37 -18.69 0.03
C ILE G 273 -23.49 -19.89 0.30
N HIS G 274 -23.41 -20.30 1.56
CA HIS G 274 -22.54 -21.40 1.93
C HIS G 274 -22.98 -22.72 1.30
N SER G 275 -21.98 -23.58 1.05
CA SER G 275 -22.23 -24.89 0.46
C SER G 275 -23.11 -25.76 1.34
N GLN G 276 -22.81 -25.74 2.64
CA GLN G 276 -23.54 -26.61 3.58
C GLN G 276 -24.97 -26.12 3.68
N LYS G 277 -25.19 -24.81 3.61
CA LYS G 277 -26.52 -24.23 3.73
C LYS G 277 -27.39 -24.65 2.56
N ILE G 278 -26.80 -24.84 1.38
CA ILE G 278 -27.55 -25.30 0.22
C ILE G 278 -27.78 -26.80 0.31
N GLY G 279 -26.74 -27.56 0.67
CA GLY G 279 -26.91 -29.00 0.75
C GLY G 279 -27.89 -29.42 1.81
N ASN G 280 -28.10 -28.54 2.77
CA ASN G 280 -29.08 -28.79 3.84
C ASN G 280 -30.48 -28.69 3.27
N ALA G 281 -30.73 -27.67 2.49
CA ALA G 281 -32.04 -27.48 1.87
C ALA G 281 -32.32 -28.52 0.80
N LEU G 282 -31.31 -28.89 0.01
CA LEU G 282 -31.59 -29.85 -1.05
C LEU G 282 -32.07 -31.17 -0.48
N ARG G 283 -31.74 -31.43 0.76
CA ARG G 283 -32.10 -32.70 1.42
C ARG G 283 -33.34 -32.51 2.30
N THR G 284 -34.25 -31.57 2.02
CA THR G 284 -35.51 -31.40 2.75
C THR G 284 -36.45 -32.45 2.17
N ILE G 285 -36.17 -33.69 2.57
CA ILE G 285 -36.91 -34.86 2.10
C ILE G 285 -37.55 -35.66 3.22
N ASP G 286 -37.44 -35.24 4.47
CA ASP G 286 -37.97 -36.01 5.58
C ASP G 286 -39.39 -35.55 5.88
N THR G 287 -40.37 -36.33 5.43
CA THR G 287 -41.79 -36.05 5.66
C THR G 287 -42.49 -37.23 6.31
N TRP G 288 -41.72 -38.22 6.77
CA TRP G 288 -42.28 -39.42 7.39
C TRP G 288 -42.23 -39.37 8.90
N TYR G 289 -42.16 -38.18 9.49
CA TYR G 289 -42.09 -38.09 10.94
C TYR G 289 -43.34 -38.69 11.59
N PRO G 290 -43.27 -38.99 12.88
CA PRO G 290 -44.41 -39.58 13.59
C PRO G 290 -45.46 -38.60 14.08
N ASP G 291 -45.38 -37.33 13.70
CA ASP G 291 -46.32 -36.30 14.15
C ASP G 291 -47.37 -35.99 13.09
N GLU G 292 -46.97 -35.92 11.83
CA GLU G 292 -47.86 -35.56 10.74
C GLU G 292 -48.47 -34.18 10.96
N ASP G 293 -47.68 -33.28 11.52
CA ASP G 293 -48.13 -31.91 11.74
C ASP G 293 -48.13 -31.16 10.41
N GLY G 294 -48.52 -29.89 10.45
CA GLY G 294 -48.55 -29.14 9.22
C GLY G 294 -47.23 -28.54 8.79
N LEU G 295 -46.14 -28.82 9.50
CA LEU G 295 -44.86 -28.20 9.15
C LEU G 295 -44.44 -28.59 7.73
N GLY G 296 -44.67 -29.84 7.35
CA GLY G 296 -44.30 -30.30 6.03
C GLY G 296 -42.88 -30.83 5.97
N PRO G 297 -42.24 -30.66 4.81
CA PRO G 297 -40.89 -31.20 4.61
C PRO G 297 -39.91 -30.76 5.68
N ILE G 298 -39.14 -31.72 6.18
CA ILE G 298 -38.12 -31.51 7.19
C ILE G 298 -36.80 -31.99 6.60
N ALA G 299 -35.72 -31.28 6.92
CA ALA G 299 -34.42 -31.68 6.38
C ALA G 299 -34.00 -33.01 6.95
N VAL G 300 -33.31 -33.81 6.14
CA VAL G 300 -32.84 -35.10 6.63
C VAL G 300 -31.68 -34.85 7.57
N GLU G 301 -31.90 -35.03 8.85
CA GLU G 301 -30.84 -34.83 9.85
C GLU G 301 -31.09 -35.87 10.90
N PRO G 302 -30.08 -36.57 11.52
CA PRO G 302 -30.33 -37.55 12.57
C PRO G 302 -31.13 -36.85 13.67
N TYR G 303 -32.09 -37.56 14.23
CA TYR G 303 -32.94 -37.05 15.30
C TYR G 303 -33.90 -35.97 14.80
N GLY G 304 -34.04 -35.81 13.49
CA GLY G 304 -34.98 -34.85 12.92
C GLY G 304 -34.92 -33.47 13.54
N SER G 305 -33.71 -32.99 13.84
CA SER G 305 -33.55 -31.68 14.45
C SER G 305 -33.92 -30.55 13.50
N VAL G 306 -34.52 -29.51 14.07
CA VAL G 306 -34.89 -28.28 13.36
C VAL G 306 -34.43 -27.11 14.21
N THR G 307 -33.61 -26.23 13.63
CA THR G 307 -33.11 -25.08 14.37
C THR G 307 -34.17 -24.02 14.59
N SER G 308 -34.86 -23.62 13.52
CA SER G 308 -35.86 -22.54 13.65
C SER G 308 -36.98 -22.96 14.59
N GLN G 309 -37.58 -24.12 14.36
CA GLN G 309 -38.68 -24.57 15.21
C GLN G 309 -38.19 -24.89 16.61
N GLY G 310 -36.90 -25.17 16.76
CA GLY G 310 -36.31 -25.47 18.05
C GLY G 310 -36.66 -26.79 18.67
N LYS G 311 -37.28 -27.70 17.92
CA LYS G 311 -37.65 -29.01 18.42
C LYS G 311 -37.14 -30.05 17.44
N ALA G 312 -36.76 -31.20 17.96
CA ALA G 312 -36.20 -32.27 17.16
C ALA G 312 -37.17 -33.45 17.21
N TYR G 313 -37.81 -33.70 16.08
CA TYR G 313 -38.74 -34.81 15.93
C TYR G 313 -37.97 -36.12 15.84
N ARG G 314 -38.69 -37.23 15.95
CA ARG G 314 -38.09 -38.54 15.89
C ARG G 314 -37.10 -38.76 17.03
N GLN G 315 -37.53 -38.42 18.25
CA GLN G 315 -36.68 -38.58 19.42
C GLN G 315 -36.25 -40.03 19.59
N PRO G 316 -35.14 -40.27 20.29
CA PRO G 316 -34.68 -41.66 20.44
C PRO G 316 -35.61 -42.55 21.24
N LYS G 317 -36.54 -42.02 22.04
CA LYS G 317 -37.41 -42.91 22.80
C LYS G 317 -38.23 -43.76 21.83
N GLN G 318 -38.62 -43.18 20.71
CA GLN G 318 -39.37 -43.90 19.72
C GLN G 318 -38.41 -44.75 18.89
N LYS G 319 -38.96 -45.61 18.04
CA LYS G 319 -38.12 -46.48 17.24
C LYS G 319 -37.71 -45.88 15.89
N LEU G 320 -38.20 -44.69 15.56
CA LEU G 320 -37.90 -44.12 14.25
C LEU G 320 -36.52 -43.48 14.16
N ASP G 321 -35.79 -43.31 15.27
CA ASP G 321 -34.49 -42.66 15.20
C ASP G 321 -33.56 -43.39 14.24
N PHE G 322 -32.73 -42.61 13.54
CA PHE G 322 -31.82 -43.17 12.54
C PHE G 322 -30.88 -44.21 13.15
N TYR G 323 -30.25 -43.87 14.27
CA TYR G 323 -29.30 -44.79 14.88
C TYR G 323 -29.97 -46.12 15.23
N THR G 324 -31.13 -46.06 15.86
CA THR G 324 -31.83 -47.29 16.24
C THR G 324 -32.22 -48.07 14.99
N LEU G 325 -32.74 -47.37 13.98
CA LEU G 325 -33.19 -48.03 12.76
C LEU G 325 -32.04 -48.77 12.10
N LEU G 326 -30.89 -48.10 12.00
CA LEU G 326 -29.75 -48.73 11.34
C LEU G 326 -29.24 -49.91 12.14
N ASP G 327 -29.16 -49.75 13.47
CA ASP G 327 -28.67 -50.85 14.29
C ASP G 327 -29.57 -52.07 14.15
N ASN G 328 -30.88 -51.85 14.17
CA ASN G 328 -31.81 -52.97 14.07
C ASN G 328 -31.76 -53.59 12.69
N TRP G 329 -31.83 -52.77 11.63
CA TRP G 329 -31.87 -53.26 10.27
C TRP G 329 -30.57 -53.88 9.80
N VAL G 330 -29.45 -53.65 10.49
CA VAL G 330 -28.19 -54.26 10.05
C VAL G 330 -27.86 -55.51 10.86
N LEU G 331 -27.73 -55.30 12.17
CA LEU G 331 -27.35 -56.38 13.09
C LEU G 331 -28.45 -57.41 13.27
N ARG G 332 -29.67 -56.95 13.56
CA ARG G 332 -30.79 -57.83 13.86
C ARG G 332 -31.62 -58.18 12.64
N ASP G 333 -31.29 -57.65 11.48
CA ASP G 333 -31.97 -57.94 10.23
C ASP G 333 -33.46 -57.61 10.29
N GLU G 334 -33.85 -56.63 11.09
CA GLU G 334 -35.25 -56.24 11.21
C GLU G 334 -35.48 -55.18 10.14
N ALA G 335 -36.23 -55.52 9.09
CA ALA G 335 -36.46 -54.56 8.03
C ALA G 335 -37.56 -53.57 8.44
N PRO G 336 -37.24 -52.28 8.58
CA PRO G 336 -38.30 -51.32 8.94
C PRO G 336 -39.14 -50.96 7.74
N ALA G 337 -40.14 -50.10 7.94
CA ALA G 337 -41.00 -49.69 6.84
C ALA G 337 -40.17 -49.12 5.70
N VAL G 338 -40.72 -49.20 4.49
CA VAL G 338 -40.04 -48.69 3.31
C VAL G 338 -39.64 -47.23 3.52
N GLU G 339 -40.51 -46.47 4.19
CA GLU G 339 -40.26 -45.07 4.45
C GLU G 339 -39.01 -44.90 5.30
N GLN G 340 -38.91 -45.70 6.36
CA GLN G 340 -37.74 -45.63 7.22
C GLN G 340 -36.49 -45.97 6.43
N GLN G 341 -36.59 -46.93 5.51
CA GLN G 341 -35.44 -47.28 4.70
C GLN G 341 -35.02 -46.08 3.88
N HIS G 342 -35.99 -45.34 3.34
CA HIS G 342 -35.65 -44.14 2.56
C HIS G 342 -34.93 -43.14 3.45
N TYR G 343 -35.43 -42.95 4.66
CA TYR G 343 -34.82 -41.99 5.59
C TYR G 343 -33.39 -42.42 5.89
N VAL G 344 -33.17 -43.71 6.09
CA VAL G 344 -31.85 -44.21 6.42
C VAL G 344 -30.90 -43.98 5.25
N ILE G 345 -31.38 -44.20 4.02
CA ILE G 345 -30.53 -43.99 2.87
C ILE G 345 -30.19 -42.51 2.74
N ALA G 346 -31.15 -41.64 3.05
CA ALA G 346 -30.89 -40.20 2.98
C ALA G 346 -29.81 -39.84 3.98
N ASN G 347 -29.88 -40.42 5.18
CA ASN G 347 -28.89 -40.13 6.19
C ASN G 347 -27.51 -40.60 5.73
N LEU G 348 -27.44 -41.79 5.14
CA LEU G 348 -26.15 -42.29 4.66
C LEU G 348 -25.61 -41.37 3.58
N ILE G 349 -26.50 -40.83 2.76
CA ILE G 349 -26.09 -39.91 1.70
C ILE G 349 -25.52 -38.64 2.31
N ARG G 350 -26.12 -38.19 3.40
CA ARG G 350 -25.71 -36.93 4.03
C ARG G 350 -24.32 -37.09 4.59
N GLY G 351 -24.03 -38.26 5.15
CA GLY G 351 -22.74 -38.54 5.72
C GLY G 351 -22.68 -38.02 7.15
N GLY G 352 -21.62 -38.41 7.85
CA GLY G 352 -21.46 -37.96 9.21
C GLY G 352 -20.45 -38.84 9.93
N VAL G 353 -20.52 -38.79 11.26
CA VAL G 353 -19.68 -39.59 12.13
C VAL G 353 -20.62 -40.45 12.95
N PHE G 354 -20.39 -41.76 12.91
CA PHE G 354 -21.23 -42.68 13.66
C PHE G 354 -20.40 -43.59 14.56
N GLY G 355 -21.05 -44.57 15.16
CA GLY G 355 -20.39 -45.52 16.03
C GLY G 355 -20.12 -45.05 17.45
N GLU G 356 -18.87 -45.22 17.88
CA GLU G 356 -18.44 -44.82 19.21
C GLU G 356 -17.06 -44.15 19.16
N LEU H 24 26.43 -65.12 13.83
CA LEU H 24 26.16 -63.93 13.03
C LEU H 24 24.80 -63.35 13.39
N SER H 25 24.79 -62.46 14.38
CA SER H 25 23.57 -61.82 14.85
C SER H 25 23.17 -60.68 13.91
N THR H 26 22.02 -60.07 14.18
CA THR H 26 21.54 -58.97 13.38
C THR H 26 22.23 -57.68 13.83
N ALA H 27 21.99 -56.61 13.08
CA ALA H 27 22.58 -55.32 13.41
C ALA H 27 21.62 -54.49 14.25
N SER H 28 22.09 -54.03 15.40
CA SER H 28 21.25 -53.23 16.28
C SER H 28 20.81 -51.93 15.64
N VAL H 29 21.55 -51.43 14.65
CA VAL H 29 21.24 -50.16 13.99
C VAL H 29 21.12 -50.40 12.49
N LEU H 30 19.91 -50.19 11.96
CA LEU H 30 19.67 -50.32 10.53
C LEU H 30 18.80 -49.17 10.09
N ALA H 31 19.22 -48.51 9.01
CA ALA H 31 18.46 -47.40 8.47
C ALA H 31 18.65 -47.37 6.96
N PHE H 32 17.58 -47.00 6.25
CA PHE H 32 17.61 -46.92 4.80
C PHE H 32 17.01 -45.60 4.36
N GLU H 33 17.79 -44.80 3.64
CA GLU H 33 17.25 -43.52 3.17
C GLU H 33 16.08 -43.85 2.25
N ARG H 34 15.01 -43.09 2.35
CA ARG H 34 13.88 -43.44 1.51
C ARG H 34 14.20 -43.12 0.06
N LYS H 35 13.62 -43.91 -0.83
CA LYS H 35 13.81 -43.74 -2.26
C LYS H 35 12.44 -43.39 -2.82
N LEU H 36 12.42 -42.87 -4.04
CA LEU H 36 11.16 -42.45 -4.64
C LEU H 36 10.50 -41.45 -3.68
N ASP H 37 11.25 -40.39 -3.41
CA ASP H 37 10.79 -39.35 -2.51
C ASP H 37 10.19 -38.22 -3.30
N PRO H 38 8.88 -38.02 -3.26
CA PRO H 38 8.31 -36.89 -4.00
C PRO H 38 8.40 -35.61 -3.21
N SER H 39 7.91 -34.53 -3.79
CA SER H 39 7.91 -33.23 -3.18
C SER H 39 6.46 -32.80 -2.96
N ASP H 40 6.29 -31.58 -2.45
CA ASP H 40 4.93 -31.12 -2.22
C ASP H 40 4.23 -31.04 -3.56
N ALA H 41 2.91 -31.14 -3.55
CA ALA H 41 2.14 -31.09 -4.78
C ALA H 41 1.36 -29.78 -4.83
N LEU H 42 1.78 -28.90 -5.72
CA LEU H 42 1.12 -27.63 -5.96
C LEU H 42 -0.16 -27.85 -6.73
N MET H 43 -1.12 -26.96 -6.54
CA MET H 43 -2.39 -27.06 -7.25
C MET H 43 -2.76 -25.73 -7.88
N SER H 44 -3.56 -25.84 -8.93
CA SER H 44 -4.03 -24.69 -9.69
C SER H 44 -5.33 -25.09 -10.39
N ALA H 45 -5.97 -24.12 -11.01
CA ALA H 45 -7.23 -24.32 -11.73
C ALA H 45 -7.19 -23.71 -13.11
N GLY H 46 -8.03 -24.24 -13.99
CA GLY H 46 -8.08 -23.75 -15.35
C GLY H 46 -9.06 -24.53 -16.18
N ALA H 47 -9.04 -24.25 -17.48
CA ALA H 47 -9.91 -24.86 -18.47
C ALA H 47 -9.27 -26.05 -19.16
N TRP H 48 -10.02 -27.15 -19.26
CA TRP H 48 -9.51 -28.36 -19.91
C TRP H 48 -9.05 -28.06 -21.33
N ALA H 49 -9.68 -27.09 -22.00
CA ALA H 49 -9.31 -26.75 -23.37
C ALA H 49 -7.87 -26.24 -23.43
N GLN H 50 -7.49 -25.41 -22.46
CA GLN H 50 -6.17 -24.80 -22.42
C GLN H 50 -5.15 -25.63 -21.65
N ARG H 51 -5.55 -26.77 -21.10
CA ARG H 51 -4.62 -27.58 -20.32
C ARG H 51 -3.40 -28.02 -21.13
N ASP H 52 -3.62 -28.46 -22.36
CA ASP H 52 -2.50 -28.92 -23.18
C ASP H 52 -1.56 -27.77 -23.55
N ALA H 53 -2.11 -26.61 -23.89
CA ALA H 53 -1.32 -25.47 -24.34
C ALA H 53 -0.96 -24.46 -23.24
N SER H 54 -1.58 -24.52 -22.07
CA SER H 54 -1.34 -23.54 -21.02
C SER H 54 -0.96 -24.19 -19.70
N GLN H 55 0.22 -23.84 -19.18
CA GLN H 55 0.71 -24.33 -17.91
C GLN H 55 0.90 -23.20 -16.89
N GLU H 56 0.37 -22.01 -17.20
CA GLU H 56 0.45 -20.81 -16.36
C GLU H 56 -0.78 -20.64 -15.48
N TRP H 57 -1.55 -21.71 -15.30
CA TRP H 57 -2.78 -21.64 -14.53
C TRP H 57 -2.53 -20.99 -13.15
N PRO H 58 -3.38 -20.07 -12.71
CA PRO H 58 -3.18 -19.46 -11.40
C PRO H 58 -3.51 -20.44 -10.27
N ALA H 59 -2.81 -20.29 -9.15
CA ALA H 59 -2.97 -21.19 -8.03
C ALA H 59 -4.28 -20.93 -7.28
N VAL H 60 -4.70 -21.94 -6.53
CA VAL H 60 -5.90 -21.89 -5.71
C VAL H 60 -5.55 -21.36 -4.33
N THR H 61 -6.15 -20.22 -3.95
CA THR H 61 -5.89 -19.59 -2.67
C THR H 61 -6.86 -20.10 -1.61
N VAL H 62 -6.33 -20.41 -0.42
CA VAL H 62 -7.15 -20.88 0.68
C VAL H 62 -8.10 -19.77 1.13
N ARG H 63 -9.28 -20.16 1.63
CA ARG H 63 -10.25 -19.20 2.12
C ARG H 63 -10.86 -19.72 3.41
N GLU H 64 -11.54 -18.83 4.13
CA GLU H 64 -12.16 -19.16 5.40
C GLU H 64 -13.67 -19.11 5.27
N LYS H 65 -14.36 -19.99 6.00
CA LYS H 65 -15.82 -20.00 5.99
C LYS H 65 -16.30 -20.38 7.38
N SER H 66 -17.53 -20.00 7.68
CA SER H 66 -18.17 -20.35 8.95
C SER H 66 -19.23 -21.40 8.72
N VAL H 67 -19.42 -22.25 9.73
CA VAL H 67 -20.43 -23.32 9.66
C VAL H 67 -21.21 -23.34 10.96
N ARG H 68 -22.52 -23.54 10.88
CA ARG H 68 -23.42 -23.56 12.05
C ARG H 68 -23.95 -24.98 12.11
N GLY H 69 -23.91 -25.61 13.28
CA GLY H 69 -24.27 -27.04 13.34
C GLY H 69 -25.29 -27.42 14.37
N THR H 70 -25.93 -28.54 14.17
CA THR H 70 -26.85 -29.14 15.16
C THR H 70 -26.26 -30.51 15.51
N ILE H 71 -26.00 -30.77 16.79
CA ILE H 71 -25.33 -31.97 17.26
C ILE H 71 -26.22 -33.12 16.77
N SER H 72 -25.65 -33.99 15.96
CA SER H 72 -26.36 -35.13 15.39
C SER H 72 -25.57 -36.41 15.60
N ASN H 73 -24.70 -36.46 16.61
CA ASN H 73 -23.93 -37.67 16.88
C ASN H 73 -24.74 -38.62 17.76
N ARG H 74 -24.11 -39.72 18.14
CA ARG H 74 -24.80 -40.72 18.94
C ARG H 74 -25.03 -40.22 20.36
N LEU H 75 -25.72 -41.03 21.15
CA LEU H 75 -26.18 -40.61 22.47
C LEU H 75 -25.49 -41.40 23.58
N LYS H 76 -25.27 -40.72 24.70
CA LYS H 76 -24.67 -41.32 25.89
C LYS H 76 -25.65 -41.38 27.05
N THR H 77 -26.31 -40.27 27.36
CA THR H 77 -27.35 -40.29 28.37
C THR H 77 -28.51 -41.18 27.92
N LYS H 78 -29.37 -41.54 28.86
CA LYS H 78 -30.57 -42.29 28.53
C LYS H 78 -31.42 -41.49 27.54
N ASP H 79 -31.91 -42.18 26.52
CA ASP H 79 -32.68 -41.56 25.43
C ASP H 79 -34.10 -41.45 25.97
N ARG H 80 -34.32 -40.71 27.06
CA ARG H 80 -35.62 -40.63 27.70
C ARG H 80 -35.76 -39.13 27.89
N ASP H 81 -34.77 -38.33 27.49
CA ASP H 81 -34.81 -36.89 27.70
C ASP H 81 -35.29 -36.11 26.49
N PRO H 82 -36.60 -35.83 26.38
CA PRO H 82 -37.08 -35.06 25.22
C PRO H 82 -36.72 -33.58 25.28
N ALA H 83 -36.93 -32.94 26.43
CA ALA H 83 -36.75 -31.49 26.50
C ALA H 83 -35.26 -31.19 26.62
N LYS H 84 -34.51 -32.04 27.31
CA LYS H 84 -33.05 -31.87 27.32
C LYS H 84 -32.50 -31.91 25.90
N LEU H 85 -33.01 -32.82 25.07
CA LEU H 85 -32.54 -32.93 23.70
C LEU H 85 -32.93 -31.69 22.90
N ASP H 86 -34.16 -31.22 23.08
CA ASP H 86 -34.57 -29.99 22.43
C ASP H 86 -33.66 -28.83 22.81
N ALA H 87 -33.27 -28.74 24.08
CA ALA H 87 -32.40 -27.67 24.54
C ALA H 87 -31.01 -27.82 23.94
N SER H 88 -30.51 -29.05 23.87
CA SER H 88 -29.21 -29.29 23.22
C SER H 88 -29.24 -28.86 21.77
N ILE H 89 -30.40 -29.03 21.11
CA ILE H 89 -30.54 -28.54 19.75
C ILE H 89 -30.47 -27.01 19.73
N GLN H 90 -31.30 -26.36 20.55
CA GLN H 90 -31.33 -24.90 20.55
C GLN H 90 -29.96 -24.30 20.85
N SER H 91 -29.02 -25.11 21.35
CA SER H 91 -27.65 -24.65 21.56
C SER H 91 -26.78 -25.25 20.47
N PRO H 92 -26.67 -24.64 19.30
CA PRO H 92 -25.94 -25.24 18.18
C PRO H 92 -24.42 -25.11 18.36
N ASN H 93 -23.70 -25.53 17.33
CA ASN H 93 -22.24 -25.52 17.32
C ASN H 93 -21.76 -24.60 16.22
N LEU H 94 -20.70 -23.84 16.50
CA LEU H 94 -20.08 -22.94 15.55
C LEU H 94 -18.60 -23.26 15.45
N GLN H 95 -18.04 -23.26 14.25
CA GLN H 95 -16.59 -23.47 14.06
C GLN H 95 -16.18 -22.79 12.75
N THR H 96 -15.01 -22.18 12.74
CA THR H 96 -14.38 -21.62 11.56
C THR H 96 -13.41 -22.63 10.97
N VAL H 97 -13.58 -22.91 9.68
CA VAL H 97 -12.84 -23.95 8.91
C VAL H 97 -12.14 -23.26 7.74
N ASP H 98 -11.33 -23.99 6.99
CA ASP H 98 -10.71 -23.57 5.75
C ASP H 98 -11.12 -24.50 4.61
N VAL H 99 -11.49 -23.92 3.48
CA VAL H 99 -11.86 -24.68 2.29
C VAL H 99 -11.16 -24.09 1.09
N ALA H 100 -10.96 -24.92 0.07
CA ALA H 100 -10.34 -24.49 -1.17
C ALA H 100 -11.26 -24.86 -2.32
N ASN H 101 -11.70 -23.86 -3.07
CA ASN H 101 -12.59 -24.07 -4.21
C ASN H 101 -11.98 -23.45 -5.46
N LEU H 102 -12.28 -24.06 -6.60
CA LEU H 102 -11.75 -23.56 -7.86
C LEU H 102 -12.37 -22.21 -8.17
N PRO H 103 -11.76 -21.45 -9.09
CA PRO H 103 -12.31 -20.15 -9.44
C PRO H 103 -13.72 -20.27 -10.00
N SER H 104 -14.37 -19.10 -10.16
CA SER H 104 -15.75 -19.06 -10.63
C SER H 104 -15.95 -19.91 -11.88
N ASP H 105 -15.05 -19.77 -12.85
CA ASP H 105 -15.13 -20.50 -14.11
C ASP H 105 -13.87 -21.36 -14.23
N ALA H 106 -13.94 -22.55 -13.65
CA ALA H 106 -12.83 -23.48 -13.73
C ALA H 106 -13.36 -24.89 -13.48
N ASP H 107 -13.13 -25.78 -14.43
CA ASP H 107 -13.61 -27.15 -14.37
C ASP H 107 -12.48 -28.17 -14.31
N THR H 108 -11.22 -27.73 -14.37
CA THR H 108 -10.08 -28.64 -14.37
C THR H 108 -9.11 -28.31 -13.24
N LEU H 109 -8.72 -29.34 -12.52
CA LEU H 109 -7.76 -29.25 -11.42
C LEU H 109 -6.39 -29.70 -11.91
N LYS H 110 -5.35 -29.00 -11.46
CA LYS H 110 -3.98 -29.33 -11.83
C LYS H 110 -3.16 -29.59 -10.59
N VAL H 111 -2.34 -30.64 -10.64
CA VAL H 111 -1.46 -31.00 -9.54
C VAL H 111 -0.09 -31.24 -10.15
N ARG H 112 0.93 -30.59 -9.60
CA ARG H 112 2.29 -30.77 -10.13
C ARG H 112 3.21 -31.11 -8.97
N PHE H 113 3.93 -32.23 -9.10
CA PHE H 113 4.90 -32.62 -8.09
C PHE H 113 6.01 -33.36 -8.81
N THR H 114 7.22 -33.22 -8.30
CA THR H 114 8.34 -33.90 -8.91
C THR H 114 8.62 -35.18 -8.12
N LEU H 115 9.37 -36.07 -8.75
CA LEU H 115 9.74 -37.32 -8.09
C LEU H 115 11.15 -37.66 -8.51
N ARG H 116 11.93 -38.13 -7.54
CA ARG H 116 13.30 -38.53 -7.79
C ARG H 116 13.51 -39.99 -7.44
N VAL H 117 14.43 -40.60 -8.17
CA VAL H 117 14.83 -41.98 -7.94
C VAL H 117 16.32 -41.88 -7.62
N LEU H 118 16.68 -42.22 -6.39
CA LEU H 118 18.08 -42.11 -5.98
C LEU H 118 18.85 -43.33 -6.44
N GLY H 119 18.38 -44.50 -6.06
CA GLY H 119 19.01 -45.76 -6.38
C GLY H 119 19.83 -46.27 -5.20
N GLY H 120 20.42 -47.44 -5.41
CA GLY H 120 21.16 -48.06 -4.33
C GLY H 120 20.24 -48.35 -3.17
N ALA H 121 19.05 -48.87 -3.46
CA ALA H 121 18.09 -49.18 -2.41
C ALA H 121 18.68 -50.16 -1.42
N GLY H 122 19.23 -51.26 -1.93
CA GLY H 122 19.79 -52.26 -1.03
C GLY H 122 20.92 -51.72 -0.20
N THR H 123 21.60 -50.69 -0.67
CA THR H 123 22.75 -50.16 0.03
C THR H 123 22.28 -49.58 1.36
N PRO H 124 22.68 -50.15 2.49
CA PRO H 124 22.27 -49.60 3.78
C PRO H 124 22.99 -48.30 4.11
N SER H 125 22.26 -47.38 4.73
CA SER H 125 22.86 -46.11 5.11
C SER H 125 23.81 -46.32 6.28
N ALA H 126 23.40 -47.09 7.28
CA ALA H 126 24.24 -47.36 8.43
C ALA H 126 23.97 -48.78 8.92
N CYS H 127 25.05 -49.49 9.25
CA CYS H 127 24.98 -50.85 9.79
C CYS H 127 26.05 -51.03 10.86
N ASN H 128 25.69 -51.66 11.97
CA ASN H 128 26.67 -51.88 13.03
C ASN H 128 27.77 -52.83 12.60
N ASP H 129 27.41 -53.99 12.06
CA ASP H 129 28.37 -55.00 11.65
C ASP H 129 28.58 -54.98 10.14
N ALA H 130 29.83 -55.15 9.72
CA ALA H 130 30.11 -55.20 8.29
C ALA H 130 29.64 -56.51 7.69
N ALA H 131 29.82 -57.62 8.43
CA ALA H 131 29.42 -58.93 7.92
C ALA H 131 27.94 -58.95 7.58
N TYR H 132 27.12 -58.38 8.47
CA TYR H 132 25.68 -58.37 8.24
C TYR H 132 25.36 -57.58 6.97
N ARG H 133 26.01 -56.43 6.81
CA ARG H 133 25.78 -55.59 5.65
C ARG H 133 26.15 -56.34 4.37
N ASP H 134 27.29 -57.04 4.39
CA ASP H 134 27.72 -57.79 3.21
C ASP H 134 26.73 -58.91 2.91
N LYS H 135 26.27 -59.61 3.94
CA LYS H 135 25.33 -60.71 3.76
C LYS H 135 24.03 -60.17 3.16
N LEU H 136 23.58 -59.01 3.64
CA LEU H 136 22.36 -58.40 3.13
C LEU H 136 22.54 -58.05 1.66
N LEU H 137 23.68 -57.45 1.32
CA LEU H 137 23.94 -57.07 -0.06
C LEU H 137 23.95 -58.30 -0.94
N GLN H 138 24.53 -59.40 -0.45
CA GLN H 138 24.58 -60.63 -1.24
C GLN H 138 23.17 -61.13 -1.51
N THR H 139 22.32 -61.14 -0.48
CA THR H 139 20.95 -61.60 -0.67
C THR H 139 20.24 -60.72 -1.67
N VAL H 140 20.48 -59.41 -1.59
CA VAL H 140 19.85 -58.46 -2.51
C VAL H 140 20.30 -58.74 -3.94
N ALA H 141 21.60 -58.95 -4.13
CA ALA H 141 22.13 -59.23 -5.47
C ALA H 141 21.51 -60.50 -6.00
N THR H 142 21.35 -61.52 -5.15
CA THR H 142 20.77 -62.77 -5.58
C THR H 142 19.34 -62.54 -6.05
N TYR H 143 18.59 -61.76 -5.27
CA TYR H 143 17.20 -61.47 -5.63
C TYR H 143 17.14 -60.73 -6.95
N VAL H 144 18.01 -59.73 -7.13
CA VAL H 144 18.00 -58.95 -8.37
C VAL H 144 18.32 -59.86 -9.56
N ASN H 145 19.31 -60.73 -9.41
CA ASN H 145 19.68 -61.62 -10.51
C ASN H 145 18.51 -62.54 -10.85
N ASP H 146 17.91 -63.14 -9.82
CA ASP H 146 16.80 -64.06 -10.07
C ASP H 146 15.66 -63.32 -10.77
N GLN H 147 15.27 -62.18 -10.21
CA GLN H 147 14.21 -61.36 -10.77
C GLN H 147 14.49 -59.90 -10.42
N GLY H 148 14.21 -59.03 -11.39
CA GLY H 148 14.46 -57.61 -11.23
C GLY H 148 13.32 -56.92 -10.53
N PHE H 149 13.51 -55.62 -10.30
CA PHE H 149 12.45 -54.85 -9.66
C PHE H 149 11.33 -54.50 -10.63
N ALA H 150 11.35 -55.07 -11.84
CA ALA H 150 10.35 -54.74 -12.84
C ALA H 150 8.94 -54.86 -12.30
N GLU H 151 8.69 -55.82 -11.41
CA GLU H 151 7.36 -55.94 -10.83
C GLU H 151 7.02 -54.71 -10.02
N LEU H 152 7.91 -54.32 -9.11
CA LEU H 152 7.67 -53.15 -8.27
C LEU H 152 7.61 -51.91 -9.13
N ALA H 153 8.49 -51.80 -10.12
CA ALA H 153 8.51 -50.62 -10.96
C ALA H 153 7.20 -50.50 -11.72
N ARG H 154 6.67 -51.62 -12.20
CA ARG H 154 5.40 -51.63 -12.93
C ARG H 154 4.26 -51.21 -12.00
N ARG H 155 4.29 -51.71 -10.75
CA ARG H 155 3.24 -51.34 -9.81
C ARG H 155 3.29 -49.83 -9.55
N TYR H 156 4.50 -49.30 -9.35
CA TYR H 156 4.65 -47.87 -9.13
C TYR H 156 4.18 -47.12 -10.36
N ALA H 157 4.44 -47.70 -11.54
CA ALA H 157 4.03 -47.07 -12.79
C ALA H 157 2.53 -46.91 -12.81
N HIS H 158 1.82 -47.94 -12.36
CA HIS H 158 0.36 -47.87 -12.31
C HIS H 158 -0.07 -46.78 -11.36
N ASN H 159 0.54 -46.73 -10.17
CA ASN H 159 0.16 -45.70 -9.21
C ASN H 159 0.37 -44.31 -9.82
N LEU H 160 1.50 -44.11 -10.51
CA LEU H 160 1.78 -42.81 -11.12
C LEU H 160 0.80 -42.50 -12.24
N ALA H 161 0.47 -43.51 -13.04
CA ALA H 161 -0.42 -43.30 -14.18
C ALA H 161 -1.81 -42.91 -13.68
N ASN H 162 -2.35 -43.70 -12.75
CA ASN H 162 -3.66 -43.41 -12.24
C ASN H 162 -3.52 -42.30 -11.22
N ALA H 163 -4.63 -41.85 -10.66
CA ALA H 163 -4.59 -40.77 -9.70
C ALA H 163 -4.62 -41.26 -8.26
N ARG H 164 -4.19 -42.50 -7.99
CA ARG H 164 -4.28 -42.96 -6.61
C ARG H 164 -3.60 -41.99 -5.66
N PHE H 165 -2.61 -41.22 -6.12
CA PHE H 165 -1.99 -40.29 -5.19
C PHE H 165 -3.05 -39.30 -4.75
N LEU H 166 -3.92 -38.89 -5.68
CA LEU H 166 -5.02 -38.01 -5.32
C LEU H 166 -5.95 -38.86 -4.48
N TRP H 167 -6.50 -38.30 -3.41
CA TRP H 167 -7.39 -39.08 -2.55
C TRP H 167 -8.88 -38.88 -2.81
N ARG H 168 -9.36 -37.64 -2.82
CA ARG H 168 -10.78 -37.40 -2.99
C ARG H 168 -11.09 -36.68 -4.31
N ASN H 169 -10.11 -35.99 -4.89
CA ASN H 169 -10.33 -35.25 -6.13
C ASN H 169 -10.68 -36.21 -7.26
N ARG H 170 -10.13 -37.43 -7.24
CA ARG H 170 -10.41 -38.39 -8.29
C ARG H 170 -11.88 -38.81 -8.26
N VAL H 171 -12.43 -39.07 -7.07
CA VAL H 171 -13.82 -39.51 -6.99
C VAL H 171 -14.71 -38.50 -7.67
N GLY H 172 -15.61 -39.00 -8.51
CA GLY H 172 -16.53 -38.15 -9.24
C GLY H 172 -15.79 -37.28 -10.24
N ALA H 173 -14.99 -37.89 -11.09
CA ALA H 173 -14.24 -37.18 -12.12
C ALA H 173 -14.62 -37.70 -13.50
N GLU H 174 -14.76 -36.77 -14.45
CA GLU H 174 -15.11 -37.14 -15.82
C GLU H 174 -13.92 -37.72 -16.57
N ALA H 175 -12.81 -36.98 -16.62
CA ALA H 175 -11.61 -37.40 -17.31
C ALA H 175 -10.39 -36.96 -16.53
N VAL H 176 -9.50 -37.90 -16.23
CA VAL H 176 -8.24 -37.64 -15.54
C VAL H 176 -7.11 -37.93 -16.51
N GLU H 177 -6.26 -36.94 -16.73
CA GLU H 177 -5.13 -37.06 -17.66
C GLU H 177 -3.83 -36.75 -16.93
N VAL H 178 -2.93 -37.72 -16.91
CA VAL H 178 -1.60 -37.61 -16.29
C VAL H 178 -0.53 -37.51 -17.36
N ARG H 179 0.44 -36.62 -17.17
CA ARG H 179 1.55 -36.47 -18.09
C ARG H 179 2.85 -36.49 -17.29
N ILE H 180 3.69 -37.48 -17.56
CA ILE H 180 4.98 -37.64 -16.89
C ILE H 180 6.10 -37.29 -17.85
N ASN H 181 6.98 -36.38 -17.43
CA ASN H 181 8.13 -35.95 -18.22
C ASN H 181 9.39 -36.27 -17.45
N HIS H 182 10.31 -37.02 -18.07
CA HIS H 182 11.58 -37.35 -17.42
C HIS H 182 12.54 -36.21 -17.69
N ILE H 183 12.76 -35.37 -16.70
CA ILE H 183 13.60 -34.19 -16.83
C ILE H 183 15.07 -34.55 -16.72
N ARG H 184 15.78 -34.43 -17.83
CA ARG H 184 17.21 -34.69 -17.88
C ARG H 184 17.87 -33.34 -17.59
N GLN H 185 19.18 -33.19 -17.81
CA GLN H 185 19.78 -31.90 -17.53
C GLN H 185 19.00 -30.81 -18.24
N GLY H 186 18.57 -31.10 -19.47
CA GLY H 186 17.81 -30.18 -20.28
C GLY H 186 16.34 -30.55 -20.31
N GLU H 187 15.57 -29.73 -21.02
CA GLU H 187 14.14 -29.95 -21.16
C GLU H 187 13.77 -31.24 -21.87
N VAL H 188 14.62 -31.77 -22.76
CA VAL H 188 14.25 -32.96 -23.51
C VAL H 188 13.92 -34.09 -22.53
N ALA H 189 12.88 -34.84 -22.84
CA ALA H 189 12.45 -35.95 -22.00
C ALA H 189 11.65 -36.94 -22.81
N ARG H 190 11.51 -38.15 -22.27
CA ARG H 190 10.67 -39.17 -22.91
C ARG H 190 9.29 -39.05 -22.26
N ALA H 191 8.59 -37.98 -22.64
CA ALA H 191 7.27 -37.70 -22.10
C ALA H 191 6.25 -38.76 -22.46
N TRP H 192 5.47 -39.19 -21.45
CA TRP H 192 4.42 -40.17 -21.65
C TRP H 192 3.10 -39.52 -21.27
N ARG H 193 2.00 -40.18 -21.65
CA ARG H 193 0.66 -39.69 -21.34
C ARG H 193 -0.27 -40.87 -21.08
N PHE H 194 -0.99 -40.84 -19.96
CA PHE H 194 -1.89 -41.94 -19.63
C PHE H 194 -3.29 -41.46 -19.28
N ASP H 195 -4.17 -42.42 -18.95
CA ASP H 195 -5.55 -42.15 -18.54
C ASP H 195 -5.80 -42.96 -17.27
N ALA H 196 -6.08 -42.26 -16.17
CA ALA H 196 -6.34 -42.91 -14.90
C ALA H 196 -7.64 -43.70 -14.89
N LEU H 197 -8.70 -43.18 -15.51
CA LEU H 197 -9.97 -43.89 -15.48
C LEU H 197 -9.87 -45.23 -16.22
N ALA H 198 -9.29 -45.22 -17.42
CA ALA H 198 -9.21 -46.46 -18.18
C ALA H 198 -8.38 -47.49 -17.41
N ILE H 199 -7.28 -47.03 -16.78
CA ILE H 199 -6.43 -47.93 -16.03
C ILE H 199 -7.13 -48.33 -14.75
N GLY H 200 -7.10 -49.62 -14.42
CA GLY H 200 -7.77 -50.09 -13.23
C GLY H 200 -7.11 -49.57 -11.97
N LEU H 201 -7.94 -49.15 -11.02
CA LEU H 201 -7.42 -48.72 -9.73
C LEU H 201 -7.00 -49.90 -8.87
N ARG H 202 -7.79 -50.97 -8.84
CA ARG H 202 -7.50 -52.12 -8.00
C ARG H 202 -6.85 -53.26 -8.77
N ASP H 203 -6.64 -53.08 -10.08
CA ASP H 203 -6.04 -54.12 -10.91
C ASP H 203 -4.88 -53.53 -11.69
N PHE H 204 -3.79 -54.28 -11.78
CA PHE H 204 -2.60 -53.85 -12.50
C PHE H 204 -2.48 -54.64 -13.80
N LYS H 205 -2.49 -53.92 -14.92
CA LYS H 205 -2.39 -54.53 -16.25
C LYS H 205 -1.12 -54.02 -16.93
N ALA H 206 -0.55 -54.86 -17.78
CA ALA H 206 0.67 -54.53 -18.50
C ALA H 206 0.38 -53.71 -19.74
N ASP H 207 1.30 -52.79 -20.05
CA ASP H 207 1.20 -51.96 -21.24
C ASP H 207 2.60 -51.56 -21.67
N ALA H 208 2.76 -51.29 -22.96
CA ALA H 208 4.07 -50.91 -23.48
C ALA H 208 4.63 -49.69 -22.78
N GLU H 209 3.81 -48.63 -22.66
CA GLU H 209 4.28 -47.42 -22.01
C GLU H 209 4.61 -47.71 -20.55
N LEU H 210 3.73 -48.47 -19.87
CA LEU H 210 3.96 -48.82 -18.49
C LEU H 210 5.26 -49.60 -18.34
N ASP H 211 5.49 -50.54 -19.25
CA ASP H 211 6.72 -51.33 -19.18
C ASP H 211 7.94 -50.45 -19.36
N ALA H 212 7.89 -49.51 -20.31
CA ALA H 212 9.04 -48.62 -20.51
C ALA H 212 9.30 -47.80 -19.26
N LEU H 213 8.23 -47.28 -18.65
CA LEU H 213 8.38 -46.47 -17.45
C LEU H 213 8.94 -47.31 -16.32
N ALA H 214 8.45 -48.55 -16.19
CA ALA H 214 8.93 -49.44 -15.15
C ALA H 214 10.41 -49.73 -15.33
N GLU H 215 10.84 -49.91 -16.58
CA GLU H 215 12.25 -50.17 -16.84
C GLU H 215 13.09 -48.97 -16.43
N LEU H 216 12.62 -47.77 -16.76
CA LEU H 216 13.37 -46.57 -16.40
C LEU H 216 13.48 -46.47 -14.87
N ILE H 217 12.39 -46.77 -14.18
CA ILE H 217 12.38 -46.70 -12.73
C ILE H 217 13.33 -47.74 -12.14
N ALA H 218 13.30 -48.96 -12.70
CA ALA H 218 14.18 -50.01 -12.21
C ALA H 218 15.63 -49.59 -12.37
N SER H 219 15.96 -48.96 -13.50
CA SER H 219 17.33 -48.52 -13.72
C SER H 219 17.70 -47.49 -12.66
N GLY H 220 16.82 -46.51 -12.46
CA GLY H 220 17.09 -45.49 -11.47
C GLY H 220 17.33 -46.09 -10.09
N LEU H 221 16.47 -47.05 -9.72
CA LEU H 221 16.57 -47.72 -8.43
C LEU H 221 17.89 -48.48 -8.30
N SER H 222 18.35 -49.09 -9.39
CA SER H 222 19.61 -49.81 -9.34
C SER H 222 20.78 -48.87 -9.13
N GLY H 223 20.56 -47.57 -9.30
CA GLY H 223 21.59 -46.56 -9.08
C GLY H 223 22.24 -46.01 -10.34
N SER H 224 21.42 -45.69 -11.35
CA SER H 224 21.95 -45.09 -12.56
C SER H 224 22.71 -43.80 -12.25
N GLY H 225 22.20 -42.99 -11.32
CA GLY H 225 22.90 -41.79 -10.92
C GLY H 225 22.04 -40.55 -10.75
N HIS H 226 21.01 -40.38 -11.59
CA HIS H 226 20.09 -39.27 -11.45
C HIS H 226 18.80 -39.59 -12.20
N VAL H 227 17.68 -39.36 -11.53
CA VAL H 227 16.35 -39.55 -12.10
C VAL H 227 15.42 -38.46 -11.61
N LEU H 228 14.78 -37.76 -12.52
CA LEU H 228 13.81 -36.72 -12.18
C LEU H 228 12.58 -36.88 -13.05
N LEU H 229 11.42 -36.99 -12.39
CA LEU H 229 10.12 -37.16 -13.03
C LEU H 229 9.16 -36.04 -12.64
N GLU H 230 8.71 -35.27 -13.62
CA GLU H 230 7.75 -34.19 -13.39
C GLU H 230 6.36 -34.73 -13.72
N VAL H 231 5.52 -34.86 -12.70
CA VAL H 231 4.17 -35.38 -12.84
C VAL H 231 3.17 -34.23 -12.84
N VAL H 232 2.32 -34.18 -13.87
CA VAL H 232 1.27 -33.18 -13.98
C VAL H 232 -0.04 -33.90 -14.21
N ALA H 233 -1.03 -33.64 -13.36
CA ALA H 233 -2.34 -34.26 -13.46
C ALA H 233 -3.41 -33.22 -13.77
N PHE H 234 -4.41 -33.63 -14.55
CA PHE H 234 -5.56 -32.78 -14.87
C PHE H 234 -6.83 -33.57 -14.61
N ALA H 235 -7.63 -33.12 -13.64
CA ALA H 235 -8.87 -33.78 -13.27
C ALA H 235 -10.07 -32.86 -13.47
N ARG H 236 -11.09 -33.35 -14.18
CA ARG H 236 -12.33 -32.59 -14.40
C ARG H 236 -13.27 -32.81 -13.22
N ILE H 237 -13.56 -31.76 -12.47
CA ILE H 237 -14.45 -31.83 -11.31
C ILE H 237 -15.74 -31.07 -11.56
N GLY H 238 -15.64 -29.78 -11.83
CA GLY H 238 -16.80 -28.95 -12.07
C GLY H 238 -16.54 -27.52 -11.64
N ASP H 239 -17.41 -26.62 -12.10
CA ASP H 239 -17.23 -25.22 -11.76
C ASP H 239 -17.51 -25.02 -10.27
N GLY H 240 -16.60 -24.31 -9.61
CA GLY H 240 -16.78 -23.96 -8.21
C GLY H 240 -16.72 -25.16 -7.30
N GLN H 241 -16.26 -26.29 -7.80
CA GLN H 241 -16.22 -27.50 -6.99
C GLN H 241 -15.21 -27.32 -5.86
N GLU H 242 -15.21 -28.27 -4.93
CA GLU H 242 -14.32 -28.19 -3.78
C GLU H 242 -13.28 -29.30 -3.84
N VAL H 243 -12.01 -28.90 -3.86
CA VAL H 243 -10.86 -29.79 -3.84
C VAL H 243 -10.62 -30.18 -2.40
N PHE H 244 -9.83 -31.23 -2.18
CA PHE H 244 -9.55 -31.70 -0.83
C PHE H 244 -8.06 -31.82 -0.58
N PRO H 245 -7.41 -30.73 -0.17
CA PRO H 245 -6.00 -30.79 0.17
C PRO H 245 -5.81 -31.46 1.52
N SER H 246 -4.54 -31.64 1.90
CA SER H 246 -4.23 -32.31 3.15
C SER H 246 -4.36 -31.36 4.34
N GLN H 247 -5.19 -31.75 5.31
CA GLN H 247 -5.39 -30.94 6.49
C GLN H 247 -4.09 -30.92 7.29
N GLU H 248 -3.67 -29.74 7.74
CA GLU H 248 -2.43 -29.60 8.49
C GLU H 248 -2.65 -29.82 9.97
N LEU H 249 -1.89 -30.76 10.54
CA LEU H 249 -1.97 -31.04 11.97
C LEU H 249 -1.33 -29.91 12.77
N ILE H 250 -1.74 -29.79 14.03
CA ILE H 250 -1.20 -28.79 14.94
C ILE H 250 -0.69 -29.43 16.24
N LEU H 251 -1.54 -30.21 16.89
CA LEU H 251 -1.29 -30.89 18.16
C LEU H 251 -1.41 -29.94 19.34
N ASP H 252 -1.70 -28.66 19.11
CA ASP H 252 -1.91 -27.68 20.18
C ASP H 252 -3.20 -26.94 19.84
N LYS H 253 -4.24 -27.14 20.67
CA LYS H 253 -5.53 -26.54 20.38
C LYS H 253 -5.52 -25.04 20.61
N GLY H 254 -5.16 -24.60 21.80
CA GLY H 254 -5.13 -23.19 22.12
C GLY H 254 -5.91 -22.87 23.39
N ASP H 255 -5.47 -21.82 24.08
CA ASP H 255 -6.10 -21.37 25.31
C ASP H 255 -7.20 -20.33 25.16
N LYS H 256 -7.61 -20.02 23.94
CA LYS H 256 -8.65 -19.04 23.70
C LYS H 256 -9.58 -19.44 22.56
N LYS H 257 -10.65 -18.68 22.39
CA LYS H 257 -11.67 -18.99 21.41
C LYS H 257 -11.43 -18.19 20.12
N GLY H 258 -12.17 -18.52 19.07
CA GLY H 258 -11.97 -17.87 17.79
C GLY H 258 -10.78 -18.37 17.01
N GLN H 259 -10.77 -19.64 16.66
CA GLN H 259 -9.67 -20.24 15.92
C GLN H 259 -10.20 -21.00 14.71
N LYS H 260 -9.29 -21.56 13.94
CA LYS H 260 -9.63 -22.36 12.78
C LYS H 260 -9.52 -23.85 13.12
N SER H 261 -10.64 -24.54 13.04
CA SER H 261 -10.67 -25.97 13.35
C SER H 261 -10.29 -26.84 12.15
N LYS H 262 -9.73 -26.25 11.12
CA LYS H 262 -9.22 -26.98 9.97
C LYS H 262 -8.25 -26.07 9.24
N THR H 263 -6.98 -26.50 9.15
CA THR H 263 -5.94 -25.73 8.50
C THR H 263 -5.40 -26.51 7.31
N LEU H 264 -5.51 -25.93 6.12
CA LEU H 264 -5.05 -26.60 4.92
C LEU H 264 -3.61 -26.20 4.63
N TYR H 265 -2.80 -27.20 4.27
CA TYR H 265 -1.40 -26.96 3.97
C TYR H 265 -1.25 -26.11 2.72
N SER H 266 -0.51 -25.02 2.84
CA SER H 266 -0.29 -24.12 1.72
C SER H 266 1.13 -23.58 1.71
N VAL H 267 1.74 -23.58 0.53
CA VAL H 267 3.09 -23.09 0.30
C VAL H 267 3.05 -22.05 -0.80
N ARG H 268 3.82 -20.97 -0.64
CA ARG H 268 3.87 -19.90 -1.63
C ARG H 268 2.46 -19.35 -1.90
N ASP H 269 1.66 -19.27 -0.84
CA ASP H 269 0.29 -18.78 -0.94
C ASP H 269 -0.52 -19.60 -1.93
N ALA H 270 -0.23 -20.91 -1.97
CA ALA H 270 -0.92 -21.84 -2.83
C ALA H 270 -1.12 -23.14 -2.06
N ALA H 271 -2.29 -23.75 -2.23
CA ALA H 271 -2.59 -25.00 -1.54
C ALA H 271 -1.76 -26.13 -2.14
N ALA H 272 -1.47 -27.12 -1.32
CA ALA H 272 -0.69 -28.27 -1.78
C ALA H 272 -0.93 -29.45 -0.86
N ILE H 273 -0.33 -30.58 -1.20
CA ILE H 273 -0.44 -31.82 -0.44
C ILE H 273 0.96 -32.20 0.04
N HIS H 274 1.00 -32.77 1.25
CA HIS H 274 2.28 -33.14 1.85
C HIS H 274 3.01 -34.18 1.01
N SER H 275 4.34 -34.08 1.03
CA SER H 275 5.19 -34.99 0.28
C SER H 275 5.00 -36.43 0.75
N GLN H 276 5.03 -36.65 2.07
CA GLN H 276 4.89 -38.01 2.59
C GLN H 276 3.52 -38.60 2.31
N LYS H 277 2.47 -37.78 2.34
CA LYS H 277 1.14 -38.33 2.07
C LYS H 277 1.06 -38.85 0.63
N ILE H 278 1.79 -38.23 -0.29
CA ILE H 278 1.85 -38.68 -1.67
C ILE H 278 2.73 -39.91 -1.78
N GLY H 279 3.88 -39.90 -1.11
CA GLY H 279 4.81 -41.02 -1.16
C GLY H 279 4.23 -42.28 -0.54
N ASN H 280 3.24 -42.13 0.34
CA ASN H 280 2.58 -43.27 0.96
C ASN H 280 1.67 -43.94 -0.06
N ALA H 281 0.92 -43.14 -0.81
CA ALA H 281 0.05 -43.69 -1.84
C ALA H 281 0.85 -44.31 -2.96
N LEU H 282 1.97 -43.70 -3.35
CA LEU H 282 2.71 -44.24 -4.48
C LEU H 282 3.22 -45.64 -4.19
N ARG H 283 3.55 -45.94 -2.93
CA ARG H 283 4.07 -47.25 -2.58
C ARG H 283 2.98 -48.22 -2.14
N THR H 284 1.75 -48.02 -2.59
CA THR H 284 0.64 -48.92 -2.27
C THR H 284 0.70 -50.11 -3.20
N ILE H 285 1.64 -51.02 -2.93
CA ILE H 285 1.80 -52.22 -3.74
C ILE H 285 1.62 -53.50 -2.95
N ASP H 286 1.34 -53.43 -1.65
CA ASP H 286 1.21 -54.63 -0.83
C ASP H 286 -0.15 -55.27 -1.08
N THR H 287 -0.23 -56.14 -2.06
CA THR H 287 -1.47 -56.83 -2.40
C THR H 287 -1.44 -58.30 -1.98
N TRP H 288 -0.33 -58.76 -1.40
CA TRP H 288 -0.14 -60.14 -1.02
C TRP H 288 -0.51 -60.42 0.43
N TYR H 289 -1.22 -59.50 1.10
CA TYR H 289 -1.53 -59.71 2.50
C TYR H 289 -2.27 -61.04 2.70
N PRO H 290 -2.19 -61.61 3.90
CA PRO H 290 -2.80 -62.92 4.13
C PRO H 290 -4.31 -62.98 3.93
N ASP H 291 -5.05 -61.97 4.39
CA ASP H 291 -6.50 -62.02 4.30
C ASP H 291 -6.97 -62.03 2.85
N GLU H 292 -6.58 -61.01 2.08
CA GLU H 292 -6.98 -60.86 0.69
C GLU H 292 -8.44 -61.24 0.48
N ASP H 293 -9.31 -60.68 1.34
CA ASP H 293 -10.74 -60.97 1.33
C ASP H 293 -11.48 -59.64 1.23
N GLY H 294 -11.59 -59.12 0.00
CA GLY H 294 -12.35 -57.91 -0.27
C GLY H 294 -11.48 -56.68 -0.27
N LEU H 295 -10.44 -56.67 0.56
CA LEU H 295 -9.53 -55.54 0.60
C LEU H 295 -8.69 -55.50 -0.68
N GLY H 296 -8.39 -54.28 -1.13
CA GLY H 296 -7.58 -54.08 -2.30
C GLY H 296 -6.12 -53.77 -1.97
N PRO H 297 -5.51 -52.87 -2.74
CA PRO H 297 -4.11 -52.53 -2.49
C PRO H 297 -3.93 -51.92 -1.12
N ILE H 298 -2.80 -52.22 -0.49
CA ILE H 298 -2.50 -51.70 0.84
C ILE H 298 -1.12 -51.05 0.82
N ALA H 299 -0.97 -50.07 1.71
CA ALA H 299 0.28 -49.34 1.82
C ALA H 299 1.39 -50.26 2.29
N VAL H 300 2.59 -50.07 1.74
CA VAL H 300 3.74 -50.87 2.14
C VAL H 300 4.27 -50.27 3.45
N GLU H 301 3.88 -50.86 4.57
CA GLU H 301 4.29 -50.41 5.88
C GLU H 301 4.70 -51.61 6.73
N PRO H 302 5.59 -51.41 7.71
CA PRO H 302 5.92 -52.52 8.59
C PRO H 302 4.66 -52.91 9.34
N TYR H 303 4.46 -54.21 9.54
CA TYR H 303 3.29 -54.72 10.24
C TYR H 303 2.00 -54.46 9.45
N GLY H 304 2.13 -54.10 8.17
CA GLY H 304 0.98 -53.88 7.30
C GLY H 304 -0.10 -53.02 7.92
N SER H 305 0.31 -51.96 8.62
CA SER H 305 -0.64 -51.07 9.27
C SER H 305 -1.40 -50.21 8.27
N VAL H 306 -2.65 -49.91 8.62
CA VAL H 306 -3.52 -49.05 7.80
C VAL H 306 -4.18 -48.05 8.73
N THR H 307 -4.03 -46.76 8.43
CA THR H 307 -4.61 -45.71 9.24
C THR H 307 -6.11 -45.56 9.04
N SER H 308 -6.55 -45.48 7.78
CA SER H 308 -7.98 -45.27 7.51
C SER H 308 -8.82 -46.41 8.05
N GLN H 309 -8.43 -47.65 7.75
CA GLN H 309 -9.21 -48.79 8.20
C GLN H 309 -9.05 -49.03 9.70
N GLY H 310 -7.95 -48.55 10.29
CA GLY H 310 -7.75 -48.73 11.72
C GLY H 310 -7.32 -50.10 12.16
N LYS H 311 -6.95 -50.98 11.24
CA LYS H 311 -6.53 -52.34 11.56
C LYS H 311 -5.12 -52.54 11.00
N ALA H 312 -4.36 -53.42 11.64
CA ALA H 312 -3.00 -53.73 11.21
C ALA H 312 -2.89 -55.19 10.83
N TYR H 313 -2.77 -55.46 9.54
CA TYR H 313 -2.61 -56.80 9.01
C TYR H 313 -1.16 -57.26 9.22
N ARG H 314 -0.92 -58.54 9.01
CA ARG H 314 0.42 -59.10 9.12
C ARG H 314 1.03 -58.95 10.52
N GLN H 315 0.29 -59.34 11.55
CA GLN H 315 0.81 -59.24 12.90
C GLN H 315 2.11 -60.04 13.03
N PRO H 316 2.95 -59.72 14.02
CA PRO H 316 4.23 -60.41 14.16
C PRO H 316 4.17 -61.90 14.49
N LYS H 317 3.06 -62.43 15.03
CA LYS H 317 3.06 -63.84 15.37
C LYS H 317 3.30 -64.69 14.14
N GLN H 318 2.76 -64.28 13.00
CA GLN H 318 2.92 -65.02 11.76
C GLN H 318 4.33 -64.77 11.21
N LYS H 319 4.68 -65.53 10.18
CA LYS H 319 5.99 -65.40 9.58
C LYS H 319 6.06 -64.37 8.46
N LEU H 320 4.93 -63.78 8.05
CA LEU H 320 5.01 -62.82 6.97
C LEU H 320 5.51 -61.45 7.42
N ASP H 321 5.71 -61.27 8.72
CA ASP H 321 6.18 -60.00 9.25
C ASP H 321 7.49 -59.59 8.58
N PHE H 322 7.66 -58.29 8.35
CA PHE H 322 8.88 -57.83 7.70
C PHE H 322 10.11 -58.19 8.50
N TYR H 323 10.11 -57.91 9.81
CA TYR H 323 11.28 -58.22 10.62
C TYR H 323 11.59 -59.70 10.56
N THR H 324 10.58 -60.54 10.74
CA THR H 324 10.78 -61.97 10.73
C THR H 324 11.30 -62.43 9.36
N LEU H 325 10.66 -61.97 8.29
CA LEU H 325 11.08 -62.40 6.96
C LEU H 325 12.52 -62.02 6.66
N LEU H 326 12.88 -60.77 6.98
CA LEU H 326 14.25 -60.32 6.69
C LEU H 326 15.26 -61.08 7.54
N ASP H 327 14.97 -61.25 8.83
CA ASP H 327 15.91 -61.95 9.69
C ASP H 327 16.11 -63.38 9.21
N ASN H 328 15.02 -64.06 8.86
CA ASN H 328 15.15 -65.43 8.40
C ASN H 328 15.88 -65.51 7.08
N TRP H 329 15.52 -64.65 6.12
CA TRP H 329 16.13 -64.69 4.80
C TRP H 329 17.58 -64.26 4.82
N VAL H 330 18.04 -63.59 5.88
CA VAL H 330 19.43 -63.17 5.92
C VAL H 330 20.25 -64.17 6.73
N LEU H 331 19.88 -64.35 8.00
CA LEU H 331 20.63 -65.25 8.88
C LEU H 331 20.44 -66.71 8.52
N ARG H 332 19.19 -67.15 8.37
CA ARG H 332 18.89 -68.55 8.11
C ARG H 332 18.88 -68.88 6.62
N ASP H 333 19.00 -67.86 5.76
CA ASP H 333 19.01 -68.06 4.32
C ASP H 333 17.73 -68.71 3.80
N GLU H 334 16.61 -68.47 4.48
CA GLU H 334 15.34 -69.04 4.07
C GLU H 334 14.72 -68.10 3.04
N ALA H 335 14.64 -68.55 1.79
CA ALA H 335 14.06 -67.72 0.75
C ALA H 335 12.54 -67.76 0.85
N PRO H 336 11.88 -66.65 1.17
CA PRO H 336 10.42 -66.68 1.25
C PRO H 336 9.78 -66.63 -0.13
N ALA H 337 8.45 -66.69 -0.18
CA ALA H 337 7.76 -66.66 -1.46
C ALA H 337 8.17 -65.42 -2.24
N VAL H 338 8.10 -65.51 -3.57
CA VAL H 338 8.47 -64.39 -4.43
C VAL H 338 7.72 -63.14 -4.01
N GLU H 339 6.45 -63.32 -3.63
CA GLU H 339 5.62 -62.20 -3.21
C GLU H 339 6.22 -61.55 -1.98
N GLN H 340 6.61 -62.37 -1.00
CA GLN H 340 7.20 -61.87 0.23
C GLN H 340 8.51 -61.15 -0.08
N GLN H 341 9.29 -61.68 -1.02
CA GLN H 341 10.55 -61.02 -1.37
C GLN H 341 10.26 -59.63 -1.92
N HIS H 342 9.22 -59.50 -2.74
CA HIS H 342 8.87 -58.18 -3.27
C HIS H 342 8.48 -57.25 -2.12
N TYR H 343 7.69 -57.76 -1.18
CA TYR H 343 7.25 -56.95 -0.06
C TYR H 343 8.44 -56.49 0.77
N VAL H 344 9.41 -57.37 0.99
CA VAL H 344 10.58 -57.02 1.79
C VAL H 344 11.38 -55.94 1.09
N ILE H 345 11.55 -56.05 -0.22
CA ILE H 345 12.30 -55.05 -0.96
C ILE H 345 11.56 -53.72 -0.91
N ALA H 346 10.24 -53.76 -0.98
CA ALA H 346 9.46 -52.54 -0.93
C ALA H 346 9.67 -51.85 0.41
N ASN H 347 9.66 -52.64 1.49
CA ASN H 347 9.85 -52.05 2.82
C ASN H 347 11.23 -51.45 2.91
N LEU H 348 12.25 -52.13 2.37
CA LEU H 348 13.60 -51.58 2.42
C LEU H 348 13.65 -50.26 1.67
N ILE H 349 12.91 -50.16 0.57
CA ILE H 349 12.86 -48.91 -0.17
C ILE H 349 12.21 -47.83 0.67
N ARG H 350 11.11 -48.15 1.36
CA ARG H 350 10.44 -47.15 2.19
C ARG H 350 11.37 -46.62 3.28
N GLY H 351 12.19 -47.48 3.87
CA GLY H 351 13.12 -47.05 4.90
C GLY H 351 12.50 -47.03 6.28
N GLY H 352 13.37 -46.90 7.27
CA GLY H 352 12.94 -46.84 8.65
C GLY H 352 14.10 -47.17 9.58
N VAL H 353 13.72 -47.53 10.80
CA VAL H 353 14.66 -47.90 11.86
C VAL H 353 14.32 -49.32 12.30
N PHE H 354 15.34 -50.19 12.31
CA PHE H 354 15.17 -51.58 12.67
C PHE H 354 16.16 -51.95 13.77
N GLY H 355 16.19 -53.25 14.09
CA GLY H 355 17.08 -53.79 15.09
C GLY H 355 16.65 -53.54 16.52
N MET J 1 46.21 4.33 -64.46
CA MET J 1 46.08 5.64 -63.81
C MET J 1 47.46 6.20 -63.54
N ASP J 2 47.82 7.26 -64.27
CA ASP J 2 49.13 7.87 -64.12
C ASP J 2 49.17 8.97 -63.07
N HIS J 3 48.01 9.43 -62.58
CA HIS J 3 47.97 10.47 -61.57
C HIS J 3 46.94 10.11 -60.51
N TYR J 4 47.37 10.13 -59.25
CA TYR J 4 46.51 9.84 -58.11
C TYR J 4 46.25 11.13 -57.33
N LEU J 5 44.98 11.39 -57.05
CA LEU J 5 44.57 12.58 -56.30
C LEU J 5 44.02 12.13 -54.95
N ASP J 6 44.64 12.60 -53.87
CA ASP J 6 44.29 12.21 -52.52
C ASP J 6 43.47 13.33 -51.87
N ILE J 7 42.19 13.05 -51.60
CA ILE J 7 41.33 14.02 -50.94
C ILE J 7 41.19 13.60 -49.48
N ARG J 8 41.77 14.39 -48.59
CA ARG J 8 41.75 14.10 -47.15
C ARG J 8 40.69 14.96 -46.47
N LEU J 9 39.72 14.32 -45.84
CA LEU J 9 38.64 15.05 -45.18
C LEU J 9 39.14 15.57 -43.84
N ARG J 10 39.18 16.88 -43.69
CA ARG J 10 39.68 17.47 -42.45
C ARG J 10 38.60 17.39 -41.37
N PRO J 11 38.99 17.11 -40.12
CA PRO J 11 38.00 17.02 -39.05
C PRO J 11 37.33 18.36 -38.81
N ASP J 12 36.01 18.33 -38.63
CA ASP J 12 35.23 19.53 -38.37
C ASP J 12 34.29 19.29 -37.21
N PRO J 13 34.15 20.26 -36.30
CA PRO J 13 33.22 20.07 -35.17
C PRO J 13 31.77 20.20 -35.56
N GLU J 14 31.44 21.05 -36.54
CA GLU J 14 30.05 21.27 -36.91
C GLU J 14 29.39 20.00 -37.44
N PHE J 15 30.12 19.21 -38.22
CA PHE J 15 29.59 18.01 -38.83
C PHE J 15 30.39 16.79 -38.43
N PRO J 16 29.78 15.61 -38.44
CA PRO J 16 30.49 14.38 -38.10
C PRO J 16 31.22 13.79 -39.31
N PRO J 17 32.10 12.81 -39.09
CA PRO J 17 32.80 12.20 -40.22
C PRO J 17 31.88 11.49 -41.21
N ALA J 18 30.88 10.76 -40.69
CA ALA J 18 29.97 10.02 -41.55
C ALA J 18 29.18 10.96 -42.45
N GLN J 19 28.58 12.01 -41.87
CA GLN J 19 27.80 12.92 -42.69
C GLN J 19 28.68 13.61 -43.72
N LEU J 20 29.89 13.98 -43.33
CA LEU J 20 30.79 14.66 -44.25
C LEU J 20 31.12 13.75 -45.42
N MET J 21 31.49 12.50 -45.13
CA MET J 21 31.84 11.57 -46.20
C MET J 21 30.64 11.28 -47.09
N SER J 22 29.44 11.26 -46.51
CA SER J 22 28.23 11.06 -47.31
C SER J 22 28.02 12.23 -48.27
N VAL J 23 28.17 13.45 -47.75
CA VAL J 23 28.09 14.62 -48.63
C VAL J 23 29.12 14.53 -49.74
N LEU J 24 30.33 14.07 -49.39
CA LEU J 24 31.39 13.98 -50.39
C LEU J 24 31.01 12.98 -51.48
N PHE J 25 30.50 11.81 -51.08
CA PHE J 25 30.14 10.79 -52.05
C PHE J 25 29.00 11.29 -52.94
N GLY J 26 28.01 11.95 -52.33
CA GLY J 26 26.89 12.45 -53.11
C GLY J 26 27.34 13.48 -54.12
N LYS J 27 28.21 14.40 -53.70
CA LYS J 27 28.68 15.44 -54.62
C LYS J 27 29.50 14.82 -55.73
N LEU J 28 30.34 13.83 -55.40
CA LEU J 28 31.16 13.19 -56.41
C LEU J 28 30.32 12.41 -57.42
N HIS J 29 29.21 11.83 -56.97
CA HIS J 29 28.39 11.03 -57.87
C HIS J 29 27.94 11.85 -59.07
N GLN J 30 27.39 13.04 -58.82
CA GLN J 30 26.93 13.87 -59.92
C GLN J 30 28.11 14.45 -60.71
N ALA J 31 29.26 14.61 -60.04
CA ALA J 31 30.42 15.20 -60.71
C ALA J 31 31.16 14.21 -61.61
N LEU J 32 30.87 12.91 -61.50
CA LEU J 32 31.56 11.90 -62.29
C LEU J 32 30.65 11.29 -63.33
N VAL J 33 29.47 10.78 -62.95
CA VAL J 33 28.60 10.14 -63.92
C VAL J 33 28.13 11.14 -64.97
N ALA J 34 27.64 12.30 -64.51
CA ALA J 34 27.17 13.31 -65.45
C ALA J 34 28.31 13.90 -66.26
N GLN J 35 29.49 14.06 -65.66
CA GLN J 35 30.61 14.66 -66.35
C GLN J 35 31.18 13.77 -67.46
N GLY J 36 30.97 12.46 -67.37
CA GLY J 36 31.48 11.55 -68.37
C GLY J 36 32.87 11.06 -68.00
N GLY J 37 33.54 10.50 -68.99
CA GLY J 37 34.88 9.98 -68.80
C GLY J 37 34.90 8.47 -68.98
N ASP J 38 36.02 7.98 -69.53
CA ASP J 38 36.12 6.55 -69.78
C ASP J 38 36.26 5.77 -68.48
N ARG J 39 37.20 6.19 -67.62
CA ARG J 39 37.45 5.52 -66.35
C ARG J 39 37.42 6.54 -65.22
N ILE J 40 36.50 6.37 -64.27
CA ILE J 40 36.42 7.22 -63.10
C ILE J 40 36.33 6.31 -61.89
N GLY J 41 37.30 6.39 -61.00
CA GLY J 41 37.31 5.55 -59.82
C GLY J 41 38.00 6.19 -58.64
N VAL J 42 37.56 5.79 -57.45
CA VAL J 42 38.17 6.22 -56.20
C VAL J 42 38.25 5.01 -55.28
N SER J 43 39.21 5.06 -54.35
CA SER J 43 39.39 3.99 -53.38
C SER J 43 39.62 4.57 -52.00
N PHE J 44 39.26 3.79 -50.98
CA PHE J 44 39.43 4.21 -49.60
C PHE J 44 40.74 3.63 -49.09
N PRO J 45 41.83 4.42 -49.01
CA PRO J 45 43.07 3.85 -48.48
C PRO J 45 42.97 3.47 -47.02
N ASP J 46 42.12 4.14 -46.25
CA ASP J 46 41.98 3.87 -44.82
C ASP J 46 40.95 2.79 -44.52
N LEU J 47 40.41 2.15 -45.55
CA LEU J 47 39.37 1.15 -45.36
C LEU J 47 39.84 0.06 -44.41
N ASP J 48 39.06 -0.16 -43.36
CA ASP J 48 39.34 -1.20 -42.37
C ASP J 48 38.05 -1.90 -42.00
N GLU J 49 38.08 -3.23 -42.00
CA GLU J 49 36.90 -4.02 -41.66
C GLU J 49 36.71 -4.18 -40.16
N SER J 50 37.72 -3.85 -39.36
CA SER J 50 37.58 -3.95 -37.91
C SER J 50 36.58 -2.93 -37.37
N ARG J 51 36.73 -1.67 -37.77
CA ARG J 51 35.85 -0.61 -37.30
C ARG J 51 34.59 -0.48 -38.13
N SER J 52 34.52 -1.16 -39.28
CA SER J 52 33.37 -1.07 -40.18
C SER J 52 33.14 0.34 -40.69
N ARG J 53 34.21 1.12 -40.80
CA ARG J 53 34.13 2.49 -41.28
C ARG J 53 34.50 2.54 -42.77
N LEU J 54 34.29 3.71 -43.36
CA LEU J 54 34.61 3.94 -44.77
C LEU J 54 35.94 4.63 -44.96
N GLY J 55 36.67 4.91 -43.88
CA GLY J 55 37.95 5.58 -43.97
C GLY J 55 37.84 7.07 -43.71
N GLU J 56 38.94 7.64 -43.22
CA GLU J 56 39.02 9.07 -42.92
C GLU J 56 39.57 9.88 -44.08
N ARG J 57 39.96 9.21 -45.17
CA ARG J 57 40.47 9.87 -46.36
C ARG J 57 40.03 9.06 -47.57
N LEU J 58 40.04 9.70 -48.73
CA LEU J 58 39.70 9.03 -49.97
C LEU J 58 40.76 9.32 -51.03
N ARG J 59 40.90 8.37 -51.94
CA ARG J 59 41.84 8.46 -53.06
C ARG J 59 41.08 8.26 -54.36
N ILE J 60 41.13 9.26 -55.24
CA ILE J 60 40.46 9.17 -56.53
C ILE J 60 41.52 8.72 -57.55
N HIS J 61 41.28 7.56 -58.16
CA HIS J 61 42.18 7.00 -59.15
C HIS J 61 41.65 7.32 -60.55
N ALA J 62 42.35 8.19 -61.26
CA ALA J 62 41.97 8.60 -62.60
C ALA J 62 43.23 8.94 -63.38
N SER J 63 43.05 9.27 -64.65
CA SER J 63 44.16 9.64 -65.50
C SER J 63 44.61 11.06 -65.15
N ALA J 64 45.72 11.47 -65.75
CA ALA J 64 46.23 12.82 -65.48
C ALA J 64 45.29 13.87 -66.09
N ASP J 65 44.90 13.67 -67.34
CA ASP J 65 44.04 14.64 -68.00
C ASP J 65 42.67 14.66 -67.33
N ASP J 66 42.18 13.49 -66.91
CA ASP J 66 40.88 13.43 -66.24
C ASP J 66 40.90 14.20 -64.94
N LEU J 67 41.95 14.03 -64.14
CA LEU J 67 42.04 14.72 -62.86
C LEU J 67 42.27 16.22 -63.05
N ARG J 68 42.94 16.61 -64.14
CA ARG J 68 43.23 18.01 -64.37
C ARG J 68 41.94 18.83 -64.42
N ALA J 69 40.93 18.31 -65.13
CA ALA J 69 39.63 18.94 -65.26
C ALA J 69 38.70 18.63 -64.09
N LEU J 70 38.90 17.52 -63.40
CA LEU J 70 38.02 17.15 -62.30
C LEU J 70 38.14 18.15 -61.15
N LEU J 71 39.37 18.42 -60.71
CA LEU J 71 39.56 19.36 -59.60
C LEU J 71 39.18 20.78 -59.99
N ALA J 72 39.42 21.17 -61.24
CA ALA J 72 39.09 22.52 -61.68
C ALA J 72 37.59 22.73 -61.79
N ARG J 73 36.81 21.67 -61.96
CA ARG J 73 35.38 21.82 -62.14
C ARG J 73 34.77 22.46 -60.88
N PRO J 74 33.82 23.39 -61.04
CA PRO J 74 33.20 23.99 -59.84
C PRO J 74 32.45 22.99 -58.99
N TRP J 75 31.77 22.02 -59.61
CA TRP J 75 30.98 21.07 -58.83
C TRP J 75 31.88 20.29 -57.88
N LEU J 76 33.00 19.77 -58.39
CA LEU J 76 33.94 18.99 -57.61
C LEU J 76 34.71 19.83 -56.60
N GLU J 77 34.69 21.15 -56.74
CA GLU J 77 35.40 22.05 -55.85
C GLU J 77 34.43 22.68 -54.84
N GLY J 78 34.94 23.65 -54.09
CA GLY J 78 34.15 24.42 -53.16
C GLY J 78 34.06 23.83 -51.77
N LEU J 79 34.38 22.55 -51.62
CA LEU J 79 34.39 21.87 -50.33
C LEU J 79 35.78 21.82 -49.72
N ARG J 80 36.69 22.69 -50.19
CA ARG J 80 38.05 22.75 -49.65
C ARG J 80 38.08 23.21 -48.20
N ASP J 81 37.00 23.80 -47.70
CA ASP J 81 36.99 24.27 -46.32
C ASP J 81 37.12 23.10 -45.35
N HIS J 82 36.34 22.04 -45.57
CA HIS J 82 36.35 20.89 -44.68
C HIS J 82 37.22 19.74 -45.18
N LEU J 83 37.69 19.77 -46.43
CA LEU J 83 38.49 18.68 -46.97
C LEU J 83 39.77 19.21 -47.61
N GLN J 84 40.88 18.55 -47.33
CA GLN J 84 42.19 18.93 -47.85
C GLN J 84 42.47 18.15 -49.13
N PHE J 85 42.62 18.85 -50.25
CA PHE J 85 42.84 18.21 -51.54
C PHE J 85 44.12 18.73 -52.17
N GLY J 86 44.89 17.81 -52.73
CA GLY J 86 46.14 18.11 -53.40
C GLY J 86 46.03 18.06 -54.91
N GLU J 87 47.13 17.67 -55.55
CA GLU J 87 47.22 17.58 -57.01
C GLU J 87 47.54 16.15 -57.41
N PRO J 88 47.45 15.82 -58.69
CA PRO J 88 47.71 14.43 -59.12
C PRO J 88 49.16 14.04 -58.85
N ALA J 89 49.34 12.81 -58.35
CA ALA J 89 50.66 12.26 -58.08
C ALA J 89 50.77 10.86 -58.63
N VAL J 90 51.90 10.56 -59.28
CA VAL J 90 52.12 9.26 -59.89
C VAL J 90 52.10 8.20 -58.81
N VAL J 91 51.33 7.14 -59.03
CA VAL J 91 51.20 6.06 -58.05
C VAL J 91 52.47 5.22 -58.05
N PRO J 92 52.76 4.51 -56.97
CA PRO J 92 53.98 3.70 -56.93
C PRO J 92 53.90 2.54 -57.91
N HIS J 93 55.05 2.12 -58.43
CA HIS J 93 55.04 1.05 -59.42
C HIS J 93 54.43 -0.21 -58.86
N PRO J 94 54.76 -0.66 -57.65
CA PRO J 94 54.10 -1.87 -57.12
C PRO J 94 52.66 -1.52 -56.76
N THR J 95 51.72 -2.36 -57.22
CA THR J 95 50.32 -2.11 -56.93
C THR J 95 49.58 -3.41 -56.67
N PRO J 96 48.62 -3.39 -55.74
CA PRO J 96 47.82 -4.59 -55.50
C PRO J 96 46.60 -4.64 -56.42
N TYR J 97 45.78 -5.66 -56.27
CA TYR J 97 44.56 -5.82 -57.06
C TYR J 97 43.38 -5.67 -56.11
N ARG J 98 42.61 -4.59 -56.27
CA ARG J 98 41.43 -4.38 -55.45
C ARG J 98 40.34 -3.77 -56.32
N GLN J 99 39.12 -4.28 -56.14
CA GLN J 99 37.93 -3.82 -56.84
C GLN J 99 36.90 -3.38 -55.81
N VAL J 100 36.55 -2.10 -55.83
CA VAL J 100 35.52 -1.62 -54.91
C VAL J 100 34.18 -1.76 -55.62
N SER J 101 33.22 -2.38 -54.93
CA SER J 101 31.90 -2.67 -55.46
C SER J 101 30.83 -2.33 -54.44
N ARG J 102 29.59 -2.48 -54.88
CA ARG J 102 28.40 -2.22 -54.09
C ARG J 102 27.56 -3.49 -54.07
N VAL J 103 26.90 -3.76 -52.94
CA VAL J 103 26.07 -4.94 -52.81
C VAL J 103 24.61 -4.50 -52.93
N GLN J 104 23.90 -5.15 -53.84
CA GLN J 104 22.50 -4.89 -54.12
C GLN J 104 21.61 -6.05 -53.67
N ALA J 105 20.78 -5.79 -52.66
CA ALA J 105 19.83 -6.78 -52.19
C ALA J 105 18.70 -6.03 -51.48
N LYS J 106 17.56 -6.71 -51.30
CA LYS J 106 16.41 -6.10 -50.64
C LYS J 106 16.15 -6.77 -49.31
N SER J 107 16.01 -5.97 -48.25
CA SER J 107 15.76 -6.48 -46.92
C SER J 107 14.29 -6.42 -46.54
N ASN J 108 13.42 -5.99 -47.44
CA ASN J 108 12.00 -5.83 -47.14
C ASN J 108 11.16 -6.87 -47.85
N PRO J 109 10.40 -7.69 -47.12
CA PRO J 109 9.51 -8.66 -47.80
C PRO J 109 8.43 -7.98 -48.61
N GLU J 110 8.04 -6.77 -48.19
CA GLU J 110 6.98 -6.03 -48.87
C GLU J 110 7.36 -5.70 -50.30
N ARG J 111 8.60 -5.26 -50.53
CA ARG J 111 9.00 -4.90 -51.88
C ARG J 111 8.92 -6.11 -52.80
N LEU J 112 9.35 -7.27 -52.30
CA LEU J 112 9.31 -8.47 -53.14
C LEU J 112 7.86 -8.88 -53.41
N ARG J 113 7.01 -8.86 -52.38
CA ARG J 113 5.62 -9.25 -52.58
C ARG J 113 4.92 -8.32 -53.55
N ARG J 114 5.21 -7.01 -53.45
CA ARG J 114 4.57 -6.05 -54.34
C ARG J 114 5.07 -6.24 -55.77
N ARG J 115 6.38 -6.44 -55.93
CA ARG J 115 6.92 -6.62 -57.27
C ARG J 115 6.36 -7.88 -57.90
N LEU J 116 6.17 -8.94 -57.12
CA LEU J 116 5.63 -10.17 -57.67
C LEU J 116 4.16 -10.01 -58.03
N MET J 117 3.37 -9.41 -57.14
CA MET J 117 1.95 -9.28 -57.41
C MET J 117 1.66 -8.28 -58.53
N ARG J 118 2.56 -7.33 -58.79
CA ARG J 118 2.31 -6.35 -59.84
C ARG J 118 2.70 -6.84 -61.22
N ARG J 119 3.29 -8.03 -61.32
CA ARG J 119 3.69 -8.61 -62.60
C ARG J 119 2.75 -9.73 -63.03
N HIS J 120 2.55 -10.73 -62.16
CA HIS J 120 1.71 -11.88 -62.44
C HIS J 120 0.28 -11.69 -61.96
N ASP J 121 -0.04 -10.53 -61.39
CA ASP J 121 -1.38 -10.24 -60.87
C ASP J 121 -1.81 -11.28 -59.84
N LEU J 122 -1.02 -11.39 -58.77
CA LEU J 122 -1.34 -12.32 -57.70
C LEU J 122 -2.14 -11.59 -56.63
N SER J 123 -2.59 -12.33 -55.62
CA SER J 123 -3.35 -11.71 -54.54
C SER J 123 -2.41 -11.19 -53.45
N GLU J 124 -2.98 -10.45 -52.50
CA GLU J 124 -2.20 -9.94 -51.38
C GLU J 124 -1.66 -11.09 -50.53
N GLU J 125 -2.53 -12.05 -50.22
CA GLU J 125 -2.13 -13.20 -49.41
C GLU J 125 -1.18 -14.11 -50.16
N GLU J 126 -1.35 -14.25 -51.48
CA GLU J 126 -0.46 -15.11 -52.24
C GLU J 126 0.96 -14.56 -52.21
N ALA J 127 1.10 -13.23 -52.33
CA ALA J 127 2.42 -12.61 -52.28
C ALA J 127 2.97 -12.62 -50.86
N ARG J 128 2.12 -12.47 -49.84
CA ARG J 128 2.61 -12.45 -48.47
C ARG J 128 3.10 -13.84 -48.07
N LYS J 129 2.32 -14.87 -48.38
CA LYS J 129 2.67 -16.23 -47.98
C LYS J 129 3.86 -16.73 -48.79
N ARG J 130 3.98 -16.27 -50.04
CA ARG J 130 5.04 -16.74 -50.92
C ARG J 130 6.39 -16.18 -50.50
N ILE J 131 6.41 -15.07 -49.75
CA ILE J 131 7.64 -14.49 -49.22
C ILE J 131 7.77 -14.96 -47.78
N PRO J 132 8.66 -15.90 -47.49
CA PRO J 132 8.84 -16.37 -46.11
C PRO J 132 9.79 -15.49 -45.32
N ASP J 133 10.08 -15.86 -44.08
CA ASP J 133 11.01 -15.07 -43.29
C ASP J 133 12.44 -15.26 -43.72
N THR J 134 12.72 -16.24 -44.58
CA THR J 134 14.08 -16.50 -45.03
C THR J 134 14.43 -15.68 -46.26
N VAL J 135 13.50 -14.84 -46.72
CA VAL J 135 13.69 -14.03 -47.92
C VAL J 135 14.17 -12.62 -47.60
N ALA J 136 14.32 -12.28 -46.32
CA ALA J 136 14.80 -10.97 -45.91
C ALA J 136 16.31 -11.05 -45.78
N ARG J 137 17.02 -10.43 -46.71
CA ARG J 137 18.48 -10.43 -46.71
C ARG J 137 18.99 -9.04 -47.04
N ALA J 138 20.10 -8.68 -46.38
CA ALA J 138 20.76 -7.40 -46.60
C ALA J 138 22.24 -7.58 -46.33
N LEU J 139 23.05 -6.70 -46.93
CA LEU J 139 24.49 -6.78 -46.71
C LEU J 139 24.84 -6.38 -45.29
N ASP J 140 25.80 -7.09 -44.70
CA ASP J 140 26.29 -6.79 -43.36
C ASP J 140 27.64 -6.09 -43.35
N LEU J 141 28.15 -5.69 -44.52
CA LEU J 141 29.44 -5.04 -44.60
C LEU J 141 29.36 -3.60 -44.08
N PRO J 142 30.50 -2.95 -43.89
CA PRO J 142 30.48 -1.57 -43.40
C PRO J 142 29.75 -0.67 -44.39
N PHE J 143 28.79 0.09 -43.88
CA PHE J 143 27.97 0.97 -44.71
C PHE J 143 27.98 2.38 -44.14
N VAL J 144 28.47 3.34 -44.94
CA VAL J 144 28.53 4.71 -44.49
C VAL J 144 27.12 5.26 -44.37
N THR J 145 26.94 6.24 -43.49
CA THR J 145 25.63 6.85 -43.27
C THR J 145 25.35 7.89 -44.35
N LEU J 146 24.31 7.62 -45.14
CA LEU J 146 23.86 8.54 -46.19
C LEU J 146 22.38 8.81 -45.93
N ARG J 147 22.05 10.06 -45.61
CA ARG J 147 20.67 10.44 -45.33
C ARG J 147 20.10 11.18 -46.54
N SER J 148 19.00 10.66 -47.08
CA SER J 148 18.35 11.25 -48.24
C SER J 148 16.88 10.85 -48.22
N GLN J 149 16.18 11.13 -49.31
CA GLN J 149 14.77 10.81 -49.44
C GLN J 149 14.51 9.31 -49.32
N SER J 150 15.54 8.48 -49.48
CA SER J 150 15.37 7.03 -49.37
C SER J 150 15.02 6.61 -47.94
N THR J 151 15.74 7.15 -46.95
CA THR J 151 15.48 6.79 -45.56
C THR J 151 15.58 8.02 -44.67
N GLY J 152 14.68 8.11 -43.70
CA GLY J 152 14.69 9.23 -42.77
C GLY J 152 15.93 9.24 -41.90
N GLN J 153 16.29 8.08 -41.35
CA GLN J 153 17.45 7.97 -40.47
C GLN J 153 18.69 7.77 -41.33
N HIS J 154 19.81 7.46 -40.69
CA HIS J 154 21.03 7.23 -41.44
C HIS J 154 20.89 5.93 -42.21
N PHE J 155 21.04 5.99 -43.53
CA PHE J 155 20.91 4.81 -44.37
C PHE J 155 22.29 4.25 -44.69
N ARG J 156 22.38 2.93 -44.67
CA ARG J 156 23.64 2.27 -44.95
C ARG J 156 23.98 2.38 -46.44
N LEU J 157 25.29 2.49 -46.72
CA LEU J 157 25.81 2.51 -48.08
C LEU J 157 26.60 1.22 -48.27
N PHE J 158 26.14 0.36 -49.16
CA PHE J 158 26.79 -0.93 -49.35
C PHE J 158 28.01 -0.76 -50.26
N ILE J 159 29.20 -0.95 -49.68
CA ILE J 159 30.46 -0.86 -50.42
C ILE J 159 31.24 -2.15 -50.18
N ARG J 160 31.53 -2.86 -51.26
CA ARG J 160 32.27 -4.12 -51.21
C ARG J 160 33.71 -3.87 -51.67
N HIS J 161 34.67 -4.26 -50.84
CA HIS J 161 36.08 -4.10 -51.15
C HIS J 161 36.63 -5.42 -51.68
N GLY J 162 37.20 -5.37 -52.89
CA GLY J 162 37.73 -6.57 -53.52
C GLY J 162 38.97 -7.10 -52.84
N PRO J 163 39.11 -8.43 -52.84
CA PRO J 163 40.29 -9.03 -52.22
C PRO J 163 41.57 -8.72 -53.00
N LEU J 164 42.69 -8.74 -52.29
CA LEU J 164 43.97 -8.42 -52.87
C LEU J 164 44.43 -9.54 -53.81
N GLN J 165 44.80 -9.16 -55.03
CA GLN J 165 45.25 -10.10 -56.06
C GLN J 165 46.57 -9.60 -56.62
N VAL J 166 47.18 -10.41 -57.49
CA VAL J 166 48.44 -10.03 -58.13
C VAL J 166 48.11 -9.35 -59.45
N THR J 167 47.37 -10.04 -60.31
CA THR J 167 47.00 -9.49 -61.61
C THR J 167 46.02 -8.36 -61.41
N ALA J 168 46.30 -7.19 -61.97
CA ALA J 168 45.41 -6.05 -61.87
C ALA J 168 44.87 -5.69 -63.25
N GLU J 169 43.57 -5.91 -63.43
CA GLU J 169 42.88 -5.60 -64.67
C GLU J 169 42.16 -4.26 -64.53
N GLU J 170 42.56 -3.28 -65.33
CA GLU J 170 41.92 -1.97 -65.25
C GLU J 170 40.76 -1.91 -66.25
N GLY J 171 40.10 -0.77 -66.32
CA GLY J 171 39.03 -0.58 -67.28
C GLY J 171 38.07 0.50 -66.80
N GLY J 172 37.04 0.73 -67.62
CA GLY J 172 36.03 1.73 -67.35
C GLY J 172 35.20 1.39 -66.11
N PHE J 173 35.02 2.41 -65.27
CA PHE J 173 34.28 2.29 -64.03
C PHE J 173 32.85 2.83 -64.23
N THR J 174 32.02 2.72 -63.20
CA THR J 174 30.63 3.14 -63.25
C THR J 174 30.56 4.66 -63.18
N CYS J 175 29.33 5.18 -63.13
CA CYS J 175 29.12 6.62 -63.09
C CYS J 175 29.15 7.14 -61.66
N TYR J 176 28.41 6.50 -60.77
CA TYR J 176 28.43 6.83 -59.35
C TYR J 176 29.63 6.23 -58.63
N GLY J 177 30.55 5.61 -59.38
CA GLY J 177 31.75 5.03 -58.82
C GLY J 177 31.62 3.56 -58.44
N LEU J 178 30.54 2.91 -58.83
CA LEU J 178 30.34 1.51 -58.49
C LEU J 178 31.29 0.63 -59.31
N SER J 179 31.50 -0.59 -58.81
CA SER J 179 32.37 -1.54 -59.49
C SER J 179 31.83 -1.89 -60.85
N LYS J 180 32.68 -1.79 -61.87
CA LYS J 180 32.34 -2.14 -63.23
C LYS J 180 32.81 -3.54 -63.60
N GLY J 181 33.28 -4.31 -62.62
CA GLY J 181 33.77 -5.65 -62.84
C GLY J 181 35.27 -5.79 -62.91
N GLY J 182 36.04 -4.73 -62.61
CA GLY J 182 37.47 -4.80 -62.64
C GLY J 182 38.06 -4.13 -61.43
N PHE J 183 39.27 -4.56 -61.07
CA PHE J 183 39.95 -4.00 -59.90
C PHE J 183 40.53 -2.63 -60.21
N VAL J 184 41.03 -1.95 -59.17
CA VAL J 184 41.59 -0.61 -59.28
C VAL J 184 42.95 -0.63 -58.59
N PRO J 185 43.82 0.33 -58.92
CA PRO J 185 45.14 0.35 -58.27
C PRO J 185 44.99 0.52 -56.76
N TRP J 186 45.64 -0.37 -56.01
CA TRP J 186 45.63 -0.33 -54.56
C TRP J 186 47.03 0.02 -54.06
N PHE J 187 47.16 1.19 -53.44
CA PHE J 187 48.45 1.65 -52.96
C PHE J 187 48.46 1.73 -51.44
N SER K 3 9.00 15.80 29.44
CA SER K 3 8.14 15.27 28.39
C SER K 3 7.06 16.28 28.04
N THR K 4 7.15 16.84 26.84
CA THR K 4 6.19 17.82 26.34
C THR K 4 4.92 17.13 25.85
N TYR K 5 3.79 17.46 26.46
CA TYR K 5 2.50 16.92 26.08
C TYR K 5 1.57 18.08 25.76
N ILE K 6 0.85 17.96 24.64
CA ILE K 6 -0.08 18.99 24.18
C ILE K 6 -1.50 18.59 24.56
N ILE K 7 -2.13 19.40 25.41
CA ILE K 7 -3.50 19.16 25.84
C ILE K 7 -4.41 20.02 24.97
N LYS K 8 -5.35 19.38 24.28
CA LYS K 8 -6.27 20.08 23.39
C LYS K 8 -7.72 19.76 23.72
N GLU K 9 -8.59 20.69 23.32
CA GLU K 9 -10.03 20.55 23.48
C GLU K 9 -10.65 20.77 22.11
N VAL K 10 -11.60 19.91 21.73
CA VAL K 10 -12.25 20.04 20.43
C VAL K 10 -13.66 19.48 20.51
N GLN K 11 -14.50 19.90 19.55
CA GLN K 11 -15.87 19.41 19.49
C GLN K 11 -15.89 17.93 19.12
N ASN K 12 -15.17 17.58 18.07
CA ASN K 12 -15.09 16.21 17.58
C ASN K 12 -13.66 15.71 17.71
N ILE K 13 -13.53 14.39 17.88
CA ILE K 13 -12.22 13.79 18.06
C ILE K 13 -11.27 14.17 16.93
N ASN K 14 -11.80 14.42 15.74
CA ASN K 14 -11.01 14.80 14.58
C ASN K 14 -10.99 16.33 14.47
N SER K 15 -9.86 16.94 14.84
CA SER K 15 -9.73 18.38 14.72
C SER K 15 -8.30 18.79 14.97
N ASP K 16 -8.00 20.04 14.64
CA ASP K 16 -6.68 20.64 14.80
C ASP K 16 -6.79 21.97 15.53
N ARG K 17 -6.73 21.92 16.86
CA ARG K 17 -6.76 23.12 17.70
C ARG K 17 -5.51 23.13 18.57
N GLU K 18 -4.94 24.31 18.76
CA GLU K 18 -3.71 24.41 19.54
C GLU K 18 -3.93 24.04 21.00
N GLY K 19 -2.81 23.77 21.69
CA GLY K 19 -2.86 23.38 23.09
C GLY K 19 -1.67 23.95 23.85
N VAL K 20 -1.80 23.92 25.17
CA VAL K 20 -0.75 24.41 26.06
C VAL K 20 0.26 23.28 26.29
N LYS K 21 1.52 23.65 26.48
CA LYS K 21 2.57 22.66 26.71
C LYS K 21 2.73 22.50 28.22
N VAL K 22 2.37 21.33 28.74
CA VAL K 22 2.45 21.06 30.17
C VAL K 22 3.87 20.70 30.59
N GLU K 23 4.56 19.89 29.79
CA GLU K 23 5.91 19.42 30.12
C GLU K 23 5.93 18.56 31.38
N THR K 24 4.93 17.68 31.53
CA THR K 24 4.86 16.82 32.70
C THR K 24 5.75 15.59 32.54
N THR K 25 6.00 14.92 33.67
CA THR K 25 6.81 13.71 33.69
C THR K 25 6.14 12.52 33.03
N SER K 26 4.89 12.21 33.42
CA SER K 26 4.18 11.04 32.90
C SER K 26 2.79 11.40 32.39
N LEU K 27 2.22 10.46 31.64
CA LEU K 27 0.89 10.65 31.08
C LEU K 27 -0.19 10.79 32.15
N THR K 28 -0.11 10.02 33.23
CA THR K 28 -1.14 10.12 34.25
C THR K 28 -1.27 11.56 34.73
N SER K 29 -0.14 12.26 34.84
CA SER K 29 -0.14 13.64 35.26
C SER K 29 -0.86 14.50 34.24
N ALA K 30 -0.55 14.29 32.95
CA ALA K 30 -1.20 15.06 31.90
C ALA K 30 -2.71 14.82 31.91
N LYS K 31 -3.13 13.58 32.15
CA LYS K 31 -4.56 13.28 32.17
C LYS K 31 -5.23 14.03 33.30
N ARG K 32 -4.64 13.97 34.50
CA ARG K 32 -5.25 14.66 35.64
C ARG K 32 -5.28 16.17 35.40
N ILE K 33 -4.22 16.70 34.78
CA ILE K 33 -4.13 18.14 34.52
C ILE K 33 -5.19 18.53 33.49
N ALA K 34 -5.32 17.73 32.44
CA ALA K 34 -6.32 18.02 31.40
C ALA K 34 -7.72 18.02 32.00
N SER K 35 -8.00 17.05 32.88
CA SER K 35 -9.33 16.99 33.46
C SER K 35 -9.57 18.18 34.38
N LYS K 36 -8.57 18.53 35.20
CA LYS K 36 -8.74 19.62 36.14
C LYS K 36 -8.82 20.96 35.41
N ASN K 37 -8.29 21.03 34.19
CA ASN K 37 -8.24 22.27 33.42
C ASN K 37 -9.20 22.30 32.26
N GLN K 38 -10.16 21.38 32.19
CA GLN K 38 -11.10 21.39 31.08
C GLN K 38 -12.01 22.60 31.19
N PHE K 39 -12.00 23.43 30.15
CA PHE K 39 -12.77 24.66 30.09
C PHE K 39 -14.15 24.48 29.51
N PHE K 40 -14.50 23.28 29.04
CA PHE K 40 -15.80 23.02 28.42
C PHE K 40 -16.26 21.61 28.74
N HIS K 41 -17.58 21.42 28.65
CA HIS K 41 -18.21 20.13 28.94
C HIS K 41 -18.18 19.19 27.75
N GLY K 42 -18.59 19.67 26.58
CA GLY K 42 -18.68 18.80 25.41
C GLY K 42 -17.43 18.66 24.59
N THR K 43 -16.32 19.27 25.00
CA THR K 43 -15.10 19.13 24.25
C THR K 43 -14.53 17.73 24.41
N VAL K 44 -13.68 17.34 23.46
CA VAL K 44 -13.05 16.03 23.46
C VAL K 44 -11.55 16.23 23.72
N LEU K 45 -11.10 15.80 24.89
CA LEU K 45 -9.68 15.97 25.23
C LEU K 45 -8.85 15.07 24.33
N ARG K 46 -7.76 15.61 23.78
CA ARG K 46 -6.84 14.86 22.94
C ARG K 46 -5.42 15.19 23.35
N ILE K 47 -4.70 14.21 23.86
CA ILE K 47 -3.31 14.42 24.26
C ILE K 47 -2.41 13.95 23.13
N GLU K 48 -1.47 14.80 22.76
CA GLU K 48 -0.52 14.50 21.70
C GLU K 48 0.86 15.00 22.09
N SER K 49 1.88 14.36 21.55
CA SER K 49 3.26 14.73 21.85
C SER K 49 3.61 16.01 21.09
N GLU K 50 4.89 16.41 21.19
CA GLU K 50 5.30 17.63 20.51
C GLU K 50 5.05 17.53 19.01
N SER K 51 5.18 16.33 18.45
CA SER K 51 4.95 16.12 17.04
C SER K 51 3.44 15.96 16.81
N GLY K 52 3.04 15.57 15.61
CA GLY K 52 1.65 15.41 15.24
C GLY K 52 1.03 14.09 15.62
N ASN K 53 1.74 13.23 16.35
CA ASN K 53 1.24 11.91 16.69
C ASN K 53 0.24 12.00 17.84
N TRP K 54 -0.91 11.34 17.67
CA TRP K 54 -1.94 11.33 18.69
C TRP K 54 -1.57 10.32 19.77
N LEU K 55 -1.49 10.78 21.02
CA LEU K 55 -1.14 9.88 22.12
C LEU K 55 -2.37 9.16 22.64
N ALA K 56 -3.42 9.92 22.96
CA ALA K 56 -4.67 9.36 23.47
C ALA K 56 -5.77 10.39 23.32
N TYR K 57 -7.02 9.93 23.46
CA TYR K 57 -8.18 10.80 23.37
C TYR K 57 -9.20 10.34 24.41
N LYS K 58 -10.05 11.28 24.84
CA LYS K 58 -11.08 10.99 25.83
C LYS K 58 -12.34 11.77 25.51
N GLU K 59 -13.45 11.06 25.30
CA GLU K 59 -14.72 11.69 25.02
C GLU K 59 -15.31 12.22 26.33
N ASP K 60 -16.33 13.06 26.21
CA ASP K 60 -16.94 13.65 27.40
C ASP K 60 -17.49 12.58 28.32
N GLY K 61 -18.26 11.64 27.78
CA GLY K 61 -18.88 10.63 28.62
C GLY K 61 -18.19 9.27 28.62
N LYS K 62 -16.94 9.22 28.16
CA LYS K 62 -16.21 7.95 28.05
C LYS K 62 -14.82 8.11 28.66
N ARG K 63 -14.21 6.97 28.98
CA ARG K 63 -12.88 6.97 29.57
C ARG K 63 -11.79 7.10 28.52
N TRP K 64 -10.57 7.32 29.01
CA TRP K 64 -9.40 7.46 28.15
C TRP K 64 -9.22 6.22 27.29
N ILE K 65 -8.76 6.44 26.05
CA ILE K 65 -8.47 5.37 25.12
C ILE K 65 -7.14 5.66 24.44
N GLU K 66 -6.46 4.61 24.01
CA GLU K 66 -5.18 4.72 23.33
C GLU K 66 -5.22 4.07 21.96
N SER L 3 -17.57 -20.61 43.06
CA SER L 3 -16.87 -20.51 41.78
C SER L 3 -17.82 -20.85 40.62
N THR L 4 -18.18 -19.83 39.84
CA THR L 4 -19.07 -20.01 38.71
C THR L 4 -18.28 -20.57 37.53
N TYR L 5 -18.67 -21.75 37.05
CA TYR L 5 -18.03 -22.39 35.92
C TYR L 5 -19.06 -22.69 34.84
N ILE L 6 -18.71 -22.37 33.60
CA ILE L 6 -19.56 -22.60 32.44
C ILE L 6 -19.13 -23.90 31.77
N ILE L 7 -20.03 -24.88 31.74
CA ILE L 7 -19.76 -26.17 31.12
C ILE L 7 -20.35 -26.15 29.72
N LYS L 8 -19.52 -26.45 28.74
CA LYS L 8 -19.93 -26.45 27.33
C LYS L 8 -19.55 -27.76 26.66
N GLU L 9 -20.26 -28.07 25.58
CA GLU L 9 -20.03 -29.26 24.79
C GLU L 9 -19.95 -28.85 23.33
N VAL L 10 -18.99 -29.43 22.60
CA VAL L 10 -18.80 -29.11 21.19
C VAL L 10 -18.20 -30.31 20.47
N GLN L 11 -18.31 -30.35 19.15
CA GLN L 11 -17.74 -31.45 18.32
C GLN L 11 -16.23 -31.36 18.43
N ASN L 12 -15.74 -30.16 18.14
CA ASN L 12 -14.31 -29.95 18.11
C ASN L 12 -13.92 -29.05 19.28
N ILE L 13 -12.70 -29.23 19.78
CA ILE L 13 -12.24 -28.46 20.92
C ILE L 13 -12.36 -26.97 20.65
N ASN L 14 -12.25 -26.56 19.38
CA ASN L 14 -12.36 -25.16 18.99
C ASN L 14 -13.77 -24.92 18.47
N SER L 15 -14.61 -24.30 19.31
CA SER L 15 -15.99 -23.99 18.94
C SER L 15 -16.58 -23.09 20.00
N ASP L 16 -17.70 -22.46 19.67
CA ASP L 16 -18.42 -21.57 20.56
C ASP L 16 -19.84 -22.06 20.75
N ARG L 17 -20.24 -22.27 22.00
CA ARG L 17 -21.59 -22.70 22.32
C ARG L 17 -21.91 -22.28 23.75
N GLU L 18 -23.20 -22.05 24.00
CA GLU L 18 -23.61 -21.67 25.34
C GLU L 18 -23.44 -22.83 26.32
N GLY L 19 -23.35 -22.48 27.59
CA GLY L 19 -23.20 -23.50 28.63
C GLY L 19 -24.00 -23.15 29.86
N VAL L 20 -24.23 -24.19 30.68
CA VAL L 20 -24.96 -24.04 31.93
C VAL L 20 -24.01 -23.55 33.01
N LYS L 21 -24.54 -22.76 33.95
CA LYS L 21 -23.74 -22.25 35.05
C LYS L 21 -23.90 -23.21 36.23
N VAL L 22 -22.82 -23.92 36.56
CA VAL L 22 -22.87 -24.89 37.65
C VAL L 22 -22.77 -24.23 39.02
N GLU L 23 -21.93 -23.19 39.14
CA GLU L 23 -21.72 -22.53 40.42
C GLU L 23 -21.15 -23.50 41.46
N THR L 24 -20.22 -24.36 41.04
CA THR L 24 -19.64 -25.34 41.94
C THR L 24 -18.50 -24.72 42.75
N THR L 25 -18.13 -25.41 43.82
CA THR L 25 -17.06 -24.96 44.72
C THR L 25 -15.67 -25.00 44.06
N SER L 26 -15.27 -26.14 43.50
CA SER L 26 -13.93 -26.29 42.93
C SER L 26 -13.98 -26.89 41.52
N LEU L 27 -12.82 -26.78 40.84
CA LEU L 27 -12.72 -27.30 39.48
C LEU L 27 -12.93 -28.81 39.43
N THR L 28 -12.37 -29.55 40.39
CA THR L 28 -12.54 -31.01 40.36
C THR L 28 -14.02 -31.34 40.31
N SER L 29 -14.81 -30.56 41.02
CA SER L 29 -16.25 -30.75 41.06
C SER L 29 -16.83 -30.56 39.67
N ALA L 30 -16.44 -29.46 39.01
CA ALA L 30 -16.96 -29.20 37.68
C ALA L 30 -16.57 -30.32 36.71
N LYS L 31 -15.36 -30.86 36.85
CA LYS L 31 -14.92 -31.91 35.95
C LYS L 31 -15.79 -33.14 36.12
N ARG L 32 -15.99 -33.56 37.37
CA ARG L 32 -16.79 -34.75 37.63
C ARG L 32 -18.25 -34.49 37.26
N ILE L 33 -18.72 -33.27 37.46
CA ILE L 33 -20.10 -32.92 37.12
C ILE L 33 -20.31 -33.01 35.62
N ALA L 34 -19.36 -32.47 34.85
CA ALA L 34 -19.48 -32.51 33.40
C ALA L 34 -19.48 -33.96 32.93
N SER L 35 -18.62 -34.79 33.52
CA SER L 35 -18.56 -36.19 33.10
C SER L 35 -19.86 -36.91 33.46
N LYS L 36 -20.40 -36.64 34.65
CA LYS L 36 -21.63 -37.31 35.09
C LYS L 36 -22.82 -36.88 34.26
N ASN L 37 -22.87 -35.61 33.88
CA ASN L 37 -23.97 -35.06 33.09
C ASN L 37 -23.42 -34.75 31.70
N GLN L 38 -23.42 -35.76 30.83
CA GLN L 38 -22.96 -35.63 29.45
C GLN L 38 -24.00 -36.27 28.55
N PHE L 39 -24.48 -35.51 27.57
CA PHE L 39 -25.51 -35.95 26.64
C PHE L 39 -24.95 -36.53 25.34
N PHE L 40 -23.64 -36.51 25.15
CA PHE L 40 -23.03 -37.01 23.92
C PHE L 40 -21.68 -37.67 24.22
N HIS L 41 -21.24 -38.51 23.29
CA HIS L 41 -19.99 -39.25 23.40
C HIS L 41 -18.84 -38.53 22.71
N GLY L 42 -19.07 -37.95 21.53
CA GLY L 42 -17.99 -37.32 20.82
C GLY L 42 -17.77 -35.87 21.18
N THR L 43 -18.56 -35.31 22.08
CA THR L 43 -18.38 -33.93 22.46
C THR L 43 -17.14 -33.80 23.34
N VAL L 44 -16.59 -32.60 23.40
CA VAL L 44 -15.43 -32.30 24.22
C VAL L 44 -15.86 -31.40 25.37
N LEU L 45 -15.80 -31.93 26.59
CA LEU L 45 -16.20 -31.11 27.74
C LEU L 45 -15.19 -29.99 27.88
N ARG L 46 -15.68 -28.77 28.06
CA ARG L 46 -14.83 -27.61 28.25
C ARG L 46 -15.37 -26.78 29.40
N ILE L 47 -14.58 -26.65 30.46
CA ILE L 47 -14.96 -25.86 31.62
C ILE L 47 -14.33 -24.48 31.47
N GLU L 48 -15.16 -23.45 31.63
CA GLU L 48 -14.73 -22.08 31.49
C GLU L 48 -15.35 -21.24 32.60
N SER L 49 -14.61 -20.22 33.02
CA SER L 49 -15.07 -19.35 34.08
C SER L 49 -16.13 -18.38 33.53
N GLU L 50 -16.62 -17.50 34.40
CA GLU L 50 -17.62 -16.53 33.95
C GLU L 50 -17.07 -15.65 32.84
N SER L 51 -15.78 -15.33 32.89
CA SER L 51 -15.14 -14.49 31.88
C SER L 51 -14.77 -15.37 30.68
N GLY L 52 -14.03 -14.81 29.74
CA GLY L 52 -13.63 -15.53 28.55
C GLY L 52 -12.42 -16.41 28.68
N ASN L 53 -11.81 -16.51 29.86
CA ASN L 53 -10.62 -17.33 30.01
C ASN L 53 -10.99 -18.80 30.12
N TRP L 54 -10.31 -19.64 29.33
CA TRP L 54 -10.56 -21.08 29.34
C TRP L 54 -9.86 -21.72 30.53
N LEU L 55 -10.61 -22.46 31.34
CA LEU L 55 -10.02 -23.10 32.51
C LEU L 55 -9.38 -24.43 32.14
N ALA L 56 -10.14 -25.32 31.50
CA ALA L 56 -9.62 -26.63 31.11
C ALA L 56 -10.54 -27.26 30.09
N TYR L 57 -10.04 -28.30 29.43
CA TYR L 57 -10.78 -29.05 28.43
C TYR L 57 -10.44 -30.52 28.60
N LYS L 58 -11.36 -31.39 28.15
CA LYS L 58 -11.16 -32.83 28.23
C LYS L 58 -11.74 -33.53 27.02
N GLU L 59 -10.88 -34.24 26.29
CA GLU L 59 -11.30 -34.98 25.12
C GLU L 59 -12.00 -36.26 25.56
N ASP L 60 -12.77 -36.87 24.65
CA ASP L 60 -13.50 -38.07 25.00
C ASP L 60 -12.55 -39.19 25.42
N GLY L 61 -11.49 -39.40 24.65
CA GLY L 61 -10.56 -40.48 24.93
C GLY L 61 -9.28 -40.08 25.66
N LYS L 62 -9.26 -38.88 26.25
CA LYS L 62 -8.06 -38.38 26.91
C LYS L 62 -8.42 -37.82 28.27
N ARG L 63 -7.41 -37.64 29.11
CA ARG L 63 -7.60 -37.12 30.45
C ARG L 63 -7.67 -35.59 30.42
N TRP L 64 -8.07 -35.02 31.55
CA TRP L 64 -8.16 -33.57 31.64
C TRP L 64 -6.82 -32.92 31.32
N ILE L 65 -6.88 -31.78 30.63
CA ILE L 65 -5.70 -31.00 30.30
C ILE L 65 -6.01 -29.53 30.51
N GLU L 66 -4.98 -28.76 30.83
CA GLU L 66 -5.12 -27.32 31.05
C GLU L 66 -4.19 -26.54 30.12
#